data_6QXP
#
_entry.id   6QXP
#
_cell.length_a   119.988
_cell.length_b   119.988
_cell.length_c   305.736
_cell.angle_alpha   90.00
_cell.angle_beta   90.00
_cell.angle_gamma   90.00
#
_symmetry.space_group_name_H-M   'P 41'
#
loop_
_entity.id
_entity.type
_entity.pdbx_description
1 polymer 'Leucine-rich repeat extensin-like protein 2'
2 polymer 'Protein RALF-like 4'
3 branched beta-D-mannopyranose-(1-4)-2-acetamido-2-deoxy-beta-D-glucopyranose-(1-4)-2-acetamido-2-deoxy-beta-D-glucopyranose
4 branched alpha-D-mannopyranose-(1-3)-beta-D-mannopyranose-(1-4)-2-acetamido-2-deoxy-beta-D-glucopyranose-(1-4)-2-acetamido-2-deoxy-beta-D-glucopyranose
5 branched 2-acetamido-2-deoxy-beta-D-glucopyranose-(1-4)-2-acetamido-2-deoxy-beta-D-glucopyranose
6 branched alpha-D-mannopyranose-(1-6)-beta-D-mannopyranose-(1-4)-2-acetamido-2-deoxy-beta-D-glucopyranose-(1-4)-2-acetamido-2-deoxy-beta-D-glucopyranose
7 non-polymer 2-acetamido-2-deoxy-beta-D-glucopyranose
#
loop_
_entity_poly.entity_id
_entity_poly.type
_entity_poly.pdbx_seq_one_letter_code
_entity_poly.pdbx_strand_id
1 'polypeptide(L)'
;DDDDDDISDDNIKVDPSLKFENPSLRQAYIALQSWKQAIFSDPFNFTANWNGSDVCSYNGIFCAPSPSSPKTRVVAGIDL
NHADMAGYLPRELGLLTDLALFHLNSNRFCGEVPLTFKHMKLLFELDLSNNRFVGKFPNVVLSLPSLKFLDLRYNEFEGS
IPSKLFDKELDAIFLNHNRFMFGIPENMGNSPVSALVLADNDLGGCIPGSIGLMGKTLNEIILSNDNLTGCLPPQIGNLK
NVTVFDISFNRLSGPLPSSIGNMKSLEQLNVANNRFTGVIPSSICQLSNLENFTYSSNFFTGDAPRCVALLGDNVVVNGS
MNCIDGKEDQRSSKECSSPASRSVDCSKFGCNNFFSPLENL
;
A,B,C,D,E,F,G,H
2 'polypeptide(L)' MGRRQLARGRRYIGYDALKKNNVPCSRRGRSYYDCKKRRRNNPYRRGCSAITHCYR I,J,K,L,M,N,O,P
#
# COMPACT_ATOMS: atom_id res chain seq x y z
N PRO A 16 -19.22 -6.03 6.73
CA PRO A 16 -17.77 -5.89 6.55
C PRO A 16 -17.27 -4.49 6.88
N SER A 17 -16.10 -4.14 6.35
CA SER A 17 -15.49 -2.85 6.60
C SER A 17 -15.90 -1.78 5.58
N LEU A 18 -16.81 -2.11 4.68
CA LEU A 18 -17.16 -1.19 3.59
C LEU A 18 -18.15 -0.15 4.08
N LYS A 19 -17.76 1.13 3.97
CA LYS A 19 -18.63 2.24 4.30
C LYS A 19 -19.44 2.63 3.07
N PHE A 20 -20.72 2.90 3.27
CA PHE A 20 -21.60 3.29 2.18
C PHE A 20 -22.10 4.72 2.38
N GLU A 21 -22.35 5.38 1.25
CA GLU A 21 -22.79 6.77 1.29
C GLU A 21 -24.18 6.90 1.92
N ASN A 22 -25.07 5.96 1.61
CA ASN A 22 -26.44 6.01 2.10
C ASN A 22 -26.97 4.59 2.17
N PRO A 23 -28.06 4.36 2.92
CA PRO A 23 -28.61 2.99 3.02
C PRO A 23 -29.11 2.41 1.72
N SER A 24 -29.43 3.24 0.72
CA SER A 24 -29.98 2.70 -0.53
C SER A 24 -28.92 1.95 -1.33
N LEU A 25 -27.73 2.54 -1.47
CA LEU A 25 -26.66 1.84 -2.18
C LEU A 25 -26.17 0.61 -1.43
N ARG A 26 -26.33 0.57 -0.11
CA ARG A 26 -25.94 -0.63 0.63
C ARG A 26 -26.83 -1.81 0.26
N GLN A 27 -28.15 -1.59 0.20
CA GLN A 27 -29.04 -2.64 -0.31
C GLN A 27 -28.76 -2.93 -1.78
N ALA A 28 -28.41 -1.89 -2.54
CA ALA A 28 -28.07 -2.10 -3.95
C ALA A 28 -26.82 -2.97 -4.05
N TYR A 29 -25.85 -2.74 -3.16
CA TYR A 29 -24.67 -3.61 -3.13
C TYR A 29 -25.06 -5.02 -2.74
N ILE A 30 -26.02 -5.18 -1.83
CA ILE A 30 -26.53 -6.50 -1.49
C ILE A 30 -27.19 -7.13 -2.71
N ALA A 31 -27.96 -6.35 -3.47
CA ALA A 31 -28.67 -6.87 -4.63
C ALA A 31 -27.70 -7.23 -5.74
N LEU A 32 -26.71 -6.38 -6.00
CA LEU A 32 -25.81 -6.60 -7.15
C LEU A 32 -24.86 -7.76 -6.90
N GLN A 33 -24.30 -7.85 -5.69
CA GLN A 33 -23.41 -8.98 -5.39
C GLN A 33 -24.19 -10.28 -5.36
N SER A 34 -25.43 -10.25 -4.89
CA SER A 34 -26.29 -11.43 -5.00
C SER A 34 -26.55 -11.79 -6.45
N TRP A 35 -26.75 -10.78 -7.29
CA TRP A 35 -26.97 -11.01 -8.71
C TRP A 35 -25.66 -11.23 -9.47
N LYS A 36 -24.54 -10.80 -8.90
CA LYS A 36 -23.24 -11.22 -9.44
C LYS A 36 -23.06 -12.72 -9.28
N GLN A 37 -23.53 -13.28 -8.17
CA GLN A 37 -23.50 -14.73 -7.97
C GLN A 37 -24.48 -15.45 -8.88
N ALA A 38 -25.52 -14.77 -9.37
CA ALA A 38 -26.48 -15.37 -10.28
C ALA A 38 -25.99 -15.38 -11.72
N ILE A 39 -24.96 -14.62 -12.03
CA ILE A 39 -24.42 -14.53 -13.39
C ILE A 39 -23.37 -15.63 -13.58
N PHE A 40 -23.52 -16.41 -14.65
CA PHE A 40 -22.66 -17.56 -14.89
C PHE A 40 -21.64 -17.34 -16.00
N SER A 41 -21.89 -16.42 -16.92
CA SER A 41 -20.97 -16.15 -18.01
C SER A 41 -21.02 -14.66 -18.32
N ASP A 42 -19.86 -14.03 -18.38
CA ASP A 42 -19.75 -12.59 -18.63
C ASP A 42 -18.71 -12.37 -19.72
N PRO A 43 -19.10 -12.46 -20.99
CA PRO A 43 -18.11 -12.33 -22.07
C PRO A 43 -17.45 -10.96 -22.12
N PHE A 44 -18.19 -9.88 -21.88
CA PHE A 44 -17.62 -8.53 -21.96
C PHE A 44 -17.27 -7.98 -20.59
N ASN A 45 -16.75 -8.84 -19.72
CA ASN A 45 -16.28 -8.55 -18.36
C ASN A 45 -16.99 -7.38 -17.69
N PHE A 46 -18.32 -7.49 -17.52
CA PHE A 46 -19.08 -6.47 -16.81
C PHE A 46 -18.99 -6.63 -15.29
N THR A 47 -19.05 -7.86 -14.79
CA THR A 47 -19.01 -8.06 -13.34
C THR A 47 -17.62 -7.93 -12.76
N ALA A 48 -16.59 -7.69 -13.59
CA ALA A 48 -15.25 -7.50 -13.07
C ALA A 48 -15.16 -6.28 -12.18
N ASN A 49 -15.87 -5.21 -12.54
CA ASN A 49 -15.89 -3.97 -11.79
C ASN A 49 -16.76 -4.03 -10.54
N TRP A 50 -17.51 -5.11 -10.33
CA TRP A 50 -18.45 -5.11 -9.23
C TRP A 50 -17.76 -5.44 -7.90
N ASN A 51 -16.70 -4.70 -7.59
CA ASN A 51 -15.97 -4.79 -6.33
C ASN A 51 -16.04 -3.46 -5.61
N GLY A 52 -15.80 -3.51 -4.30
CA GLY A 52 -15.85 -2.31 -3.48
C GLY A 52 -17.26 -1.89 -3.13
N SER A 53 -17.33 -0.80 -2.35
CA SER A 53 -18.60 -0.23 -1.91
C SER A 53 -19.13 0.87 -2.84
N ASP A 54 -18.33 1.34 -3.79
CA ASP A 54 -18.80 2.39 -4.71
C ASP A 54 -19.66 1.72 -5.78
N VAL A 55 -20.93 1.54 -5.43
CA VAL A 55 -21.87 0.84 -6.31
C VAL A 55 -22.02 1.55 -7.65
N CYS A 56 -21.95 2.88 -7.64
CA CYS A 56 -22.20 3.66 -8.85
C CYS A 56 -21.14 3.45 -9.92
N SER A 57 -19.94 3.00 -9.56
CA SER A 57 -18.89 2.75 -10.53
C SER A 57 -19.07 1.44 -11.28
N TYR A 58 -20.01 0.60 -10.87
CA TYR A 58 -20.19 -0.69 -11.52
C TYR A 58 -20.60 -0.52 -12.98
N ASN A 59 -20.03 -1.34 -13.85
CA ASN A 59 -20.41 -1.30 -15.26
C ASN A 59 -21.86 -1.71 -15.42
N GLY A 60 -22.60 -0.93 -16.21
CA GLY A 60 -24.02 -1.19 -16.42
C GLY A 60 -24.92 -0.68 -15.33
N ILE A 61 -24.37 -0.18 -14.23
CA ILE A 61 -25.17 0.36 -13.13
C ILE A 61 -25.09 1.88 -13.22
N PHE A 62 -26.24 2.54 -13.10
CA PHE A 62 -26.33 3.97 -13.35
C PHE A 62 -27.09 4.64 -12.21
N CYS A 63 -26.41 5.54 -11.51
CA CYS A 63 -26.97 6.25 -10.38
C CYS A 63 -27.54 7.59 -10.81
N ALA A 64 -28.40 8.15 -9.96
CA ALA A 64 -29.01 9.45 -10.22
C ALA A 64 -29.56 9.98 -8.90
N PRO A 65 -29.74 11.30 -8.78
CA PRO A 65 -30.31 11.86 -7.55
C PRO A 65 -31.74 11.38 -7.34
N SER A 66 -32.03 10.92 -6.13
CA SER A 66 -33.36 10.41 -5.80
C SER A 66 -34.40 11.53 -5.84
N PRO A 67 -35.56 11.31 -6.45
CA PRO A 67 -36.60 12.35 -6.43
C PRO A 67 -37.15 12.60 -5.04
N SER A 68 -37.16 11.57 -4.18
CA SER A 68 -37.63 11.77 -2.81
C SER A 68 -36.68 12.66 -2.03
N SER A 69 -35.38 12.50 -2.24
CA SER A 69 -34.38 13.36 -1.61
C SER A 69 -33.24 13.53 -2.60
N PRO A 70 -33.18 14.67 -3.30
CA PRO A 70 -32.13 14.85 -4.33
C PRO A 70 -30.71 14.78 -3.79
N LYS A 71 -30.51 15.04 -2.50
CA LYS A 71 -29.16 14.96 -1.95
C LYS A 71 -28.64 13.53 -1.90
N THR A 72 -29.53 12.55 -1.71
CA THR A 72 -29.13 11.16 -1.66
C THR A 72 -29.10 10.62 -3.08
N ARG A 73 -27.92 10.15 -3.51
CA ARG A 73 -27.80 9.48 -4.80
C ARG A 73 -28.24 8.03 -4.66
N VAL A 74 -28.96 7.53 -5.68
CA VAL A 74 -29.52 6.19 -5.65
C VAL A 74 -29.33 5.55 -7.03
N VAL A 75 -29.41 4.23 -7.07
CA VAL A 75 -29.28 3.47 -8.31
C VAL A 75 -30.59 3.61 -9.08
N ALA A 76 -30.57 4.40 -10.16
CA ALA A 76 -31.76 4.70 -10.93
C ALA A 76 -31.94 3.79 -12.14
N GLY A 77 -30.86 3.22 -12.68
CA GLY A 77 -30.96 2.44 -13.89
C GLY A 77 -29.93 1.33 -13.98
N ILE A 78 -30.30 0.28 -14.71
CA ILE A 78 -29.41 -0.82 -15.03
C ILE A 78 -29.52 -1.08 -16.53
N ASP A 79 -28.40 -0.97 -17.24
CA ASP A 79 -28.37 -1.11 -18.69
C ASP A 79 -27.22 -2.05 -19.07
N LEU A 80 -27.57 -3.28 -19.44
CA LEU A 80 -26.60 -4.27 -19.88
C LEU A 80 -26.88 -4.71 -21.32
N ASN A 81 -27.32 -3.77 -22.15
CA ASN A 81 -27.67 -4.07 -23.53
C ASN A 81 -26.44 -4.57 -24.30
N HIS A 82 -26.66 -5.57 -25.14
CA HIS A 82 -25.67 -6.20 -26.02
C HIS A 82 -24.57 -6.93 -25.29
N ALA A 83 -24.63 -7.04 -23.97
CA ALA A 83 -23.74 -7.91 -23.24
C ALA A 83 -24.22 -9.34 -23.41
N ASP A 84 -23.31 -10.27 -23.70
CA ASP A 84 -23.76 -11.64 -23.92
C ASP A 84 -23.76 -12.43 -22.62
N MET A 85 -24.38 -11.85 -21.59
CA MET A 85 -24.31 -12.37 -20.24
C MET A 85 -25.37 -13.43 -20.02
N ALA A 86 -25.00 -14.47 -19.29
CA ALA A 86 -25.87 -15.62 -19.04
C ALA A 86 -26.09 -15.79 -17.54
N GLY A 87 -27.32 -16.12 -17.17
CA GLY A 87 -27.67 -16.27 -15.78
C GLY A 87 -29.18 -16.24 -15.61
N TYR A 88 -29.60 -15.90 -14.38
CA TYR A 88 -31.01 -15.74 -14.06
C TYR A 88 -31.18 -14.47 -13.21
N LEU A 89 -32.44 -14.09 -13.01
CA LEU A 89 -32.74 -12.91 -12.22
C LEU A 89 -33.10 -13.32 -10.80
N PRO A 90 -32.25 -13.05 -9.81
CA PRO A 90 -32.50 -13.52 -8.45
C PRO A 90 -33.57 -12.70 -7.74
N ARG A 91 -34.03 -13.23 -6.61
CA ARG A 91 -35.02 -12.56 -5.79
C ARG A 91 -34.48 -11.26 -5.19
N GLU A 92 -33.17 -11.17 -5.00
CA GLU A 92 -32.59 -10.02 -4.30
C GLU A 92 -32.60 -8.75 -5.14
N LEU A 93 -32.95 -8.81 -6.43
CA LEU A 93 -33.03 -7.61 -7.24
C LEU A 93 -34.19 -6.70 -6.83
N GLY A 94 -35.18 -7.23 -6.10
CA GLY A 94 -36.29 -6.42 -5.64
C GLY A 94 -35.91 -5.33 -4.66
N LEU A 95 -34.70 -5.37 -4.10
CA LEU A 95 -34.23 -4.31 -3.22
C LEU A 95 -33.91 -3.03 -3.98
N LEU A 96 -33.89 -3.07 -5.31
CA LEU A 96 -33.60 -1.89 -6.13
C LEU A 96 -34.88 -1.10 -6.38
N THR A 97 -35.49 -0.66 -5.28
CA THR A 97 -36.79 0.00 -5.34
C THR A 97 -36.70 1.35 -6.06
N ASP A 98 -35.53 1.98 -6.07
CA ASP A 98 -35.36 3.27 -6.71
C ASP A 98 -35.13 3.17 -8.21
N LEU A 99 -35.21 1.96 -8.76
CA LEU A 99 -34.90 1.75 -10.16
C LEU A 99 -36.00 2.37 -11.03
N ALA A 100 -35.58 3.04 -12.11
CA ALA A 100 -36.50 3.65 -13.06
C ALA A 100 -36.42 3.05 -14.45
N LEU A 101 -35.25 2.55 -14.85
CA LEU A 101 -35.09 1.89 -16.14
C LEU A 101 -34.31 0.61 -15.94
N PHE A 102 -34.56 -0.35 -16.83
CA PHE A 102 -33.95 -1.67 -16.70
C PHE A 102 -33.80 -2.24 -18.11
N HIS A 103 -32.58 -2.28 -18.60
CA HIS A 103 -32.26 -2.62 -19.98
C HIS A 103 -31.51 -3.94 -19.98
N LEU A 104 -32.06 -4.94 -20.65
CA LEU A 104 -31.45 -6.25 -20.67
C LEU A 104 -31.56 -6.87 -22.06
N ASN A 105 -31.36 -6.07 -23.10
CA ASN A 105 -31.43 -6.60 -24.46
C ASN A 105 -30.22 -7.46 -24.79
N SER A 106 -30.46 -8.51 -25.57
CA SER A 106 -29.41 -9.35 -26.14
C SER A 106 -28.52 -9.95 -25.05
N ASN A 107 -29.17 -10.47 -24.01
CA ASN A 107 -28.52 -11.23 -22.94
C ASN A 107 -28.92 -12.69 -23.06
N ARG A 108 -28.46 -13.49 -22.12
CA ARG A 108 -28.78 -14.91 -22.07
C ARG A 108 -29.37 -15.26 -20.70
N PHE A 109 -30.16 -14.35 -20.13
CA PHE A 109 -30.78 -14.62 -18.86
C PHE A 109 -32.02 -15.50 -19.08
N CYS A 110 -32.08 -16.61 -18.35
CA CYS A 110 -33.14 -17.58 -18.48
C CYS A 110 -33.98 -17.61 -17.22
N GLY A 111 -34.99 -18.47 -17.22
CA GLY A 111 -35.88 -18.58 -16.08
C GLY A 111 -37.11 -17.71 -16.22
N GLU A 112 -37.69 -17.33 -15.09
CA GLU A 112 -38.90 -16.53 -15.06
C GLU A 112 -38.64 -15.21 -14.35
N VAL A 113 -39.44 -14.20 -14.69
CA VAL A 113 -39.28 -12.89 -14.08
C VAL A 113 -39.65 -12.98 -12.60
N PRO A 114 -38.78 -12.55 -11.69
CA PRO A 114 -39.06 -12.74 -10.26
C PRO A 114 -40.24 -11.93 -9.78
N LEU A 115 -40.96 -12.50 -8.81
CA LEU A 115 -42.11 -11.82 -8.22
C LEU A 115 -41.68 -10.57 -7.45
N THR A 116 -40.40 -10.45 -7.13
CA THR A 116 -39.90 -9.37 -6.29
C THR A 116 -39.84 -8.03 -7.02
N PHE A 117 -40.08 -7.99 -8.32
CA PHE A 117 -40.14 -6.71 -9.02
C PHE A 117 -41.32 -5.86 -8.58
N LYS A 118 -42.24 -6.42 -7.80
CA LYS A 118 -43.37 -5.64 -7.27
C LYS A 118 -42.88 -4.45 -6.46
N HIS A 119 -41.68 -4.54 -5.89
CA HIS A 119 -41.12 -3.44 -5.11
C HIS A 119 -40.54 -2.32 -5.95
N MET A 120 -40.37 -2.53 -7.26
CA MET A 120 -39.85 -1.51 -8.17
C MET A 120 -40.98 -0.55 -8.54
N LYS A 121 -41.39 0.25 -7.56
CA LYS A 121 -42.55 1.12 -7.73
C LYS A 121 -42.29 2.21 -8.76
N LEU A 122 -41.05 2.68 -8.87
CA LEU A 122 -40.70 3.77 -9.79
C LEU A 122 -40.25 3.27 -11.16
N LEU A 123 -40.25 1.96 -11.40
CA LEU A 123 -39.79 1.43 -12.68
C LEU A 123 -40.71 1.91 -13.80
N PHE A 124 -40.11 2.56 -14.81
CA PHE A 124 -40.85 3.19 -15.89
C PHE A 124 -40.77 2.39 -17.20
N GLU A 125 -39.58 1.94 -17.57
CA GLU A 125 -39.37 1.20 -18.81
C GLU A 125 -38.69 -0.12 -18.49
N LEU A 126 -39.18 -1.20 -19.10
CA LEU A 126 -38.68 -2.55 -18.85
C LEU A 126 -38.39 -3.23 -20.18
N ASP A 127 -37.11 -3.52 -20.42
CA ASP A 127 -36.67 -4.16 -21.66
C ASP A 127 -36.01 -5.49 -21.29
N LEU A 128 -36.69 -6.58 -21.58
CA LEU A 128 -36.18 -7.92 -21.37
C LEU A 128 -36.05 -8.67 -22.70
N SER A 129 -35.82 -7.91 -23.77
CA SER A 129 -35.83 -8.47 -25.11
C SER A 129 -34.65 -9.38 -25.38
N ASN A 130 -34.85 -10.32 -26.30
CA ASN A 130 -33.80 -11.20 -26.82
C ASN A 130 -33.06 -11.91 -25.68
N ASN A 131 -33.81 -12.75 -24.98
CA ASN A 131 -33.29 -13.49 -23.84
C ASN A 131 -33.80 -14.93 -23.92
N ARG A 132 -33.64 -15.65 -22.82
CA ARG A 132 -34.08 -17.03 -22.71
C ARG A 132 -35.12 -17.21 -21.63
N PHE A 133 -35.92 -16.18 -21.37
CA PHE A 133 -36.99 -16.28 -20.39
C PHE A 133 -38.07 -17.24 -20.87
N VAL A 134 -38.58 -18.05 -19.96
CA VAL A 134 -39.57 -19.07 -20.23
C VAL A 134 -40.68 -18.96 -19.19
N GLY A 135 -41.68 -19.83 -19.32
CA GLY A 135 -42.81 -19.84 -18.41
C GLY A 135 -43.97 -19.00 -18.93
N LYS A 136 -45.02 -18.96 -18.12
CA LYS A 136 -46.20 -18.20 -18.48
C LYS A 136 -45.89 -16.70 -18.47
N PHE A 137 -46.79 -15.93 -19.07
CA PHE A 137 -46.61 -14.47 -19.14
C PHE A 137 -46.45 -13.90 -17.73
N PRO A 138 -45.41 -13.12 -17.47
CA PRO A 138 -45.19 -12.64 -16.11
C PRO A 138 -46.20 -11.58 -15.71
N ASN A 139 -47.18 -11.97 -14.89
CA ASN A 139 -48.17 -11.02 -14.43
C ASN A 139 -47.58 -9.96 -13.50
N VAL A 140 -46.30 -10.08 -13.15
CA VAL A 140 -45.68 -9.14 -12.23
C VAL A 140 -45.63 -7.76 -12.86
N VAL A 141 -45.36 -7.69 -14.17
CA VAL A 141 -45.24 -6.40 -14.85
C VAL A 141 -46.56 -5.64 -14.82
N LEU A 142 -47.68 -6.34 -14.63
CA LEU A 142 -48.96 -5.66 -14.57
C LEU A 142 -49.11 -4.86 -13.28
N SER A 143 -48.44 -5.29 -12.20
CA SER A 143 -48.52 -4.60 -10.93
C SER A 143 -47.67 -3.34 -10.86
N LEU A 144 -46.71 -3.18 -11.78
CA LEU A 144 -45.80 -2.04 -11.79
C LEU A 144 -46.54 -0.74 -12.03
N PRO A 145 -46.58 0.17 -11.04
CA PRO A 145 -47.38 1.39 -11.19
C PRO A 145 -46.82 2.35 -12.23
N SER A 146 -45.52 2.60 -12.19
CA SER A 146 -44.88 3.59 -13.04
C SER A 146 -44.51 3.06 -14.41
N LEU A 147 -44.82 1.80 -14.70
CA LEU A 147 -44.43 1.20 -15.98
C LEU A 147 -45.23 1.80 -17.12
N LYS A 148 -44.52 2.24 -18.16
CA LYS A 148 -45.13 2.65 -19.42
C LYS A 148 -44.52 1.97 -20.64
N PHE A 149 -43.35 1.35 -20.53
CA PHE A 149 -42.66 0.72 -21.64
C PHE A 149 -42.35 -0.71 -21.25
N LEU A 150 -42.99 -1.66 -21.93
CA LEU A 150 -42.83 -3.08 -21.64
C LEU A 150 -42.31 -3.78 -22.89
N ASP A 151 -41.14 -4.40 -22.79
CA ASP A 151 -40.49 -5.06 -23.91
C ASP A 151 -40.14 -6.47 -23.50
N LEU A 152 -40.82 -7.45 -24.09
CA LEU A 152 -40.58 -8.86 -23.81
C LEU A 152 -40.36 -9.62 -25.10
N ARG A 153 -39.84 -8.96 -26.13
CA ARG A 153 -39.73 -9.62 -27.43
C ARG A 153 -38.63 -10.67 -27.41
N TYR A 154 -38.74 -11.59 -28.36
CA TYR A 154 -37.83 -12.72 -28.57
C TYR A 154 -37.50 -13.42 -27.25
N ASN A 155 -38.53 -14.01 -26.66
CA ASN A 155 -38.36 -14.88 -25.50
C ASN A 155 -39.19 -16.14 -25.71
N GLU A 156 -39.40 -16.91 -24.66
CA GLU A 156 -40.16 -18.15 -24.74
C GLU A 156 -41.25 -18.16 -23.68
N PHE A 157 -41.91 -17.01 -23.49
CA PHE A 157 -43.07 -16.94 -22.61
C PHE A 157 -44.24 -17.69 -23.25
N GLU A 158 -44.92 -18.52 -22.45
CA GLU A 158 -45.98 -19.38 -22.93
C GLU A 158 -47.35 -18.82 -22.56
N GLY A 159 -48.38 -19.45 -23.12
CA GLY A 159 -49.75 -19.13 -22.74
C GLY A 159 -50.35 -17.98 -23.51
N SER A 160 -51.54 -17.59 -23.06
CA SER A 160 -52.30 -16.51 -23.67
C SER A 160 -51.92 -15.17 -23.06
N ILE A 161 -52.09 -14.11 -23.85
CA ILE A 161 -51.86 -12.75 -23.38
C ILE A 161 -53.03 -12.36 -22.48
N PRO A 162 -52.78 -11.96 -21.24
CA PRO A 162 -53.88 -11.64 -20.32
C PRO A 162 -54.61 -10.37 -20.74
N SER A 163 -55.93 -10.36 -20.55
CA SER A 163 -56.73 -9.22 -20.94
C SER A 163 -56.39 -7.97 -20.15
N LYS A 164 -55.86 -8.14 -18.93
CA LYS A 164 -55.52 -6.99 -18.10
C LYS A 164 -54.38 -6.17 -18.68
N LEU A 165 -53.54 -6.78 -19.53
CA LEU A 165 -52.43 -6.05 -20.14
C LEU A 165 -52.93 -4.87 -20.97
N PHE A 166 -54.01 -5.08 -21.73
CA PHE A 166 -54.54 -4.02 -22.59
C PHE A 166 -55.42 -3.04 -21.84
N ASP A 167 -55.80 -3.35 -20.59
CA ASP A 167 -56.48 -2.36 -19.75
C ASP A 167 -55.48 -1.40 -19.11
N LYS A 168 -54.25 -1.84 -18.90
CA LYS A 168 -53.24 -1.00 -18.26
C LYS A 168 -52.79 0.12 -19.20
N GLU A 169 -52.54 1.30 -18.62
CA GLU A 169 -52.10 2.46 -19.38
C GLU A 169 -50.62 2.31 -19.70
N LEU A 170 -50.31 1.89 -20.92
CA LEU A 170 -48.93 1.71 -21.36
C LEU A 170 -48.70 2.50 -22.63
N ASP A 171 -47.43 2.80 -22.88
CA ASP A 171 -47.05 3.48 -24.12
C ASP A 171 -46.70 2.49 -25.23
N ALA A 172 -45.91 1.47 -24.92
CA ALA A 172 -45.46 0.52 -25.92
C ALA A 172 -45.46 -0.89 -25.34
N ILE A 173 -45.94 -1.83 -26.14
CA ILE A 173 -46.03 -3.23 -25.77
C ILE A 173 -45.43 -4.03 -26.93
N PHE A 174 -44.37 -4.77 -26.66
CA PHE A 174 -43.69 -5.57 -27.66
C PHE A 174 -43.68 -7.01 -27.19
N LEU A 175 -44.34 -7.88 -27.95
CA LEU A 175 -44.42 -9.29 -27.56
C LEU A 175 -44.17 -10.22 -28.73
N ASN A 176 -43.51 -9.75 -29.80
CA ASN A 176 -43.36 -10.52 -31.01
C ASN A 176 -42.30 -11.61 -30.87
N HIS A 177 -42.47 -12.68 -31.65
CA HIS A 177 -41.53 -13.80 -31.72
C HIS A 177 -41.30 -14.39 -30.32
N ASN A 178 -42.39 -14.74 -29.68
CA ASN A 178 -42.42 -15.36 -28.37
C ASN A 178 -43.35 -16.57 -28.49
N ARG A 179 -43.48 -17.35 -27.42
CA ARG A 179 -44.34 -18.53 -27.51
C ARG A 179 -45.75 -18.25 -27.02
N PHE A 180 -46.36 -17.18 -27.52
CA PHE A 180 -47.73 -16.86 -27.15
C PHE A 180 -48.73 -17.57 -28.06
N MET A 181 -49.95 -17.70 -27.55
CA MET A 181 -51.00 -18.45 -28.21
C MET A 181 -52.35 -17.82 -27.87
N PHE A 182 -53.40 -18.35 -28.49
CA PHE A 182 -54.78 -18.13 -28.07
C PHE A 182 -55.27 -16.72 -28.37
N GLY A 183 -54.72 -16.11 -29.42
CA GLY A 183 -55.29 -14.91 -30.00
C GLY A 183 -55.09 -13.64 -29.20
N ILE A 184 -55.41 -12.52 -29.85
CA ILE A 184 -55.28 -11.20 -29.23
C ILE A 184 -56.50 -10.95 -28.35
N PRO A 185 -56.33 -10.45 -27.14
CA PRO A 185 -57.48 -10.14 -26.28
C PRO A 185 -58.40 -9.12 -26.93
N GLU A 186 -59.71 -9.34 -26.78
CA GLU A 186 -60.71 -8.49 -27.42
C GLU A 186 -60.75 -7.09 -26.84
N ASN A 187 -60.10 -6.86 -25.69
CA ASN A 187 -60.02 -5.51 -25.11
C ASN A 187 -58.77 -4.77 -25.55
N MET A 188 -58.23 -5.10 -26.72
CA MET A 188 -57.02 -4.44 -27.20
C MET A 188 -57.23 -2.94 -27.37
N GLY A 189 -58.44 -2.53 -27.74
CA GLY A 189 -58.71 -1.12 -27.97
C GLY A 189 -58.59 -0.27 -26.73
N ASN A 190 -58.64 -0.87 -25.54
CA ASN A 190 -58.57 -0.11 -24.31
C ASN A 190 -57.17 0.41 -24.02
N SER A 191 -56.14 -0.16 -24.64
CA SER A 191 -54.76 0.26 -24.34
C SER A 191 -54.44 1.56 -25.07
N PRO A 192 -53.88 2.55 -24.38
CA PRO A 192 -53.52 3.81 -25.04
C PRO A 192 -52.17 3.75 -25.72
N VAL A 193 -51.67 2.53 -25.96
CA VAL A 193 -50.32 2.37 -26.47
C VAL A 193 -50.17 3.09 -27.81
N SER A 194 -49.01 3.73 -27.99
CA SER A 194 -48.67 4.35 -29.26
C SER A 194 -48.00 3.35 -30.21
N ALA A 195 -47.28 2.38 -29.66
CA ALA A 195 -46.64 1.34 -30.45
C ALA A 195 -47.06 -0.01 -29.90
N LEU A 196 -47.57 -0.88 -30.77
CA LEU A 196 -48.01 -2.21 -30.39
C LEU A 196 -47.51 -3.21 -31.41
N VAL A 197 -46.66 -4.14 -30.98
CA VAL A 197 -46.11 -5.16 -31.86
C VAL A 197 -46.37 -6.51 -31.20
N LEU A 198 -47.25 -7.31 -31.80
CA LEU A 198 -47.61 -8.64 -31.30
C LEU A 198 -47.30 -9.68 -32.35
N ALA A 199 -46.28 -9.43 -33.17
CA ALA A 199 -46.09 -10.19 -34.39
C ALA A 199 -45.43 -11.53 -34.07
N ASP A 200 -44.91 -12.19 -35.11
CA ASP A 200 -44.23 -13.48 -35.07
C ASP A 200 -44.72 -14.39 -33.94
N ASN A 201 -46.03 -14.60 -33.85
CA ASN A 201 -46.59 -15.43 -32.78
C ASN A 201 -47.68 -16.31 -33.37
N ASP A 202 -47.93 -17.43 -32.70
CA ASP A 202 -48.98 -18.34 -33.13
C ASP A 202 -50.27 -17.97 -32.40
N LEU A 203 -50.81 -16.82 -32.80
CA LEU A 203 -52.03 -16.28 -32.22
C LEU A 203 -53.17 -16.54 -33.19
N GLY A 204 -54.17 -17.30 -32.75
CA GLY A 204 -55.29 -17.66 -33.60
C GLY A 204 -56.46 -16.72 -33.37
N GLY A 205 -57.18 -16.42 -34.45
CA GLY A 205 -58.35 -15.58 -34.37
C GLY A 205 -58.26 -14.43 -35.33
N CYS A 206 -59.18 -13.49 -35.18
CA CYS A 206 -59.26 -12.33 -36.05
C CYS A 206 -58.64 -11.11 -35.39
N ILE A 207 -58.49 -10.05 -36.18
CA ILE A 207 -58.09 -8.76 -35.64
C ILE A 207 -59.23 -8.30 -34.74
N PRO A 208 -59.01 -8.10 -33.44
CA PRO A 208 -60.11 -7.64 -32.59
C PRO A 208 -60.58 -6.26 -33.07
N GLY A 209 -61.89 -6.13 -33.23
CA GLY A 209 -62.43 -4.89 -33.74
C GLY A 209 -62.29 -3.70 -32.82
N SER A 210 -61.76 -3.90 -31.61
CA SER A 210 -61.58 -2.81 -30.67
C SER A 210 -60.57 -1.78 -31.15
N ILE A 211 -59.88 -2.03 -32.26
CA ILE A 211 -58.88 -1.10 -32.80
C ILE A 211 -59.48 0.27 -33.08
N GLY A 212 -60.77 0.33 -33.39
CA GLY A 212 -61.38 1.62 -33.69
C GLY A 212 -61.32 2.60 -32.53
N LEU A 213 -61.23 2.07 -31.30
CA LEU A 213 -61.11 2.93 -30.13
C LEU A 213 -59.71 3.52 -29.99
N MET A 214 -58.73 2.94 -30.65
CA MET A 214 -57.32 3.31 -30.52
C MET A 214 -56.91 4.48 -31.41
N GLY A 215 -57.87 5.20 -32.00
CA GLY A 215 -57.54 6.20 -32.99
C GLY A 215 -56.72 7.36 -32.45
N LYS A 216 -57.01 7.78 -31.22
CA LYS A 216 -56.37 8.99 -30.69
C LYS A 216 -54.93 8.78 -30.25
N THR A 217 -54.55 7.56 -29.87
CA THR A 217 -53.24 7.31 -29.30
C THR A 217 -52.32 6.45 -30.16
N LEU A 218 -52.87 5.47 -30.89
CA LEU A 218 -52.02 4.53 -31.61
C LEU A 218 -51.29 5.22 -32.75
N ASN A 219 -50.01 4.88 -32.90
CA ASN A 219 -49.16 5.40 -33.98
C ASN A 219 -48.56 4.31 -34.85
N GLU A 220 -48.24 3.14 -34.29
CA GLU A 220 -47.66 2.04 -35.06
C GLU A 220 -48.17 0.72 -34.50
N ILE A 221 -48.69 -0.13 -35.37
CA ILE A 221 -49.17 -1.45 -34.98
C ILE A 221 -48.71 -2.46 -36.03
N ILE A 222 -48.15 -3.57 -35.58
CA ILE A 222 -47.65 -4.62 -36.45
C ILE A 222 -48.16 -5.97 -35.92
N LEU A 223 -48.99 -6.63 -36.72
CA LEU A 223 -49.56 -7.93 -36.36
C LEU A 223 -49.12 -8.99 -37.36
N SER A 224 -47.95 -8.80 -37.96
CA SER A 224 -47.51 -9.67 -39.04
C SER A 224 -47.09 -11.04 -38.50
N ASN A 225 -47.10 -12.02 -39.40
CA ASN A 225 -46.63 -13.38 -39.10
C ASN A 225 -47.31 -13.93 -37.86
N ASP A 226 -48.55 -13.51 -37.66
CA ASP A 226 -49.43 -14.16 -36.69
C ASP A 226 -50.33 -15.10 -37.45
N ASN A 227 -51.03 -15.95 -36.72
CA ASN A 227 -51.95 -16.89 -37.37
C ASN A 227 -53.37 -16.34 -37.44
N LEU A 228 -53.50 -15.11 -37.93
CA LEU A 228 -54.78 -14.41 -37.96
C LEU A 228 -55.58 -14.74 -39.22
N THR A 229 -56.81 -15.17 -39.02
CA THR A 229 -57.76 -15.46 -40.07
C THR A 229 -58.98 -14.58 -39.87
N GLY A 230 -59.62 -14.17 -40.96
CA GLY A 230 -60.81 -13.36 -40.86
C GLY A 230 -60.72 -12.13 -41.74
N CYS A 231 -61.71 -11.26 -41.60
CA CYS A 231 -61.77 -10.05 -42.41
C CYS A 231 -61.11 -8.88 -41.70
N LEU A 232 -60.63 -7.93 -42.50
CA LEU A 232 -60.04 -6.71 -41.98
C LEU A 232 -61.17 -5.77 -41.57
N PRO A 233 -61.31 -5.41 -40.29
CA PRO A 233 -62.43 -4.57 -39.87
C PRO A 233 -62.31 -3.17 -40.44
N PRO A 234 -63.41 -2.60 -40.94
CA PRO A 234 -63.34 -1.29 -41.60
C PRO A 234 -63.18 -0.11 -40.65
N GLN A 235 -63.35 -0.31 -39.35
CA GLN A 235 -63.16 0.82 -38.44
C GLN A 235 -61.70 1.21 -38.27
N ILE A 236 -60.78 0.65 -39.06
CA ILE A 236 -59.39 1.08 -39.03
C ILE A 236 -59.26 2.51 -39.49
N GLY A 237 -60.29 3.04 -40.17
CA GLY A 237 -60.29 4.43 -40.61
C GLY A 237 -60.22 5.43 -39.49
N ASN A 238 -60.64 5.06 -38.28
CA ASN A 238 -60.50 5.95 -37.14
C ASN A 238 -59.04 6.18 -36.75
N LEU A 239 -58.14 5.34 -37.25
CA LEU A 239 -56.71 5.42 -36.94
C LEU A 239 -56.08 6.46 -37.86
N LYS A 240 -56.37 7.73 -37.57
CA LYS A 240 -55.87 8.82 -38.39
C LYS A 240 -54.43 9.21 -38.10
N ASN A 241 -53.91 8.93 -36.91
CA ASN A 241 -52.54 9.24 -36.55
C ASN A 241 -51.67 7.99 -36.41
N VAL A 242 -51.94 6.96 -37.20
CA VAL A 242 -51.13 5.74 -37.21
C VAL A 242 -50.26 5.77 -38.46
N THR A 243 -48.94 5.62 -38.27
CA THR A 243 -47.99 5.67 -39.37
C THR A 243 -47.72 4.30 -39.97
N VAL A 244 -47.64 3.26 -39.14
CA VAL A 244 -47.30 1.91 -39.58
C VAL A 244 -48.48 0.99 -39.28
N PHE A 245 -48.85 0.18 -40.26
CA PHE A 245 -49.95 -0.77 -40.11
C PHE A 245 -49.58 -2.00 -40.92
N ASP A 246 -49.10 -3.04 -40.24
CA ASP A 246 -48.58 -4.25 -40.90
C ASP A 246 -49.37 -5.47 -40.43
N ILE A 247 -49.98 -6.17 -41.37
CA ILE A 247 -50.78 -7.37 -41.09
C ILE A 247 -50.30 -8.53 -41.97
N SER A 248 -49.01 -8.54 -42.31
CA SER A 248 -48.49 -9.51 -43.25
C SER A 248 -48.48 -10.92 -42.67
N PHE A 249 -48.32 -11.90 -43.55
CA PHE A 249 -48.10 -13.30 -43.18
C PHE A 249 -49.22 -13.80 -42.26
N ASN A 250 -50.46 -13.52 -42.67
CA ASN A 250 -51.65 -13.93 -41.93
C ASN A 250 -52.56 -14.71 -42.89
N ARG A 251 -53.66 -15.23 -42.34
CA ARG A 251 -54.69 -15.91 -43.12
C ARG A 251 -55.91 -15.01 -43.34
N LEU A 252 -55.71 -13.69 -43.37
CA LEU A 252 -56.83 -12.76 -43.47
C LEU A 252 -57.43 -12.79 -44.87
N SER A 253 -58.75 -12.98 -44.92
CA SER A 253 -59.50 -12.98 -46.16
C SER A 253 -60.51 -11.84 -46.16
N GLY A 254 -60.92 -11.42 -47.35
CA GLY A 254 -61.91 -10.39 -47.48
C GLY A 254 -61.42 -9.23 -48.33
N PRO A 255 -62.26 -8.21 -48.50
CA PRO A 255 -61.85 -7.02 -49.25
C PRO A 255 -61.18 -5.99 -48.35
N LEU A 256 -60.31 -5.20 -48.94
CA LEU A 256 -59.77 -4.04 -48.24
C LEU A 256 -60.87 -2.99 -48.09
N PRO A 257 -61.14 -2.51 -46.88
CA PRO A 257 -62.21 -1.52 -46.72
C PRO A 257 -61.82 -0.20 -47.35
N SER A 258 -62.82 0.49 -47.88
CA SER A 258 -62.60 1.82 -48.43
C SER A 258 -62.21 2.82 -47.35
N SER A 259 -62.37 2.47 -46.07
CA SER A 259 -62.01 3.35 -44.97
C SER A 259 -60.51 3.48 -44.77
N ILE A 260 -59.69 2.74 -45.53
CA ILE A 260 -58.24 2.85 -45.37
C ILE A 260 -57.77 4.26 -45.73
N GLY A 261 -58.47 4.92 -46.66
CA GLY A 261 -58.09 6.26 -47.06
C GLY A 261 -58.23 7.29 -45.97
N ASN A 262 -58.96 6.97 -44.90
CA ASN A 262 -59.13 7.88 -43.78
C ASN A 262 -57.91 7.90 -42.86
N MET A 263 -56.97 6.98 -43.04
CA MET A 263 -55.76 6.91 -42.21
C MET A 263 -54.70 7.83 -42.83
N LYS A 264 -54.96 9.13 -42.72
CA LYS A 264 -54.20 10.10 -43.50
C LYS A 264 -52.72 10.11 -43.15
N SER A 265 -52.36 9.73 -41.93
CA SER A 265 -50.96 9.74 -41.51
C SER A 265 -50.24 8.44 -41.85
N LEU A 266 -50.90 7.53 -42.55
CA LEU A 266 -50.33 6.24 -42.86
C LEU A 266 -49.13 6.39 -43.79
N GLU A 267 -47.97 5.92 -43.34
CA GLU A 267 -46.74 5.98 -44.11
C GLU A 267 -46.33 4.60 -44.64
N GLN A 268 -46.40 3.58 -43.78
CA GLN A 268 -46.06 2.21 -44.15
C GLN A 268 -47.33 1.37 -44.06
N LEU A 269 -47.80 0.87 -45.20
CA LEU A 269 -48.98 0.01 -45.27
C LEU A 269 -48.58 -1.30 -45.92
N ASN A 270 -48.64 -2.39 -45.15
CA ASN A 270 -48.26 -3.72 -45.63
C ASN A 270 -49.44 -4.66 -45.44
N VAL A 271 -49.96 -5.18 -46.54
CA VAL A 271 -51.13 -6.04 -46.55
C VAL A 271 -50.81 -7.37 -47.23
N ALA A 272 -49.52 -7.67 -47.38
CA ALA A 272 -49.04 -8.81 -48.14
C ALA A 272 -49.25 -10.12 -47.37
N ASN A 273 -49.12 -11.22 -48.11
CA ASN A 273 -49.12 -12.58 -47.55
C ASN A 273 -50.40 -12.85 -46.76
N ASN A 274 -51.52 -12.79 -47.48
CA ASN A 274 -52.85 -13.01 -46.94
C ASN A 274 -53.73 -13.67 -47.98
N ARG A 275 -55.04 -13.44 -47.87
CA ARG A 275 -56.05 -14.05 -48.74
C ARG A 275 -57.12 -13.03 -49.07
N PHE A 276 -56.71 -11.80 -49.37
CA PHE A 276 -57.67 -10.73 -49.62
C PHE A 276 -58.24 -10.84 -51.03
N THR A 277 -59.56 -10.78 -51.12
CA THR A 277 -60.30 -10.78 -52.37
C THR A 277 -60.56 -9.35 -52.83
N GLY A 278 -61.48 -9.20 -53.79
CA GLY A 278 -61.90 -7.93 -54.34
C GLY A 278 -60.84 -6.98 -54.88
N VAL A 279 -61.22 -5.70 -54.99
CA VAL A 279 -60.40 -4.68 -55.65
C VAL A 279 -59.71 -3.81 -54.61
N ILE A 280 -58.66 -3.13 -55.05
CA ILE A 280 -57.95 -2.12 -54.26
C ILE A 280 -58.77 -0.83 -54.31
N PRO A 281 -59.37 -0.40 -53.20
CA PRO A 281 -60.27 0.76 -53.25
C PRO A 281 -59.57 1.99 -53.78
N SER A 282 -60.38 2.95 -54.25
CA SER A 282 -59.86 4.20 -54.76
C SER A 282 -59.54 5.19 -53.66
N SER A 283 -59.89 4.89 -52.41
CA SER A 283 -59.57 5.80 -51.31
C SER A 283 -58.10 5.71 -50.90
N ILE A 284 -57.36 4.73 -51.41
CA ILE A 284 -55.94 4.64 -51.17
C ILE A 284 -55.25 5.84 -51.80
N CYS A 285 -55.95 6.52 -52.71
CA CYS A 285 -55.45 7.71 -53.38
C CYS A 285 -55.26 8.89 -52.42
N GLN A 286 -56.06 8.92 -51.35
CA GLN A 286 -56.04 10.03 -50.41
C GLN A 286 -54.81 10.05 -49.52
N LEU A 287 -54.08 8.94 -49.42
CA LEU A 287 -52.95 8.83 -48.49
C LEU A 287 -51.75 9.57 -49.07
N SER A 288 -51.53 10.81 -48.61
CA SER A 288 -50.44 11.61 -49.15
C SER A 288 -49.11 11.29 -48.49
N ASN A 289 -49.13 10.87 -47.21
CA ASN A 289 -47.89 10.52 -46.52
C ASN A 289 -47.38 9.13 -46.89
N LEU A 290 -48.16 8.34 -47.62
CA LEU A 290 -47.78 6.97 -47.94
C LEU A 290 -46.50 6.95 -48.76
N GLU A 291 -45.51 6.18 -48.28
CA GLU A 291 -44.23 6.03 -48.95
C GLU A 291 -43.90 4.59 -49.37
N ASN A 292 -44.42 3.59 -48.65
CA ASN A 292 -44.23 2.19 -49.02
C ASN A 292 -45.53 1.45 -48.81
N PHE A 293 -46.03 0.83 -49.88
CA PHE A 293 -47.28 0.11 -49.89
C PHE A 293 -47.07 -1.26 -50.53
N THR A 294 -47.55 -2.31 -49.86
CA THR A 294 -47.33 -3.68 -50.31
C THR A 294 -48.62 -4.46 -50.17
N TYR A 295 -49.13 -4.97 -51.28
CA TYR A 295 -50.36 -5.77 -51.33
C TYR A 295 -50.12 -7.00 -52.18
N SER A 296 -49.09 -7.77 -51.82
CA SER A 296 -48.59 -8.84 -52.67
C SER A 296 -48.92 -10.20 -52.07
N SER A 297 -48.96 -11.20 -52.95
CA SER A 297 -49.38 -12.56 -52.59
C SER A 297 -50.79 -12.57 -52.01
N ASN A 298 -51.67 -11.75 -52.60
CA ASN A 298 -53.09 -11.70 -52.29
C ASN A 298 -53.88 -11.97 -53.55
N PHE A 299 -55.16 -12.28 -53.37
CA PHE A 299 -56.02 -12.65 -54.51
C PHE A 299 -56.87 -11.45 -54.95
N PHE A 300 -56.19 -10.37 -55.32
CA PHE A 300 -56.88 -9.16 -55.76
C PHE A 300 -57.21 -9.25 -57.25
N THR A 301 -58.35 -8.70 -57.63
CA THR A 301 -58.78 -8.67 -59.01
C THR A 301 -58.74 -7.28 -59.64
N GLY A 302 -58.67 -6.24 -58.83
CA GLY A 302 -58.62 -4.86 -59.32
C GLY A 302 -57.36 -4.16 -58.88
N ASP A 303 -56.80 -3.36 -59.78
CA ASP A 303 -55.53 -2.69 -59.54
C ASP A 303 -55.75 -1.35 -58.85
N ALA A 304 -54.67 -0.82 -58.28
CA ALA A 304 -54.67 0.49 -57.65
C ALA A 304 -54.45 1.59 -58.68
N PRO A 305 -55.13 2.74 -58.53
CA PRO A 305 -55.03 3.81 -59.54
C PRO A 305 -53.64 4.45 -59.64
N ARG A 306 -53.52 5.45 -60.52
CA ARG A 306 -52.27 6.09 -60.88
C ARG A 306 -51.93 7.29 -60.02
N CYS A 307 -52.67 7.52 -58.93
CA CYS A 307 -52.80 8.84 -58.32
C CYS A 307 -51.47 9.56 -58.15
N VAL A 308 -50.60 9.05 -57.27
CA VAL A 308 -49.35 9.73 -56.94
C VAL A 308 -48.13 8.82 -57.05
N ALA A 309 -48.30 7.57 -57.46
CA ALA A 309 -47.18 6.64 -57.58
C ALA A 309 -46.22 7.09 -58.67
N ASP A 313 -42.84 8.55 -58.30
CA ASP A 313 -41.51 8.20 -57.81
C ASP A 313 -41.38 8.43 -56.31
N ASN A 314 -40.37 7.80 -55.71
CA ASN A 314 -40.06 7.82 -54.28
C ASN A 314 -41.10 7.10 -53.44
N VAL A 315 -42.14 6.52 -54.03
CA VAL A 315 -43.13 5.74 -53.31
C VAL A 315 -43.15 4.33 -53.90
N VAL A 316 -42.67 3.37 -53.14
CA VAL A 316 -42.45 2.01 -53.63
C VAL A 316 -43.72 1.20 -53.47
N VAL A 317 -44.18 0.57 -54.56
CA VAL A 317 -45.36 -0.29 -54.55
C VAL A 317 -44.96 -1.64 -55.14
N ASN A 318 -45.38 -2.72 -54.49
CA ASN A 318 -45.13 -4.06 -54.99
C ASN A 318 -46.47 -4.76 -55.13
N GLY A 319 -46.89 -5.00 -56.38
CA GLY A 319 -48.15 -5.66 -56.66
C GLY A 319 -48.00 -7.05 -57.25
N SER A 320 -47.21 -7.88 -56.59
CA SER A 320 -46.82 -9.18 -57.11
C SER A 320 -47.74 -10.26 -56.56
N MET A 321 -47.97 -11.30 -57.38
CA MET A 321 -48.86 -12.41 -57.07
C MET A 321 -50.26 -11.90 -56.74
N ASN A 322 -50.91 -11.35 -57.77
CA ASN A 322 -52.25 -10.79 -57.69
C ASN A 322 -53.01 -11.16 -58.96
N CYS A 323 -54.27 -11.53 -58.79
CA CYS A 323 -55.08 -11.98 -59.91
C CYS A 323 -55.63 -10.85 -60.78
N ILE A 324 -54.90 -9.74 -60.90
CA ILE A 324 -55.30 -8.67 -61.82
C ILE A 324 -54.82 -9.00 -63.22
N ASP A 325 -55.71 -8.80 -64.21
CA ASP A 325 -55.40 -9.17 -65.58
C ASP A 325 -54.42 -8.22 -66.24
N GLY A 326 -54.34 -6.97 -65.78
CA GLY A 326 -53.51 -5.98 -66.42
C GLY A 326 -52.03 -6.11 -66.14
N LYS A 327 -51.66 -6.17 -64.86
CA LYS A 327 -50.26 -6.14 -64.48
C LYS A 327 -49.50 -7.36 -64.98
N GLU A 328 -48.17 -7.26 -64.91
CA GLU A 328 -47.26 -8.35 -65.14
C GLU A 328 -46.92 -9.04 -63.83
N ASP A 329 -46.25 -10.20 -63.93
CA ASP A 329 -45.86 -10.98 -62.76
C ASP A 329 -47.04 -11.17 -61.81
N GLN A 330 -47.99 -11.97 -62.27
CA GLN A 330 -49.22 -12.20 -61.55
C GLN A 330 -49.31 -13.66 -61.16
N ARG A 331 -50.32 -13.97 -60.34
CA ARG A 331 -50.52 -15.33 -59.88
C ARG A 331 -51.02 -16.21 -61.02
N SER A 332 -50.73 -17.50 -60.93
CA SER A 332 -51.07 -18.44 -61.99
C SER A 332 -52.58 -18.48 -62.21
N SER A 333 -52.97 -18.75 -63.46
CA SER A 333 -54.39 -18.83 -63.80
C SER A 333 -55.07 -19.97 -63.06
N LYS A 334 -54.46 -21.15 -63.08
CA LYS A 334 -54.83 -22.22 -62.17
C LYS A 334 -54.94 -21.71 -60.74
N GLU A 335 -53.83 -21.17 -60.22
CA GLU A 335 -53.77 -20.72 -58.82
C GLU A 335 -54.82 -19.64 -58.52
N CYS A 336 -55.21 -18.83 -59.52
CA CYS A 336 -56.34 -17.93 -59.32
C CYS A 336 -57.63 -18.73 -59.42
N SER A 337 -58.76 -18.04 -59.60
CA SER A 337 -60.08 -18.64 -59.65
C SER A 337 -60.16 -19.91 -58.81
N SER A 338 -59.63 -19.85 -57.61
CA SER A 338 -59.48 -20.96 -56.69
C SER A 338 -60.39 -20.78 -55.48
N PRO A 339 -60.58 -21.83 -54.67
CA PRO A 339 -61.52 -21.69 -53.54
C PRO A 339 -61.19 -20.58 -52.54
N ALA A 340 -59.97 -20.08 -52.49
CA ALA A 340 -59.70 -18.88 -51.71
C ALA A 340 -59.90 -17.61 -52.54
N SER A 341 -59.65 -17.68 -53.84
CA SER A 341 -59.90 -16.55 -54.72
C SER A 341 -61.37 -16.14 -54.70
N ARG A 342 -62.26 -17.09 -54.45
CA ARG A 342 -63.68 -16.77 -54.37
C ARG A 342 -63.97 -15.88 -53.18
N SER A 343 -64.88 -14.93 -53.38
CA SER A 343 -65.24 -14.01 -52.31
C SER A 343 -65.82 -14.78 -51.13
N VAL A 344 -65.68 -14.21 -49.93
CA VAL A 344 -66.03 -14.90 -48.71
C VAL A 344 -67.20 -14.20 -48.05
N ASP A 345 -67.93 -14.94 -47.21
CA ASP A 345 -69.10 -14.39 -46.56
C ASP A 345 -68.70 -13.35 -45.53
N CYS A 346 -67.50 -13.50 -44.95
CA CYS A 346 -66.91 -12.57 -44.00
C CYS A 346 -67.60 -12.63 -42.64
N SER A 347 -68.70 -13.39 -42.55
CA SER A 347 -69.35 -13.72 -41.30
C SER A 347 -69.26 -15.20 -40.98
N LYS A 348 -68.81 -16.03 -41.92
CA LYS A 348 -68.52 -17.45 -41.76
C LYS A 348 -67.35 -17.72 -40.81
N PHE A 349 -66.85 -16.65 -40.21
CA PHE A 349 -65.80 -16.72 -39.21
C PHE A 349 -66.45 -16.38 -37.87
N GLY A 350 -65.82 -16.77 -36.77
CA GLY A 350 -66.52 -16.72 -35.51
C GLY A 350 -66.19 -15.49 -34.68
N CYS A 351 -65.20 -14.74 -35.13
CA CYS A 351 -64.93 -13.42 -34.59
C CYS A 351 -66.02 -12.44 -35.00
N ASN A 352 -66.15 -11.36 -34.23
CA ASN A 352 -67.02 -10.23 -34.57
C ASN A 352 -66.13 -9.01 -34.73
N ASN A 353 -65.58 -8.83 -35.94
CA ASN A 353 -64.69 -7.72 -36.20
C ASN A 353 -65.47 -6.42 -36.35
N PHE A 354 -66.61 -6.48 -37.02
CA PHE A 354 -67.32 -5.30 -37.45
C PHE A 354 -68.77 -5.36 -36.99
N PHE A 355 -69.36 -4.18 -36.84
CA PHE A 355 -70.70 -4.02 -36.28
C PHE A 355 -71.61 -3.23 -37.22
N SER A 356 -71.20 -3.03 -38.47
CA SER A 356 -71.98 -2.38 -39.50
C SER A 356 -71.61 -3.05 -40.81
N PRO A 357 -72.55 -3.23 -41.72
CA PRO A 357 -72.25 -3.96 -42.97
C PRO A 357 -71.15 -3.27 -43.77
N LEU A 358 -70.52 -4.04 -44.64
CA LEU A 358 -69.35 -3.58 -45.38
C LEU A 358 -69.77 -2.66 -46.52
N GLU A 359 -68.77 -2.01 -47.12
CA GLU A 359 -69.03 -0.93 -48.07
C GLU A 359 -69.72 -1.44 -49.33
N ASN A 360 -69.18 -2.49 -49.93
CA ASN A 360 -69.68 -3.03 -51.21
C ASN A 360 -69.64 -1.96 -52.30
N VAL B 14 -40.56 -33.00 2.22
CA VAL B 14 -40.84 -33.98 3.26
C VAL B 14 -42.35 -34.10 3.48
N ASP B 15 -42.88 -35.31 3.32
CA ASP B 15 -44.30 -35.55 3.51
C ASP B 15 -44.50 -36.63 4.58
N PRO B 16 -45.49 -36.46 5.46
CA PRO B 16 -45.65 -37.41 6.57
C PRO B 16 -46.16 -38.78 6.17
N SER B 17 -47.21 -38.85 5.35
CA SER B 17 -47.91 -40.10 5.06
C SER B 17 -47.87 -40.40 3.57
N LEU B 18 -46.78 -41.03 3.14
CA LEU B 18 -46.61 -41.56 1.79
C LEU B 18 -45.88 -42.88 1.90
N LYS B 19 -46.42 -43.91 1.25
CA LYS B 19 -45.79 -45.23 1.30
C LYS B 19 -44.63 -45.29 0.33
N PHE B 20 -43.46 -45.73 0.83
CA PHE B 20 -42.28 -45.90 0.01
C PHE B 20 -41.84 -47.35 0.09
N GLU B 21 -41.32 -47.88 -1.01
CA GLU B 21 -40.81 -49.25 -0.99
C GLU B 21 -39.51 -49.33 -0.19
N ASN B 22 -38.63 -48.34 -0.35
CA ASN B 22 -37.33 -48.35 0.29
C ASN B 22 -36.87 -46.90 0.45
N PRO B 23 -35.87 -46.65 1.31
CA PRO B 23 -35.37 -45.27 1.46
C PRO B 23 -34.81 -44.66 0.19
N SER B 24 -34.47 -45.47 -0.81
CA SER B 24 -33.89 -44.93 -2.03
C SER B 24 -34.93 -44.14 -2.83
N LEU B 25 -36.12 -44.70 -3.02
CA LEU B 25 -37.16 -43.96 -3.73
C LEU B 25 -37.65 -42.75 -2.94
N ARG B 26 -37.57 -42.80 -1.61
CA ARG B 26 -37.92 -41.61 -0.84
C ARG B 26 -36.92 -40.49 -1.09
N GLN B 27 -35.63 -40.83 -1.10
CA GLN B 27 -34.62 -39.85 -1.46
C GLN B 27 -34.79 -39.41 -2.92
N ALA B 28 -35.14 -40.33 -3.79
CA ALA B 28 -35.39 -40.00 -5.19
C ALA B 28 -36.62 -39.10 -5.33
N TYR B 29 -37.66 -39.39 -4.56
CA TYR B 29 -38.87 -38.55 -4.58
C TYR B 29 -38.56 -37.14 -4.13
N ILE B 30 -37.65 -36.99 -3.15
CA ILE B 30 -37.22 -35.67 -2.73
C ILE B 30 -36.54 -34.93 -3.88
N ALA B 31 -35.71 -35.63 -4.64
CA ALA B 31 -34.98 -34.98 -5.74
C ALA B 31 -35.92 -34.58 -6.87
N LEU B 32 -36.86 -35.46 -7.24
CA LEU B 32 -37.69 -35.19 -8.41
C LEU B 32 -38.69 -34.08 -8.15
N GLN B 33 -39.34 -34.09 -6.99
CA GLN B 33 -40.26 -32.99 -6.67
C GLN B 33 -39.51 -31.69 -6.49
N SER B 34 -38.30 -31.73 -5.95
CA SER B 34 -37.46 -30.54 -5.91
C SER B 34 -37.14 -30.05 -7.31
N TRP B 35 -36.90 -30.98 -8.23
CA TRP B 35 -36.61 -30.64 -9.62
C TRP B 35 -37.89 -30.37 -10.40
N LYS B 36 -39.04 -30.82 -9.91
CA LYS B 36 -40.31 -30.41 -10.51
C LYS B 36 -40.53 -28.91 -10.33
N GLN B 37 -40.18 -28.35 -9.17
CA GLN B 37 -40.25 -26.91 -8.98
C GLN B 37 -39.17 -26.17 -9.78
N ALA B 38 -38.09 -26.85 -10.14
CA ALA B 38 -37.05 -26.22 -10.94
C ALA B 38 -37.41 -26.15 -12.42
N ILE B 39 -38.44 -26.87 -12.83
CA ILE B 39 -38.89 -26.87 -14.22
C ILE B 39 -39.90 -25.75 -14.40
N PHE B 40 -39.65 -24.89 -15.39
CA PHE B 40 -40.50 -23.72 -15.63
C PHE B 40 -41.41 -23.88 -16.83
N SER B 41 -41.09 -24.79 -17.75
CA SER B 41 -41.90 -25.03 -18.94
C SER B 41 -41.89 -26.51 -19.25
N ASP B 42 -43.08 -27.09 -19.38
CA ASP B 42 -43.24 -28.52 -19.68
C ASP B 42 -44.25 -28.64 -20.81
N PRO B 43 -43.81 -28.51 -22.06
CA PRO B 43 -44.76 -28.55 -23.18
C PRO B 43 -45.48 -29.88 -23.32
N PHE B 44 -44.79 -31.00 -23.16
CA PHE B 44 -45.40 -32.31 -23.37
C PHE B 44 -45.81 -32.97 -22.06
N ASN B 45 -46.32 -32.17 -21.12
CA ASN B 45 -46.81 -32.58 -19.81
C ASN B 45 -46.17 -33.85 -19.26
N PHE B 46 -44.85 -33.83 -19.06
CA PHE B 46 -44.18 -34.97 -18.43
C PHE B 46 -44.34 -34.94 -16.92
N THR B 47 -44.25 -33.75 -16.31
CA THR B 47 -44.36 -33.63 -14.87
C THR B 47 -45.80 -33.73 -14.36
N ALA B 48 -46.77 -33.91 -15.27
CA ALA B 48 -48.16 -34.00 -14.83
C ALA B 48 -48.39 -35.20 -13.91
N ASN B 49 -47.78 -36.34 -14.23
CA ASN B 49 -47.95 -37.51 -13.38
C ASN B 49 -47.05 -37.50 -12.15
N TRP B 50 -46.16 -36.50 -12.01
CA TRP B 50 -45.25 -36.49 -10.88
C TRP B 50 -45.97 -35.98 -9.63
N ASN B 51 -47.09 -36.61 -9.29
CA ASN B 51 -47.87 -36.23 -8.12
C ASN B 51 -47.95 -37.32 -7.05
N GLY B 52 -47.91 -38.59 -7.43
CA GLY B 52 -48.03 -39.68 -6.49
C GLY B 52 -46.69 -40.08 -5.88
N SER B 53 -46.74 -41.10 -5.03
CA SER B 53 -45.55 -41.66 -4.41
C SER B 53 -44.93 -42.79 -5.23
N ASP B 54 -45.62 -43.26 -6.27
CA ASP B 54 -45.08 -44.29 -7.15
C ASP B 54 -44.10 -43.62 -8.10
N VAL B 55 -42.87 -43.45 -7.62
CA VAL B 55 -41.85 -42.72 -8.38
C VAL B 55 -41.60 -43.40 -9.72
N CYS B 56 -41.67 -44.74 -9.75
CA CYS B 56 -41.34 -45.49 -10.96
C CYS B 56 -42.33 -45.25 -12.08
N SER B 57 -43.56 -44.83 -11.77
CA SER B 57 -44.55 -44.55 -12.79
C SER B 57 -44.35 -43.19 -13.46
N TYR B 58 -43.46 -42.35 -12.95
CA TYR B 58 -43.24 -41.03 -13.51
C TYR B 58 -42.72 -41.14 -14.94
N ASN B 59 -43.23 -40.29 -15.82
CA ASN B 59 -42.74 -40.23 -17.18
C ASN B 59 -41.28 -39.79 -17.19
N GLY B 60 -40.45 -40.50 -17.95
CA GLY B 60 -39.04 -40.19 -18.02
C GLY B 60 -38.22 -40.76 -16.88
N ILE B 61 -38.85 -41.33 -15.86
CA ILE B 61 -38.16 -41.94 -14.73
C ILE B 61 -38.21 -43.45 -14.93
N PHE B 62 -37.07 -44.12 -14.77
CA PHE B 62 -36.95 -45.53 -15.09
C PHE B 62 -36.26 -46.27 -13.95
N CYS B 63 -36.98 -47.21 -13.34
CA CYS B 63 -36.48 -47.98 -12.21
C CYS B 63 -35.89 -49.31 -12.68
N ALA B 64 -35.05 -49.89 -11.82
CA ALA B 64 -34.41 -51.17 -12.11
C ALA B 64 -33.90 -51.74 -10.80
N PRO B 65 -33.71 -53.07 -10.72
CA PRO B 65 -33.17 -53.67 -9.49
C PRO B 65 -31.77 -53.16 -9.19
N SER B 66 -31.56 -52.74 -7.96
CA SER B 66 -30.25 -52.23 -7.55
C SER B 66 -29.23 -53.36 -7.56
N PRO B 67 -28.04 -53.13 -8.12
CA PRO B 67 -26.99 -54.18 -8.06
C PRO B 67 -26.49 -54.43 -6.65
N SER B 68 -26.50 -53.41 -5.78
CA SER B 68 -26.07 -53.63 -4.39
C SER B 68 -27.04 -54.53 -3.65
N SER B 69 -28.34 -54.38 -3.89
CA SER B 69 -29.37 -55.21 -3.28
C SER B 69 -30.45 -55.47 -4.30
N PRO B 70 -30.48 -56.66 -4.91
CA PRO B 70 -31.46 -56.94 -5.97
C PRO B 70 -32.90 -56.85 -5.50
N LYS B 71 -33.15 -57.05 -4.20
CA LYS B 71 -34.51 -56.97 -3.70
C LYS B 71 -35.03 -55.53 -3.72
N THR B 72 -34.15 -54.55 -3.54
CA THR B 72 -34.56 -53.15 -3.51
C THR B 72 -34.59 -52.62 -4.95
N ARG B 73 -35.77 -52.15 -5.37
CA ARG B 73 -35.89 -51.46 -6.64
C ARG B 73 -35.46 -50.01 -6.47
N VAL B 74 -34.73 -49.48 -7.46
CA VAL B 74 -34.17 -48.14 -7.40
C VAL B 74 -34.31 -47.46 -8.75
N VAL B 75 -34.23 -46.12 -8.73
CA VAL B 75 -34.31 -45.32 -9.94
C VAL B 75 -32.97 -45.41 -10.66
N ALA B 76 -32.95 -46.12 -11.78
CA ALA B 76 -31.71 -46.37 -12.51
C ALA B 76 -31.44 -45.40 -13.66
N GLY B 77 -32.48 -44.81 -14.24
CA GLY B 77 -32.28 -43.96 -15.40
C GLY B 77 -33.32 -42.87 -15.51
N ILE B 78 -32.93 -41.76 -16.14
CA ILE B 78 -33.83 -40.65 -16.45
C ILE B 78 -33.64 -40.28 -17.91
N ASP B 79 -34.72 -40.33 -18.68
CA ASP B 79 -34.67 -40.04 -20.11
C ASP B 79 -35.80 -39.08 -20.47
N LEU B 80 -35.45 -37.81 -20.71
CA LEU B 80 -36.39 -36.78 -21.10
C LEU B 80 -36.05 -36.21 -22.48
N ASN B 81 -35.51 -37.06 -23.36
CA ASN B 81 -35.09 -36.60 -24.68
C ASN B 81 -36.28 -36.11 -25.50
N HIS B 82 -36.07 -35.03 -26.23
CA HIS B 82 -37.01 -34.37 -27.14
C HIS B 82 -38.19 -33.73 -26.43
N ALA B 83 -38.22 -33.73 -25.09
CA ALA B 83 -39.19 -32.92 -24.36
C ALA B 83 -38.68 -31.48 -24.39
N ASP B 84 -39.50 -30.55 -24.86
CA ASP B 84 -39.00 -29.18 -24.99
C ASP B 84 -39.06 -28.47 -23.63
N MET B 85 -38.51 -29.11 -22.60
CA MET B 85 -38.65 -28.65 -21.22
C MET B 85 -37.58 -27.63 -20.85
N ALA B 86 -37.98 -26.63 -20.06
CA ALA B 86 -37.13 -25.54 -19.65
C ALA B 86 -37.03 -25.48 -18.13
N GLY B 87 -35.83 -25.17 -17.63
CA GLY B 87 -35.58 -25.13 -16.20
C GLY B 87 -34.09 -25.16 -15.92
N TYR B 88 -33.75 -25.56 -14.70
CA TYR B 88 -32.36 -25.75 -14.33
C TYR B 88 -32.22 -27.04 -13.54
N LEU B 89 -30.97 -27.44 -13.30
CA LEU B 89 -30.67 -28.64 -12.53
C LEU B 89 -30.38 -28.25 -11.10
N PRO B 90 -31.25 -28.55 -10.14
CA PRO B 90 -31.04 -28.06 -8.77
C PRO B 90 -29.95 -28.84 -8.06
N ARG B 91 -29.50 -28.26 -6.94
CA ARG B 91 -28.49 -28.93 -6.13
C ARG B 91 -29.05 -30.21 -5.52
N GLU B 92 -30.35 -30.24 -5.26
CA GLU B 92 -31.01 -31.36 -4.62
C GLU B 92 -31.21 -32.54 -5.57
N LEU B 93 -30.95 -32.35 -6.86
CA LEU B 93 -31.01 -33.44 -7.84
C LEU B 93 -29.89 -34.45 -7.65
N GLY B 94 -28.80 -34.08 -6.98
CA GLY B 94 -27.65 -34.94 -6.75
C GLY B 94 -27.91 -36.16 -5.87
N LEU B 95 -29.06 -36.23 -5.21
CA LEU B 95 -29.43 -37.37 -4.37
C LEU B 95 -29.71 -38.66 -5.15
N LEU B 96 -29.69 -38.62 -6.48
CA LEU B 96 -29.98 -39.80 -7.30
C LEU B 96 -28.72 -40.66 -7.48
N THR B 97 -28.23 -41.18 -6.34
CA THR B 97 -26.97 -41.93 -6.35
C THR B 97 -27.08 -43.22 -7.15
N ASP B 98 -28.27 -43.78 -7.28
CA ASP B 98 -28.47 -45.03 -8.01
C ASP B 98 -28.60 -44.82 -9.52
N LEU B 99 -28.44 -43.60 -10.01
CA LEU B 99 -28.63 -43.31 -11.41
C LEU B 99 -27.50 -43.89 -12.25
N ALA B 100 -27.86 -44.46 -13.40
CA ALA B 100 -26.89 -45.02 -14.33
C ALA B 100 -26.85 -44.32 -15.68
N LEU B 101 -27.97 -43.75 -16.13
CA LEU B 101 -28.04 -42.98 -17.37
C LEU B 101 -28.84 -41.70 -17.13
N PHE B 102 -28.54 -40.68 -17.93
CA PHE B 102 -29.14 -39.37 -17.73
C PHE B 102 -29.22 -38.65 -19.07
N HIS B 103 -30.43 -38.51 -19.59
CA HIS B 103 -30.68 -38.00 -20.94
C HIS B 103 -31.38 -36.65 -20.88
N LEU B 104 -30.79 -35.64 -21.51
CA LEU B 104 -31.44 -34.34 -21.57
C LEU B 104 -31.30 -33.72 -22.96
N ASN B 105 -31.46 -34.54 -24.01
CA ASN B 105 -31.41 -34.00 -25.35
C ASN B 105 -32.68 -33.21 -25.66
N SER B 106 -32.51 -32.14 -26.43
CA SER B 106 -33.62 -31.34 -26.95
C SER B 106 -34.49 -30.80 -25.82
N ASN B 107 -33.85 -30.28 -24.79
CA ASN B 107 -34.49 -29.56 -23.71
C ASN B 107 -34.12 -28.09 -23.80
N ARG B 108 -34.60 -27.32 -22.84
CA ARG B 108 -34.26 -25.92 -22.71
C ARG B 108 -33.76 -25.64 -21.29
N PHE B 109 -33.01 -26.60 -20.74
CA PHE B 109 -32.44 -26.45 -19.42
C PHE B 109 -31.19 -25.57 -19.49
N CYS B 110 -31.15 -24.55 -18.66
CA CYS B 110 -30.08 -23.57 -18.65
C CYS B 110 -29.30 -23.66 -17.33
N GLY B 111 -28.31 -22.80 -17.20
CA GLY B 111 -27.48 -22.76 -16.00
C GLY B 111 -26.23 -23.61 -16.14
N GLU B 112 -25.74 -24.03 -14.98
CA GLU B 112 -24.52 -24.82 -14.90
C GLU B 112 -24.82 -26.17 -14.24
N VAL B 113 -24.03 -27.17 -14.57
CA VAL B 113 -24.21 -28.51 -14.01
C VAL B 113 -23.83 -28.46 -12.53
N PRO B 114 -24.71 -28.88 -11.63
CA PRO B 114 -24.41 -28.80 -10.20
C PRO B 114 -23.31 -29.77 -9.79
N LEU B 115 -22.54 -29.36 -8.78
CA LEU B 115 -21.45 -30.18 -8.28
C LEU B 115 -21.92 -31.49 -7.65
N THR B 116 -23.21 -31.60 -7.32
CA THR B 116 -23.70 -32.78 -6.62
C THR B 116 -23.79 -34.02 -7.49
N PHE B 117 -23.53 -33.92 -8.79
CA PHE B 117 -23.48 -35.11 -9.63
C PHE B 117 -22.32 -36.03 -9.27
N LYS B 118 -21.35 -35.57 -8.49
CA LYS B 118 -20.27 -36.44 -8.06
C LYS B 118 -20.76 -37.61 -7.20
N HIS B 119 -21.94 -37.48 -6.57
CA HIS B 119 -22.42 -38.54 -5.70
C HIS B 119 -23.08 -39.70 -6.44
N MET B 120 -23.44 -39.53 -7.72
CA MET B 120 -24.00 -40.63 -8.50
C MET B 120 -22.85 -41.42 -9.11
N LYS B 121 -22.24 -42.24 -8.26
CA LYS B 121 -21.04 -42.98 -8.63
C LYS B 121 -21.32 -43.97 -9.77
N LEU B 122 -22.55 -44.44 -9.89
CA LEU B 122 -22.90 -45.45 -10.88
C LEU B 122 -23.29 -44.84 -12.23
N LEU B 123 -23.25 -43.52 -12.37
CA LEU B 123 -23.62 -42.88 -13.63
C LEU B 123 -22.65 -43.30 -14.73
N PHE B 124 -23.20 -43.84 -15.82
CA PHE B 124 -22.41 -44.40 -16.91
C PHE B 124 -22.40 -43.51 -18.15
N GLU B 125 -23.56 -43.02 -18.57
CA GLU B 125 -23.69 -42.20 -19.78
C GLU B 125 -24.39 -40.89 -19.44
N LEU B 126 -23.87 -39.79 -20.00
CA LEU B 126 -24.38 -38.45 -19.73
C LEU B 126 -24.60 -37.72 -21.04
N ASP B 127 -25.85 -37.39 -21.34
CA ASP B 127 -26.24 -36.72 -22.57
C ASP B 127 -26.87 -35.38 -22.19
N LEU B 128 -26.15 -34.29 -22.46
CA LEU B 128 -26.63 -32.95 -22.17
C LEU B 128 -26.79 -32.11 -23.45
N SER B 129 -27.05 -32.77 -24.58
CA SER B 129 -27.12 -32.08 -25.86
C SER B 129 -28.38 -31.23 -25.94
N ASN B 130 -28.31 -30.19 -26.78
CA ASN B 130 -29.44 -29.31 -27.08
C ASN B 130 -30.06 -28.73 -25.81
N ASN B 131 -29.27 -27.92 -25.13
CA ASN B 131 -29.71 -27.25 -23.92
C ASN B 131 -29.19 -25.82 -23.95
N ARG B 132 -29.31 -25.13 -22.83
CA ARG B 132 -28.82 -23.77 -22.68
C ARG B 132 -27.80 -23.68 -21.55
N PHE B 133 -27.06 -24.76 -21.31
CA PHE B 133 -26.04 -24.73 -20.28
C PHE B 133 -24.91 -23.78 -20.68
N VAL B 134 -24.46 -22.99 -19.72
CA VAL B 134 -23.44 -21.98 -19.92
C VAL B 134 -22.40 -22.11 -18.82
N GLY B 135 -21.38 -21.25 -18.88
CA GLY B 135 -20.30 -21.28 -17.91
C GLY B 135 -19.13 -22.11 -18.38
N LYS B 136 -18.13 -22.19 -17.51
CA LYS B 136 -16.93 -22.95 -17.82
C LYS B 136 -17.26 -24.44 -17.88
N PHE B 137 -16.34 -25.20 -18.46
CA PHE B 137 -16.54 -26.64 -18.60
C PHE B 137 -16.76 -27.26 -17.22
N PRO B 138 -17.82 -28.04 -17.02
CA PRO B 138 -18.10 -28.58 -15.69
C PRO B 138 -17.11 -29.66 -15.28
N ASN B 139 -16.18 -29.34 -14.38
CA ASN B 139 -15.22 -30.33 -13.91
C ASN B 139 -15.87 -31.44 -13.09
N VAL B 140 -17.16 -31.32 -12.79
CA VAL B 140 -17.84 -32.35 -12.01
C VAL B 140 -17.90 -33.66 -12.79
N VAL B 141 -18.09 -33.59 -14.11
CA VAL B 141 -18.20 -34.79 -14.92
C VAL B 141 -16.91 -35.61 -14.92
N LEU B 142 -15.77 -34.97 -14.62
CA LEU B 142 -14.51 -35.71 -14.56
C LEU B 142 -14.44 -36.62 -13.35
N SER B 143 -15.15 -36.28 -12.27
CA SER B 143 -15.15 -37.08 -11.06
C SER B 143 -15.99 -38.34 -11.16
N LEU B 144 -16.86 -38.43 -12.17
CA LEU B 144 -17.74 -39.58 -12.35
C LEU B 144 -16.94 -40.84 -12.61
N PRO B 145 -16.96 -41.81 -11.68
CA PRO B 145 -16.12 -43.01 -11.83
C PRO B 145 -16.55 -43.90 -12.99
N SER B 146 -17.85 -44.16 -13.08
CA SER B 146 -18.39 -45.10 -14.05
C SER B 146 -18.64 -44.48 -15.41
N LEU B 147 -18.31 -43.21 -15.59
CA LEU B 147 -18.61 -42.51 -16.85
C LEU B 147 -17.75 -43.06 -17.99
N LYS B 148 -18.41 -43.41 -19.10
CA LYS B 148 -17.73 -43.75 -20.33
C LYS B 148 -18.25 -43.00 -21.54
N PHE B 149 -19.42 -42.38 -21.47
CA PHE B 149 -20.02 -41.64 -22.58
C PHE B 149 -20.37 -40.25 -22.10
N LEU B 150 -19.72 -39.24 -22.66
CA LEU B 150 -19.94 -37.84 -22.28
C LEU B 150 -20.40 -37.06 -23.50
N ASP B 151 -21.59 -36.46 -23.40
CA ASP B 151 -22.20 -35.74 -24.52
C ASP B 151 -22.66 -34.37 -24.03
N LEU B 152 -22.02 -33.32 -24.54
CA LEU B 152 -22.33 -31.93 -24.23
C LEU B 152 -22.52 -31.11 -25.50
N ARG B 153 -23.08 -31.71 -26.54
CA ARG B 153 -23.20 -31.05 -27.84
C ARG B 153 -24.18 -29.88 -27.78
N TYR B 154 -23.98 -28.95 -28.71
CA TYR B 154 -24.82 -27.77 -28.92
C TYR B 154 -25.22 -27.11 -27.59
N ASN B 155 -24.22 -26.60 -26.89
CA ASN B 155 -24.44 -25.79 -25.71
C ASN B 155 -23.56 -24.56 -25.82
N GLU B 156 -23.41 -23.83 -24.72
CA GLU B 156 -22.59 -22.63 -24.69
C GLU B 156 -21.62 -22.67 -23.53
N PHE B 157 -21.01 -23.83 -23.31
CA PHE B 157 -19.96 -23.93 -22.32
C PHE B 157 -18.76 -23.10 -22.78
N GLU B 158 -18.22 -22.30 -21.87
CA GLU B 158 -17.15 -21.37 -22.19
C GLU B 158 -15.83 -21.94 -21.69
N GLY B 159 -14.74 -21.30 -22.10
CA GLY B 159 -13.43 -21.69 -21.61
C GLY B 159 -12.81 -22.81 -22.42
N SER B 160 -11.69 -23.30 -21.90
CA SER B 160 -10.91 -24.34 -22.55
C SER B 160 -11.36 -25.73 -22.12
N ILE B 161 -11.15 -26.70 -22.99
CA ILE B 161 -11.38 -28.10 -22.65
C ILE B 161 -10.23 -28.51 -21.75
N PRO B 162 -10.48 -28.97 -20.53
CA PRO B 162 -9.37 -29.32 -19.63
C PRO B 162 -8.62 -30.54 -20.15
N SER B 163 -7.30 -30.51 -19.99
CA SER B 163 -6.47 -31.61 -20.47
C SER B 163 -6.75 -32.90 -19.72
N LYS B 164 -7.26 -32.81 -18.48
CA LYS B 164 -7.56 -34.01 -17.70
C LYS B 164 -8.67 -34.84 -18.33
N LEU B 165 -9.53 -34.21 -19.14
CA LEU B 165 -10.61 -34.94 -19.80
C LEU B 165 -10.09 -36.03 -20.72
N PHE B 166 -9.01 -35.75 -21.45
CA PHE B 166 -8.46 -36.72 -22.38
C PHE B 166 -7.58 -37.77 -21.71
N ASP B 167 -7.20 -37.56 -20.45
CA ASP B 167 -6.53 -38.63 -19.71
C ASP B 167 -7.51 -39.66 -19.17
N LYS B 168 -8.76 -39.26 -18.93
CA LYS B 168 -9.76 -40.18 -18.40
C LYS B 168 -10.21 -41.16 -19.47
N GLU B 169 -10.43 -42.41 -19.07
CA GLU B 169 -10.85 -43.48 -19.97
C GLU B 169 -12.33 -43.34 -20.28
N LEU B 170 -12.64 -42.86 -21.48
CA LEU B 170 -14.01 -42.70 -21.95
C LEU B 170 -14.16 -43.46 -23.27
N ASP B 171 -15.40 -43.82 -23.59
CA ASP B 171 -15.65 -44.51 -24.86
C ASP B 171 -15.94 -43.51 -25.99
N ALA B 172 -16.80 -42.52 -25.74
CA ALA B 172 -17.18 -41.55 -26.75
C ALA B 172 -17.28 -40.19 -26.10
N ILE B 173 -16.77 -39.17 -26.78
CA ILE B 173 -16.75 -37.80 -26.30
C ILE B 173 -17.24 -36.88 -27.40
N PHE B 174 -18.32 -36.14 -27.12
CA PHE B 174 -18.92 -35.22 -28.08
C PHE B 174 -18.98 -33.83 -27.48
N LEU B 175 -18.27 -32.88 -28.11
CA LEU B 175 -18.24 -31.51 -27.61
C LEU B 175 -18.38 -30.48 -28.73
N ASN B 176 -19.00 -30.84 -29.86
CA ASN B 176 -19.02 -29.95 -31.01
C ASN B 176 -20.03 -28.83 -30.82
N HIS B 177 -19.76 -27.71 -31.49
CA HIS B 177 -20.67 -26.56 -31.56
C HIS B 177 -21.02 -26.03 -30.17
N ASN B 178 -20.03 -26.00 -29.29
CA ASN B 178 -20.09 -25.25 -28.05
C ASN B 178 -19.27 -23.97 -28.23
N ARG B 179 -19.17 -23.19 -27.16
CA ARG B 179 -18.27 -22.03 -27.15
C ARG B 179 -16.91 -22.38 -26.53
N PHE B 180 -16.27 -23.44 -26.99
CA PHE B 180 -14.95 -23.78 -26.47
C PHE B 180 -13.87 -23.02 -27.24
N MET B 181 -12.71 -22.88 -26.61
CA MET B 181 -11.66 -22.01 -27.11
C MET B 181 -10.29 -22.59 -26.75
N PHE B 182 -9.25 -21.94 -27.27
CA PHE B 182 -7.87 -22.14 -26.84
C PHE B 182 -7.30 -23.50 -27.26
N GLY B 183 -7.77 -24.02 -28.39
CA GLY B 183 -7.12 -25.14 -29.05
C GLY B 183 -7.33 -26.49 -28.40
N ILE B 184 -6.89 -27.51 -29.13
CA ILE B 184 -7.03 -28.90 -28.70
C ILE B 184 -5.90 -29.25 -27.74
N PRO B 185 -6.20 -29.89 -26.61
CA PRO B 185 -5.13 -30.34 -25.71
C PRO B 185 -4.23 -31.37 -26.37
N GLU B 186 -2.92 -31.24 -26.13
CA GLU B 186 -1.93 -32.13 -26.72
C GLU B 186 -1.98 -33.55 -26.19
N ASN B 187 -2.72 -33.82 -25.11
CA ASN B 187 -2.84 -35.17 -24.57
C ASN B 187 -4.04 -35.93 -25.14
N MET B 188 -4.45 -35.62 -26.37
CA MET B 188 -5.59 -36.32 -26.98
C MET B 188 -5.32 -37.82 -27.10
N GLY B 189 -4.06 -38.21 -27.34
CA GLY B 189 -3.74 -39.61 -27.55
C GLY B 189 -3.96 -40.49 -26.35
N ASN B 190 -4.03 -39.91 -25.14
CA ASN B 190 -4.20 -40.71 -23.95
C ASN B 190 -5.62 -41.26 -23.83
N SER B 191 -6.58 -40.68 -24.53
CA SER B 191 -7.97 -41.11 -24.41
C SER B 191 -8.20 -42.37 -25.23
N PRO B 192 -8.82 -43.40 -24.66
CA PRO B 192 -9.10 -44.61 -25.44
C PRO B 192 -10.40 -44.50 -26.21
N VAL B 193 -10.89 -43.26 -26.40
CA VAL B 193 -12.19 -43.04 -27.00
C VAL B 193 -12.25 -43.66 -28.39
N SER B 194 -13.39 -44.28 -28.70
CA SER B 194 -13.64 -44.81 -30.03
C SER B 194 -14.23 -43.76 -30.96
N ALA B 195 -15.01 -42.82 -30.43
CA ALA B 195 -15.58 -41.73 -31.20
C ALA B 195 -15.24 -40.42 -30.52
N LEU B 196 -14.65 -39.48 -31.26
CA LEU B 196 -14.29 -38.17 -30.74
C LEU B 196 -14.72 -37.13 -31.75
N VAL B 197 -15.64 -36.25 -31.37
CA VAL B 197 -16.13 -35.19 -32.25
C VAL B 197 -15.99 -33.87 -31.50
N LEU B 198 -15.08 -33.02 -31.97
CA LEU B 198 -14.84 -31.72 -31.37
C LEU B 198 -15.04 -30.60 -32.40
N ALA B 199 -15.96 -30.81 -33.34
CA ALA B 199 -16.05 -29.93 -34.49
C ALA B 199 -16.77 -28.64 -34.13
N ASP B 200 -17.17 -27.88 -35.16
CA ASP B 200 -17.85 -26.59 -35.03
C ASP B 200 -17.44 -25.81 -33.78
N ASN B 201 -16.14 -25.62 -33.57
CA ASN B 201 -15.65 -24.90 -32.40
C ASN B 201 -14.49 -24.00 -32.82
N ASP B 202 -14.27 -22.97 -32.00
CA ASP B 202 -13.18 -22.02 -32.24
C ASP B 202 -11.94 -22.46 -31.47
N LEU B 203 -11.34 -23.55 -31.95
CA LEU B 203 -10.13 -24.10 -31.37
C LEU B 203 -8.95 -23.73 -32.26
N GLY B 204 -8.02 -22.94 -31.72
CA GLY B 204 -6.87 -22.48 -32.48
C GLY B 204 -5.65 -23.36 -32.24
N GLY B 205 -4.90 -23.59 -33.30
CA GLY B 205 -3.68 -24.36 -33.21
C GLY B 205 -3.69 -25.53 -34.17
N CYS B 206 -2.73 -26.41 -33.96
CA CYS B 206 -2.51 -27.60 -34.79
C CYS B 206 -3.07 -28.86 -34.13
N ILE B 207 -3.17 -29.91 -34.95
CA ILE B 207 -3.58 -31.24 -34.48
C ILE B 207 -2.51 -31.78 -33.54
N PRO B 208 -2.85 -32.12 -32.30
CA PRO B 208 -1.84 -32.68 -31.39
C PRO B 208 -1.29 -33.99 -31.93
N GLY B 209 0.04 -34.10 -31.90
CA GLY B 209 0.71 -35.27 -32.45
C GLY B 209 0.43 -36.56 -31.69
N SER B 210 -0.27 -36.47 -30.55
CA SER B 210 -0.60 -37.64 -29.75
C SER B 210 -1.56 -38.60 -30.44
N ILE B 211 -2.12 -38.23 -31.60
CA ILE B 211 -3.09 -39.07 -32.28
C ILE B 211 -2.53 -40.47 -32.54
N GLY B 212 -1.21 -40.58 -32.72
CA GLY B 212 -0.61 -41.89 -32.97
C GLY B 212 -0.78 -42.84 -31.81
N LEU B 213 -0.90 -42.32 -30.58
CA LEU B 213 -1.02 -43.19 -29.42
C LEU B 213 -2.41 -43.82 -29.32
N MET B 214 -3.43 -43.16 -29.87
CA MET B 214 -4.80 -43.62 -29.76
C MET B 214 -5.20 -44.53 -30.91
N GLY B 215 -4.22 -45.05 -31.66
CA GLY B 215 -4.51 -45.81 -32.87
C GLY B 215 -5.30 -47.10 -32.62
N LYS B 216 -5.06 -47.75 -31.48
CA LYS B 216 -5.67 -49.05 -31.24
C LYS B 216 -7.16 -48.96 -30.92
N THR B 217 -7.62 -47.82 -30.43
CA THR B 217 -9.00 -47.69 -29.95
C THR B 217 -9.87 -46.79 -30.83
N LEU B 218 -9.32 -45.73 -31.42
CA LEU B 218 -10.13 -44.79 -32.18
C LEU B 218 -10.69 -45.44 -33.44
N ASN B 219 -11.95 -45.16 -33.73
CA ASN B 219 -12.61 -45.66 -34.92
C ASN B 219 -13.13 -44.55 -35.82
N GLU B 220 -13.61 -43.44 -35.26
CA GLU B 220 -14.08 -42.31 -36.04
C GLU B 220 -13.90 -41.02 -35.27
N ILE B 221 -13.28 -40.04 -35.91
CA ILE B 221 -12.96 -38.75 -35.29
C ILE B 221 -13.28 -37.63 -36.26
N ILE B 222 -13.89 -36.55 -35.75
CA ILE B 222 -14.28 -35.40 -36.55
C ILE B 222 -13.79 -34.14 -35.86
N LEU B 223 -12.86 -33.43 -36.50
CA LEU B 223 -12.32 -32.17 -35.99
C LEU B 223 -12.57 -31.02 -36.97
N SER B 224 -13.63 -31.13 -37.77
CA SER B 224 -13.88 -30.18 -38.84
C SER B 224 -14.35 -28.83 -38.29
N ASN B 225 -14.24 -27.80 -39.14
CA ASN B 225 -14.73 -26.45 -38.85
C ASN B 225 -14.15 -25.88 -37.57
N ASP B 226 -12.90 -26.21 -37.29
CA ASP B 226 -12.13 -25.56 -36.24
C ASP B 226 -11.18 -24.52 -36.84
N ASN B 227 -10.56 -23.72 -35.97
CA ASN B 227 -9.56 -22.74 -36.40
C ASN B 227 -8.16 -23.38 -36.36
N LEU B 228 -8.04 -24.49 -37.07
CA LEU B 228 -6.85 -25.32 -37.01
C LEU B 228 -5.79 -24.75 -37.93
N THR B 229 -4.61 -24.48 -37.38
CA THR B 229 -3.47 -24.00 -38.16
C THR B 229 -2.32 -24.97 -38.02
N GLY B 230 -1.62 -25.23 -39.12
CA GLY B 230 -0.49 -26.14 -39.15
C GLY B 230 -0.66 -27.19 -40.23
N CYS B 231 0.28 -28.12 -40.27
CA CYS B 231 0.26 -29.18 -41.27
C CYS B 231 -0.37 -30.45 -40.74
N LEU B 232 -0.82 -31.27 -41.67
CA LEU B 232 -1.44 -32.56 -41.35
C LEU B 232 -0.35 -33.55 -40.95
N PRO B 233 -0.40 -34.11 -39.74
CA PRO B 233 0.67 -35.00 -39.28
C PRO B 233 0.72 -36.28 -40.08
N PRO B 234 1.92 -36.73 -40.44
CA PRO B 234 2.05 -37.96 -41.23
C PRO B 234 1.80 -39.22 -40.41
N GLN B 235 1.68 -39.10 -39.09
CA GLN B 235 1.44 -40.16 -38.13
C GLN B 235 0.03 -40.71 -38.18
N ILE B 236 -0.83 -40.31 -39.13
CA ILE B 236 -2.17 -40.89 -39.16
C ILE B 236 -2.12 -42.38 -39.50
N GLY B 237 -1.01 -42.85 -40.09
CA GLY B 237 -0.89 -44.28 -40.34
C GLY B 237 -0.84 -45.10 -39.07
N ASN B 238 -0.34 -44.51 -37.98
CA ASN B 238 -0.40 -45.18 -36.68
C ASN B 238 -1.83 -45.25 -36.17
N LEU B 239 -2.69 -44.36 -36.66
CA LEU B 239 -4.10 -44.30 -36.26
C LEU B 239 -4.92 -45.18 -37.21
N LYS B 240 -4.73 -46.49 -37.07
CA LYS B 240 -5.48 -47.45 -37.87
C LYS B 240 -6.86 -47.68 -37.30
N ASN B 241 -7.63 -48.54 -37.98
CA ASN B 241 -9.00 -48.89 -37.58
C ASN B 241 -9.89 -47.67 -37.45
N VAL B 242 -9.60 -46.63 -38.23
CA VAL B 242 -10.44 -45.43 -38.29
C VAL B 242 -11.19 -45.44 -39.62
N THR B 243 -12.51 -45.34 -39.56
CA THR B 243 -13.31 -45.40 -40.78
C THR B 243 -13.54 -44.03 -41.40
N VAL B 244 -13.82 -43.00 -40.61
CA VAL B 244 -14.09 -41.67 -41.13
C VAL B 244 -13.08 -40.70 -40.53
N PHE B 245 -12.53 -39.83 -41.38
CA PHE B 245 -11.52 -38.87 -40.93
C PHE B 245 -11.72 -37.60 -41.75
N ASP B 246 -12.39 -36.60 -41.17
CA ASP B 246 -12.74 -35.37 -41.85
C ASP B 246 -12.14 -34.18 -41.10
N ILE B 247 -11.37 -33.38 -41.80
CA ILE B 247 -10.67 -32.22 -41.26
C ILE B 247 -11.06 -30.97 -42.05
N SER B 248 -12.30 -30.93 -42.51
CA SER B 248 -12.80 -29.88 -43.38
C SER B 248 -12.92 -28.55 -42.63
N PHE B 249 -13.04 -27.47 -43.43
CA PHE B 249 -13.35 -26.14 -42.94
C PHE B 249 -12.33 -25.67 -41.89
N ASN B 250 -11.05 -25.87 -42.20
CA ASN B 250 -9.96 -25.46 -41.32
C ASN B 250 -8.99 -24.61 -42.13
N ARG B 251 -7.97 -24.06 -41.44
CA ARG B 251 -6.90 -23.33 -42.10
C ARG B 251 -5.63 -24.15 -42.22
N LEU B 252 -5.76 -25.47 -42.29
CA LEU B 252 -4.59 -26.34 -42.33
C LEU B 252 -3.90 -26.23 -43.68
N SER B 253 -2.59 -26.01 -43.66
CA SER B 253 -1.78 -25.90 -44.86
C SER B 253 -0.77 -27.05 -44.92
N GLY B 254 -0.34 -27.37 -46.14
CA GLY B 254 0.67 -28.39 -46.33
C GLY B 254 0.21 -29.47 -47.29
N PRO B 255 1.07 -30.45 -47.55
CA PRO B 255 0.70 -31.55 -48.45
C PRO B 255 0.07 -32.72 -47.71
N LEU B 256 -0.79 -33.44 -48.43
CA LEU B 256 -1.29 -34.70 -47.90
C LEU B 256 -0.17 -35.73 -47.92
N PRO B 257 0.16 -36.34 -46.79
CA PRO B 257 1.23 -37.34 -46.80
C PRO B 257 0.82 -38.59 -47.54
N SER B 258 1.82 -39.26 -48.13
CA SER B 258 1.57 -40.55 -48.78
C SER B 258 1.12 -41.61 -47.78
N SER B 259 1.16 -41.31 -46.48
CA SER B 259 0.77 -42.19 -45.41
C SER B 259 -0.73 -42.46 -45.34
N ILE B 260 -1.53 -41.82 -46.19
CA ILE B 260 -2.98 -42.06 -46.18
C ILE B 260 -3.29 -43.51 -46.55
N GLY B 261 -2.46 -44.12 -47.39
CA GLY B 261 -2.71 -45.48 -47.83
C GLY B 261 -2.61 -46.56 -46.75
N ASN B 262 -2.02 -46.26 -45.60
CA ASN B 262 -1.87 -47.28 -44.57
C ASN B 262 -3.15 -47.52 -43.76
N MET B 263 -4.12 -46.60 -43.84
CA MET B 263 -5.37 -46.73 -43.08
C MET B 263 -6.43 -47.44 -43.93
N LYS B 264 -6.20 -48.74 -44.15
CA LYS B 264 -6.97 -49.47 -45.15
C LYS B 264 -8.46 -49.52 -44.82
N SER B 265 -8.84 -49.37 -43.56
CA SER B 265 -10.24 -49.44 -43.17
C SER B 265 -10.97 -48.09 -43.34
N LEU B 266 -10.30 -47.10 -43.90
CA LEU B 266 -10.88 -45.77 -44.08
C LEU B 266 -12.03 -45.83 -45.08
N GLU B 267 -13.22 -45.39 -44.66
CA GLU B 267 -14.39 -45.37 -45.52
C GLU B 267 -14.76 -43.97 -45.99
N GLN B 268 -14.77 -42.99 -45.08
CA GLN B 268 -15.11 -41.60 -45.38
C GLN B 268 -13.88 -40.75 -45.14
N LEU B 269 -13.34 -40.14 -46.20
CA LEU B 269 -12.20 -39.24 -46.08
C LEU B 269 -12.59 -37.91 -46.68
N ASN B 270 -12.65 -36.88 -45.84
CA ASN B 270 -13.07 -35.55 -46.23
C ASN B 270 -11.94 -34.57 -45.89
N VAL B 271 -11.40 -33.92 -46.92
CA VAL B 271 -10.25 -33.04 -46.79
C VAL B 271 -10.60 -31.64 -47.30
N ALA B 272 -11.89 -31.33 -47.38
CA ALA B 272 -12.35 -30.12 -48.04
C ALA B 272 -12.03 -28.87 -47.23
N ASN B 273 -12.08 -27.73 -47.92
CA ASN B 273 -11.99 -26.40 -47.32
C ASN B 273 -10.74 -26.24 -46.46
N ASN B 274 -9.59 -26.44 -47.10
CA ASN B 274 -8.31 -26.32 -46.42
C ASN B 274 -7.27 -25.77 -47.40
N ARG B 275 -6.22 -25.20 -46.84
CA ARG B 275 -5.14 -24.63 -47.66
C ARG B 275 -4.05 -25.67 -47.92
N PHE B 276 -4.45 -26.88 -48.27
CA PHE B 276 -3.48 -27.95 -48.49
C PHE B 276 -2.86 -27.86 -49.88
N THR B 277 -1.54 -27.85 -49.93
CA THR B 277 -0.75 -27.92 -51.15
C THR B 277 -0.38 -29.37 -51.43
N GLY B 278 0.57 -29.57 -52.35
CA GLY B 278 1.06 -30.90 -52.64
C GLY B 278 0.23 -31.63 -53.68
N VAL B 279 0.74 -32.78 -54.08
CA VAL B 279 0.13 -33.61 -55.13
C VAL B 279 -0.64 -34.72 -54.44
N ILE B 280 -1.83 -35.01 -54.94
CA ILE B 280 -2.69 -36.10 -54.49
C ILE B 280 -1.84 -37.36 -54.25
N PRO B 281 -1.70 -37.80 -53.00
CA PRO B 281 -0.83 -38.94 -52.71
C PRO B 281 -1.25 -40.20 -53.46
N SER B 282 -0.36 -40.65 -54.36
CA SER B 282 -0.57 -41.84 -55.18
C SER B 282 -0.83 -43.11 -54.37
N SER B 283 -0.69 -43.08 -53.04
CA SER B 283 -0.93 -44.26 -52.22
C SER B 283 -2.41 -44.55 -52.02
N ILE B 284 -3.28 -43.67 -52.48
CA ILE B 284 -4.73 -43.84 -52.35
C ILE B 284 -5.28 -45.06 -53.09
N CYS B 285 -4.50 -45.67 -53.98
CA CYS B 285 -5.00 -46.85 -54.70
C CYS B 285 -5.22 -48.05 -53.78
N GLN B 286 -4.41 -48.21 -52.74
CA GLN B 286 -4.54 -49.38 -51.89
C GLN B 286 -5.75 -49.34 -50.96
N LEU B 287 -6.35 -48.16 -50.73
CA LEU B 287 -7.48 -48.04 -49.83
C LEU B 287 -8.73 -48.57 -50.52
N SER B 288 -9.09 -49.83 -50.24
CA SER B 288 -10.24 -50.46 -50.89
C SER B 288 -11.56 -50.15 -50.23
N ASN B 289 -11.57 -49.87 -48.92
CA ASN B 289 -12.80 -49.61 -48.18
C ASN B 289 -13.38 -48.23 -48.44
N LEU B 290 -12.72 -47.38 -49.21
CA LEU B 290 -13.19 -46.02 -49.42
C LEU B 290 -14.58 -46.00 -50.02
N GLU B 291 -15.48 -45.21 -49.42
CA GLU B 291 -16.85 -45.07 -49.90
C GLU B 291 -17.17 -43.65 -50.36
N ASN B 292 -16.60 -42.63 -49.73
CA ASN B 292 -16.77 -41.25 -50.18
C ASN B 292 -15.49 -40.48 -49.87
N PHE B 293 -14.89 -39.88 -50.88
CA PHE B 293 -13.66 -39.11 -50.74
C PHE B 293 -13.82 -37.76 -51.39
N THR B 294 -13.50 -36.70 -50.66
CA THR B 294 -13.72 -35.32 -51.09
C THR B 294 -12.51 -34.49 -50.70
N TYR B 295 -11.89 -33.84 -51.69
CA TYR B 295 -10.71 -33.00 -51.47
C TYR B 295 -10.91 -31.67 -52.19
N SER B 296 -11.98 -30.96 -51.83
CA SER B 296 -12.42 -29.79 -52.56
C SER B 296 -12.10 -28.54 -51.76
N SER B 297 -11.96 -27.42 -52.46
CA SER B 297 -11.52 -26.17 -51.86
C SER B 297 -10.15 -26.35 -51.20
N ASN B 298 -9.28 -27.12 -51.87
CA ASN B 298 -7.90 -27.29 -51.44
C ASN B 298 -7.00 -26.81 -52.57
N PHE B 299 -5.78 -26.46 -52.22
CA PHE B 299 -4.85 -25.91 -53.22
C PHE B 299 -3.85 -26.98 -53.68
N PHE B 300 -4.38 -28.05 -54.27
CA PHE B 300 -3.57 -29.15 -54.73
C PHE B 300 -3.01 -28.88 -56.12
N THR B 301 -1.72 -29.13 -56.30
CA THR B 301 -1.08 -28.98 -57.59
C THR B 301 -1.06 -30.31 -58.35
N ARG B 306 -4.54 -42.29 -60.89
CA ARG B 306 -5.73 -43.09 -61.14
C ARG B 306 -5.73 -44.32 -60.25
N CYS B 307 -6.88 -44.61 -59.63
CA CYS B 307 -7.03 -45.74 -58.72
C CYS B 307 -8.40 -46.36 -58.89
N VAL B 308 -8.61 -47.47 -58.21
CA VAL B 308 -9.90 -48.16 -58.24
C VAL B 308 -10.49 -48.25 -56.84
N ASP B 313 -14.02 -47.63 -57.35
CA ASP B 313 -14.58 -46.97 -58.52
C ASP B 313 -16.01 -46.52 -58.25
N ASN B 314 -16.75 -47.35 -57.51
CA ASN B 314 -18.09 -46.96 -57.07
C ASN B 314 -18.03 -45.69 -56.23
N VAL B 315 -16.93 -45.49 -55.49
CA VAL B 315 -16.78 -44.33 -54.62
C VAL B 315 -16.75 -43.05 -55.44
N VAL B 316 -17.67 -42.14 -55.14
CA VAL B 316 -17.79 -40.88 -55.87
C VAL B 316 -16.84 -39.89 -55.23
N VAL B 317 -16.01 -39.25 -56.04
CA VAL B 317 -15.00 -38.32 -55.55
C VAL B 317 -15.21 -36.97 -56.22
N ASN B 318 -15.08 -35.90 -55.42
CA ASN B 318 -15.23 -34.53 -55.90
C ASN B 318 -13.89 -33.82 -55.70
N GLY B 319 -13.22 -33.54 -56.81
CA GLY B 319 -11.95 -32.85 -56.79
C GLY B 319 -12.08 -31.47 -57.38
N SER B 320 -13.06 -30.71 -56.90
CA SER B 320 -13.41 -29.42 -57.47
C SER B 320 -12.69 -28.31 -56.73
N MET B 321 -12.38 -27.24 -57.46
CA MET B 321 -11.59 -26.12 -56.98
C MET B 321 -10.22 -26.61 -56.46
N ASN B 322 -9.42 -27.08 -57.41
CA ASN B 322 -8.07 -27.61 -57.18
C ASN B 322 -7.18 -27.23 -58.35
N CYS B 323 -5.92 -26.86 -58.07
CA CYS B 323 -5.00 -26.47 -59.14
C CYS B 323 -4.49 -27.65 -59.95
N ILE B 324 -5.22 -28.76 -59.99
CA ILE B 324 -4.83 -29.89 -60.85
C ILE B 324 -5.45 -29.68 -62.22
N ASP B 325 -4.67 -29.91 -63.26
CA ASP B 325 -5.11 -29.67 -64.62
C ASP B 325 -6.05 -30.78 -65.10
N GLU B 328 -12.20 -30.14 -65.60
CA GLU B 328 -13.35 -29.35 -66.03
C GLU B 328 -13.53 -28.06 -65.23
N ASP B 329 -13.70 -28.20 -63.92
CA ASP B 329 -13.94 -27.09 -63.02
C ASP B 329 -12.81 -27.00 -61.99
N GLN B 330 -11.83 -26.15 -62.27
CA GLN B 330 -10.67 -26.01 -61.40
C GLN B 330 -10.63 -24.58 -60.89
N ARG B 331 -9.74 -24.30 -59.94
CA ARG B 331 -9.60 -22.95 -59.43
C ARG B 331 -8.93 -22.04 -60.45
N LYS B 334 -4.52 -17.23 -61.69
CA LYS B 334 -5.76 -16.84 -61.04
C LYS B 334 -5.77 -17.26 -59.58
N GLU B 335 -6.72 -18.13 -59.23
CA GLU B 335 -6.87 -18.60 -57.87
C GLU B 335 -5.62 -19.32 -57.37
N CYS B 336 -4.83 -19.88 -58.28
CA CYS B 336 -3.58 -20.53 -57.94
C CYS B 336 -2.50 -19.47 -57.66
N SER B 337 -1.23 -19.87 -57.73
CA SER B 337 -0.09 -19.01 -57.42
C SER B 337 -0.33 -17.98 -56.31
N SER B 338 -0.95 -18.39 -55.21
CA SER B 338 -1.28 -17.52 -54.10
C SER B 338 -0.49 -17.93 -52.86
N PRO B 339 -0.41 -17.07 -51.83
CA PRO B 339 0.36 -17.46 -50.63
C PRO B 339 -0.18 -18.69 -49.93
N ALA B 340 -1.44 -19.04 -50.16
CA ALA B 340 -1.98 -20.30 -49.67
C ALA B 340 -1.76 -21.44 -50.64
N SER B 341 -1.61 -21.15 -51.94
CA SER B 341 -1.29 -22.17 -52.91
C SER B 341 0.18 -22.56 -52.87
N ARG B 342 1.05 -21.66 -52.39
CA ARG B 342 2.44 -22.04 -52.21
C ARG B 342 2.56 -23.03 -51.05
N SER B 343 3.76 -23.53 -50.84
CA SER B 343 4.00 -24.58 -49.85
C SER B 343 4.59 -24.01 -48.57
N VAL B 344 4.33 -24.71 -47.47
CA VAL B 344 4.70 -24.25 -46.14
C VAL B 344 5.73 -25.21 -45.58
N ASP B 345 6.54 -24.71 -44.64
CA ASP B 345 7.64 -25.50 -44.10
C ASP B 345 7.17 -26.63 -43.20
N CYS B 346 6.03 -26.46 -42.53
CA CYS B 346 5.43 -27.40 -41.58
C CYS B 346 6.18 -27.48 -40.26
N SER B 347 7.31 -26.80 -40.12
CA SER B 347 8.00 -26.70 -38.86
C SER B 347 7.90 -25.30 -38.24
N LYS B 348 7.46 -24.31 -39.01
CA LYS B 348 7.13 -22.96 -38.59
C LYS B 348 5.88 -22.88 -37.73
N PHE B 349 5.28 -23.99 -37.31
CA PHE B 349 4.08 -23.98 -36.49
C PHE B 349 4.38 -24.50 -35.09
N GLY B 350 3.48 -24.15 -34.16
CA GLY B 350 3.68 -24.38 -32.74
C GLY B 350 4.00 -25.81 -32.34
N CYS B 351 3.05 -26.73 -32.49
CA CYS B 351 3.27 -28.10 -32.05
C CYS B 351 4.03 -28.88 -33.12
N ASN B 352 4.97 -29.70 -32.67
CA ASN B 352 5.56 -30.68 -33.56
C ASN B 352 4.50 -31.71 -33.92
N ASN B 353 4.31 -31.93 -35.22
CA ASN B 353 3.12 -32.64 -35.66
C ASN B 353 3.49 -33.87 -36.50
N ILE C 12 20.26 -26.89 -28.09
CA ILE C 12 19.14 -26.75 -27.17
C ILE C 12 18.90 -28.12 -26.52
N LYS C 13 18.00 -28.91 -27.10
CA LYS C 13 17.77 -30.30 -26.71
C LYS C 13 17.40 -30.41 -25.23
N VAL C 14 16.25 -29.84 -24.90
CA VAL C 14 15.74 -29.85 -23.54
C VAL C 14 14.92 -31.11 -23.31
N ASP C 15 14.73 -31.46 -22.05
CA ASP C 15 13.93 -32.61 -21.68
C ASP C 15 12.45 -32.34 -21.96
N PRO C 16 11.78 -33.14 -22.79
CA PRO C 16 10.36 -32.89 -23.07
C PRO C 16 9.44 -33.16 -21.89
N SER C 17 9.92 -33.77 -20.82
CA SER C 17 9.09 -34.13 -19.68
C SER C 17 9.00 -33.02 -18.63
N LEU C 18 9.53 -31.84 -18.91
CA LEU C 18 9.52 -30.73 -17.97
C LEU C 18 8.50 -29.70 -18.42
N LYS C 19 7.54 -29.39 -17.54
CA LYS C 19 6.56 -28.34 -17.77
C LYS C 19 7.11 -27.01 -17.29
N PHE C 20 6.94 -25.97 -18.09
CA PHE C 20 7.40 -24.64 -17.75
C PHE C 20 6.22 -23.69 -17.61
N GLU C 21 6.37 -22.70 -16.73
CA GLU C 21 5.30 -21.74 -16.51
C GLU C 21 5.09 -20.88 -17.74
N ASN C 22 6.17 -20.47 -18.39
CA ASN C 22 6.11 -19.55 -19.53
C ASN C 22 7.35 -19.77 -20.37
N PRO C 23 7.35 -19.30 -21.63
CA PRO C 23 8.56 -19.46 -22.45
C PRO C 23 9.78 -18.74 -21.89
N SER C 24 9.60 -17.78 -20.99
CA SER C 24 10.74 -17.04 -20.45
C SER C 24 11.60 -17.91 -19.54
N LEU C 25 10.96 -18.63 -18.61
CA LEU C 25 11.73 -19.52 -17.74
C LEU C 25 12.33 -20.68 -18.52
N ARG C 26 11.71 -21.06 -19.64
CA ARG C 26 12.30 -22.10 -20.48
C ARG C 26 13.62 -21.63 -21.09
N GLN C 27 13.65 -20.39 -21.59
CA GLN C 27 14.91 -19.82 -22.08
C GLN C 27 15.94 -19.72 -20.96
N ALA C 28 15.49 -19.36 -19.75
CA ALA C 28 16.39 -19.28 -18.62
C ALA C 28 16.93 -20.65 -18.24
N TYR C 29 16.07 -21.67 -18.28
CA TYR C 29 16.54 -23.03 -17.96
C TYR C 29 17.58 -23.50 -18.97
N ILE C 30 17.39 -23.14 -20.25
CA ILE C 30 18.41 -23.44 -21.25
C ILE C 30 19.70 -22.71 -20.92
N ALA C 31 19.59 -21.45 -20.52
CA ALA C 31 20.77 -20.65 -20.21
C ALA C 31 21.48 -21.16 -18.96
N LEU C 32 20.71 -21.48 -17.91
CA LEU C 32 21.33 -21.86 -16.65
C LEU C 32 21.96 -23.24 -16.72
N GLN C 33 21.29 -24.20 -17.38
CA GLN C 33 21.89 -25.52 -17.54
C GLN C 33 23.12 -25.46 -18.45
N SER C 34 23.08 -24.59 -19.47
CA SER C 34 24.27 -24.38 -20.29
C SER C 34 25.40 -23.79 -19.46
N TRP C 35 25.06 -22.85 -18.57
CA TRP C 35 26.06 -22.24 -17.71
C TRP C 35 26.39 -23.07 -16.48
N LYS C 36 25.49 -23.96 -16.05
CA LYS C 36 25.86 -24.91 -15.00
C LYS C 36 26.96 -25.86 -15.50
N GLN C 37 26.90 -26.21 -16.79
CA GLN C 37 27.98 -26.98 -17.39
C GLN C 37 29.27 -26.17 -17.47
N ALA C 38 29.15 -24.83 -17.45
CA ALA C 38 30.33 -23.98 -17.50
C ALA C 38 31.00 -23.82 -16.14
N ILE C 39 30.32 -24.16 -15.03
CA ILE C 39 30.94 -24.05 -13.71
C ILE C 39 31.72 -25.31 -13.44
N PHE C 40 32.98 -25.14 -13.04
CA PHE C 40 33.90 -26.24 -12.79
C PHE C 40 34.11 -26.48 -11.30
N SER C 41 33.82 -25.48 -10.46
CA SER C 41 33.99 -25.57 -9.02
C SER C 41 32.87 -24.80 -8.34
N ASP C 42 32.19 -25.46 -7.39
CA ASP C 42 31.09 -24.86 -6.64
C ASP C 42 31.30 -25.17 -5.17
N PRO C 43 32.10 -24.36 -4.48
CA PRO C 43 32.40 -24.67 -3.06
C PRO C 43 31.19 -24.61 -2.15
N PHE C 44 30.30 -23.63 -2.32
CA PHE C 44 29.14 -23.51 -1.44
C PHE C 44 27.88 -24.07 -2.07
N ASN C 45 28.02 -25.17 -2.81
CA ASN C 45 26.94 -25.89 -3.48
C ASN C 45 25.74 -25.03 -3.88
N PHE C 46 25.96 -24.02 -4.71
CA PHE C 46 24.85 -23.21 -5.22
C PHE C 46 24.11 -23.90 -6.34
N THR C 47 24.83 -24.55 -7.26
CA THR C 47 24.22 -25.22 -8.40
C THR C 47 23.58 -26.56 -8.05
N ALA C 48 23.63 -26.97 -6.77
CA ALA C 48 23.08 -28.27 -6.40
C ALA C 48 21.58 -28.35 -6.67
N ASN C 49 20.84 -27.27 -6.40
CA ASN C 49 19.41 -27.29 -6.66
C ASN C 49 19.05 -27.04 -8.12
N TRP C 50 20.02 -26.77 -9.00
CA TRP C 50 19.68 -26.43 -10.38
C TRP C 50 19.35 -27.67 -11.19
N ASN C 51 18.40 -28.48 -10.75
CA ASN C 51 17.99 -29.65 -11.52
C ASN C 51 16.55 -29.59 -11.99
N GLY C 52 15.64 -29.11 -11.15
CA GLY C 52 14.23 -29.09 -11.49
C GLY C 52 13.92 -28.08 -12.58
N SER C 53 12.62 -28.00 -12.91
CA SER C 53 12.15 -27.04 -13.90
C SER C 53 11.72 -25.71 -13.27
N ASP C 54 11.63 -25.65 -11.94
CA ASP C 54 11.28 -24.40 -11.25
C ASP C 54 12.54 -23.55 -11.19
N VAL C 55 12.77 -22.80 -12.28
CA VAL C 55 13.98 -21.99 -12.41
C VAL C 55 14.08 -20.99 -11.27
N CYS C 56 12.94 -20.49 -10.79
CA CYS C 56 12.93 -19.44 -9.78
C CYS C 56 13.46 -19.92 -8.43
N SER C 57 13.40 -21.22 -8.14
CA SER C 57 13.91 -21.74 -6.88
C SER C 57 15.42 -21.91 -6.88
N TYR C 58 16.09 -21.75 -8.02
CA TYR C 58 17.52 -21.95 -8.09
C TYR C 58 18.26 -20.94 -7.22
N ASN C 59 19.32 -21.40 -6.56
CA ASN C 59 20.13 -20.52 -5.74
C ASN C 59 20.80 -19.45 -6.61
N GLY C 60 20.71 -18.20 -6.15
CA GLY C 60 21.28 -17.07 -6.85
C GLY C 60 20.46 -16.52 -8.00
N ILE C 61 19.39 -17.20 -8.40
CA ILE C 61 18.49 -16.72 -9.45
C ILE C 61 17.23 -16.17 -8.80
N PHE C 62 16.80 -14.99 -9.25
CA PHE C 62 15.73 -14.25 -8.60
C PHE C 62 14.73 -13.81 -9.66
N CYS C 63 13.49 -14.29 -9.54
CA CYS C 63 12.45 -13.98 -10.49
C CYS C 63 11.64 -12.78 -10.02
N ALA C 64 10.93 -12.17 -10.98
CA ALA C 64 10.10 -11.02 -10.71
C ALA C 64 9.13 -10.84 -11.87
N PRO C 65 7.99 -10.18 -11.65
CA PRO C 65 7.06 -9.94 -12.76
C PRO C 65 7.71 -9.04 -13.81
N SER C 66 7.62 -9.48 -15.06
CA SER C 66 8.22 -8.71 -16.15
C SER C 66 7.49 -7.38 -16.33
N PRO C 67 8.21 -6.27 -16.46
CA PRO C 67 7.52 -5.00 -16.75
C PRO C 67 6.86 -4.98 -18.11
N SER C 68 7.40 -5.72 -19.08
CA SER C 68 6.78 -5.77 -20.40
C SER C 68 5.43 -6.46 -20.36
N SER C 69 5.29 -7.52 -19.56
CA SER C 69 4.03 -8.24 -19.39
C SER C 69 3.94 -8.69 -17.94
N PRO C 70 3.15 -8.01 -17.11
CA PRO C 70 3.10 -8.37 -15.68
C PRO C 70 2.62 -9.79 -15.42
N LYS C 71 1.85 -10.38 -16.33
CA LYS C 71 1.42 -11.76 -16.12
C LYS C 71 2.58 -12.73 -16.28
N THR C 72 3.56 -12.38 -17.10
CA THR C 72 4.69 -13.26 -17.37
C THR C 72 5.73 -13.11 -16.28
N ARG C 73 6.03 -14.22 -15.61
CA ARG C 73 7.12 -14.28 -14.64
C ARG C 73 8.43 -14.47 -15.38
N VAL C 74 9.48 -13.74 -14.96
CA VAL C 74 10.76 -13.79 -15.64
C VAL C 74 11.90 -13.76 -14.64
N VAL C 75 13.07 -14.22 -15.08
CA VAL C 75 14.29 -14.18 -14.30
C VAL C 75 14.83 -12.77 -14.36
N ALA C 76 14.71 -12.04 -13.25
CA ALA C 76 15.09 -10.63 -13.22
C ALA C 76 16.51 -10.39 -12.73
N GLY C 77 17.05 -11.27 -11.92
CA GLY C 77 18.36 -11.03 -11.32
C GLY C 77 19.12 -12.31 -11.06
N ILE C 78 20.45 -12.18 -11.08
CA ILE C 78 21.38 -13.25 -10.71
C ILE C 78 22.40 -12.65 -9.75
N ASP C 79 22.49 -13.22 -8.55
CA ASP C 79 23.40 -12.73 -7.52
C ASP C 79 24.15 -13.92 -6.93
N LEU C 80 25.42 -14.05 -7.31
CA LEU C 80 26.30 -15.10 -6.81
C LEU C 80 27.50 -14.51 -6.07
N ASN C 81 27.32 -13.37 -5.40
CA ASN C 81 28.43 -12.72 -4.72
C ASN C 81 28.96 -13.61 -3.61
N HIS C 82 30.29 -13.65 -3.49
CA HIS C 82 31.06 -14.42 -2.50
C HIS C 82 30.93 -15.93 -2.70
N ALA C 83 30.24 -16.37 -3.75
CA ALA C 83 30.27 -17.78 -4.15
C ALA C 83 31.59 -18.03 -4.86
N ASP C 84 32.50 -18.76 -4.23
CA ASP C 84 33.83 -18.92 -4.80
C ASP C 84 33.78 -19.88 -5.99
N MET C 85 32.88 -19.59 -6.94
CA MET C 85 32.62 -20.47 -8.06
C MET C 85 33.61 -20.23 -9.19
N ALA C 86 34.02 -21.32 -9.85
CA ALA C 86 35.01 -21.27 -10.92
C ALA C 86 34.41 -21.77 -12.21
N GLY C 87 34.74 -21.09 -13.30
CA GLY C 87 34.19 -21.43 -14.60
C GLY C 87 34.35 -20.27 -15.57
N TYR C 88 33.50 -20.26 -16.59
CA TYR C 88 33.43 -19.16 -17.54
C TYR C 88 31.97 -18.82 -17.81
N LEU C 89 31.77 -17.70 -18.50
CA LEU C 89 30.43 -17.24 -18.86
C LEU C 89 30.11 -17.65 -20.29
N PRO C 90 29.23 -18.62 -20.51
CA PRO C 90 28.97 -19.10 -21.86
C PRO C 90 28.10 -18.13 -22.65
N ARG C 91 28.05 -18.38 -23.96
CA ARG C 91 27.25 -17.53 -24.85
C ARG C 91 25.77 -17.62 -24.53
N GLU C 92 25.32 -18.76 -23.99
CA GLU C 92 23.89 -18.97 -23.79
C GLU C 92 23.30 -18.12 -22.69
N LEU C 93 24.12 -17.42 -21.89
CA LEU C 93 23.57 -16.50 -20.91
C LEU C 93 22.87 -15.31 -21.56
N GLY C 94 23.18 -15.03 -22.83
CA GLY C 94 22.49 -13.97 -23.54
C GLY C 94 21.02 -14.23 -23.76
N LEU C 95 20.56 -15.47 -23.51
CA LEU C 95 19.15 -15.80 -23.59
C LEU C 95 18.35 -15.18 -22.45
N LEU C 96 19.03 -14.62 -21.45
CA LEU C 96 18.39 -13.97 -20.31
C LEU C 96 18.08 -12.52 -20.62
N THR C 97 17.25 -12.32 -21.66
CA THR C 97 16.99 -10.97 -22.13
C THR C 97 16.26 -10.13 -21.09
N ASP C 98 15.52 -10.77 -20.19
CA ASP C 98 14.76 -10.09 -19.15
C ASP C 98 15.60 -9.80 -17.91
N LEU C 99 16.89 -10.11 -17.93
CA LEU C 99 17.74 -9.93 -16.76
C LEU C 99 17.98 -8.46 -16.48
N ALA C 100 17.94 -8.07 -15.21
CA ALA C 100 18.19 -6.69 -14.81
C ALA C 100 19.44 -6.49 -13.97
N LEU C 101 19.84 -7.47 -13.17
CA LEU C 101 21.07 -7.36 -12.40
C LEU C 101 21.85 -8.66 -12.50
N PHE C 102 23.16 -8.56 -12.37
CA PHE C 102 24.06 -9.70 -12.53
C PHE C 102 25.28 -9.46 -11.65
N HIS C 103 25.36 -10.17 -10.54
CA HIS C 103 26.34 -9.90 -9.49
C HIS C 103 27.29 -11.09 -9.40
N LEU C 104 28.59 -10.82 -9.55
CA LEU C 104 29.58 -11.90 -9.51
C LEU C 104 30.83 -11.51 -8.72
N ASN C 105 30.66 -10.82 -7.58
CA ASN C 105 31.85 -10.51 -6.81
C ASN C 105 32.37 -11.75 -6.11
N SER C 106 33.70 -11.82 -5.98
CA SER C 106 34.39 -12.87 -5.23
C SER C 106 34.07 -14.25 -5.80
N ASN C 107 34.12 -14.35 -7.13
CA ASN C 107 34.02 -15.60 -7.86
C ASN C 107 35.37 -15.91 -8.52
N ARG C 108 35.39 -17.00 -9.28
CA ARG C 108 36.59 -17.40 -10.03
C ARG C 108 36.26 -17.60 -11.50
N PHE C 109 35.39 -16.77 -12.04
CA PHE C 109 35.06 -16.84 -13.47
C PHE C 109 36.16 -16.17 -14.29
N CYS C 110 36.69 -16.89 -15.26
CA CYS C 110 37.79 -16.44 -16.09
C CYS C 110 37.31 -16.29 -17.54
N GLY C 111 38.24 -15.88 -18.40
CA GLY C 111 37.91 -15.70 -19.81
C GLY C 111 37.49 -14.28 -20.13
N GLU C 112 36.69 -14.14 -21.17
CA GLU C 112 36.21 -12.84 -21.62
C GLU C 112 34.69 -12.80 -21.55
N VAL C 113 34.15 -11.60 -21.41
CA VAL C 113 32.69 -11.42 -21.35
C VAL C 113 32.09 -11.77 -22.70
N PRO C 114 31.09 -12.64 -22.75
CA PRO C 114 30.56 -13.08 -24.05
C PRO C 114 29.87 -11.94 -24.78
N LEU C 115 29.99 -11.98 -26.12
CA LEU C 115 29.38 -10.95 -26.96
C LEU C 115 27.86 -10.97 -26.90
N THR C 116 27.25 -12.08 -26.45
CA THR C 116 25.81 -12.20 -26.48
C THR C 116 25.12 -11.37 -25.40
N PHE C 117 25.87 -10.74 -24.50
CA PHE C 117 25.26 -9.88 -23.49
C PHE C 117 24.60 -8.65 -24.09
N LYS C 118 24.87 -8.30 -25.34
CA LYS C 118 24.21 -7.15 -25.94
C LYS C 118 22.70 -7.32 -25.98
N HIS C 119 22.21 -8.56 -25.92
CA HIS C 119 20.78 -8.80 -25.93
C HIS C 119 20.12 -8.55 -24.57
N MET C 120 20.89 -8.36 -23.50
CA MET C 120 20.31 -8.07 -22.19
C MET C 120 19.97 -6.58 -22.14
N LYS C 121 18.89 -6.24 -22.86
CA LYS C 121 18.51 -4.84 -23.00
C LYS C 121 18.13 -4.21 -21.67
N LEU C 122 17.59 -5.02 -20.75
CA LEU C 122 17.14 -4.52 -19.46
C LEU C 122 18.21 -4.56 -18.38
N LEU C 123 19.44 -4.98 -18.70
CA LEU C 123 20.48 -5.07 -17.69
C LEU C 123 20.79 -3.70 -17.11
N PHE C 124 20.65 -3.58 -15.79
CA PHE C 124 20.80 -2.34 -15.06
C PHE C 124 22.09 -2.29 -14.24
N GLU C 125 22.41 -3.38 -13.55
CA GLU C 125 23.58 -3.49 -12.69
C GLU C 125 24.44 -4.64 -13.15
N LEU C 126 25.76 -4.40 -13.28
CA LEU C 126 26.69 -5.41 -13.76
C LEU C 126 27.90 -5.41 -12.83
N ASP C 127 28.07 -6.48 -12.06
CA ASP C 127 29.16 -6.60 -11.08
C ASP C 127 29.98 -7.84 -11.40
N LEU C 128 31.20 -7.63 -11.91
CA LEU C 128 32.15 -8.69 -12.22
C LEU C 128 33.42 -8.58 -11.37
N SER C 129 33.29 -8.06 -10.16
CA SER C 129 34.46 -7.79 -9.33
C SER C 129 35.12 -9.08 -8.87
N ASN C 130 36.43 -8.99 -8.61
CA ASN C 130 37.21 -10.07 -7.99
C ASN C 130 37.02 -11.39 -8.73
N ASN C 131 37.51 -11.41 -9.97
CA ASN C 131 37.41 -12.60 -10.81
C ASN C 131 38.73 -12.78 -11.54
N ARG C 132 38.71 -13.66 -12.56
CA ARG C 132 39.88 -13.94 -13.38
C ARG C 132 39.62 -13.56 -14.84
N PHE C 133 38.79 -12.54 -15.06
CA PHE C 133 38.54 -12.09 -16.42
C PHE C 133 39.80 -11.47 -16.99
N VAL C 134 40.08 -11.80 -18.25
CA VAL C 134 41.28 -11.34 -18.94
C VAL C 134 40.89 -10.81 -20.31
N GLY C 135 41.89 -10.33 -21.04
CA GLY C 135 41.67 -9.78 -22.37
C GLY C 135 41.45 -8.28 -22.34
N LYS C 136 41.24 -7.73 -23.54
CA LYS C 136 40.99 -6.31 -23.70
C LYS C 136 39.64 -5.92 -23.09
N PHE C 137 39.43 -4.61 -22.94
CA PHE C 137 38.21 -4.10 -22.33
C PHE C 137 36.99 -4.64 -23.08
N PRO C 138 36.02 -5.22 -22.37
CA PRO C 138 34.87 -5.80 -23.08
C PRO C 138 33.97 -4.70 -23.62
N ASN C 139 34.03 -4.46 -24.93
CA ASN C 139 33.19 -3.43 -25.54
C ASN C 139 31.72 -3.80 -25.54
N VAL C 140 31.39 -5.03 -25.13
CA VAL C 140 30.00 -5.47 -25.14
C VAL C 140 29.18 -4.67 -24.15
N VAL C 141 29.76 -4.33 -23.01
CA VAL C 141 29.04 -3.59 -21.98
C VAL C 141 28.63 -2.21 -22.45
N LEU C 142 29.32 -1.67 -23.47
CA LEU C 142 28.99 -0.35 -23.98
C LEU C 142 27.65 -0.34 -24.72
N SER C 143 27.25 -1.47 -25.30
CA SER C 143 26.01 -1.55 -26.04
C SER C 143 24.78 -1.67 -25.14
N LEU C 144 24.96 -1.98 -23.85
CA LEU C 144 23.87 -2.18 -22.91
C LEU C 144 23.07 -0.90 -22.72
N PRO C 145 21.81 -0.85 -23.16
CA PRO C 145 21.05 0.41 -23.10
C PRO C 145 20.71 0.87 -21.69
N SER C 146 20.21 -0.05 -20.86
CA SER C 146 19.71 0.30 -19.53
C SER C 146 20.81 0.29 -18.46
N LEU C 147 22.06 0.04 -18.83
CA LEU C 147 23.12 -0.08 -17.85
C LEU C 147 23.39 1.27 -17.19
N LYS C 148 23.43 1.27 -15.85
CA LYS C 148 23.83 2.43 -15.07
C LYS C 148 24.95 2.14 -14.08
N PHE C 149 25.22 0.89 -13.75
CA PHE C 149 26.25 0.52 -12.78
C PHE C 149 27.18 -0.50 -13.42
N LEU C 150 28.43 -0.12 -13.64
CA LEU C 150 29.42 -0.98 -14.28
C LEU C 150 30.59 -1.17 -13.32
N ASP C 151 30.84 -2.42 -12.95
CA ASP C 151 31.87 -2.75 -11.95
C ASP C 151 32.75 -3.87 -12.50
N LEU C 152 34.02 -3.55 -12.75
CA LEU C 152 35.01 -4.50 -13.25
C LEU C 152 36.25 -4.55 -12.37
N ARG C 153 36.07 -4.38 -11.07
CA ARG C 153 37.21 -4.30 -10.15
C ARG C 153 37.95 -5.63 -10.06
N TYR C 154 39.23 -5.51 -9.69
CA TYR C 154 40.13 -6.63 -9.42
C TYR C 154 39.99 -7.75 -10.45
N ASN C 155 40.32 -7.41 -11.69
CA ASN C 155 40.41 -8.37 -12.78
C ASN C 155 41.71 -8.10 -13.51
N GLU C 156 41.87 -8.67 -14.71
CA GLU C 156 43.09 -8.49 -15.48
C GLU C 156 42.77 -8.05 -16.89
N PHE C 157 41.81 -7.13 -17.04
CA PHE C 157 41.50 -6.57 -18.34
C PHE C 157 42.66 -5.72 -18.84
N GLU C 158 43.03 -5.91 -20.10
CA GLU C 158 44.18 -5.25 -20.71
C GLU C 158 43.73 -4.10 -21.61
N GLY C 159 44.72 -3.37 -22.11
CA GLY C 159 44.47 -2.36 -23.11
C GLY C 159 44.03 -1.03 -22.53
N SER C 160 43.65 -0.14 -23.44
CA SER C 160 43.22 1.20 -23.08
C SER C 160 41.72 1.21 -22.80
N ILE C 161 41.31 2.11 -21.93
CA ILE C 161 39.89 2.30 -21.65
C ILE C 161 39.30 3.06 -22.83
N PRO C 162 38.29 2.50 -23.51
CA PRO C 162 37.75 3.19 -24.68
C PRO C 162 37.02 4.46 -24.28
N SER C 163 37.16 5.49 -25.12
CA SER C 163 36.54 6.78 -24.83
C SER C 163 35.03 6.71 -24.82
N LYS C 164 34.43 5.73 -25.52
CA LYS C 164 32.99 5.62 -25.58
C LYS C 164 32.37 5.32 -24.21
N LEU C 165 33.15 4.73 -23.29
CA LEU C 165 32.65 4.47 -21.95
C LEU C 165 32.25 5.75 -21.23
N PHE C 166 33.06 6.80 -21.36
CA PHE C 166 32.79 8.05 -20.67
C PHE C 166 31.79 8.93 -21.41
N ASP C 167 31.46 8.60 -22.66
CA ASP C 167 30.35 9.26 -23.33
C ASP C 167 29.01 8.67 -22.90
N LYS C 168 29.01 7.40 -22.52
CA LYS C 168 27.79 6.72 -22.12
C LYS C 168 27.36 7.18 -20.73
N GLU C 169 26.04 7.31 -20.55
CA GLU C 169 25.47 7.77 -19.28
C GLU C 169 25.48 6.63 -18.27
N LEU C 170 26.41 6.69 -17.31
CA LEU C 170 26.49 5.73 -16.23
C LEU C 170 26.47 6.48 -14.91
N ASP C 171 26.07 5.78 -13.85
CA ASP C 171 26.09 6.35 -12.51
C ASP C 171 27.40 6.07 -11.79
N ALA C 172 27.92 4.85 -11.90
CA ALA C 172 29.14 4.47 -11.21
C ALA C 172 30.00 3.60 -12.11
N ILE C 173 31.30 3.87 -12.12
CA ILE C 173 32.26 3.14 -12.93
C ILE C 173 33.44 2.77 -12.03
N PHE C 174 33.70 1.48 -11.90
CA PHE C 174 34.80 0.97 -11.09
C PHE C 174 35.69 0.12 -11.98
N LEU C 175 36.95 0.53 -12.15
CA LEU C 175 37.86 -0.20 -13.03
C LEU C 175 39.24 -0.38 -12.39
N ASN C 176 39.34 -0.29 -11.07
CA ASN C 176 40.63 -0.27 -10.40
C ASN C 176 41.27 -1.66 -10.35
N HIS C 177 42.60 -1.64 -10.24
CA HIS C 177 43.42 -2.84 -10.01
C HIS C 177 43.20 -3.90 -11.09
N ASN C 178 42.90 -3.45 -12.31
CA ASN C 178 42.97 -4.29 -13.49
C ASN C 178 44.34 -4.13 -14.12
N ARG C 179 44.55 -4.74 -15.29
CA ARG C 179 45.76 -4.50 -16.06
C ARG C 179 45.50 -3.48 -17.16
N PHE C 180 44.93 -2.31 -16.82
CA PHE C 180 44.68 -1.31 -17.84
C PHE C 180 45.91 -0.45 -18.09
N MET C 181 45.92 0.19 -19.26
CA MET C 181 47.09 0.91 -19.73
C MET C 181 46.63 2.10 -20.57
N PHE C 182 47.60 2.92 -20.95
CA PHE C 182 47.44 3.94 -22.00
C PHE C 182 46.56 5.10 -21.55
N GLY C 183 46.52 5.39 -20.25
CA GLY C 183 45.99 6.63 -19.74
C GLY C 183 44.48 6.80 -19.74
N ILE C 184 44.03 7.87 -19.09
CA ILE C 184 42.61 8.17 -18.99
C ILE C 184 42.16 8.86 -20.27
N PRO C 185 41.03 8.48 -20.87
CA PRO C 185 40.54 9.22 -22.04
C PRO C 185 40.24 10.67 -21.68
N GLU C 186 40.65 11.59 -22.55
CA GLU C 186 40.49 13.01 -22.27
C GLU C 186 39.04 13.47 -22.24
N ASN C 187 38.09 12.63 -22.68
CA ASN C 187 36.68 12.94 -22.60
C ASN C 187 36.06 12.44 -21.30
N MET C 188 36.86 12.31 -20.24
CA MET C 188 36.36 11.80 -18.95
C MET C 188 35.25 12.66 -18.39
N GLY C 189 35.29 13.97 -18.63
CA GLY C 189 34.32 14.87 -18.06
C GLY C 189 32.90 14.67 -18.55
N ASN C 190 32.74 14.00 -19.68
CA ASN C 190 31.42 13.82 -20.27
C ASN C 190 30.55 12.81 -19.53
N SER C 191 31.14 11.95 -18.70
CA SER C 191 30.36 10.92 -18.02
C SER C 191 29.63 11.52 -16.82
N PRO C 192 28.34 11.25 -16.64
CA PRO C 192 27.60 11.81 -15.50
C PRO C 192 27.76 10.98 -14.24
N VAL C 193 28.79 10.14 -14.19
CA VAL C 193 28.96 9.21 -13.09
C VAL C 193 29.07 9.96 -11.77
N SER C 194 28.44 9.42 -10.73
CA SER C 194 28.58 9.96 -9.38
C SER C 194 29.82 9.42 -8.68
N ALA C 195 30.21 8.19 -9.01
CA ALA C 195 31.40 7.56 -8.45
C ALA C 195 32.30 7.09 -9.59
N LEU C 196 33.56 7.47 -9.55
CA LEU C 196 34.54 7.08 -10.55
C LEU C 196 35.82 6.66 -9.85
N VAL C 197 36.19 5.38 -10.01
CA VAL C 197 37.39 4.83 -9.40
C VAL C 197 38.20 4.17 -10.51
N LEU C 198 39.35 4.74 -10.82
CA LEU C 198 40.24 4.23 -11.87
C LEU C 198 41.61 3.91 -11.31
N ALA C 199 41.66 3.49 -10.05
CA ALA C 199 42.92 3.43 -9.33
C ALA C 199 43.71 2.18 -9.71
N ASP C 200 44.74 1.89 -8.92
CA ASP C 200 45.66 0.76 -9.08
C ASP C 200 45.85 0.30 -10.52
N ASN C 201 46.18 1.24 -11.43
CA ASN C 201 46.38 0.92 -12.83
C ASN C 201 47.61 1.66 -13.34
N ASP C 202 48.23 1.12 -14.38
CA ASP C 202 49.39 1.75 -15.01
C ASP C 202 48.92 2.61 -16.19
N LEU C 203 48.27 3.73 -15.85
CA LEU C 203 47.72 4.64 -16.83
C LEU C 203 48.69 5.80 -16.98
N GLY C 204 49.23 5.97 -18.19
CA GLY C 204 50.21 7.02 -18.43
C GLY C 204 49.55 8.29 -18.97
N GLY C 205 50.08 9.42 -18.53
CA GLY C 205 49.59 10.71 -18.99
C GLY C 205 49.22 11.57 -17.81
N CYS C 206 48.54 12.68 -18.11
CA CYS C 206 48.13 13.62 -17.09
C CYS C 206 46.68 13.37 -16.72
N ILE C 207 46.26 14.01 -15.63
CA ILE C 207 44.85 14.00 -15.26
C ILE C 207 44.14 14.79 -16.34
N PRO C 208 43.20 14.21 -17.09
CA PRO C 208 42.51 14.98 -18.12
C PRO C 208 41.76 16.14 -17.48
N GLY C 209 41.96 17.33 -18.04
CA GLY C 209 41.37 18.52 -17.44
C GLY C 209 39.87 18.59 -17.52
N SER C 210 39.24 17.63 -18.20
CA SER C 210 37.79 17.61 -18.41
C SER C 210 37.03 17.52 -17.09
N ILE C 211 37.77 17.40 -15.98
CA ILE C 211 37.15 17.26 -14.67
C ILE C 211 36.19 18.40 -14.39
N GLY C 212 36.49 19.60 -14.91
CA GLY C 212 35.63 20.75 -14.66
C GLY C 212 34.22 20.56 -15.16
N LEU C 213 34.04 19.68 -16.16
CA LEU C 213 32.71 19.43 -16.70
C LEU C 213 31.85 18.58 -15.77
N MET C 214 32.46 17.83 -14.86
CA MET C 214 31.74 16.89 -14.00
C MET C 214 31.21 17.52 -12.72
N GLY C 215 31.17 18.85 -12.63
CA GLY C 215 30.82 19.48 -11.37
C GLY C 215 29.42 19.15 -10.91
N LYS C 216 28.48 19.02 -11.84
CA LYS C 216 27.08 18.82 -11.48
C LYS C 216 26.80 17.39 -11.02
N THR C 217 27.56 16.42 -11.49
CA THR C 217 27.24 15.01 -11.26
C THR C 217 28.24 14.28 -10.37
N LEU C 218 29.53 14.58 -10.46
CA LEU C 218 30.51 13.79 -9.73
C LEU C 218 30.37 14.00 -8.22
N ASN C 219 30.49 12.89 -7.48
CA ASN C 219 30.45 12.91 -6.03
C ASN C 219 31.69 12.32 -5.38
N GLU C 220 32.29 11.29 -6.00
CA GLU C 220 33.50 10.67 -5.46
C GLU C 220 34.37 10.22 -6.62
N ILE C 221 35.64 10.60 -6.59
CA ILE C 221 36.60 10.20 -7.62
C ILE C 221 37.90 9.79 -6.94
N ILE C 222 38.44 8.66 -7.36
CA ILE C 222 39.71 8.13 -6.84
C ILE C 222 40.57 7.74 -8.02
N LEU C 223 41.69 8.42 -8.18
CA LEU C 223 42.65 8.15 -9.26
C LEU C 223 44.00 7.74 -8.68
N SER C 224 43.98 7.16 -7.49
CA SER C 224 45.21 6.88 -6.76
C SER C 224 45.98 5.74 -7.41
N ASN C 225 47.29 5.70 -7.13
CA ASN C 225 48.19 4.63 -7.55
C ASN C 225 48.12 4.41 -9.06
N ASP C 226 47.89 5.49 -9.81
CA ASP C 226 48.05 5.46 -11.24
C ASP C 226 49.42 6.04 -11.59
N ASN C 227 49.82 5.86 -12.85
CA ASN C 227 51.11 6.39 -13.28
C ASN C 227 50.93 7.79 -13.86
N LEU C 228 50.25 8.65 -13.09
CA LEU C 228 49.84 9.96 -13.59
C LEU C 228 50.96 10.96 -13.35
N THR C 229 51.42 11.60 -14.42
CA THR C 229 52.41 12.65 -14.38
C THR C 229 51.83 13.90 -15.02
N GLY C 230 52.20 15.07 -14.50
CA GLY C 230 51.74 16.33 -15.03
C GLY C 230 51.19 17.20 -13.93
N CYS C 231 50.64 18.35 -14.30
CA CYS C 231 50.13 19.26 -13.30
C CYS C 231 48.63 19.05 -13.05
N LEU C 232 48.21 19.39 -11.85
CA LEU C 232 46.82 19.24 -11.45
C LEU C 232 46.00 20.38 -12.06
N PRO C 233 45.00 20.08 -12.89
CA PRO C 233 44.24 21.15 -13.55
C PRO C 233 43.42 21.94 -12.54
N PRO C 234 43.39 23.27 -12.67
CA PRO C 234 42.68 24.09 -11.68
C PRO C 234 41.17 24.07 -11.83
N GLN C 235 40.63 23.46 -12.89
CA GLN C 235 39.18 23.45 -13.05
C GLN C 235 38.48 22.55 -12.04
N ILE C 236 39.22 21.94 -11.11
CA ILE C 236 38.59 21.12 -10.08
C ILE C 236 37.73 21.96 -9.15
N GLY C 237 37.92 23.29 -9.15
CA GLY C 237 37.09 24.16 -8.34
C GLY C 237 35.63 24.12 -8.73
N ASN C 238 35.34 23.77 -9.98
CA ASN C 238 33.95 23.59 -10.40
C ASN C 238 33.30 22.39 -9.75
N LEU C 239 34.09 21.50 -9.15
CA LEU C 239 33.57 20.28 -8.54
C LEU C 239 33.04 20.55 -7.15
N LYS C 240 31.90 21.23 -7.12
CA LYS C 240 31.20 21.39 -5.87
C LYS C 240 30.46 20.07 -5.60
N ASN C 241 29.82 19.99 -4.44
CA ASN C 241 29.09 18.80 -3.97
C ASN C 241 29.83 17.50 -4.28
N VAL C 242 31.17 17.54 -4.25
CA VAL C 242 32.03 16.38 -4.38
C VAL C 242 32.63 16.10 -3.01
N THR C 243 32.45 14.88 -2.51
CA THR C 243 32.91 14.55 -1.17
C THR C 243 34.33 13.97 -1.12
N VAL C 244 34.70 13.12 -2.08
CA VAL C 244 36.00 12.43 -2.06
C VAL C 244 36.79 12.83 -3.30
N PHE C 245 38.06 13.15 -3.10
CA PHE C 245 38.97 13.51 -4.21
C PHE C 245 40.35 12.99 -3.83
N ASP C 246 40.74 11.85 -4.40
CA ASP C 246 42.00 11.20 -4.07
C ASP C 246 42.83 11.04 -5.34
N ILE C 247 44.02 11.64 -5.35
CA ILE C 247 44.93 11.54 -6.48
C ILE C 247 46.31 11.10 -5.97
N SER C 248 46.30 10.33 -4.89
CA SER C 248 47.54 9.96 -4.21
C SER C 248 48.35 8.97 -5.05
N PHE C 249 49.62 8.80 -4.66
CA PHE C 249 50.49 7.77 -5.22
C PHE C 249 50.65 7.93 -6.73
N ASN C 250 50.93 9.15 -7.17
CA ASN C 250 51.15 9.47 -8.58
C ASN C 250 52.49 10.19 -8.72
N ARG C 251 52.86 10.48 -9.97
CA ARG C 251 54.03 11.29 -10.29
C ARG C 251 53.64 12.71 -10.63
N LEU C 252 52.55 13.19 -10.06
CA LEU C 252 52.03 14.52 -10.40
C LEU C 252 52.94 15.61 -9.87
N SER C 253 53.32 16.54 -10.74
CA SER C 253 54.17 17.66 -10.39
C SER C 253 53.38 18.96 -10.54
N GLY C 254 53.80 19.98 -9.80
CA GLY C 254 53.18 21.29 -9.91
C GLY C 254 52.64 21.78 -8.60
N PRO C 255 52.06 22.98 -8.59
CA PRO C 255 51.45 23.51 -7.37
C PRO C 255 49.98 23.13 -7.27
N LEU C 256 49.52 23.04 -6.02
CA LEU C 256 48.09 22.88 -5.78
C LEU C 256 47.39 24.19 -6.12
N PRO C 257 46.37 24.17 -6.97
CA PRO C 257 45.69 25.42 -7.32
C PRO C 257 44.90 25.97 -6.15
N SER C 258 44.83 27.30 -6.09
CA SER C 258 44.05 27.96 -5.06
C SER C 258 42.56 27.70 -5.21
N SER C 259 42.12 27.15 -6.34
CA SER C 259 40.72 26.85 -6.58
C SER C 259 40.20 25.67 -5.77
N ILE C 260 41.05 25.00 -4.99
CA ILE C 260 40.61 23.85 -4.19
C ILE C 260 39.54 24.28 -3.19
N GLY C 261 39.59 25.53 -2.72
CA GLY C 261 38.62 26.00 -1.76
C GLY C 261 37.19 26.07 -2.28
N ASN C 262 37.01 26.01 -3.60
CA ASN C 262 35.68 26.02 -4.19
C ASN C 262 34.99 24.67 -4.10
N MET C 263 35.68 23.63 -3.66
CA MET C 263 35.11 22.29 -3.52
C MET C 263 34.41 22.20 -2.17
N LYS C 264 33.27 22.91 -2.09
CA LYS C 264 32.66 23.19 -0.79
C LYS C 264 32.24 21.92 -0.04
N SER C 265 31.89 20.86 -0.74
CA SER C 265 31.50 19.62 -0.09
C SER C 265 32.65 18.65 0.11
N LEU C 266 33.88 19.07 -0.20
CA LEU C 266 35.01 18.15 -0.12
C LEU C 266 35.23 17.71 1.32
N GLU C 267 35.12 16.40 1.54
CA GLU C 267 35.28 15.79 2.86
C GLU C 267 36.59 15.02 2.99
N GLN C 268 36.92 14.22 1.98
CA GLN C 268 38.15 13.42 1.97
C GLN C 268 39.03 13.94 0.84
N LEU C 269 40.17 14.53 1.20
CA LEU C 269 41.14 15.01 0.21
C LEU C 269 42.49 14.37 0.50
N ASN C 270 42.95 13.54 -0.42
CA ASN C 270 44.23 12.83 -0.29
C ASN C 270 45.07 13.16 -1.51
N VAL C 271 46.20 13.83 -1.27
CA VAL C 271 47.06 14.30 -2.36
C VAL C 271 48.47 13.76 -2.10
N ALA C 272 48.57 12.72 -1.27
CA ALA C 272 49.87 12.25 -0.80
C ALA C 272 50.64 11.53 -1.90
N ASN C 273 51.95 11.37 -1.65
CA ASN C 273 52.83 10.56 -2.50
C ASN C 273 52.82 11.04 -3.96
N ASN C 274 53.28 12.28 -4.14
CA ASN C 274 53.35 12.91 -5.44
C ASN C 274 54.63 13.73 -5.52
N ARG C 275 54.63 14.76 -6.36
CA ARG C 275 55.81 15.60 -6.60
C ARG C 275 55.38 17.05 -6.70
N PHE C 276 54.43 17.44 -5.86
CA PHE C 276 53.88 18.79 -5.89
C PHE C 276 54.78 19.76 -5.13
N THR C 277 55.10 20.86 -5.80
CA THR C 277 55.85 21.98 -5.24
C THR C 277 54.90 23.03 -4.67
N GLY C 278 55.41 24.24 -4.43
CA GLY C 278 54.60 25.33 -3.92
C GLY C 278 53.98 25.08 -2.56
N VAL C 279 53.33 26.08 -1.99
CA VAL C 279 52.82 26.00 -0.62
C VAL C 279 51.33 25.70 -0.66
N ILE C 280 50.87 24.97 0.35
CA ILE C 280 49.46 24.71 0.61
C ILE C 280 48.64 25.99 0.52
N PRO C 281 47.77 26.15 -0.47
CA PRO C 281 47.03 27.40 -0.60
C PRO C 281 46.20 27.66 0.66
N SER C 282 45.87 28.94 0.85
CA SER C 282 45.08 29.34 2.01
C SER C 282 43.58 29.17 1.81
N SER C 283 43.16 28.81 0.60
CA SER C 283 41.73 28.66 0.34
C SER C 283 41.17 27.36 0.88
N ILE C 284 42.00 26.43 1.34
CA ILE C 284 41.48 25.19 1.93
C ILE C 284 40.74 25.47 3.22
N CYS C 285 40.94 26.65 3.80
CA CYS C 285 40.21 27.04 5.00
C CYS C 285 38.72 27.23 4.71
N GLN C 286 38.37 27.52 3.45
CA GLN C 286 36.98 27.69 3.07
C GLN C 286 36.21 26.38 3.09
N LEU C 287 36.92 25.26 3.11
CA LEU C 287 36.33 23.92 3.05
C LEU C 287 35.74 23.59 4.42
N SER C 288 34.43 23.79 4.58
CA SER C 288 33.82 23.56 5.88
C SER C 288 33.47 22.10 6.10
N ASN C 289 33.15 21.36 5.04
CA ASN C 289 32.82 19.95 5.14
C ASN C 289 34.05 19.06 5.29
N LEU C 290 35.25 19.63 5.16
CA LEU C 290 36.47 18.84 5.17
C LEU C 290 36.60 18.04 6.46
N GLU C 291 36.84 16.75 6.32
CA GLU C 291 37.00 15.85 7.45
C GLU C 291 38.37 15.18 7.51
N ASN C 292 38.99 14.90 6.37
CA ASN C 292 40.31 14.27 6.33
C ASN C 292 41.09 14.84 5.15
N PHE C 293 42.26 15.41 5.42
CA PHE C 293 43.11 16.01 4.40
C PHE C 293 44.53 15.49 4.55
N THR C 294 45.12 15.06 3.43
CA THR C 294 46.44 14.43 3.45
C THR C 294 47.26 14.96 2.29
N TYR C 295 48.41 15.57 2.61
CA TYR C 295 49.33 16.14 1.63
C TYR C 295 50.76 15.72 1.99
N SER C 296 50.97 14.41 2.12
CA SER C 296 52.20 13.89 2.67
C SER C 296 53.04 13.24 1.58
N SER C 297 54.35 13.15 1.84
CA SER C 297 55.31 12.68 0.85
C SER C 297 55.26 13.54 -0.41
N ASN C 298 55.15 14.84 -0.24
CA ASN C 298 55.18 15.82 -1.31
C ASN C 298 56.34 16.79 -1.10
N PHE C 299 56.67 17.51 -2.16
CA PHE C 299 57.77 18.47 -2.14
C PHE C 299 57.23 19.88 -1.92
N PHE C 300 56.51 20.03 -0.81
CA PHE C 300 55.89 21.29 -0.42
C PHE C 300 56.89 22.13 0.38
N THR C 301 56.75 23.45 0.26
CA THR C 301 57.62 24.36 0.99
C THR C 301 56.89 25.16 2.07
N GLY C 302 55.57 25.21 2.02
CA GLY C 302 54.80 25.92 3.04
C GLY C 302 53.59 25.12 3.47
N ASP C 303 53.35 25.10 4.78
CA ASP C 303 52.33 24.26 5.36
C ASP C 303 50.95 24.91 5.25
N ALA C 304 49.93 24.19 5.69
CA ALA C 304 48.58 24.73 5.67
C ALA C 304 48.42 25.78 6.77
N PRO C 305 47.89 26.96 6.44
CA PRO C 305 47.72 27.99 7.48
C PRO C 305 46.77 27.56 8.57
N ARG C 306 46.98 28.12 9.77
CA ARG C 306 46.14 27.80 10.92
C ARG C 306 44.72 28.32 10.69
N CYS C 307 43.75 27.41 10.73
CA CYS C 307 42.35 27.77 10.57
C CYS C 307 41.48 26.92 11.49
N VAL C 308 40.26 27.38 11.69
CA VAL C 308 39.32 26.74 12.62
C VAL C 308 38.97 25.34 12.16
N ASP C 313 37.23 20.85 15.63
CA ASP C 313 38.34 20.49 14.76
C ASP C 313 38.35 19.01 14.41
N ASN C 314 39.46 18.34 14.71
CA ASN C 314 39.76 17.02 14.14
C ASN C 314 39.52 17.01 12.63
N VAL C 315 40.39 17.79 12.00
CA VAL C 315 40.57 18.00 10.59
C VAL C 315 41.91 17.31 10.35
N VAL C 316 41.94 16.02 10.69
CA VAL C 316 43.08 15.13 10.97
C VAL C 316 44.28 15.27 10.03
N VAL C 317 44.38 16.42 9.34
CA VAL C 317 45.43 16.73 8.38
C VAL C 317 46.78 16.13 8.74
N ASN C 318 47.42 15.51 7.73
CA ASN C 318 48.73 14.88 7.84
C ASN C 318 49.69 15.53 6.84
N GLY C 319 50.67 16.26 7.35
CA GLY C 319 51.68 16.86 6.50
C GLY C 319 53.07 16.30 6.68
N SER C 320 53.21 14.97 6.59
CA SER C 320 54.46 14.31 6.91
C SER C 320 55.29 14.08 5.64
N MET C 321 56.61 14.13 5.81
CA MET C 321 57.55 14.02 4.71
C MET C 321 57.26 15.06 3.62
N ASN C 322 57.51 16.30 3.99
CA ASN C 322 57.30 17.47 3.15
C ASN C 322 58.46 18.41 3.37
N CYS C 323 58.92 19.06 2.31
CA CYS C 323 60.05 19.97 2.49
C CYS C 323 59.63 21.27 3.18
N ILE C 324 58.58 21.22 4.00
CA ILE C 324 58.23 22.38 4.80
C ILE C 324 59.47 22.80 5.56
N ASP C 325 59.73 24.12 5.61
CA ASP C 325 61.00 24.66 6.09
C ASP C 325 61.48 23.98 7.37
N GLY C 326 60.77 24.16 8.48
CA GLY C 326 61.06 23.33 9.63
C GLY C 326 59.83 22.92 10.41
N LYS C 327 59.57 21.61 10.46
CA LYS C 327 58.39 21.05 11.12
C LYS C 327 58.72 19.62 11.55
N GLU C 328 57.69 18.90 11.98
CA GLU C 328 57.87 17.55 12.49
C GLU C 328 58.14 16.57 11.34
N ASP C 329 59.04 15.62 11.59
CA ASP C 329 59.46 14.52 10.70
C ASP C 329 59.39 14.86 9.22
N GLN C 330 59.96 16.00 8.83
CA GLN C 330 59.91 16.44 7.45
C GLN C 330 60.96 15.68 6.64
N ARG C 331 60.98 15.93 5.33
CA ARG C 331 61.92 15.24 4.46
C ARG C 331 63.36 15.67 4.74
N SER C 332 64.30 14.89 4.22
CA SER C 332 65.72 15.16 4.41
C SER C 332 66.15 16.32 3.52
N SER C 333 67.20 17.02 3.98
CA SER C 333 67.77 18.09 3.16
C SER C 333 68.38 17.56 1.87
N LYS C 334 68.88 16.32 1.91
CA LYS C 334 69.25 15.62 0.68
C LYS C 334 68.09 15.56 -0.29
N GLU C 335 67.01 14.86 0.10
CA GLU C 335 65.86 14.70 -0.78
C GLU C 335 65.23 16.03 -1.17
N CYS C 336 65.34 17.05 -0.32
CA CYS C 336 64.87 18.37 -0.73
C CYS C 336 65.92 19.03 -1.62
N SER C 337 65.63 20.25 -2.06
CA SER C 337 66.48 20.96 -3.01
C SER C 337 67.05 20.02 -4.07
N SER C 338 66.19 19.16 -4.60
CA SER C 338 66.53 18.11 -5.55
C SER C 338 65.85 18.40 -6.89
N PRO C 339 66.33 17.81 -7.99
CA PRO C 339 65.68 18.08 -9.29
C PRO C 339 64.22 17.64 -9.35
N ALA C 340 63.77 16.78 -8.44
CA ALA C 340 62.36 16.45 -8.36
C ALA C 340 61.60 17.44 -7.49
N SER C 341 62.28 18.10 -6.55
CA SER C 341 61.65 19.09 -5.70
C SER C 341 61.62 20.48 -6.32
N ARG C 342 62.26 20.68 -7.45
CA ARG C 342 62.23 22.00 -8.09
C ARG C 342 60.84 22.23 -8.68
N SER C 343 60.66 23.37 -9.34
CA SER C 343 59.34 23.73 -9.85
C SER C 343 59.27 23.47 -11.35
N VAL C 344 58.07 23.20 -11.83
CA VAL C 344 57.84 22.78 -13.20
C VAL C 344 57.00 23.82 -13.93
N ASP C 345 57.16 23.82 -15.26
CA ASP C 345 56.49 24.80 -16.12
C ASP C 345 55.00 24.50 -16.28
N CYS C 346 54.62 23.22 -16.25
CA CYS C 346 53.26 22.71 -16.50
C CYS C 346 52.93 22.80 -17.99
N SER C 347 53.81 23.44 -18.76
CA SER C 347 53.71 23.40 -20.21
C SER C 347 54.84 22.61 -20.83
N LYS C 348 55.89 22.30 -20.07
CA LYS C 348 56.94 21.37 -20.48
C LYS C 348 56.44 19.94 -20.56
N PHE C 349 55.15 19.74 -20.34
CA PHE C 349 54.47 18.46 -20.48
C PHE C 349 53.54 18.55 -21.68
N GLY C 350 53.15 17.40 -22.21
CA GLY C 350 52.41 17.40 -23.46
C GLY C 350 50.93 17.25 -23.19
N CYS C 351 50.45 17.95 -22.17
CA CYS C 351 49.09 17.79 -21.68
C CYS C 351 48.37 19.13 -21.76
N ASN C 352 47.15 19.12 -22.30
CA ASN C 352 46.28 20.28 -22.25
C ASN C 352 45.29 20.12 -21.10
N ASN C 353 45.84 20.22 -19.89
CA ASN C 353 45.04 20.14 -18.68
C ASN C 353 44.16 21.38 -18.52
N PHE C 354 44.66 22.53 -18.96
CA PHE C 354 44.05 23.82 -18.69
C PHE C 354 44.06 24.66 -19.95
N PHE C 355 43.00 25.45 -20.15
CA PHE C 355 42.91 26.39 -21.24
C PHE C 355 42.92 27.83 -20.78
N SER C 356 43.18 28.07 -19.49
CA SER C 356 43.44 29.39 -18.95
C SER C 356 44.74 29.33 -18.19
N PRO C 357 45.60 30.34 -18.31
CA PRO C 357 46.90 30.29 -17.61
C PRO C 357 46.71 30.19 -16.10
N LEU C 358 47.73 29.63 -15.46
CA LEU C 358 47.65 29.32 -14.03
C LEU C 358 47.88 30.56 -13.17
N VAL D 14 39.99 -23.29 -40.71
CA VAL D 14 40.22 -23.52 -42.14
C VAL D 14 41.44 -22.71 -42.60
N ASP D 15 41.98 -23.08 -43.77
CA ASP D 15 43.24 -22.52 -44.23
C ASP D 15 43.37 -22.57 -45.75
N PRO D 16 43.46 -21.40 -46.41
CA PRO D 16 43.53 -21.40 -47.89
C PRO D 16 44.95 -21.45 -48.44
N SER D 17 45.21 -22.43 -49.31
CA SER D 17 46.41 -22.49 -50.15
C SER D 17 47.69 -22.22 -49.36
N LEU D 18 47.97 -23.10 -48.40
CA LEU D 18 49.19 -23.04 -47.60
C LEU D 18 49.97 -24.32 -47.82
N LYS D 19 51.25 -24.18 -48.20
CA LYS D 19 52.09 -25.35 -48.41
C LYS D 19 52.71 -25.79 -47.08
N PHE D 20 52.61 -27.08 -46.79
CA PHE D 20 53.15 -27.67 -45.58
C PHE D 20 54.21 -28.72 -45.92
N GLU D 21 55.18 -28.89 -45.01
CA GLU D 21 56.23 -29.87 -45.25
C GLU D 21 55.67 -31.29 -45.24
N ASN D 22 54.73 -31.58 -44.35
CA ASN D 22 54.17 -32.92 -44.22
C ASN D 22 52.77 -32.80 -43.63
N PRO D 23 51.94 -33.84 -43.78
CA PRO D 23 50.58 -33.76 -43.21
C PRO D 23 50.55 -33.61 -41.70
N SER D 24 51.63 -33.95 -41.01
CA SER D 24 51.66 -33.84 -39.55
C SER D 24 51.67 -32.38 -39.11
N LEU D 25 52.52 -31.56 -39.74
CA LEU D 25 52.61 -30.16 -39.38
C LEU D 25 51.34 -29.39 -39.73
N ARG D 26 50.60 -29.86 -40.75
CA ARG D 26 49.32 -29.24 -41.06
C ARG D 26 48.31 -29.45 -39.94
N GLN D 27 48.26 -30.67 -39.38
CA GLN D 27 47.41 -30.90 -38.22
C GLN D 27 47.84 -30.03 -37.05
N ALA D 28 49.15 -29.82 -36.90
CA ALA D 28 49.64 -28.94 -35.85
C ALA D 28 49.20 -27.50 -36.08
N TYR D 29 49.22 -27.05 -37.34
CA TYR D 29 48.76 -25.71 -37.66
C TYR D 29 47.28 -25.53 -37.31
N ILE D 30 46.47 -26.55 -37.56
CA ILE D 30 45.07 -26.49 -37.16
C ILE D 30 44.95 -26.40 -35.64
N ALA D 31 45.78 -27.15 -34.93
CA ALA D 31 45.70 -27.15 -33.47
C ALA D 31 46.16 -25.81 -32.89
N LEU D 32 47.25 -25.26 -33.42
CA LEU D 32 47.82 -24.05 -32.84
C LEU D 32 46.95 -22.83 -33.11
N GLN D 33 46.41 -22.71 -34.33
CA GLN D 33 45.52 -21.60 -34.61
C GLN D 33 44.24 -21.71 -33.80
N SER D 34 43.76 -22.94 -33.56
CA SER D 34 42.63 -23.12 -32.64
C SER D 34 43.00 -22.67 -31.23
N TRP D 35 44.21 -22.98 -30.79
CA TRP D 35 44.65 -22.58 -29.46
C TRP D 35 45.12 -21.13 -29.43
N LYS D 36 45.49 -20.58 -30.59
CA LYS D 36 45.69 -19.14 -30.68
C LYS D 36 44.40 -18.39 -30.43
N GLN D 37 43.27 -18.94 -30.92
CA GLN D 37 41.96 -18.38 -30.62
C GLN D 37 41.55 -18.61 -29.17
N ALA D 38 42.14 -19.60 -28.50
CA ALA D 38 41.83 -19.84 -27.10
C ALA D 38 42.61 -18.92 -26.17
N ILE D 39 43.64 -18.25 -26.67
CA ILE D 39 44.48 -17.37 -25.87
C ILE D 39 43.89 -15.96 -25.88
N PHE D 40 43.71 -15.39 -24.70
CA PHE D 40 43.09 -14.08 -24.56
C PHE D 40 44.08 -12.98 -24.20
N SER D 41 45.24 -13.34 -23.65
CA SER D 41 46.25 -12.36 -23.24
C SER D 41 47.63 -12.94 -23.51
N ASP D 42 48.46 -12.18 -24.23
CA ASP D 42 49.83 -12.59 -24.58
C ASP D 42 50.77 -11.44 -24.27
N PRO D 43 51.21 -11.33 -23.03
CA PRO D 43 52.09 -10.19 -22.66
C PRO D 43 53.42 -10.17 -23.39
N PHE D 44 54.07 -11.33 -23.57
CA PHE D 44 55.39 -11.36 -24.21
C PHE D 44 55.30 -11.78 -25.68
N ASN D 45 54.27 -11.29 -26.36
CA ASN D 45 54.01 -11.51 -27.79
C ASN D 45 54.53 -12.83 -28.33
N PHE D 46 54.05 -13.95 -27.78
CA PHE D 46 54.41 -15.26 -28.32
C PHE D 46 53.59 -15.60 -29.55
N THR D 47 52.30 -15.30 -29.54
CA THR D 47 51.42 -15.63 -30.66
C THR D 47 51.59 -14.70 -31.84
N ALA D 48 52.47 -13.71 -31.74
CA ALA D 48 52.69 -12.80 -32.86
C ALA D 48 53.25 -13.55 -34.07
N ASN D 49 54.12 -14.53 -33.82
CA ASN D 49 54.74 -15.32 -34.87
C ASN D 49 53.82 -16.39 -35.43
N TRP D 50 52.66 -16.64 -34.82
CA TRP D 50 51.80 -17.75 -35.23
C TRP D 50 50.90 -17.36 -36.41
N ASN D 51 51.52 -16.90 -37.49
CA ASN D 51 50.78 -16.52 -38.70
C ASN D 51 51.10 -17.42 -39.88
N GLY D 52 52.37 -17.52 -40.27
CA GLY D 52 52.76 -18.30 -41.43
C GLY D 52 52.43 -19.77 -41.37
N SER D 53 52.80 -20.51 -42.42
CA SER D 53 52.60 -21.95 -42.47
C SER D 53 53.80 -22.72 -41.92
N ASP D 54 54.92 -22.05 -41.66
CA ASP D 54 56.09 -22.69 -41.07
C ASP D 54 55.84 -22.81 -39.56
N VAL D 55 55.13 -23.90 -39.20
CA VAL D 55 54.74 -24.11 -37.81
C VAL D 55 55.94 -24.16 -36.89
N CYS D 56 57.07 -24.71 -37.37
CA CYS D 56 58.24 -24.87 -36.52
C CYS D 56 58.84 -23.53 -36.10
N SER D 57 58.58 -22.46 -36.86
CA SER D 57 59.07 -21.14 -36.49
C SER D 57 58.25 -20.47 -35.41
N TYR D 58 57.10 -21.03 -35.05
CA TYR D 58 56.25 -20.40 -34.05
C TYR D 58 56.96 -20.32 -32.71
N ASN D 59 56.78 -19.18 -32.03
CA ASN D 59 57.37 -18.99 -30.71
C ASN D 59 56.76 -20.00 -29.74
N GLY D 60 57.62 -20.67 -28.97
CA GLY D 60 57.18 -21.67 -28.02
C GLY D 60 56.91 -23.04 -28.61
N ILE D 61 56.97 -23.18 -29.93
CA ILE D 61 56.75 -24.45 -30.61
C ILE D 61 58.10 -25.02 -31.03
N PHE D 62 58.31 -26.31 -30.77
CA PHE D 62 59.61 -26.94 -30.95
C PHE D 62 59.46 -28.23 -31.73
N CYS D 63 60.06 -28.27 -32.92
CA CYS D 63 59.98 -29.43 -33.79
C CYS D 63 61.19 -30.34 -33.59
N ALA D 64 61.03 -31.59 -34.01
CA ALA D 64 62.07 -32.61 -33.91
C ALA D 64 61.72 -33.74 -34.86
N PRO D 65 62.71 -34.54 -35.27
CA PRO D 65 62.39 -35.69 -36.14
C PRO D 65 61.49 -36.68 -35.43
N SER D 66 60.41 -37.08 -36.10
CA SER D 66 59.49 -38.06 -35.51
C SER D 66 60.19 -39.41 -35.40
N PRO D 67 60.09 -40.10 -34.27
CA PRO D 67 60.66 -41.44 -34.20
C PRO D 67 59.97 -42.43 -35.12
N SER D 68 58.68 -42.24 -35.40
CA SER D 68 57.98 -43.12 -36.34
C SER D 68 58.51 -42.94 -37.76
N SER D 69 58.81 -41.70 -38.15
CA SER D 69 59.41 -41.40 -39.45
C SER D 69 60.37 -40.24 -39.26
N PRO D 70 61.67 -40.52 -39.15
CA PRO D 70 62.65 -39.44 -38.91
C PRO D 70 62.70 -38.41 -40.02
N LYS D 71 62.30 -38.76 -41.24
CA LYS D 71 62.34 -37.79 -42.33
C LYS D 71 61.30 -36.70 -42.17
N THR D 72 60.17 -37.02 -41.54
CA THR D 72 59.08 -36.08 -41.33
C THR D 72 59.33 -35.27 -40.06
N ARG D 73 59.36 -33.95 -40.19
CA ARG D 73 59.46 -33.08 -39.02
C ARG D 73 58.09 -32.93 -38.36
N VAL D 74 58.07 -32.98 -37.03
CA VAL D 74 56.83 -32.94 -36.26
C VAL D 74 57.03 -32.06 -35.03
N VAL D 75 55.91 -31.58 -34.49
CA VAL D 75 55.92 -30.75 -33.29
C VAL D 75 56.16 -31.68 -32.09
N ALA D 76 57.36 -31.62 -31.53
CA ALA D 76 57.72 -32.52 -30.44
C ALA D 76 57.50 -31.93 -29.06
N GLY D 77 57.52 -30.61 -28.93
CA GLY D 77 57.42 -29.98 -27.63
C GLY D 77 56.77 -28.62 -27.70
N ILE D 78 56.13 -28.24 -26.60
CA ILE D 78 55.59 -26.91 -26.40
C ILE D 78 56.03 -26.42 -25.03
N ASP D 79 56.74 -25.29 -25.00
CA ASP D 79 57.27 -24.72 -23.77
C ASP D 79 56.94 -23.23 -23.76
N LEU D 80 55.92 -22.87 -22.97
CA LEU D 80 55.52 -21.48 -22.80
C LEU D 80 55.67 -21.06 -21.34
N ASN D 81 56.69 -21.58 -20.67
CA ASN D 81 56.89 -21.25 -19.27
C ASN D 81 57.17 -19.76 -19.11
N HIS D 82 56.58 -19.16 -18.08
CA HIS D 82 56.78 -17.76 -17.72
C HIS D 82 56.24 -16.78 -18.76
N ALA D 83 55.51 -17.27 -19.75
CA ALA D 83 54.89 -16.38 -20.74
C ALA D 83 53.71 -15.61 -20.20
N ASP D 84 53.22 -15.93 -19.00
CA ASP D 84 52.06 -15.28 -18.38
C ASP D 84 50.89 -15.15 -19.37
N MET D 85 50.62 -16.23 -20.10
CA MET D 85 49.57 -16.22 -21.11
C MET D 85 48.25 -16.61 -20.47
N ALA D 86 47.16 -15.98 -20.91
CA ALA D 86 45.85 -16.23 -20.33
C ALA D 86 44.93 -16.80 -21.39
N GLY D 87 44.15 -17.80 -21.00
CA GLY D 87 43.27 -18.49 -21.92
C GLY D 87 42.86 -19.83 -21.35
N TYR D 88 42.47 -20.73 -22.24
CA TYR D 88 42.15 -22.10 -21.88
C TYR D 88 42.79 -23.06 -22.88
N LEU D 89 42.74 -24.35 -22.54
CA LEU D 89 43.29 -25.38 -23.41
C LEU D 89 42.17 -25.98 -24.25
N PRO D 90 42.12 -25.70 -25.55
CA PRO D 90 41.00 -26.16 -26.37
C PRO D 90 41.08 -27.65 -26.66
N ARG D 91 39.96 -28.17 -27.18
CA ARG D 91 39.88 -29.57 -27.54
C ARG D 91 40.84 -29.92 -28.67
N GLU D 92 41.15 -28.95 -29.54
CA GLU D 92 41.94 -29.20 -30.74
C GLU D 92 43.43 -29.43 -30.45
N LEU D 93 43.89 -29.22 -29.22
CA LEU D 93 45.29 -29.50 -28.92
C LEU D 93 45.62 -30.98 -28.99
N GLY D 94 44.60 -31.85 -28.92
CA GLY D 94 44.82 -33.27 -29.05
C GLY D 94 45.32 -33.70 -30.41
N LEU D 95 45.28 -32.81 -31.41
CA LEU D 95 45.83 -33.13 -32.72
C LEU D 95 47.35 -33.19 -32.71
N LEU D 96 47.99 -32.78 -31.61
CA LEU D 96 49.43 -32.80 -31.48
C LEU D 96 49.90 -34.17 -30.95
N THR D 97 49.58 -35.21 -31.72
CA THR D 97 49.83 -36.58 -31.28
C THR D 97 51.31 -36.88 -31.13
N ASP D 98 52.17 -36.17 -31.85
CA ASP D 98 53.61 -36.39 -31.80
C ASP D 98 54.29 -35.66 -30.66
N LEU D 99 53.51 -35.04 -29.77
CA LEU D 99 54.06 -34.23 -28.70
C LEU D 99 54.75 -35.11 -27.65
N ALA D 100 55.89 -34.65 -27.17
CA ALA D 100 56.64 -35.34 -26.13
C ALA D 100 56.76 -34.58 -24.81
N LEU D 101 56.77 -33.26 -24.85
CA LEU D 101 56.80 -32.44 -23.64
C LEU D 101 55.81 -31.30 -23.78
N PHE D 102 55.31 -30.81 -22.64
CA PHE D 102 54.28 -29.78 -22.65
C PHE D 102 54.44 -28.95 -21.38
N HIS D 103 54.97 -27.73 -21.52
CA HIS D 103 55.36 -26.90 -20.39
C HIS D 103 54.51 -25.64 -20.38
N LEU D 104 53.82 -25.38 -19.27
CA LEU D 104 52.97 -24.20 -19.12
C LEU D 104 53.13 -23.59 -17.74
N ASN D 105 54.35 -23.53 -17.23
CA ASN D 105 54.56 -22.92 -15.92
C ASN D 105 54.36 -21.42 -15.98
N SER D 106 53.81 -20.87 -14.90
CA SER D 106 53.69 -19.43 -14.70
C SER D 106 52.91 -18.75 -15.82
N ASN D 107 51.80 -19.36 -16.20
CA ASN D 107 50.83 -18.79 -17.13
C ASN D 107 49.52 -18.52 -16.40
N ARG D 108 48.52 -18.08 -17.15
CA ARG D 108 47.19 -17.78 -16.64
C ARG D 108 46.11 -18.59 -17.36
N PHE D 109 46.44 -19.84 -17.70
CA PHE D 109 45.46 -20.72 -18.32
C PHE D 109 44.52 -21.28 -17.26
N CYS D 110 43.23 -21.12 -17.48
CA CYS D 110 42.19 -21.53 -16.55
C CYS D 110 41.36 -22.65 -17.16
N GLY D 111 40.38 -23.11 -16.39
CA GLY D 111 39.52 -24.18 -16.86
C GLY D 111 39.99 -25.56 -16.45
N GLU D 112 39.62 -26.56 -17.23
CA GLU D 112 39.96 -27.95 -16.95
C GLU D 112 40.76 -28.52 -18.12
N VAL D 113 41.56 -29.54 -17.82
CA VAL D 113 42.41 -30.18 -18.82
C VAL D 113 41.53 -30.89 -19.85
N PRO D 114 41.72 -30.66 -21.14
CA PRO D 114 40.82 -31.25 -22.14
C PRO D 114 40.97 -32.76 -22.19
N LEU D 115 39.84 -33.42 -22.48
CA LEU D 115 39.84 -34.88 -22.58
C LEU D 115 40.67 -35.39 -23.74
N THR D 116 40.97 -34.54 -24.72
CA THR D 116 41.63 -34.97 -25.94
C THR D 116 43.13 -35.23 -25.75
N PHE D 117 43.69 -34.90 -24.59
CA PHE D 117 45.10 -35.22 -24.37
C PHE D 117 45.38 -36.71 -24.34
N LYS D 118 44.35 -37.55 -24.22
CA LYS D 118 44.54 -38.99 -24.28
C LYS D 118 45.17 -39.43 -25.60
N HIS D 119 45.06 -38.61 -26.64
CA HIS D 119 45.63 -38.88 -27.95
C HIS D 119 47.13 -38.61 -27.99
N MET D 120 47.69 -37.97 -26.96
CA MET D 120 49.12 -37.69 -26.87
C MET D 120 49.85 -38.93 -26.35
N LYS D 121 49.96 -39.93 -27.21
CA LYS D 121 50.55 -41.20 -26.79
C LYS D 121 52.02 -41.05 -26.43
N LEU D 122 52.73 -40.13 -27.09
CA LEU D 122 54.16 -39.95 -26.83
C LEU D 122 54.46 -38.92 -25.76
N LEU D 123 53.44 -38.31 -25.17
CA LEU D 123 53.69 -37.27 -24.18
C LEU D 123 54.40 -37.86 -22.97
N PHE D 124 55.57 -37.31 -22.67
CA PHE D 124 56.46 -37.79 -21.61
C PHE D 124 56.49 -36.89 -20.40
N GLU D 125 56.52 -35.57 -20.61
CA GLU D 125 56.58 -34.58 -19.55
C GLU D 125 55.36 -33.68 -19.66
N LEU D 126 54.69 -33.46 -18.53
CA LEU D 126 53.49 -32.63 -18.52
C LEU D 126 53.61 -31.64 -17.37
N ASP D 127 53.77 -30.36 -17.69
CA ASP D 127 53.96 -29.31 -16.69
C ASP D 127 52.86 -28.27 -16.85
N LEU D 128 51.89 -28.27 -15.93
CA LEU D 128 50.82 -27.28 -15.88
C LEU D 128 50.89 -26.50 -14.57
N SER D 129 52.09 -26.35 -14.03
CA SER D 129 52.27 -25.73 -12.73
C SER D 129 51.97 -24.24 -12.79
N ASN D 130 51.54 -23.70 -11.66
CA ASN D 130 51.33 -22.26 -11.47
C ASN D 130 50.42 -21.70 -12.57
N ASN D 131 49.18 -22.18 -12.56
CA ASN D 131 48.16 -21.76 -13.51
C ASN D 131 46.84 -21.57 -12.75
N ARG D 132 45.75 -21.47 -13.49
CA ARG D 132 44.43 -21.23 -12.92
C ARG D 132 43.48 -22.39 -13.20
N PHE D 133 44.01 -23.60 -13.33
CA PHE D 133 43.17 -24.77 -13.56
C PHE D 133 42.33 -25.09 -12.32
N VAL D 134 41.06 -25.42 -12.56
CA VAL D 134 40.09 -25.71 -11.52
C VAL D 134 39.35 -27.00 -11.90
N GLY D 135 38.42 -27.41 -11.04
CA GLY D 135 37.67 -28.62 -11.29
C GLY D 135 38.28 -29.83 -10.62
N LYS D 136 37.65 -30.97 -10.85
CA LYS D 136 38.15 -32.22 -10.27
C LYS D 136 39.49 -32.60 -10.90
N PHE D 137 40.19 -33.51 -10.23
CA PHE D 137 41.49 -33.96 -10.73
C PHE D 137 41.34 -34.52 -12.14
N PRO D 138 42.13 -34.05 -13.10
CA PRO D 138 41.94 -34.52 -14.48
C PRO D 138 42.41 -35.95 -14.66
N ASN D 139 41.46 -36.88 -14.75
CA ASN D 139 41.81 -38.27 -14.96
C ASN D 139 42.42 -38.52 -16.34
N VAL D 140 42.46 -37.49 -17.18
CA VAL D 140 43.01 -37.64 -18.53
C VAL D 140 44.49 -37.97 -18.45
N VAL D 141 45.20 -37.37 -17.49
CA VAL D 141 46.63 -37.59 -17.36
C VAL D 141 46.94 -39.05 -17.04
N LEU D 142 45.97 -39.77 -16.48
CA LEU D 142 46.17 -41.19 -16.19
C LEU D 142 46.21 -42.01 -17.46
N SER D 143 45.53 -41.55 -18.51
CA SER D 143 45.47 -42.27 -19.78
C SER D 143 46.74 -42.11 -20.59
N LEU D 144 47.58 -41.15 -20.27
CA LEU D 144 48.81 -40.90 -21.01
C LEU D 144 49.76 -42.08 -20.88
N PRO D 145 50.05 -42.82 -21.96
CA PRO D 145 50.87 -44.02 -21.85
C PRO D 145 52.31 -43.72 -21.49
N SER D 146 52.92 -42.76 -22.18
CA SER D 146 54.33 -42.44 -22.04
C SER D 146 54.62 -41.48 -20.89
N LEU D 147 53.59 -41.06 -20.14
CA LEU D 147 53.79 -40.06 -19.11
C LEU D 147 54.62 -40.62 -17.96
N LYS D 148 55.67 -39.89 -17.59
CA LYS D 148 56.45 -40.19 -16.40
C LYS D 148 56.65 -38.98 -15.49
N PHE D 149 56.40 -37.76 -15.96
CA PHE D 149 56.59 -36.54 -15.19
C PHE D 149 55.29 -35.77 -15.22
N LEU D 150 54.62 -35.68 -14.07
CA LEU D 150 53.32 -35.03 -13.95
C LEU D 150 53.40 -33.92 -12.92
N ASP D 151 53.10 -32.69 -13.33
CA ASP D 151 53.21 -31.53 -12.45
C ASP D 151 51.93 -30.70 -12.56
N LEU D 152 51.15 -30.66 -11.46
CA LEU D 152 49.93 -29.88 -11.38
C LEU D 152 49.95 -28.95 -10.18
N ARG D 153 51.14 -28.53 -9.76
CA ARG D 153 51.29 -27.70 -8.58
C ARG D 153 50.77 -26.28 -8.80
N TYR D 154 50.44 -25.64 -7.68
CA TYR D 154 49.83 -24.30 -7.62
C TYR D 154 48.69 -24.15 -8.63
N ASN D 155 47.64 -24.94 -8.40
CA ASN D 155 46.38 -24.81 -9.12
C ASN D 155 45.22 -24.88 -8.12
N GLU D 156 44.00 -25.05 -8.62
CA GLU D 156 42.82 -25.12 -7.76
C GLU D 156 41.98 -26.35 -8.09
N PHE D 157 42.64 -27.47 -8.34
CA PHE D 157 41.94 -28.74 -8.55
C PHE D 157 41.27 -29.22 -7.25
N GLU D 158 40.01 -29.65 -7.36
CA GLU D 158 39.22 -30.07 -6.22
C GLU D 158 39.14 -31.59 -6.12
N GLY D 159 38.56 -32.04 -5.02
CA GLY D 159 38.27 -33.44 -4.81
C GLY D 159 39.43 -34.23 -4.26
N SER D 160 39.23 -35.53 -4.19
CA SER D 160 40.23 -36.44 -3.68
C SER D 160 41.15 -36.90 -4.79
N ILE D 161 42.38 -37.24 -4.42
CA ILE D 161 43.35 -37.78 -5.37
C ILE D 161 42.97 -39.23 -5.68
N PRO D 162 42.73 -39.59 -6.93
CA PRO D 162 42.32 -40.96 -7.24
C PRO D 162 43.45 -41.94 -6.98
N SER D 163 43.07 -43.11 -6.44
CA SER D 163 44.07 -44.12 -6.11
C SER D 163 44.78 -44.66 -7.35
N LYS D 164 44.14 -44.59 -8.52
CA LYS D 164 44.75 -45.09 -9.75
C LYS D 164 46.00 -44.31 -10.11
N LEU D 165 46.12 -43.07 -9.63
CA LEU D 165 47.30 -42.26 -9.90
C LEU D 165 48.56 -42.91 -9.34
N PHE D 166 48.48 -43.47 -8.13
CA PHE D 166 49.65 -44.09 -7.51
C PHE D 166 49.89 -45.51 -8.01
N ASP D 167 48.94 -46.10 -8.72
CA ASP D 167 49.20 -47.38 -9.38
C ASP D 167 49.99 -47.20 -10.67
N LYS D 168 49.86 -46.05 -11.31
CA LYS D 168 50.56 -45.78 -12.57
C LYS D 168 52.05 -45.58 -12.33
N GLU D 169 52.86 -46.10 -13.24
CA GLU D 169 54.32 -45.98 -13.14
C GLU D 169 54.76 -44.59 -13.59
N LEU D 170 55.09 -43.74 -12.61
CA LEU D 170 55.53 -42.38 -12.86
C LEU D 170 56.89 -42.16 -12.20
N ASP D 171 57.62 -41.17 -12.72
CA ASP D 171 58.89 -40.78 -12.14
C ASP D 171 58.75 -39.70 -11.07
N ALA D 172 57.99 -38.66 -11.37
CA ALA D 172 57.82 -37.53 -10.46
C ALA D 172 56.38 -37.08 -10.52
N ILE D 173 55.81 -36.82 -9.35
CA ILE D 173 54.42 -36.45 -9.19
C ILE D 173 54.33 -35.28 -8.21
N PHE D 174 53.82 -34.14 -8.67
CA PHE D 174 53.76 -32.91 -7.87
C PHE D 174 52.33 -32.38 -7.79
N LEU D 175 51.79 -32.29 -6.57
CA LEU D 175 50.43 -31.78 -6.38
C LEU D 175 50.31 -30.79 -5.22
N ASN D 176 51.39 -30.14 -4.83
CA ASN D 176 51.37 -29.28 -3.65
C ASN D 176 50.67 -27.95 -3.94
N HIS D 177 50.11 -27.35 -2.87
CA HIS D 177 49.46 -26.04 -2.94
C HIS D 177 48.36 -26.03 -3.99
N ASN D 178 47.65 -27.13 -4.06
CA ASN D 178 46.42 -27.26 -4.84
C ASN D 178 45.28 -27.40 -3.84
N ARG D 179 44.06 -27.43 -4.34
CA ARG D 179 42.91 -27.51 -3.43
C ARG D 179 42.43 -28.97 -3.28
N PHE D 180 43.36 -29.87 -2.95
CA PHE D 180 43.01 -31.27 -2.76
C PHE D 180 42.53 -31.54 -1.35
N MET D 181 41.80 -32.66 -1.21
CA MET D 181 41.11 -33.00 0.01
C MET D 181 41.08 -34.51 0.15
N PHE D 182 40.57 -34.96 1.31
CA PHE D 182 40.16 -36.35 1.53
C PHE D 182 41.35 -37.30 1.63
N GLY D 183 42.49 -36.81 2.09
CA GLY D 183 43.58 -37.67 2.51
C GLY D 183 44.37 -38.30 1.38
N ILE D 184 45.48 -38.91 1.76
CA ILE D 184 46.37 -39.58 0.81
C ILE D 184 45.83 -40.98 0.53
N PRO D 185 45.79 -41.42 -0.73
CA PRO D 185 45.39 -42.80 -1.02
C PRO D 185 46.33 -43.79 -0.37
N GLU D 186 45.76 -44.87 0.18
CA GLU D 186 46.55 -45.86 0.92
C GLU D 186 47.49 -46.65 0.03
N ASN D 187 47.34 -46.58 -1.29
CA ASN D 187 48.23 -47.27 -2.22
C ASN D 187 49.41 -46.41 -2.65
N MET D 188 49.84 -45.47 -1.82
CA MET D 188 50.94 -44.59 -2.16
C MET D 188 52.21 -45.38 -2.47
N GLY D 189 52.41 -46.51 -1.81
CA GLY D 189 53.61 -47.29 -1.99
C GLY D 189 53.76 -47.91 -3.37
N ASN D 190 52.66 -48.04 -4.12
CA ASN D 190 52.73 -48.66 -5.43
C ASN D 190 53.40 -47.79 -6.47
N SER D 191 53.49 -46.48 -6.24
CA SER D 191 54.06 -45.59 -7.23
C SER D 191 55.59 -45.68 -7.22
N PRO D 192 56.23 -45.86 -8.37
CA PRO D 192 57.70 -45.94 -8.40
C PRO D 192 58.34 -44.56 -8.46
N VAL D 193 57.57 -43.52 -8.10
CA VAL D 193 58.05 -42.16 -8.24
C VAL D 193 59.32 -41.94 -7.42
N SER D 194 60.25 -41.19 -8.00
CA SER D 194 61.46 -40.77 -7.30
C SER D 194 61.22 -39.51 -6.48
N ALA D 195 60.30 -38.65 -6.91
CA ALA D 195 59.95 -37.43 -6.22
C ALA D 195 58.44 -37.44 -5.98
N LEU D 196 58.04 -37.20 -4.74
CA LEU D 196 56.63 -37.19 -4.35
C LEU D 196 56.39 -35.96 -3.49
N VAL D 197 55.58 -35.02 -3.99
CA VAL D 197 55.27 -33.79 -3.27
C VAL D 197 53.76 -33.59 -3.26
N LEU D 198 53.13 -33.72 -2.10
CA LEU D 198 51.71 -33.48 -1.89
C LEU D 198 51.48 -32.43 -0.82
N ALA D 199 52.37 -31.45 -0.73
CA ALA D 199 52.36 -30.57 0.42
C ALA D 199 51.25 -29.54 0.26
N ASP D 200 51.26 -28.52 1.12
CA ASP D 200 50.28 -27.43 1.12
C ASP D 200 48.89 -27.85 0.66
N ASN D 201 48.33 -28.89 1.29
CA ASN D 201 47.02 -29.41 0.93
C ASN D 201 46.23 -29.72 2.20
N ASP D 202 44.91 -29.73 2.06
CA ASP D 202 44.02 -30.07 3.17
C ASP D 202 43.65 -31.54 3.08
N LEU D 203 44.66 -32.38 3.36
CA LEU D 203 44.53 -33.83 3.31
C LEU D 203 44.45 -34.38 4.72
N GLY D 204 43.34 -35.04 5.04
CA GLY D 204 43.12 -35.57 6.38
C GLY D 204 43.50 -37.04 6.48
N GLY D 205 44.11 -37.40 7.60
CA GLY D 205 44.51 -38.77 7.89
C GLY D 205 45.99 -38.85 8.21
N CYS D 206 46.48 -40.07 8.29
CA CYS D 206 47.89 -40.32 8.57
C CYS D 206 48.61 -40.72 7.30
N ILE D 207 49.93 -40.83 7.39
CA ILE D 207 50.75 -41.33 6.29
C ILE D 207 50.38 -42.78 6.04
N PRO D 208 49.94 -43.13 4.83
CA PRO D 208 49.60 -44.52 4.55
C PRO D 208 50.81 -45.42 4.72
N GLY D 209 50.61 -46.56 5.41
CA GLY D 209 51.71 -47.44 5.73
C GLY D 209 52.39 -48.06 4.52
N SER D 210 51.84 -47.86 3.32
CA SER D 210 52.43 -48.40 2.11
C SER D 210 53.79 -47.78 1.80
N ILE D 211 54.20 -46.75 2.55
CA ILE D 211 55.45 -46.04 2.29
C ILE D 211 56.64 -46.99 2.30
N GLY D 212 56.57 -48.07 3.10
CA GLY D 212 57.68 -49.00 3.19
C GLY D 212 58.04 -49.67 1.87
N LEU D 213 57.05 -49.78 0.96
CA LEU D 213 57.30 -50.42 -0.33
C LEU D 213 58.12 -49.55 -1.27
N MET D 214 58.19 -48.25 -1.02
CA MET D 214 58.83 -47.30 -1.91
C MET D 214 60.33 -47.19 -1.69
N GLY D 215 60.94 -48.11 -0.93
CA GLY D 215 62.34 -47.96 -0.58
C GLY D 215 63.27 -48.01 -1.76
N LYS D 216 62.95 -48.84 -2.76
CA LYS D 216 63.86 -49.02 -3.88
C LYS D 216 63.84 -47.85 -4.87
N THR D 217 62.73 -47.12 -4.94
CA THR D 217 62.56 -46.09 -5.96
C THR D 217 62.51 -44.67 -5.43
N LEU D 218 61.92 -44.44 -4.26
CA LEU D 218 61.74 -43.09 -3.77
C LEU D 218 63.06 -42.44 -3.40
N ASN D 219 63.21 -41.17 -3.76
CA ASN D 219 64.38 -40.37 -3.44
C ASN D 219 64.06 -39.11 -2.66
N GLU D 220 62.90 -38.48 -2.91
CA GLU D 220 62.52 -37.26 -2.22
C GLU D 220 61.02 -37.28 -2.02
N ILE D 221 60.59 -37.04 -0.78
CA ILE D 221 59.17 -37.01 -0.43
C ILE D 221 58.91 -35.84 0.50
N ILE D 222 57.87 -35.06 0.20
CA ILE D 222 57.48 -33.90 0.99
C ILE D 222 55.97 -33.95 1.19
N LEU D 223 55.54 -34.13 2.44
CA LEU D 223 54.13 -34.16 2.81
C LEU D 223 53.81 -33.03 3.78
N SER D 224 54.57 -31.95 3.70
CA SER D 224 54.48 -30.88 4.68
C SER D 224 53.18 -30.07 4.51
N ASN D 225 52.79 -29.42 5.60
CA ASN D 225 51.64 -28.50 5.61
C ASN D 225 50.37 -29.19 5.09
N ASP D 226 50.23 -30.48 5.39
CA ASP D 226 48.98 -31.17 5.18
C ASP D 226 48.21 -31.22 6.51
N ASN D 227 46.95 -31.60 6.42
CA ASN D 227 46.11 -31.65 7.62
C ASN D 227 46.16 -33.06 8.20
N LEU D 228 47.40 -33.54 8.38
CA LEU D 228 47.68 -34.93 8.68
C LEU D 228 47.61 -35.20 10.18
N THR D 229 46.79 -36.18 10.57
CA THR D 229 46.67 -36.63 11.95
C THR D 229 46.98 -38.12 12.01
N GLY D 230 47.62 -38.55 13.10
CA GLY D 230 47.95 -39.93 13.31
C GLY D 230 49.41 -40.11 13.69
N CYS D 231 49.79 -41.38 13.84
CA CYS D 231 51.13 -41.73 14.30
C CYS D 231 52.03 -42.02 13.11
N LEU D 232 53.33 -41.78 13.30
CA LEU D 232 54.31 -42.01 12.23
C LEU D 232 54.63 -43.50 12.14
N PRO D 233 54.40 -44.13 10.99
CA PRO D 233 54.64 -45.58 10.88
C PRO D 233 56.11 -45.91 10.96
N PRO D 234 56.48 -46.93 11.73
CA PRO D 234 57.91 -47.25 11.91
C PRO D 234 58.55 -47.97 10.73
N GLN D 235 57.78 -48.48 9.78
CA GLN D 235 58.35 -49.16 8.62
C GLN D 235 58.98 -48.20 7.61
N ILE D 236 59.06 -46.90 7.94
CA ILE D 236 59.73 -45.96 7.05
C ILE D 236 61.21 -46.24 6.94
N GLY D 237 61.77 -47.04 7.86
CA GLY D 237 63.18 -47.40 7.81
C GLY D 237 63.57 -48.12 6.54
N ASN D 238 62.62 -48.78 5.87
CA ASN D 238 62.90 -49.42 4.59
C ASN D 238 63.24 -48.41 3.50
N LEU D 239 62.96 -47.13 3.70
CA LEU D 239 63.21 -46.12 2.68
C LEU D 239 64.68 -45.72 2.74
N LYS D 240 65.53 -46.66 2.33
CA LYS D 240 66.95 -46.38 2.24
C LYS D 240 67.26 -45.63 0.95
N ASN D 241 68.33 -44.86 0.98
CA ASN D 241 68.80 -44.09 -0.16
C ASN D 241 67.78 -43.05 -0.59
N VAL D 242 67.04 -42.52 0.39
CA VAL D 242 66.11 -41.40 0.21
C VAL D 242 66.77 -40.17 0.80
N THR D 243 66.86 -39.10 0.00
CA THR D 243 67.60 -37.91 0.44
C THR D 243 66.74 -36.90 1.19
N VAL D 244 65.50 -36.68 0.78
CA VAL D 244 64.66 -35.65 1.39
C VAL D 244 63.42 -36.31 1.97
N PHE D 245 63.09 -35.93 3.21
CA PHE D 245 61.92 -36.45 3.92
C PHE D 245 61.39 -35.30 4.78
N ASP D 246 60.34 -34.63 4.31
CA ASP D 246 59.81 -33.44 4.97
C ASP D 246 58.35 -33.71 5.35
N ILE D 247 58.05 -33.63 6.64
CA ILE D 247 56.73 -33.93 7.16
C ILE D 247 56.25 -32.78 8.05
N SER D 248 56.69 -31.56 7.74
CA SER D 248 56.46 -30.41 8.60
C SER D 248 54.99 -29.98 8.59
N PHE D 249 54.65 -29.13 9.58
CA PHE D 249 53.37 -28.42 9.63
C PHE D 249 52.16 -29.36 9.57
N ASN D 250 52.19 -30.39 10.41
CA ASN D 250 51.08 -31.34 10.49
C ASN D 250 50.60 -31.43 11.93
N ARG D 251 49.51 -32.18 12.13
CA ARG D 251 48.97 -32.48 13.44
C ARG D 251 49.33 -33.89 13.89
N LEU D 252 50.44 -34.42 13.39
CA LEU D 252 50.83 -35.79 13.66
C LEU D 252 51.32 -35.96 15.10
N SER D 253 50.79 -36.97 15.78
CA SER D 253 51.18 -37.29 17.15
C SER D 253 51.87 -38.64 17.17
N GLY D 254 52.69 -38.86 18.20
CA GLY D 254 53.38 -40.11 18.35
C GLY D 254 54.88 -39.98 18.54
N PRO D 255 55.55 -41.11 18.71
CA PRO D 255 57.02 -41.10 18.80
C PRO D 255 57.68 -41.27 17.45
N LEU D 256 58.88 -40.70 17.35
CA LEU D 256 59.71 -40.99 16.18
C LEU D 256 60.25 -42.41 16.29
N PRO D 257 60.06 -43.24 15.27
CA PRO D 257 60.56 -44.62 15.34
C PRO D 257 62.08 -44.68 15.30
N SER D 258 62.63 -45.69 15.97
CA SER D 258 64.07 -45.93 15.94
C SER D 258 64.59 -46.33 14.56
N SER D 259 63.69 -46.63 13.62
CA SER D 259 64.09 -47.03 12.26
C SER D 259 64.64 -45.87 11.43
N ILE D 260 64.69 -44.64 11.96
CA ILE D 260 65.21 -43.51 11.19
C ILE D 260 66.67 -43.73 10.82
N GLY D 261 67.42 -44.45 11.65
CA GLY D 261 68.83 -44.69 11.37
C GLY D 261 69.10 -45.52 10.14
N ASN D 262 68.09 -46.22 9.63
CA ASN D 262 68.26 -47.03 8.43
C ASN D 262 68.27 -46.19 7.16
N MET D 263 67.90 -44.91 7.23
CA MET D 263 67.84 -44.04 6.07
C MET D 263 69.21 -43.40 5.86
N LYS D 264 70.20 -44.25 5.51
CA LYS D 264 71.59 -43.80 5.57
C LYS D 264 71.89 -42.66 4.60
N SER D 265 71.17 -42.56 3.50
CA SER D 265 71.39 -41.50 2.52
C SER D 265 70.56 -40.26 2.82
N LEU D 266 69.87 -40.22 3.95
CA LEU D 266 68.99 -39.10 4.28
C LEU D 266 69.82 -37.83 4.45
N GLU D 267 69.52 -36.83 3.63
CA GLU D 267 70.22 -35.55 3.65
C GLU D 267 69.40 -34.43 4.26
N GLN D 268 68.12 -34.32 3.89
CA GLN D 268 67.23 -33.29 4.41
C GLN D 268 66.14 -33.99 5.22
N LEU D 269 66.14 -33.77 6.53
CA LEU D 269 65.13 -34.33 7.42
C LEU D 269 64.47 -33.20 8.20
N ASN D 270 63.20 -32.95 7.92
CA ASN D 270 62.44 -31.90 8.59
C ASN D 270 61.20 -32.51 9.19
N VAL D 271 61.11 -32.48 10.52
CA VAL D 271 60.01 -33.08 11.27
C VAL D 271 59.35 -32.03 12.16
N ALA D 272 59.59 -30.77 11.87
CA ALA D 272 59.17 -29.68 12.73
C ALA D 272 57.66 -29.45 12.67
N ASN D 273 57.17 -28.70 13.65
CA ASN D 273 55.78 -28.24 13.70
C ASN D 273 54.79 -29.42 13.67
N ASN D 274 54.91 -30.28 14.68
CA ASN D 274 54.04 -31.43 14.84
C ASN D 274 53.76 -31.65 16.32
N ARG D 275 52.90 -32.61 16.61
CA ARG D 275 52.49 -32.92 17.97
C ARG D 275 53.11 -34.24 18.44
N PHE D 276 54.36 -34.49 18.05
CA PHE D 276 55.02 -35.74 18.41
C PHE D 276 55.58 -35.68 19.83
N THR D 277 55.25 -36.67 20.64
CA THR D 277 55.89 -36.86 21.94
C THR D 277 57.06 -37.83 21.73
N GLY D 278 57.62 -38.33 22.82
CA GLY D 278 58.70 -39.30 22.70
C GLY D 278 60.06 -38.68 22.56
N VAL D 279 61.08 -39.54 22.59
CA VAL D 279 62.47 -39.12 22.55
C VAL D 279 63.02 -39.32 21.15
N ILE D 280 64.14 -38.66 20.86
CA ILE D 280 64.88 -38.78 19.62
C ILE D 280 65.69 -40.07 19.58
N PRO D 281 65.32 -41.02 18.72
CA PRO D 281 66.02 -42.32 18.69
C PRO D 281 67.50 -42.17 18.42
N SER D 282 68.31 -42.81 19.26
CA SER D 282 69.76 -42.82 19.14
C SER D 282 70.26 -43.34 17.79
N SER D 283 69.39 -43.85 16.93
CA SER D 283 69.82 -44.40 15.65
C SER D 283 70.19 -43.35 14.62
N ILE D 284 69.91 -42.07 14.87
CA ILE D 284 70.29 -41.01 13.95
C ILE D 284 71.82 -40.88 13.84
N CYS D 285 72.56 -41.54 14.74
CA CYS D 285 74.02 -41.48 14.68
C CYS D 285 74.57 -42.11 13.41
N GLN D 286 73.86 -43.10 12.85
CA GLN D 286 74.34 -43.75 11.63
C GLN D 286 74.17 -42.88 10.39
N LEU D 287 73.36 -41.82 10.47
CA LEU D 287 73.05 -41.02 9.28
C LEU D 287 74.26 -40.14 8.97
N SER D 288 75.13 -40.61 8.06
CA SER D 288 76.34 -39.88 7.73
C SER D 288 76.12 -38.82 6.67
N ASN D 289 75.18 -39.03 5.75
CA ASN D 289 74.88 -38.06 4.70
C ASN D 289 74.06 -36.89 5.19
N LEU D 290 73.62 -36.91 6.45
CA LEU D 290 72.76 -35.85 6.95
C LEU D 290 73.44 -34.50 6.80
N GLU D 291 72.75 -33.56 6.16
CA GLU D 291 73.26 -32.23 5.90
C GLU D 291 72.45 -31.13 6.56
N ASN D 292 71.14 -31.31 6.70
CA ASN D 292 70.27 -30.35 7.38
C ASN D 292 69.22 -31.12 8.14
N PHE D 293 69.16 -30.92 9.46
CA PHE D 293 68.20 -31.60 10.32
C PHE D 293 67.53 -30.57 11.22
N THR D 294 66.21 -30.59 11.26
CA THR D 294 65.43 -29.60 11.97
C THR D 294 64.28 -30.28 12.70
N TYR D 295 64.24 -30.12 14.02
CA TYR D 295 63.17 -30.66 14.85
C TYR D 295 62.76 -29.57 15.83
N SER D 296 61.61 -28.96 15.58
CA SER D 296 61.19 -27.79 16.35
C SER D 296 59.67 -27.78 16.42
N SER D 297 59.16 -27.13 17.47
CA SER D 297 57.73 -27.10 17.77
C SER D 297 57.18 -28.52 17.92
N ASN D 298 57.96 -29.38 18.56
CA ASN D 298 57.53 -30.74 18.89
C ASN D 298 57.62 -30.90 20.40
N PHE D 299 56.89 -31.89 20.92
CA PHE D 299 56.83 -32.10 22.37
C PHE D 299 57.77 -33.24 22.78
N PHE D 300 59.04 -33.06 22.44
CA PHE D 300 60.08 -34.04 22.73
C PHE D 300 60.70 -33.78 24.09
N THR D 301 61.23 -34.84 24.71
CA THR D 301 61.89 -34.73 26.01
C THR D 301 63.31 -35.28 26.04
N GLY D 302 63.71 -36.12 25.10
CA GLY D 302 65.08 -36.62 25.05
C GLY D 302 65.65 -36.54 23.65
N ASP D 303 66.78 -35.86 23.48
CA ASP D 303 67.27 -35.56 22.15
C ASP D 303 68.74 -35.15 22.21
N ALA D 304 69.27 -34.74 21.07
CA ALA D 304 70.56 -34.11 20.88
C ALA D 304 71.75 -34.97 21.31
N PRO D 305 72.03 -36.08 20.63
CA PRO D 305 73.35 -36.73 20.79
C PRO D 305 74.35 -36.10 19.82
N ARG D 306 75.59 -35.94 20.30
CA ARG D 306 76.64 -35.31 19.50
C ARG D 306 77.32 -36.32 18.60
N CYS D 307 76.52 -36.99 17.77
CA CYS D 307 77.06 -37.86 16.73
C CYS D 307 77.16 -37.18 15.38
N VAL D 308 76.35 -36.15 15.14
CA VAL D 308 76.40 -35.43 13.86
C VAL D 308 77.80 -34.85 13.67
N ALA D 309 78.46 -35.28 12.60
CA ALA D 309 79.83 -34.84 12.34
C ALA D 309 79.81 -33.44 11.74
N LEU D 310 80.40 -32.49 12.46
CA LEU D 310 80.40 -31.09 12.03
C LEU D 310 81.61 -30.34 12.59
N VAL D 315 75.45 -31.05 9.44
CA VAL D 315 76.11 -29.89 10.03
C VAL D 315 75.10 -29.06 10.80
N VAL D 316 74.05 -28.61 10.12
CA VAL D 316 73.08 -27.67 10.68
C VAL D 316 72.01 -28.46 11.43
N VAL D 317 71.80 -28.14 12.71
CA VAL D 317 70.78 -28.77 13.53
C VAL D 317 69.98 -27.66 14.22
N ASN D 318 68.65 -27.79 14.23
CA ASN D 318 67.80 -26.83 14.92
C ASN D 318 66.87 -27.54 15.91
N GLY D 319 67.14 -27.36 17.20
CA GLY D 319 66.34 -27.87 18.30
C GLY D 319 65.73 -26.77 19.16
N SER D 320 64.99 -25.82 18.57
CA SER D 320 64.66 -24.59 19.26
C SER D 320 63.32 -24.60 20.00
N MET D 321 62.42 -25.55 19.76
CA MET D 321 61.10 -25.55 20.40
C MET D 321 60.67 -26.99 20.72
N ASN D 322 61.01 -27.44 21.92
CA ASN D 322 60.69 -28.79 22.37
C ASN D 322 60.27 -28.72 23.84
N CYS D 323 60.33 -29.86 24.54
CA CYS D 323 60.09 -29.90 25.97
C CYS D 323 61.27 -30.53 26.71
N ILE D 324 62.48 -30.32 26.20
CA ILE D 324 63.70 -30.75 26.88
C ILE D 324 64.14 -29.65 27.84
N ASP D 325 64.55 -30.04 29.05
CA ASP D 325 64.94 -29.03 30.04
C ASP D 325 66.32 -28.46 29.76
N GLY D 326 67.22 -29.26 29.18
CA GLY D 326 68.58 -28.81 28.91
C GLY D 326 68.67 -27.64 27.96
N GLU D 328 68.44 -25.67 25.48
CA GLU D 328 68.40 -24.21 25.56
C GLU D 328 66.91 -23.83 25.59
N ASP D 329 66.49 -22.79 24.88
CA ASP D 329 65.10 -22.38 24.88
C ASP D 329 64.19 -23.39 24.19
N GLN D 330 63.00 -23.58 24.76
CA GLN D 330 61.98 -24.48 24.26
C GLN D 330 60.61 -23.96 24.69
N ARG D 331 59.56 -24.67 24.31
CA ARG D 331 58.20 -24.25 24.65
C ARG D 331 57.98 -24.31 26.16
N SER D 332 57.09 -23.45 26.64
CA SER D 332 56.98 -23.14 28.05
C SER D 332 56.52 -24.35 28.86
N SER D 333 56.76 -24.27 30.18
CA SER D 333 56.29 -25.30 31.09
C SER D 333 54.77 -25.41 31.07
N LYS D 334 54.08 -24.29 30.88
CA LYS D 334 52.65 -24.31 30.59
C LYS D 334 52.35 -25.21 29.40
N GLU D 335 52.88 -24.86 28.23
CA GLU D 335 52.59 -25.60 27.01
C GLU D 335 53.02 -27.06 27.10
N CYS D 336 54.05 -27.36 27.88
CA CYS D 336 54.41 -28.76 28.09
C CYS D 336 53.47 -29.39 29.12
N SER D 337 53.56 -30.71 29.26
CA SER D 337 52.70 -31.48 30.15
C SER D 337 51.23 -31.19 29.84
N SER D 338 50.89 -31.15 28.57
CA SER D 338 49.58 -30.81 28.06
C SER D 338 48.97 -32.02 27.36
N PRO D 339 47.65 -31.99 27.10
CA PRO D 339 47.02 -33.15 26.44
C PRO D 339 47.58 -33.47 25.07
N ALA D 340 48.30 -32.54 24.44
CA ALA D 340 49.02 -32.85 23.20
C ALA D 340 50.40 -33.44 23.45
N SER D 341 51.03 -33.07 24.56
CA SER D 341 52.36 -33.55 24.91
C SER D 341 52.33 -34.84 25.72
N ARG D 342 51.16 -35.35 26.07
CA ARG D 342 51.06 -36.55 26.88
C ARG D 342 51.41 -37.78 26.04
N SER D 343 51.19 -38.96 26.60
CA SER D 343 51.54 -40.18 25.89
C SER D 343 50.52 -40.45 24.80
N VAL D 344 50.97 -41.13 23.74
CA VAL D 344 50.15 -41.35 22.57
C VAL D 344 49.89 -42.84 22.39
N ASP D 345 48.72 -43.16 21.83
CA ASP D 345 48.37 -44.56 21.62
C ASP D 345 48.93 -45.08 20.31
N CYS D 346 48.87 -44.27 19.25
CA CYS D 346 49.23 -44.63 17.88
C CYS D 346 48.24 -45.65 17.32
N SER D 347 47.34 -46.13 18.18
CA SER D 347 46.21 -46.96 17.77
C SER D 347 44.87 -46.26 17.96
N LYS D 348 44.84 -45.16 18.70
CA LYS D 348 43.68 -44.29 18.90
C LYS D 348 43.25 -43.56 17.64
N PHE D 349 43.89 -43.88 16.52
CA PHE D 349 43.55 -43.31 15.23
C PHE D 349 42.95 -44.40 14.36
N GLY D 350 42.23 -43.99 13.32
CA GLY D 350 41.45 -44.94 12.54
C GLY D 350 42.12 -45.36 11.27
N CYS D 351 43.29 -44.82 10.97
CA CYS D 351 44.16 -45.30 9.90
C CYS D 351 45.36 -46.00 10.56
N ASN D 352 45.42 -47.32 10.41
CA ASN D 352 46.45 -48.13 11.04
C ASN D 352 47.61 -48.38 10.09
N ASN D 353 48.76 -48.70 10.67
CA ASN D 353 50.01 -48.81 9.92
C ASN D 353 50.58 -50.21 10.11
N PHE D 354 50.36 -51.07 9.12
CA PHE D 354 50.88 -52.45 9.17
C PHE D 354 50.89 -53.05 7.76
N LYS E 13 -8.77 24.01 36.28
CA LYS E 13 -7.91 23.07 36.98
C LYS E 13 -6.79 22.55 36.09
N VAL E 14 -6.54 23.25 34.98
CA VAL E 14 -5.54 22.87 34.00
C VAL E 14 -4.49 23.97 33.91
N ASP E 15 -3.23 23.57 33.70
CA ASP E 15 -2.13 24.52 33.64
C ASP E 15 -2.21 25.33 32.35
N PRO E 16 -2.23 26.67 32.42
CA PRO E 16 -2.31 27.47 31.18
C PRO E 16 -1.05 27.38 30.32
N SER E 17 0.11 27.05 30.89
CA SER E 17 1.36 27.07 30.14
C SER E 17 1.55 25.85 29.24
N LEU E 18 0.63 24.89 29.26
CA LEU E 18 0.79 23.68 28.46
C LEU E 18 0.06 23.85 27.13
N LYS E 19 0.79 23.68 26.03
CA LYS E 19 0.21 23.72 24.69
C LYS E 19 -0.30 22.33 24.30
N PHE E 20 -1.51 22.29 23.75
CA PHE E 20 -2.10 21.03 23.29
C PHE E 20 -2.29 21.10 21.78
N GLU E 21 -2.18 19.93 21.13
CA GLU E 21 -2.35 19.89 19.68
C GLU E 21 -3.79 20.21 19.29
N ASN E 22 -4.75 19.69 20.04
CA ASN E 22 -6.16 19.85 19.72
C ASN E 22 -6.96 19.73 21.01
N PRO E 23 -8.22 20.16 21.02
CA PRO E 23 -9.03 20.01 22.24
C PRO E 23 -9.22 18.57 22.67
N SER E 24 -8.99 17.60 21.78
CA SER E 24 -9.20 16.20 22.15
C SER E 24 -8.17 15.72 23.16
N LEU E 25 -6.88 16.01 22.91
CA LEU E 25 -5.86 15.63 23.88
C LEU E 25 -5.98 16.40 25.17
N ARG E 26 -6.56 17.61 25.12
CA ARG E 26 -6.81 18.36 26.34
C ARG E 26 -7.82 17.66 27.23
N GLN E 27 -8.90 17.14 26.64
CA GLN E 27 -9.85 16.33 27.40
C GLN E 27 -9.19 15.08 27.95
N ALA E 28 -8.31 14.47 27.16
CA ALA E 28 -7.61 13.27 27.61
C ALA E 28 -6.64 13.58 28.75
N TYR E 29 -5.93 14.70 28.67
CA TYR E 29 -5.01 15.07 29.75
C TYR E 29 -5.75 15.32 31.04
N ILE E 30 -6.95 15.91 30.95
CA ILE E 30 -7.79 16.08 32.15
C ILE E 30 -8.16 14.72 32.72
N ALA E 31 -8.51 13.77 31.84
CA ALA E 31 -8.92 12.45 32.30
C ALA E 31 -7.75 11.67 32.89
N LEU E 32 -6.58 11.73 32.24
CA LEU E 32 -5.45 10.92 32.68
C LEU E 32 -4.87 11.43 33.98
N GLN E 33 -4.72 12.75 34.13
CA GLN E 33 -4.25 13.30 35.39
C GLN E 33 -5.26 13.09 36.51
N SER E 34 -6.55 13.14 36.19
CA SER E 34 -7.57 12.80 37.18
C SER E 34 -7.45 11.35 37.60
N TRP E 35 -7.16 10.46 36.64
CA TRP E 35 -6.98 9.04 36.92
C TRP E 35 -5.58 8.75 37.43
N LYS E 36 -4.62 9.63 37.16
CA LYS E 36 -3.31 9.54 37.81
C LYS E 36 -3.45 9.77 39.32
N GLN E 37 -4.31 10.71 39.72
CA GLN E 37 -4.57 10.92 41.15
C GLN E 37 -5.35 9.77 41.77
N ALA E 38 -6.09 9.01 40.98
CA ALA E 38 -6.83 7.86 41.50
C ALA E 38 -5.97 6.63 41.68
N ILE E 39 -4.78 6.61 41.09
CA ILE E 39 -3.89 5.45 41.17
C ILE E 39 -3.06 5.59 42.45
N PHE E 40 -3.09 4.54 43.27
CA PHE E 40 -2.46 4.55 44.58
C PHE E 40 -1.19 3.71 44.65
N SER E 41 -1.01 2.77 43.72
CA SER E 41 0.15 1.90 43.71
C SER E 41 0.54 1.63 42.26
N ASP E 42 1.80 1.90 41.94
CA ASP E 42 2.32 1.72 40.59
C ASP E 42 3.66 1.01 40.68
N PRO E 43 3.66 -0.33 40.77
CA PRO E 43 4.94 -1.05 40.91
C PRO E 43 5.85 -0.85 39.71
N PHE E 44 5.28 -0.89 38.51
CA PHE E 44 6.01 -0.66 37.27
C PHE E 44 5.68 0.78 36.87
N ASN E 45 6.68 1.66 36.83
CA ASN E 45 6.43 3.09 36.66
C ASN E 45 5.82 3.43 35.30
N PHE E 46 4.52 3.14 35.18
CA PHE E 46 3.76 3.56 34.02
C PHE E 46 3.37 5.03 34.09
N THR E 47 2.92 5.50 35.26
CA THR E 47 2.49 6.88 35.41
C THR E 47 3.64 7.86 35.54
N ALA E 48 4.89 7.40 35.58
CA ALA E 48 6.03 8.30 35.67
C ALA E 48 6.10 9.21 34.44
N ASN E 49 5.77 8.66 33.28
CA ASN E 49 5.81 9.40 32.03
C ASN E 49 4.62 10.34 31.87
N TRP E 50 3.63 10.31 32.77
CA TRP E 50 2.44 11.11 32.57
C TRP E 50 2.67 12.56 32.97
N ASN E 51 3.72 13.16 32.43
CA ASN E 51 4.04 14.57 32.62
C ASN E 51 3.98 15.29 31.28
N GLY E 52 3.80 16.61 31.33
CA GLY E 52 3.68 17.40 30.13
C GLY E 52 2.33 17.24 29.44
N SER E 53 2.20 17.96 28.33
CA SER E 53 0.98 17.94 27.54
C SER E 53 0.99 16.90 26.42
N ASP E 54 2.12 16.25 26.16
CA ASP E 54 2.18 15.25 25.09
C ASP E 54 1.52 13.97 25.62
N VAL E 55 0.20 13.94 25.51
CA VAL E 55 -0.58 12.82 26.03
C VAL E 55 -0.18 11.51 25.36
N CYS E 56 0.17 11.57 24.07
CA CYS E 56 0.44 10.35 23.31
C CYS E 56 1.71 9.63 23.77
N SER E 57 2.65 10.32 24.40
CA SER E 57 3.85 9.64 24.88
C SER E 57 3.64 8.90 26.19
N TYR E 58 2.50 9.08 26.83
CA TYR E 58 2.25 8.45 28.12
C TYR E 58 2.26 6.93 28.00
N ASN E 59 2.87 6.26 28.98
CA ASN E 59 2.90 4.81 28.98
C ASN E 59 1.49 4.23 29.09
N GLY E 60 1.18 3.26 28.23
CA GLY E 60 -0.12 2.62 28.21
C GLY E 60 -1.20 3.37 27.45
N ILE E 61 -0.95 4.61 27.03
CA ILE E 61 -1.91 5.39 26.25
C ILE E 61 -1.45 5.39 24.81
N PHE E 62 -2.38 5.14 23.89
CA PHE E 62 -2.05 4.90 22.48
C PHE E 62 -2.96 5.75 21.61
N CYS E 63 -2.36 6.64 20.84
CA CYS E 63 -3.09 7.56 19.98
C CYS E 63 -3.24 6.99 18.58
N ALA E 64 -4.21 7.54 17.85
CA ALA E 64 -4.50 7.13 16.48
C ALA E 64 -5.32 8.23 15.82
N PRO E 65 -5.31 8.31 14.49
CA PRO E 65 -6.14 9.32 13.81
C PRO E 65 -7.62 9.07 14.07
N SER E 66 -8.32 10.14 14.46
CA SER E 66 -9.75 10.02 14.73
C SER E 66 -10.50 9.72 13.43
N PRO E 67 -11.42 8.76 13.42
CA PRO E 67 -12.20 8.52 12.20
C PRO E 67 -13.16 9.65 11.86
N SER E 68 -13.66 10.38 12.87
CA SER E 68 -14.54 11.50 12.59
C SER E 68 -13.81 12.65 11.91
N SER E 69 -12.55 12.89 12.29
CA SER E 69 -11.72 13.93 11.68
C SER E 69 -10.28 13.42 11.59
N PRO E 70 -9.85 12.97 10.41
CA PRO E 70 -8.50 12.40 10.29
C PRO E 70 -7.38 13.35 10.64
N LYS E 71 -7.61 14.67 10.60
CA LYS E 71 -6.54 15.60 10.95
C LYS E 71 -6.20 15.55 12.42
N THR E 72 -7.19 15.29 13.28
CA THR E 72 -6.99 15.25 14.72
C THR E 72 -6.55 13.86 15.16
N ARG E 73 -5.38 13.76 15.77
CA ARG E 73 -5.00 12.52 16.43
C ARG E 73 -5.63 12.52 17.81
N VAL E 74 -6.11 11.35 18.24
CA VAL E 74 -6.87 11.24 19.48
C VAL E 74 -6.42 9.98 20.24
N VAL E 75 -6.73 9.98 21.53
CA VAL E 75 -6.43 8.83 22.39
C VAL E 75 -7.43 7.73 22.06
N ALA E 76 -6.97 6.69 21.37
CA ALA E 76 -7.82 5.62 20.90
C ALA E 76 -7.84 4.41 21.82
N GLY E 77 -6.78 4.18 22.58
CA GLY E 77 -6.70 2.97 23.38
C GLY E 77 -5.90 3.17 24.65
N ILE E 78 -6.23 2.37 25.66
CA ILE E 78 -5.49 2.30 26.91
C ILE E 78 -5.26 0.82 27.22
N ASP E 79 -3.99 0.44 27.36
CA ASP E 79 -3.61 -0.95 27.59
C ASP E 79 -2.62 -0.99 28.75
N LEU E 80 -3.11 -1.41 29.93
CA LEU E 80 -2.30 -1.53 31.12
C LEU E 80 -2.27 -2.97 31.63
N ASN E 81 -2.35 -3.94 30.73
CA ASN E 81 -2.36 -5.34 31.14
C ASN E 81 -1.06 -5.69 31.87
N HIS E 82 -1.20 -6.47 32.95
CA HIS E 82 -0.13 -6.96 33.80
C HIS E 82 0.59 -5.84 34.56
N ALA E 83 0.13 -4.59 34.43
CA ALA E 83 0.56 -3.47 35.24
C ALA E 83 -0.12 -3.59 36.59
N ASP E 84 0.57 -4.20 37.56
CA ASP E 84 -0.06 -4.48 38.85
C ASP E 84 -0.42 -3.19 39.58
N MET E 85 -1.20 -2.35 38.91
CA MET E 85 -1.54 -1.01 39.40
C MET E 85 -2.78 -1.06 40.28
N ALA E 86 -2.78 -0.26 41.34
CA ALA E 86 -3.86 -0.23 42.31
C ALA E 86 -4.49 1.15 42.36
N GLY E 87 -5.81 1.18 42.44
CA GLY E 87 -6.55 2.43 42.44
C GLY E 87 -8.00 2.17 42.12
N TYR E 88 -8.67 3.21 41.61
CA TYR E 88 -10.04 3.10 41.15
C TYR E 88 -10.18 3.82 39.81
N LEU E 89 -11.32 3.63 39.16
CA LEU E 89 -11.59 4.28 37.88
C LEU E 89 -12.44 5.51 38.13
N PRO E 90 -11.90 6.72 38.02
CA PRO E 90 -12.69 7.92 38.33
C PRO E 90 -13.67 8.24 37.21
N ARG E 91 -14.63 9.10 37.54
CA ARG E 91 -15.62 9.50 36.55
C ARG E 91 -15.02 10.33 35.42
N GLU E 92 -13.87 10.97 35.65
CA GLU E 92 -13.33 11.83 34.60
C GLU E 92 -12.80 11.05 33.40
N LEU E 93 -12.71 9.72 33.50
CA LEU E 93 -12.30 8.92 32.35
C LEU E 93 -13.34 8.93 31.24
N GLY E 94 -14.58 9.29 31.55
CA GLY E 94 -15.61 9.40 30.53
C GLY E 94 -15.35 10.49 29.51
N LEU E 95 -14.38 11.37 29.78
CA LEU E 95 -13.98 12.39 28.82
C LEU E 95 -13.25 11.80 27.64
N LEU E 96 -12.89 10.52 27.69
CA LEU E 96 -12.19 9.84 26.61
C LEU E 96 -13.19 9.29 25.59
N THR E 97 -13.95 10.22 24.99
CA THR E 97 -15.03 9.82 24.10
C THR E 97 -14.51 9.09 22.86
N ASP E 98 -13.26 9.35 22.48
CA ASP E 98 -12.66 8.73 21.30
C ASP E 98 -12.04 7.38 21.59
N LEU E 99 -12.20 6.85 22.81
CA LEU E 99 -11.55 5.61 23.19
C LEU E 99 -12.18 4.43 22.47
N ALA E 100 -11.34 3.51 22.00
CA ALA E 100 -11.80 2.31 21.31
C ALA E 100 -11.48 1.01 22.04
N LEU E 101 -10.38 0.95 22.79
CA LEU E 101 -10.04 -0.24 23.56
C LEU E 101 -9.61 0.17 24.95
N PHE E 102 -9.80 -0.74 25.91
CA PHE E 102 -9.49 -0.44 27.30
C PHE E 102 -9.15 -1.76 27.97
N HIS E 103 -7.86 -1.98 28.24
CA HIS E 103 -7.34 -3.27 28.70
C HIS E 103 -6.81 -3.10 30.11
N LEU E 104 -7.31 -3.90 31.05
CA LEU E 104 -6.88 -3.80 32.44
C LEU E 104 -6.68 -5.18 33.08
N ASN E 105 -6.07 -6.11 32.35
CA ASN E 105 -5.82 -7.41 32.97
C ASN E 105 -4.70 -7.29 34.01
N SER E 106 -4.84 -8.07 35.08
CA SER E 106 -3.81 -8.20 36.11
C SER E 106 -3.46 -6.85 36.74
N ASN E 107 -4.50 -6.09 37.07
CA ASN E 107 -4.39 -4.85 37.83
C ASN E 107 -5.02 -5.06 39.21
N ARG E 108 -5.04 -3.99 40.00
CA ARG E 108 -5.66 -3.97 41.31
C ARG E 108 -6.67 -2.84 41.42
N PHE E 109 -7.38 -2.57 40.33
CA PHE E 109 -8.41 -1.54 40.35
C PHE E 109 -9.66 -2.09 41.01
N CYS E 110 -10.14 -1.39 42.04
CA CYS E 110 -11.28 -1.82 42.83
C CYS E 110 -12.42 -0.83 42.64
N GLY E 111 -13.53 -1.11 43.31
CA GLY E 111 -14.70 -0.25 43.22
C GLY E 111 -15.65 -0.70 42.14
N GLU E 112 -16.42 0.24 41.61
CA GLU E 112 -17.40 -0.05 40.57
C GLU E 112 -17.07 0.75 39.32
N VAL E 113 -17.52 0.23 38.18
CA VAL E 113 -17.28 0.91 36.90
C VAL E 113 -18.10 2.20 36.87
N PRO E 114 -17.48 3.35 36.56
CA PRO E 114 -18.23 4.61 36.62
C PRO E 114 -19.32 4.67 35.58
N LEU E 115 -20.41 5.35 35.94
CA LEU E 115 -21.55 5.49 35.04
C LEU E 115 -21.21 6.28 33.80
N THR E 116 -20.11 7.03 33.82
CA THR E 116 -19.74 7.94 32.74
C THR E 116 -19.19 7.23 31.51
N PHE E 117 -18.94 5.92 31.55
CA PHE E 117 -18.45 5.25 30.36
C PHE E 117 -19.47 5.22 29.22
N LYS E 118 -20.74 5.54 29.48
CA LYS E 118 -21.71 5.56 28.40
C LYS E 118 -21.33 6.55 27.30
N HIS E 119 -20.48 7.53 27.61
CA HIS E 119 -20.03 8.50 26.62
C HIS E 119 -18.97 7.94 25.70
N MET E 120 -18.43 6.75 26.02
CA MET E 120 -17.44 6.08 25.18
C MET E 120 -18.16 5.39 24.02
N LYS E 121 -18.64 6.20 23.09
CA LYS E 121 -19.47 5.69 21.99
C LYS E 121 -18.67 4.78 21.07
N LEU E 122 -17.37 5.04 20.90
CA LEU E 122 -16.52 4.27 20.01
C LEU E 122 -15.84 3.10 20.71
N LEU E 123 -16.09 2.89 21.99
CA LEU E 123 -15.44 1.80 22.71
C LEU E 123 -15.86 0.46 22.13
N PHE E 124 -14.88 -0.33 21.70
CA PHE E 124 -15.12 -1.58 21.02
C PHE E 124 -14.86 -2.81 21.88
N GLU E 125 -13.72 -2.84 22.58
CA GLU E 125 -13.34 -3.97 23.41
C GLU E 125 -13.02 -3.46 24.81
N LEU E 126 -13.55 -4.16 25.81
CA LEU E 126 -13.42 -3.75 27.21
C LEU E 126 -12.95 -4.94 28.03
N ASP E 127 -11.74 -4.86 28.57
CA ASP E 127 -11.13 -5.94 29.34
C ASP E 127 -10.80 -5.44 30.74
N LEU E 128 -11.56 -5.89 31.73
CA LEU E 128 -11.36 -5.56 33.15
C LEU E 128 -11.04 -6.81 33.96
N SER E 129 -10.40 -7.78 33.33
CA SER E 129 -10.14 -9.06 33.97
C SER E 129 -9.13 -8.95 35.10
N ASN E 130 -9.24 -9.87 36.06
CA ASN E 130 -8.28 -10.03 37.16
C ASN E 130 -8.06 -8.71 37.89
N ASN E 131 -9.12 -8.25 38.55
CA ASN E 131 -9.09 -7.00 39.31
C ASN E 131 -9.84 -7.21 40.62
N ARG E 132 -10.15 -6.10 41.29
CA ARG E 132 -10.88 -6.11 42.55
C ARG E 132 -12.21 -5.37 42.41
N PHE E 133 -12.80 -5.38 41.22
CA PHE E 133 -14.09 -4.75 41.03
C PHE E 133 -15.17 -5.51 41.80
N VAL E 134 -16.05 -4.77 42.47
CA VAL E 134 -17.09 -5.35 43.30
C VAL E 134 -18.42 -4.68 42.96
N GLY E 135 -19.48 -5.15 43.60
CA GLY E 135 -20.81 -4.63 43.36
C GLY E 135 -21.54 -5.44 42.31
N LYS E 136 -22.77 -5.01 42.03
CA LYS E 136 -23.58 -5.68 41.02
C LYS E 136 -23.00 -5.45 39.62
N PHE E 137 -23.50 -6.23 38.68
CA PHE E 137 -23.03 -6.16 37.29
C PHE E 137 -23.18 -4.74 36.77
N PRO E 138 -22.13 -4.16 36.18
CA PRO E 138 -22.22 -2.77 35.73
C PRO E 138 -23.09 -2.64 34.50
N ASN E 139 -24.31 -2.12 34.67
CA ASN E 139 -25.21 -1.95 33.54
C ASN E 139 -24.73 -0.90 32.55
N VAL E 140 -23.63 -0.22 32.86
CA VAL E 140 -23.11 0.83 31.99
C VAL E 140 -22.65 0.23 30.66
N VAL E 141 -22.04 -0.97 30.72
CA VAL E 141 -21.53 -1.60 29.51
C VAL E 141 -22.65 -1.96 28.56
N LEU E 142 -23.87 -2.07 29.05
CA LEU E 142 -24.99 -2.42 28.17
C LEU E 142 -25.33 -1.27 27.21
N SER E 143 -25.08 -0.03 27.63
CA SER E 143 -25.36 1.13 26.80
C SER E 143 -24.30 1.37 25.73
N LEU E 144 -23.12 0.74 25.85
CA LEU E 144 -22.01 0.95 24.92
C LEU E 144 -22.41 0.49 23.52
N PRO E 145 -22.53 1.41 22.55
CA PRO E 145 -23.03 1.02 21.22
C PRO E 145 -22.06 0.13 20.45
N SER E 146 -20.79 0.51 20.42
CA SER E 146 -19.78 -0.17 19.62
C SER E 146 -19.14 -1.36 20.32
N LEU E 147 -19.56 -1.68 21.54
CA LEU E 147 -18.91 -2.75 22.29
C LEU E 147 -19.20 -4.10 21.65
N LYS E 148 -18.14 -4.89 21.43
CA LYS E 148 -18.26 -6.26 20.97
C LYS E 148 -17.50 -7.27 21.81
N PHE E 149 -16.57 -6.84 22.66
CA PHE E 149 -15.76 -7.72 23.49
C PHE E 149 -15.89 -7.27 24.94
N LEU E 150 -16.52 -8.09 25.78
CA LEU E 150 -16.76 -7.75 27.18
C LEU E 150 -16.15 -8.84 28.05
N ASP E 151 -15.20 -8.45 28.91
CA ASP E 151 -14.47 -9.40 29.75
C ASP E 151 -14.45 -8.87 31.18
N LEU E 152 -15.14 -9.57 32.08
CA LEU E 152 -15.19 -9.21 33.50
C LEU E 152 -14.77 -10.39 34.37
N ARG E 153 -13.93 -11.27 33.84
CA ARG E 153 -13.53 -12.47 34.55
C ARG E 153 -12.63 -12.11 35.73
N TYR E 154 -12.57 -13.03 36.70
CA TYR E 154 -11.78 -12.87 37.92
C TYR E 154 -11.96 -11.49 38.53
N ASN E 155 -13.20 -11.22 38.92
CA ASN E 155 -13.58 -10.07 39.72
C ASN E 155 -14.54 -10.57 40.78
N GLU E 156 -15.22 -9.66 41.44
CA GLU E 156 -16.17 -10.03 42.49
C GLU E 156 -17.51 -9.37 42.25
N PHE E 157 -17.95 -9.31 41.01
CA PHE E 157 -19.28 -8.79 40.71
C PHE E 157 -20.33 -9.75 41.26
N GLU E 158 -21.28 -9.22 42.01
CA GLU E 158 -22.32 -10.01 42.66
C GLU E 158 -23.64 -9.83 41.93
N GLY E 159 -24.64 -10.59 42.37
CA GLY E 159 -25.98 -10.43 41.86
C GLY E 159 -26.23 -11.21 40.59
N SER E 160 -27.40 -10.96 40.01
CA SER E 160 -27.83 -11.66 38.82
C SER E 160 -27.33 -10.97 37.57
N ILE E 161 -27.10 -11.77 36.53
CA ILE E 161 -26.70 -11.28 35.21
C ILE E 161 -27.95 -10.74 34.52
N PRO E 162 -27.96 -9.47 34.10
CA PRO E 162 -29.15 -8.91 33.48
C PRO E 162 -29.43 -9.55 32.12
N SER E 163 -30.71 -9.75 31.83
CA SER E 163 -31.10 -10.39 30.58
C SER E 163 -30.73 -9.53 29.37
N LYS E 164 -30.60 -8.22 29.55
CA LYS E 164 -30.29 -7.32 28.44
C LYS E 164 -28.90 -7.60 27.87
N LEU E 165 -28.00 -8.19 28.64
CA LEU E 165 -26.67 -8.52 28.13
C LEU E 165 -26.73 -9.46 26.94
N PHE E 166 -27.58 -10.47 27.01
CA PHE E 166 -27.65 -11.46 25.95
C PHE E 166 -28.50 -11.02 24.76
N ASP E 167 -29.28 -9.94 24.89
CA ASP E 167 -29.94 -9.36 23.73
C ASP E 167 -28.98 -8.50 22.92
N LYS E 168 -27.96 -7.94 23.57
CA LYS E 168 -26.99 -7.09 22.90
C LYS E 168 -26.06 -7.91 22.01
N GLU E 169 -25.71 -7.33 20.86
CA GLU E 169 -24.84 -7.99 19.88
C GLU E 169 -23.38 -7.87 20.34
N LEU E 170 -22.84 -8.96 20.88
CA LEU E 170 -21.45 -9.02 21.31
C LEU E 170 -20.79 -10.21 20.63
N ASP E 171 -19.45 -10.14 20.53
CA ASP E 171 -18.69 -11.24 19.96
C ASP E 171 -18.25 -12.24 21.03
N ALA E 172 -17.77 -11.75 22.17
CA ALA E 172 -17.27 -12.61 23.23
C ALA E 172 -17.71 -12.04 24.56
N ILE E 173 -18.13 -12.94 25.46
CA ILE E 173 -18.61 -12.58 26.78
C ILE E 173 -17.94 -13.50 27.79
N PHE E 174 -17.17 -12.92 28.71
CA PHE E 174 -16.44 -13.67 29.72
C PHE E 174 -16.81 -13.16 31.10
N LEU E 175 -17.40 -14.04 31.93
CA LEU E 175 -17.78 -13.68 33.30
C LEU E 175 -17.42 -14.75 34.32
N ASN E 176 -16.45 -15.60 34.04
CA ASN E 176 -16.17 -16.70 34.94
C ASN E 176 -15.41 -16.21 36.18
N HIS E 177 -15.55 -16.98 37.27
CA HIS E 177 -14.85 -16.75 38.54
C HIS E 177 -15.15 -15.38 39.13
N ASN E 178 -16.36 -14.90 38.90
CA ASN E 178 -16.93 -13.76 39.62
C ASN E 178 -17.72 -14.26 40.83
N ARG E 179 -18.57 -13.41 41.39
CA ARG E 179 -19.50 -13.82 42.43
C ARG E 179 -20.92 -13.66 41.92
N PHE E 180 -21.19 -14.16 40.71
CA PHE E 180 -22.54 -14.02 40.18
C PHE E 180 -23.45 -15.11 40.72
N MET E 181 -24.74 -14.83 40.65
CA MET E 181 -25.75 -15.67 41.28
C MET E 181 -27.02 -15.64 40.44
N PHE E 182 -27.98 -16.47 40.84
CA PHE E 182 -29.35 -16.41 40.37
C PHE E 182 -29.49 -16.89 38.91
N GLY E 183 -28.59 -17.78 38.49
CA GLY E 183 -28.77 -18.54 37.27
C GLY E 183 -28.52 -17.76 35.98
N ILE E 184 -28.48 -18.53 34.90
CA ILE E 184 -28.26 -17.98 33.55
C ILE E 184 -29.58 -17.43 33.03
N PRO E 185 -29.60 -16.24 32.44
CA PRO E 185 -30.84 -15.74 31.85
C PRO E 185 -31.34 -16.67 30.75
N GLU E 186 -32.65 -16.92 30.75
CA GLU E 186 -33.23 -17.87 29.81
C GLU E 186 -33.20 -17.37 28.37
N ASN E 187 -32.88 -16.10 28.13
CA ASN E 187 -32.72 -15.57 26.78
C ASN E 187 -31.28 -15.67 26.28
N MET E 188 -30.52 -16.66 26.78
CA MET E 188 -29.11 -16.80 26.43
C MET E 188 -28.91 -16.98 24.94
N GLY E 189 -29.86 -17.64 24.26
CA GLY E 189 -29.71 -17.94 22.85
C GLY E 189 -29.68 -16.73 21.93
N ASN E 190 -30.16 -15.58 22.41
CA ASN E 190 -30.25 -14.40 21.57
C ASN E 190 -28.88 -13.75 21.29
N SER E 191 -27.86 -14.05 22.08
CA SER E 191 -26.56 -13.40 21.89
C SER E 191 -25.81 -14.03 20.74
N PRO E 192 -25.27 -13.24 19.81
CA PRO E 192 -24.51 -13.81 18.68
C PRO E 192 -23.06 -14.10 19.04
N VAL E 193 -22.76 -14.16 20.34
CA VAL E 193 -21.38 -14.31 20.78
C VAL E 193 -20.75 -15.57 20.21
N SER E 194 -19.48 -15.47 19.82
CA SER E 194 -18.74 -16.64 19.38
C SER E 194 -18.12 -17.39 20.55
N ALA E 195 -17.79 -16.67 21.61
CA ALA E 195 -17.23 -17.26 22.83
C ALA E 195 -18.07 -16.83 24.02
N LEU E 196 -18.51 -17.81 24.82
CA LEU E 196 -19.29 -17.56 26.02
C LEU E 196 -18.72 -18.41 27.14
N VAL E 197 -18.21 -17.77 28.18
CA VAL E 197 -17.66 -18.45 29.34
C VAL E 197 -18.32 -17.85 30.57
N LEU E 198 -19.13 -18.65 31.25
CA LEU E 198 -19.86 -18.23 32.43
C LEU E 198 -19.50 -19.11 33.62
N ALA E 199 -18.27 -19.60 33.67
CA ALA E 199 -17.92 -20.67 34.59
C ALA E 199 -17.69 -20.10 35.99
N ASP E 200 -17.10 -20.93 36.86
CA ASP E 200 -16.79 -20.64 38.26
C ASP E 200 -17.73 -19.62 38.91
N ASN E 201 -19.04 -19.87 38.83
CA ASN E 201 -20.03 -19.00 39.43
C ASN E 201 -21.11 -19.86 40.07
N ASP E 202 -21.79 -19.30 41.07
CA ASP E 202 -22.87 -20.01 41.76
C ASP E 202 -24.20 -19.64 41.12
N LEU E 203 -24.40 -20.16 39.91
CA LEU E 203 -25.59 -19.90 39.12
C LEU E 203 -26.50 -21.13 39.22
N GLY E 204 -27.70 -20.95 39.75
CA GLY E 204 -28.64 -22.03 39.93
C GLY E 204 -29.62 -22.13 38.78
N GLY E 205 -29.96 -23.36 38.42
CA GLY E 205 -30.92 -23.63 37.38
C GLY E 205 -30.36 -24.55 36.32
N CYS E 206 -31.09 -24.67 35.21
CA CYS E 206 -30.71 -25.54 34.11
C CYS E 206 -30.07 -24.73 33.00
N ILE E 207 -29.50 -25.44 32.03
CA ILE E 207 -29.04 -24.78 30.81
C ILE E 207 -30.31 -24.26 30.14
N PRO E 208 -30.42 -22.95 29.92
CA PRO E 208 -31.61 -22.42 29.26
C PRO E 208 -31.76 -23.03 27.88
N GLY E 209 -32.97 -23.47 27.55
CA GLY E 209 -33.17 -24.16 26.30
C GLY E 209 -32.90 -23.29 25.08
N SER E 210 -32.68 -21.99 25.28
CA SER E 210 -32.39 -21.08 24.19
C SER E 210 -31.07 -21.41 23.52
N ILE E 211 -30.30 -22.36 24.07
CA ILE E 211 -29.00 -22.74 23.52
C ILE E 211 -29.12 -23.16 22.07
N GLY E 212 -30.27 -23.73 21.68
CA GLY E 212 -30.46 -24.17 20.31
C GLY E 212 -30.41 -23.05 19.28
N LEU E 213 -30.71 -21.81 19.69
CA LEU E 213 -30.72 -20.69 18.76
C LEU E 213 -29.31 -20.25 18.37
N MET E 214 -28.29 -20.63 19.13
CA MET E 214 -26.94 -20.14 18.95
C MET E 214 -26.14 -20.93 17.92
N GLY E 215 -26.78 -21.78 17.12
CA GLY E 215 -26.04 -22.65 16.23
C GLY E 215 -25.26 -21.90 15.17
N LYS E 216 -25.81 -20.79 14.67
CA LYS E 216 -25.18 -20.09 13.57
C LYS E 216 -23.97 -19.28 14.01
N THR E 217 -23.93 -18.85 15.27
CA THR E 217 -22.88 -17.94 15.74
C THR E 217 -21.95 -18.54 16.78
N LEU E 218 -22.44 -19.38 17.69
CA LEU E 218 -21.60 -19.85 18.79
C LEU E 218 -20.50 -20.78 18.29
N ASN E 219 -19.30 -20.59 18.82
CA ASN E 219 -18.15 -21.42 18.51
C ASN E 219 -17.53 -22.10 19.73
N GLU E 220 -17.56 -21.46 20.90
CA GLU E 220 -17.02 -22.03 22.12
C GLU E 220 -17.88 -21.58 23.29
N ILE E 221 -18.31 -22.53 24.11
CA ILE E 221 -19.11 -22.24 25.29
C ILE E 221 -18.60 -23.10 26.44
N ILE E 222 -18.41 -22.49 27.60
CA ILE E 222 -17.93 -23.17 28.80
C ILE E 222 -18.82 -22.74 29.96
N LEU E 223 -19.55 -23.70 30.52
CA LEU E 223 -20.45 -23.46 31.64
C LEU E 223 -20.03 -24.25 32.87
N SER E 224 -18.73 -24.55 32.96
CA SER E 224 -18.24 -25.46 33.99
C SER E 224 -18.30 -24.84 35.38
N ASN E 225 -18.30 -25.71 36.39
CA ASN E 225 -18.24 -25.32 37.80
C ASN E 225 -19.31 -24.31 38.16
N ASP E 226 -20.47 -24.40 37.53
CA ASP E 226 -21.64 -23.68 37.98
C ASP E 226 -22.51 -24.60 38.82
N ASN E 227 -23.49 -24.03 39.50
CA ASN E 227 -24.37 -24.85 40.32
C ASN E 227 -25.58 -25.29 39.50
N LEU E 228 -25.31 -25.85 38.33
CA LEU E 228 -26.34 -26.15 37.35
C LEU E 228 -26.95 -27.51 37.65
N THR E 229 -28.26 -27.54 37.84
CA THR E 229 -29.01 -28.77 38.06
C THR E 229 -30.09 -28.86 36.98
N GLY E 230 -30.37 -30.08 36.53
CA GLY E 230 -31.39 -30.33 35.54
C GLY E 230 -30.85 -31.16 34.40
N CYS E 231 -31.69 -31.36 33.38
CA CYS E 231 -31.30 -32.19 32.25
C CYS E 231 -30.73 -31.34 31.13
N LEU E 232 -29.86 -31.96 30.34
CA LEU E 232 -29.21 -31.30 29.22
C LEU E 232 -30.19 -31.18 28.06
N PRO E 233 -30.52 -29.98 27.60
CA PRO E 233 -31.51 -29.83 26.54
C PRO E 233 -30.98 -30.38 25.23
N PRO E 234 -31.81 -31.13 24.49
CA PRO E 234 -31.33 -31.78 23.26
C PRO E 234 -31.15 -30.85 22.07
N GLN E 235 -31.60 -29.59 22.16
CA GLN E 235 -31.45 -28.68 21.04
C GLN E 235 -30.01 -28.27 20.81
N ILE E 236 -29.07 -28.80 21.58
CA ILE E 236 -27.65 -28.50 21.39
C ILE E 236 -27.14 -29.06 20.06
N GLY E 237 -27.87 -29.98 19.45
CA GLY E 237 -27.49 -30.52 18.15
C GLY E 237 -27.44 -29.49 17.05
N ASN E 238 -28.18 -28.39 17.19
CA ASN E 238 -28.14 -27.30 16.22
C ASN E 238 -26.81 -26.59 16.19
N LEU E 239 -25.97 -26.79 17.21
CA LEU E 239 -24.67 -26.13 17.35
C LEU E 239 -23.66 -26.86 16.47
N LYS E 240 -23.74 -26.56 15.16
CA LYS E 240 -22.87 -27.19 14.19
C LYS E 240 -21.46 -26.62 14.23
N ASN E 241 -21.33 -25.31 14.45
CA ASN E 241 -20.02 -24.64 14.47
C ASN E 241 -19.47 -24.45 15.88
N VAL E 242 -19.74 -25.36 16.80
CA VAL E 242 -19.18 -25.27 18.15
C VAL E 242 -18.06 -26.29 18.28
N THR E 243 -16.87 -25.81 18.64
CA THR E 243 -15.68 -26.63 18.80
C THR E 243 -15.50 -27.10 20.24
N VAL E 244 -15.81 -26.24 21.20
CA VAL E 244 -15.64 -26.53 22.62
C VAL E 244 -17.00 -26.46 23.29
N PHE E 245 -17.30 -27.47 24.10
CA PHE E 245 -18.59 -27.54 24.81
C PHE E 245 -18.30 -28.20 26.15
N ASP E 246 -18.19 -27.40 27.21
CA ASP E 246 -17.82 -27.89 28.53
C ASP E 246 -18.91 -27.52 29.53
N ILE E 247 -19.49 -28.54 30.17
CA ILE E 247 -20.54 -28.36 31.16
C ILE E 247 -20.15 -29.11 32.43
N SER E 248 -18.85 -29.19 32.69
CA SER E 248 -18.32 -30.01 33.78
C SER E 248 -18.66 -29.41 35.14
N PHE E 249 -18.50 -30.25 36.17
CA PHE E 249 -18.57 -29.83 37.56
C PHE E 249 -19.92 -29.19 37.88
N ASN E 250 -20.99 -29.85 37.47
CA ASN E 250 -22.35 -29.40 37.72
C ASN E 250 -23.12 -30.52 38.41
N ARG E 251 -24.37 -30.21 38.79
CA ARG E 251 -25.28 -31.19 39.34
C ARG E 251 -26.33 -31.63 38.32
N LEU E 252 -25.94 -31.63 37.04
CA LEU E 252 -26.87 -31.98 35.96
C LEU E 252 -27.18 -33.47 35.97
N SER E 253 -28.47 -33.80 35.93
CA SER E 253 -28.93 -35.18 35.87
C SER E 253 -29.62 -35.44 34.55
N GLY E 254 -29.66 -36.70 34.15
CA GLY E 254 -30.36 -37.10 32.95
C GLY E 254 -29.47 -37.80 31.94
N PRO E 255 -30.06 -38.22 30.82
CA PRO E 255 -29.28 -38.86 29.77
C PRO E 255 -28.75 -37.86 28.75
N LEU E 256 -27.61 -38.19 28.16
CA LEU E 256 -27.10 -37.42 27.04
C LEU E 256 -27.95 -37.68 25.81
N PRO E 257 -28.47 -36.65 25.15
CA PRO E 257 -29.29 -36.86 23.96
C PRO E 257 -28.46 -37.41 22.81
N SER E 258 -29.11 -38.23 21.99
CA SER E 258 -28.45 -38.77 20.81
C SER E 258 -28.11 -37.69 19.79
N SER E 259 -28.65 -36.48 19.95
CA SER E 259 -28.38 -35.39 19.02
C SER E 259 -26.97 -34.82 19.16
N ILE E 260 -26.18 -35.30 20.12
CA ILE E 260 -24.81 -34.78 20.28
C ILE E 260 -23.99 -35.03 19.03
N GLY E 261 -24.28 -36.11 18.30
CA GLY E 261 -23.56 -36.44 17.08
C GLY E 261 -23.71 -35.41 15.98
N ASN E 262 -24.69 -34.51 16.10
CA ASN E 262 -24.89 -33.45 15.12
C ASN E 262 -23.90 -32.30 15.28
N MET E 263 -23.07 -32.31 16.33
CA MET E 263 -22.11 -31.25 16.59
C MET E 263 -20.86 -31.50 15.75
N LYS E 264 -21.01 -31.27 14.44
CA LYS E 264 -20.00 -31.74 13.49
C LYS E 264 -18.64 -31.11 13.73
N SER E 265 -18.60 -29.87 14.23
CA SER E 265 -17.33 -29.20 14.49
C SER E 265 -16.82 -29.41 15.91
N LEU E 266 -17.47 -30.24 16.71
CA LEU E 266 -17.10 -30.40 18.11
C LEU E 266 -15.71 -31.03 18.23
N GLU E 267 -14.81 -30.30 18.86
CA GLU E 267 -13.43 -30.75 19.09
C GLU E 267 -13.18 -31.11 20.54
N GLN E 268 -13.63 -30.27 21.47
CA GLN E 268 -13.47 -30.49 22.91
C GLN E 268 -14.84 -30.67 23.52
N LEU E 269 -15.10 -31.86 24.05
CA LEU E 269 -16.35 -32.16 24.74
C LEU E 269 -16.01 -32.67 26.14
N ASN E 270 -16.40 -31.89 27.15
CA ASN E 270 -16.13 -32.22 28.54
C ASN E 270 -17.45 -32.22 29.29
N VAL E 271 -17.85 -33.40 29.79
CA VAL E 271 -19.16 -33.56 30.43
C VAL E 271 -18.94 -34.16 31.82
N ALA E 272 -17.71 -34.06 32.34
CA ALA E 272 -17.34 -34.76 33.55
C ALA E 272 -17.97 -34.12 34.79
N ASN E 273 -17.96 -34.88 35.90
CA ASN E 273 -18.36 -34.39 37.21
C ASN E 273 -19.79 -33.86 37.21
N ASN E 274 -20.72 -34.77 36.92
CA ASN E 274 -22.14 -34.48 36.86
C ASN E 274 -22.93 -35.64 37.45
N ARG E 275 -24.18 -35.81 37.02
CA ARG E 275 -25.06 -36.84 37.54
C ARG E 275 -25.86 -37.44 36.41
N PHE E 276 -25.19 -37.64 35.27
CA PHE E 276 -25.85 -38.15 34.07
C PHE E 276 -26.00 -39.67 34.12
N THR E 277 -27.22 -40.14 33.86
CA THR E 277 -27.57 -41.55 33.72
C THR E 277 -27.48 -41.96 32.26
N GLY E 278 -28.06 -43.10 31.91
CA GLY E 278 -28.09 -43.59 30.54
C GLY E 278 -26.76 -43.85 29.86
N VAL E 279 -26.82 -44.41 28.64
CA VAL E 279 -25.65 -44.84 27.90
C VAL E 279 -25.27 -43.80 26.85
N ILE E 280 -23.98 -43.47 26.81
CA ILE E 280 -23.36 -42.60 25.79
C ILE E 280 -23.89 -42.94 24.41
N PRO E 281 -24.64 -42.04 23.78
CA PRO E 281 -25.24 -42.36 22.47
C PRO E 281 -24.20 -42.74 21.44
N SER E 282 -24.40 -43.90 20.81
CA SER E 282 -23.54 -44.38 19.75
C SER E 282 -23.42 -43.40 18.59
N SER E 283 -24.20 -42.31 18.59
CA SER E 283 -24.16 -41.33 17.51
C SER E 283 -22.93 -40.44 17.57
N ILE E 284 -22.11 -40.55 18.63
CA ILE E 284 -20.88 -39.78 18.73
C ILE E 284 -19.89 -40.14 17.65
N CYS E 285 -20.12 -41.24 16.92
CA CYS E 285 -19.24 -41.60 15.81
C CYS E 285 -19.27 -40.54 14.72
N GLN E 286 -20.37 -39.79 14.62
CA GLN E 286 -20.47 -38.76 13.60
C GLN E 286 -19.54 -37.60 13.89
N LEU E 287 -19.04 -37.49 15.12
CA LEU E 287 -18.19 -36.38 15.52
C LEU E 287 -16.78 -36.67 14.99
N SER E 288 -16.47 -36.13 13.81
CA SER E 288 -15.18 -36.40 13.20
C SER E 288 -14.07 -35.49 13.71
N ASN E 289 -14.41 -34.26 14.09
CA ASN E 289 -13.43 -33.31 14.60
C ASN E 289 -13.07 -33.56 16.07
N LEU E 290 -13.76 -34.49 16.73
CA LEU E 290 -13.55 -34.70 18.16
C LEU E 290 -12.09 -35.05 18.45
N GLU E 291 -11.49 -34.31 19.38
CA GLU E 291 -10.10 -34.49 19.77
C GLU E 291 -9.92 -34.89 21.23
N ASN E 292 -10.78 -34.40 22.12
CA ASN E 292 -10.73 -34.71 23.54
C ASN E 292 -12.16 -34.81 24.06
N PHE E 293 -12.49 -35.97 24.64
CA PHE E 293 -13.81 -36.24 25.18
C PHE E 293 -13.69 -36.81 26.58
N THR E 294 -14.42 -36.24 27.53
CA THR E 294 -14.31 -36.59 28.94
C THR E 294 -15.70 -36.69 29.53
N TYR E 295 -16.05 -37.88 30.04
CA TYR E 295 -17.35 -38.16 30.64
C TYR E 295 -17.17 -38.93 31.95
N SER E 296 -16.43 -38.35 32.88
CA SER E 296 -16.01 -39.05 34.09
C SER E 296 -16.73 -38.49 35.30
N SER E 297 -16.80 -39.31 36.36
CA SER E 297 -17.57 -38.99 37.57
C SER E 297 -19.05 -38.79 37.24
N ASN E 298 -19.58 -39.65 36.38
CA ASN E 298 -20.99 -39.69 36.02
C ASN E 298 -21.57 -41.05 36.36
N PHE E 299 -22.90 -41.13 36.38
CA PHE E 299 -23.60 -42.37 36.70
C PHE E 299 -24.07 -43.08 35.43
N PHE E 300 -23.09 -43.39 34.56
CA PHE E 300 -23.36 -44.04 33.28
C PHE E 300 -23.42 -45.56 33.44
N THR E 301 -24.39 -46.18 32.78
CA THR E 301 -24.48 -47.64 32.78
C THR E 301 -23.64 -48.27 31.67
N GLY E 302 -23.47 -47.56 30.56
CA GLY E 302 -22.62 -48.02 29.47
C GLY E 302 -22.25 -46.85 28.61
N ASP E 303 -21.12 -46.98 27.90
CA ASP E 303 -20.66 -45.91 27.03
C ASP E 303 -20.65 -46.27 25.56
N ALA E 304 -20.23 -47.49 25.22
CA ALA E 304 -20.16 -47.99 23.85
C ALA E 304 -19.61 -46.96 22.86
N PRO E 305 -18.39 -46.39 23.08
CA PRO E 305 -17.77 -45.52 22.09
C PRO E 305 -16.91 -46.33 21.11
N ARG E 306 -17.50 -47.37 20.53
CA ARG E 306 -16.79 -48.31 19.68
C ARG E 306 -16.49 -47.75 18.31
N CYS E 307 -16.58 -46.42 18.16
CA CYS E 307 -16.32 -45.77 16.89
C CYS E 307 -14.92 -46.11 16.38
N VAL E 308 -14.78 -46.11 15.05
CA VAL E 308 -13.46 -46.20 14.46
C VAL E 308 -12.69 -44.89 14.65
N ALA E 309 -13.41 -43.80 14.92
CA ALA E 309 -12.75 -42.52 15.14
C ALA E 309 -11.85 -42.55 16.36
N LEU E 310 -12.19 -43.35 17.38
CA LEU E 310 -11.32 -43.48 18.55
C LEU E 310 -9.99 -44.16 18.20
N LEU E 311 -9.93 -44.90 17.10
CA LEU E 311 -8.66 -45.49 16.69
C LEU E 311 -7.68 -44.42 16.25
N GLY E 312 -8.16 -43.25 15.83
CA GLY E 312 -7.29 -42.16 15.42
C GLY E 312 -7.46 -40.92 16.25
N VAL E 315 -7.92 -38.52 20.13
CA VAL E 315 -8.83 -39.52 20.66
C VAL E 315 -9.19 -39.30 22.11
N VAL E 316 -8.29 -38.71 22.88
CA VAL E 316 -8.19 -38.90 24.32
C VAL E 316 -9.56 -38.96 24.97
N VAL E 317 -9.82 -40.06 25.69
CA VAL E 317 -11.08 -40.31 26.37
C VAL E 317 -10.77 -40.71 27.81
N ASN E 318 -11.48 -40.09 28.76
CA ASN E 318 -11.36 -40.49 30.16
C ASN E 318 -12.75 -40.80 30.67
N GLY E 319 -13.04 -42.09 30.88
CA GLY E 319 -14.33 -42.50 31.43
C GLY E 319 -14.21 -43.15 32.79
N SER E 320 -13.48 -42.52 33.71
CA SER E 320 -13.14 -43.13 34.97
C SER E 320 -14.12 -42.71 36.06
N MET E 321 -14.37 -43.63 37.00
CA MET E 321 -15.37 -43.45 38.05
C MET E 321 -16.72 -43.11 37.41
N ASN E 322 -17.28 -44.10 36.72
CA ASN E 322 -18.47 -43.82 35.94
C ASN E 322 -19.56 -44.89 36.05
N CYS E 323 -19.43 -45.86 36.97
CA CYS E 323 -20.47 -46.88 37.22
C CYS E 323 -20.77 -47.70 35.96
N ILE E 324 -19.77 -47.88 35.08
CA ILE E 324 -19.89 -48.71 33.87
C ILE E 324 -19.44 -50.14 34.13
N ASP E 325 -20.17 -51.07 33.53
CA ASP E 325 -19.85 -52.50 33.62
C ASP E 325 -18.73 -52.83 32.63
N GLY E 326 -17.59 -53.31 33.14
CA GLY E 326 -16.53 -53.81 32.28
C GLY E 326 -15.26 -52.99 32.24
N LYS E 327 -15.21 -51.85 32.92
CA LYS E 327 -14.01 -51.03 33.00
C LYS E 327 -13.45 -51.04 34.41
N GLU E 328 -12.13 -50.91 34.51
CA GLU E 328 -11.41 -51.05 35.77
C GLU E 328 -11.22 -49.73 36.51
N ASP E 329 -11.84 -48.66 36.04
CA ASP E 329 -11.72 -47.34 36.66
C ASP E 329 -13.09 -46.83 37.05
N GLN E 330 -13.89 -47.63 37.75
CA GLN E 330 -15.26 -47.24 37.99
C GLN E 330 -15.56 -47.09 39.48
N ARG E 331 -16.75 -46.56 39.76
CA ARG E 331 -17.21 -46.33 41.12
C ARG E 331 -17.51 -47.65 41.83
N SER E 332 -17.80 -47.53 43.13
CA SER E 332 -18.16 -48.67 43.95
C SER E 332 -19.63 -49.02 43.77
N SER E 333 -19.99 -50.24 44.17
CA SER E 333 -21.37 -50.70 44.00
C SER E 333 -22.35 -49.91 44.85
N LYS E 334 -21.90 -49.33 45.96
CA LYS E 334 -22.73 -48.45 46.76
C LYS E 334 -23.14 -47.23 45.94
N GLU E 335 -22.17 -46.38 45.59
CA GLU E 335 -22.45 -45.15 44.86
C GLU E 335 -23.06 -45.44 43.49
N CYS E 336 -22.76 -46.60 42.91
CA CYS E 336 -23.35 -47.01 41.64
C CYS E 336 -24.79 -47.50 41.79
N SER E 337 -25.24 -47.74 43.01
CA SER E 337 -26.58 -48.21 43.37
C SER E 337 -27.17 -47.25 44.39
N SER E 338 -27.01 -45.96 44.12
CA SER E 338 -27.33 -44.84 44.99
C SER E 338 -28.48 -44.02 44.42
N PRO E 339 -29.04 -43.07 45.20
CA PRO E 339 -30.20 -42.29 44.73
C PRO E 339 -29.98 -41.50 43.44
N ALA E 340 -28.80 -41.61 42.83
CA ALA E 340 -28.55 -41.00 41.53
C ALA E 340 -29.04 -41.92 40.40
N ARG E 342 -30.06 -42.72 40.69
CA ARG E 342 -30.59 -43.75 39.81
C ARG E 342 -31.00 -43.23 38.42
N SER E 343 -32.05 -42.41 38.32
CA SER E 343 -32.50 -41.86 37.05
C SER E 343 -33.62 -40.83 37.27
N VAL E 344 -33.70 -39.83 36.40
CA VAL E 344 -34.61 -38.70 36.59
C VAL E 344 -35.60 -38.59 35.43
N ASP E 345 -36.72 -37.93 35.72
CA ASP E 345 -37.79 -37.72 34.75
C ASP E 345 -37.45 -36.63 33.73
N CYS E 346 -36.66 -35.63 34.14
CA CYS E 346 -36.31 -34.42 33.39
C CYS E 346 -37.49 -33.46 33.28
N SER E 347 -38.66 -33.88 33.74
CA SER E 347 -39.79 -32.97 33.89
C SER E 347 -40.15 -32.72 35.35
N LYS E 348 -39.63 -33.55 36.26
CA LYS E 348 -39.74 -33.31 37.70
C LYS E 348 -38.92 -32.11 38.15
N PHE E 349 -38.31 -31.39 37.22
CA PHE E 349 -37.58 -30.17 37.49
C PHE E 349 -38.38 -29.02 36.88
N GLY E 350 -38.11 -27.81 37.35
CA GLY E 350 -38.95 -26.70 36.96
C GLY E 350 -38.33 -25.91 35.83
N CYS E 351 -37.65 -26.63 34.95
CA CYS E 351 -36.94 -26.05 33.82
C CYS E 351 -37.71 -26.31 32.54
N ASN E 352 -37.98 -25.25 31.79
CA ASN E 352 -38.54 -25.36 30.44
C ASN E 352 -37.40 -25.12 29.46
N ASN E 353 -36.64 -26.18 29.20
CA ASN E 353 -35.52 -26.12 28.27
C ASN E 353 -35.67 -27.08 27.09
N PHE E 354 -36.74 -27.87 27.05
CA PHE E 354 -37.09 -28.65 25.87
C PHE E 354 -38.58 -28.52 25.62
N PHE E 355 -38.94 -28.17 24.38
CA PHE E 355 -40.34 -28.03 23.99
C PHE E 355 -40.86 -29.24 23.23
N SER E 356 -39.97 -30.06 22.67
CA SER E 356 -40.41 -31.34 22.14
C SER E 356 -40.05 -32.44 23.12
N PRO E 357 -40.93 -33.43 23.33
CA PRO E 357 -40.60 -34.53 24.22
C PRO E 357 -39.33 -35.24 23.77
N LEU E 358 -38.43 -35.46 24.73
CA LEU E 358 -37.09 -35.94 24.42
C LEU E 358 -37.10 -37.43 24.13
N GLU E 359 -36.24 -37.85 23.20
CA GLU E 359 -36.21 -39.23 22.71
C GLU E 359 -34.82 -39.82 22.80
N VAL F 14 -29.15 16.33 53.15
CA VAL F 14 -29.97 15.19 53.52
C VAL F 14 -30.73 15.63 54.79
N ASP F 15 -30.95 14.70 55.73
CA ASP F 15 -31.53 14.96 57.04
C ASP F 15 -32.94 15.52 56.97
N PRO F 16 -33.91 14.84 56.33
CA PRO F 16 -35.27 15.39 56.27
C PRO F 16 -36.06 15.08 57.53
N SER F 17 -36.26 16.11 58.36
CA SER F 17 -37.14 16.06 59.53
C SER F 17 -36.88 14.81 60.39
N LEU F 18 -35.64 14.67 60.83
CA LEU F 18 -35.23 13.55 61.66
C LEU F 18 -34.83 14.08 63.02
N LYS F 19 -35.45 13.56 64.07
CA LYS F 19 -35.11 13.94 65.43
C LYS F 19 -33.97 13.09 65.96
N PHE F 20 -32.97 13.73 66.55
CA PHE F 20 -31.78 13.07 67.08
C PHE F 20 -31.68 13.31 68.59
N GLU F 21 -31.09 12.35 69.29
CA GLU F 21 -30.93 12.48 70.73
C GLU F 21 -30.00 13.63 71.08
N ASN F 22 -28.92 13.79 70.32
CA ASN F 22 -27.92 14.82 70.61
C ASN F 22 -27.23 15.19 69.31
N PRO F 23 -26.57 16.35 69.26
CA PRO F 23 -25.86 16.73 68.02
C PRO F 23 -24.75 15.79 67.63
N SER F 24 -24.23 14.98 68.57
CA SER F 24 -23.15 14.06 68.23
C SER F 24 -23.65 12.91 67.36
N LEU F 25 -24.79 12.32 67.73
CA LEU F 25 -25.33 11.22 66.94
C LEU F 25 -25.79 11.68 65.56
N ARG F 26 -26.18 12.95 65.43
CA ARG F 26 -26.52 13.48 64.11
C ARG F 26 -25.30 13.53 63.20
N GLN F 27 -24.16 13.97 63.74
CA GLN F 27 -22.92 13.92 62.97
C GLN F 27 -22.57 12.49 62.60
N ALA F 28 -22.85 11.54 63.50
CA ALA F 28 -22.61 10.13 63.20
C ALA F 28 -23.52 9.66 62.07
N TYR F 29 -24.78 10.10 62.07
CA TYR F 29 -25.69 9.72 60.99
C TYR F 29 -25.21 10.25 59.65
N ILE F 30 -24.66 11.47 59.62
CA ILE F 30 -24.08 12.01 58.39
C ILE F 30 -22.89 11.17 57.96
N ALA F 31 -22.04 10.77 58.91
CA ALA F 31 -20.85 10.00 58.57
C ALA F 31 -21.21 8.60 58.08
N LEU F 32 -22.16 7.94 58.75
CA LEU F 32 -22.47 6.55 58.41
C LEU F 32 -23.21 6.46 57.08
N GLN F 33 -24.14 7.38 56.83
CA GLN F 33 -24.83 7.37 55.54
C GLN F 33 -23.87 7.68 54.40
N SER F 34 -22.89 8.54 54.65
CA SER F 34 -21.84 8.77 53.67
C SER F 34 -21.02 7.51 53.42
N TRP F 35 -20.73 6.75 54.48
CA TRP F 35 -19.96 5.53 54.34
C TRP F 35 -20.81 4.36 53.89
N LYS F 36 -22.14 4.42 54.09
CA LYS F 36 -23.01 3.44 53.47
C LYS F 36 -22.98 3.59 51.95
N GLN F 37 -22.89 4.83 51.45
CA GLN F 37 -22.73 5.06 50.03
C GLN F 37 -21.36 4.63 49.52
N ALA F 38 -20.36 4.53 50.40
CA ALA F 38 -19.04 4.06 50.01
C ALA F 38 -18.95 2.54 49.96
N ILE F 39 -19.93 1.83 50.53
CA ILE F 39 -19.93 0.38 50.58
C ILE F 39 -20.61 -0.16 49.32
N PHE F 40 -19.95 -1.08 48.63
CA PHE F 40 -20.46 -1.61 47.38
C PHE F 40 -21.00 -3.03 47.48
N SER F 41 -20.58 -3.79 48.50
CA SER F 41 -21.04 -5.16 48.68
C SER F 41 -21.17 -5.44 50.17
N ASP F 42 -22.34 -5.95 50.57
CA ASP F 42 -22.63 -6.25 51.97
C ASP F 42 -23.23 -7.65 52.03
N PRO F 43 -22.40 -8.69 52.08
CA PRO F 43 -22.94 -10.06 52.08
C PRO F 43 -23.79 -10.39 53.30
N PHE F 44 -23.39 -9.95 54.49
CA PHE F 44 -24.12 -10.29 55.71
C PHE F 44 -25.04 -9.16 56.15
N ASN F 45 -25.66 -8.47 55.19
CA ASN F 45 -26.60 -7.38 55.37
C ASN F 45 -26.42 -6.59 56.67
N PHE F 46 -25.26 -5.96 56.85
CA PHE F 46 -25.02 -5.10 58.00
C PHE F 46 -25.66 -3.73 57.81
N THR F 47 -25.55 -3.17 56.60
CA THR F 47 -26.10 -1.84 56.33
C THR F 47 -27.61 -1.83 56.20
N ALA F 48 -28.26 -2.98 56.38
CA ALA F 48 -29.71 -3.03 56.28
C ALA F 48 -30.37 -2.15 57.34
N ASN F 49 -29.79 -2.10 58.54
CA ASN F 49 -30.35 -1.27 59.60
C ASN F 49 -30.01 0.20 59.47
N TRP F 50 -29.13 0.58 58.54
CA TRP F 50 -28.67 1.97 58.50
C TRP F 50 -29.67 2.86 57.77
N ASN F 51 -30.93 2.84 58.21
CA ASN F 51 -31.97 3.68 57.62
C ASN F 51 -32.50 4.71 58.60
N GLY F 52 -33.00 4.28 59.76
CA GLY F 52 -33.59 5.17 60.73
C GLY F 52 -32.64 6.20 61.31
N SER F 53 -33.15 7.02 62.22
CA SER F 53 -32.33 8.01 62.90
C SER F 53 -31.72 7.48 64.18
N ASP F 54 -32.13 6.29 64.63
CA ASP F 54 -31.55 5.66 65.82
C ASP F 54 -30.22 5.03 65.40
N VAL F 55 -29.18 5.86 65.38
CA VAL F 55 -27.87 5.44 64.91
C VAL F 55 -27.34 4.28 65.75
N CYS F 56 -27.65 4.25 67.04
CA CYS F 56 -27.12 3.23 67.93
C CYS F 56 -27.63 1.84 67.58
N SER F 57 -28.75 1.73 66.88
CA SER F 57 -29.29 0.44 66.47
C SER F 57 -28.59 -0.12 65.23
N TYR F 58 -27.76 0.66 64.56
CA TYR F 58 -27.12 0.20 63.34
C TYR F 58 -26.18 -0.97 63.61
N ASN F 59 -26.16 -1.94 62.70
CA ASN F 59 -25.26 -3.07 62.82
C ASN F 59 -23.81 -2.60 62.76
N GLY F 60 -22.99 -3.09 63.69
CA GLY F 60 -21.59 -2.73 63.75
C GLY F 60 -21.27 -1.42 64.43
N ILE F 61 -22.27 -0.61 64.77
CA ILE F 61 -22.07 0.65 65.48
C ILE F 61 -22.46 0.46 66.93
N PHE F 62 -21.62 0.94 67.83
CA PHE F 62 -21.74 0.68 69.26
C PHE F 62 -21.64 2.00 70.01
N CYS F 63 -22.72 2.36 70.70
CA CYS F 63 -22.76 3.61 71.45
C CYS F 63 -22.34 3.39 72.89
N ALA F 64 -21.94 4.49 73.53
CA ALA F 64 -21.51 4.48 74.92
C ALA F 64 -21.56 5.90 75.45
N PRO F 65 -21.65 6.09 76.76
CA PRO F 65 -21.63 7.45 77.31
C PRO F 65 -20.31 8.14 77.01
N SER F 66 -20.40 9.35 76.48
CA SER F 66 -19.19 10.12 76.17
C SER F 66 -18.48 10.49 77.48
N PRO F 67 -17.17 10.32 77.57
CA PRO F 67 -16.47 10.77 78.78
C PRO F 67 -16.51 12.28 78.96
N SER F 68 -16.58 13.04 77.86
CA SER F 68 -16.69 14.50 77.98
C SER F 68 -18.04 14.89 78.57
N SER F 69 -19.11 14.19 78.19
CA SER F 69 -20.43 14.42 78.77
C SER F 69 -21.13 13.07 78.84
N PRO F 70 -21.15 12.43 80.02
CA PRO F 70 -21.75 11.09 80.13
C PRO F 70 -23.23 11.05 79.81
N LYS F 71 -23.94 12.17 79.94
CA LYS F 71 -25.37 12.17 79.64
C LYS F 71 -25.63 12.01 78.14
N THR F 72 -24.72 12.51 77.30
CA THR F 72 -24.85 12.43 75.85
C THR F 72 -24.31 11.09 75.36
N ARG F 73 -25.15 10.32 74.68
CA ARG F 73 -24.70 9.08 74.05
C ARG F 73 -24.02 9.37 72.73
N VAL F 74 -22.91 8.66 72.48
CA VAL F 74 -22.09 8.89 71.30
C VAL F 74 -21.64 7.55 70.72
N VAL F 75 -21.28 7.58 69.44
CA VAL F 75 -20.77 6.39 68.76
C VAL F 75 -19.33 6.17 69.19
N ALA F 76 -19.12 5.14 70.01
CA ALA F 76 -17.80 4.88 70.60
C ALA F 76 -16.98 3.88 69.80
N GLY F 77 -17.62 2.98 69.06
CA GLY F 77 -16.89 1.95 68.34
C GLY F 77 -17.62 1.51 67.09
N ILE F 78 -16.83 1.04 66.13
CA ILE F 78 -17.34 0.41 64.91
C ILE F 78 -16.58 -0.90 64.73
N ASP F 79 -17.32 -2.00 64.67
CA ASP F 79 -16.75 -3.34 64.54
C ASP F 79 -17.49 -4.07 63.43
N LEU F 80 -16.86 -4.17 62.28
CA LEU F 80 -17.39 -4.89 61.12
C LEU F 80 -16.48 -6.05 60.75
N ASN F 81 -15.87 -6.67 61.75
CA ASN F 81 -14.96 -7.79 61.49
C ASN F 81 -15.72 -8.93 60.84
N HIS F 82 -15.09 -9.55 59.84
CA HIS F 82 -15.61 -10.73 59.14
C HIS F 82 -16.88 -10.45 58.35
N ALA F 83 -17.28 -9.19 58.21
CA ALA F 83 -18.43 -8.83 57.41
C ALA F 83 -18.21 -8.96 55.90
N ASP F 84 -16.96 -9.13 55.47
CA ASP F 84 -16.59 -9.23 54.06
C ASP F 84 -17.22 -8.11 53.23
N MET F 85 -17.14 -6.89 53.75
CA MET F 85 -17.74 -5.74 53.09
C MET F 85 -16.73 -5.12 52.13
N ALA F 86 -17.21 -4.66 50.99
CA ALA F 86 -16.35 -4.10 49.96
C ALA F 86 -16.69 -2.64 49.73
N GLY F 87 -15.67 -1.82 49.59
CA GLY F 87 -15.85 -0.39 49.43
C GLY F 87 -14.56 0.34 49.77
N TYR F 88 -14.72 1.61 50.12
CA TYR F 88 -13.62 2.44 50.60
C TYR F 88 -14.06 3.22 51.82
N LEU F 89 -13.08 3.84 52.48
CA LEU F 89 -13.35 4.64 53.67
C LEU F 89 -13.46 6.10 53.28
N PRO F 90 -14.63 6.71 53.31
CA PRO F 90 -14.79 8.09 52.82
C PRO F 90 -14.22 9.09 53.82
N ARG F 91 -14.08 10.33 53.34
CA ARG F 91 -13.57 11.39 54.19
C ARG F 91 -14.51 11.71 55.35
N GLU F 92 -15.80 11.45 55.17
CA GLU F 92 -16.80 11.84 56.17
C GLU F 92 -16.74 10.99 57.43
N LEU F 93 -15.95 9.90 57.43
CA LEU F 93 -15.80 9.12 58.65
C LEU F 93 -15.05 9.90 59.72
N GLY F 94 -14.31 10.94 59.35
CA GLY F 94 -13.65 11.78 60.32
C GLY F 94 -14.60 12.55 61.22
N LEU F 95 -15.89 12.60 60.88
CA LEU F 95 -16.88 13.21 61.75
C LEU F 95 -17.15 12.39 62.99
N LEU F 96 -16.65 11.16 63.02
CA LEU F 96 -16.83 10.23 64.14
C LEU F 96 -15.74 10.43 65.19
N THR F 97 -15.69 11.66 65.73
CA THR F 97 -14.63 12.06 66.64
C THR F 97 -14.63 11.28 67.96
N ASP F 98 -15.78 10.74 68.37
CA ASP F 98 -15.90 10.06 69.65
C ASP F 98 -15.47 8.60 69.63
N LEU F 99 -14.92 8.10 68.51
CA LEU F 99 -14.54 6.70 68.43
C LEU F 99 -13.33 6.37 69.28
N ALA F 100 -13.38 5.19 69.89
CA ALA F 100 -12.29 4.63 70.68
C ALA F 100 -11.72 3.37 70.05
N LEU F 101 -12.53 2.61 69.31
CA LEU F 101 -12.07 1.42 68.60
C LEU F 101 -12.66 1.42 67.21
N PHE F 102 -11.95 0.76 66.28
CA PHE F 102 -12.37 0.73 64.89
C PHE F 102 -11.85 -0.58 64.29
N HIS F 103 -12.74 -1.54 64.06
CA HIS F 103 -12.38 -2.89 63.69
C HIS F 103 -12.91 -3.21 62.31
N LEU F 104 -12.01 -3.58 61.39
CA LEU F 104 -12.39 -3.93 60.02
C LEU F 104 -11.64 -5.16 59.53
N ASN F 105 -11.49 -6.17 60.38
CA ASN F 105 -10.80 -7.37 59.95
C ASN F 105 -11.65 -8.16 58.96
N SER F 106 -10.97 -8.79 58.00
CA SER F 106 -11.58 -9.72 57.06
C SER F 106 -12.69 -9.06 56.25
N ASN F 107 -12.43 -7.85 55.77
CA ASN F 107 -13.30 -7.15 54.84
C ASN F 107 -12.61 -6.99 53.48
N ARG F 108 -13.26 -6.27 52.57
CA ARG F 108 -12.75 -5.99 51.24
C ARG F 108 -12.68 -4.50 50.97
N PHE F 109 -12.33 -3.72 51.99
CA PHE F 109 -12.17 -2.29 51.82
C PHE F 109 -10.82 -2.01 51.17
N CYS F 110 -10.84 -1.25 50.08
CA CYS F 110 -9.66 -0.93 49.30
C CYS F 110 -9.38 0.56 49.38
N GLY F 111 -8.31 0.98 48.71
CA GLY F 111 -7.94 2.38 48.71
C GLY F 111 -6.93 2.74 49.78
N GLU F 112 -6.94 3.99 50.20
CA GLU F 112 -6.01 4.51 51.19
C GLU F 112 -6.77 5.04 52.39
N VAL F 113 -6.10 5.05 53.54
CA VAL F 113 -6.72 5.53 54.79
C VAL F 113 -6.98 7.04 54.67
N PRO F 114 -8.19 7.51 54.94
CA PRO F 114 -8.49 8.93 54.73
C PRO F 114 -7.71 9.82 55.70
N LEU F 115 -7.36 11.01 55.21
CA LEU F 115 -6.60 11.96 56.01
C LEU F 115 -7.42 12.47 57.20
N THR F 116 -8.74 12.35 57.16
CA THR F 116 -9.60 12.94 58.19
C THR F 116 -9.60 12.15 59.49
N PHE F 117 -8.97 10.98 59.54
CA PHE F 117 -8.91 10.24 60.80
C PHE F 117 -8.10 10.96 61.87
N LYS F 118 -7.32 11.98 61.49
CA LYS F 118 -6.58 12.77 62.48
C LYS F 118 -7.51 13.42 63.50
N HIS F 119 -8.79 13.59 63.15
CA HIS F 119 -9.79 14.17 64.03
C HIS F 119 -10.27 13.18 65.09
N MET F 120 -9.94 11.89 64.96
CA MET F 120 -10.32 10.87 65.93
C MET F 120 -9.35 10.90 67.10
N LYS F 121 -9.50 11.93 67.92
CA LYS F 121 -8.56 12.15 69.01
C LYS F 121 -8.63 11.04 70.05
N LEU F 122 -9.82 10.45 70.26
CA LEU F 122 -10.01 9.42 71.26
C LEU F 122 -9.81 8.01 70.73
N LEU F 123 -9.47 7.85 69.45
CA LEU F 123 -9.30 6.51 68.89
C LEU F 123 -8.14 5.79 69.55
N PHE F 124 -8.44 4.64 70.15
CA PHE F 124 -7.48 3.85 70.91
C PHE F 124 -7.03 2.60 70.18
N GLU F 125 -7.95 1.90 69.51
CA GLU F 125 -7.67 0.66 68.80
C GLU F 125 -8.01 0.86 67.33
N LEU F 126 -7.10 0.47 66.45
CA LEU F 126 -7.31 0.62 65.01
C LEU F 126 -6.93 -0.70 64.34
N ASP F 127 -7.93 -1.41 63.81
CA ASP F 127 -7.72 -2.70 63.18
C ASP F 127 -8.21 -2.65 61.74
N LEU F 128 -7.28 -2.63 60.79
CA LEU F 128 -7.57 -2.67 59.36
C LEU F 128 -6.98 -3.92 58.73
N SER F 129 -6.89 -4.99 59.50
CA SER F 129 -6.24 -6.21 59.02
C SER F 129 -7.10 -6.89 57.96
N ASN F 130 -6.42 -7.63 57.08
CA ASN F 130 -7.05 -8.47 56.06
C ASN F 130 -8.06 -7.65 55.24
N ASN F 131 -7.51 -6.69 54.51
CA ASN F 131 -8.29 -5.81 53.64
C ASN F 131 -7.51 -5.63 52.34
N ARG F 132 -7.94 -4.65 51.54
CA ARG F 132 -7.33 -4.39 50.25
C ARG F 132 -6.73 -3.00 50.17
N PHE F 133 -6.28 -2.47 51.31
CA PHE F 133 -5.64 -1.15 51.33
C PHE F 133 -4.31 -1.18 50.60
N VAL F 134 -4.05 -0.13 49.82
CA VAL F 134 -2.85 0.00 49.01
C VAL F 134 -2.26 1.39 49.23
N GLY F 135 -1.14 1.65 48.56
CA GLY F 135 -0.45 2.91 48.70
C GLY F 135 0.62 2.87 49.76
N LYS F 136 1.28 4.01 49.95
CA LYS F 136 2.32 4.10 50.96
C LYS F 136 1.70 4.04 52.36
N PHE F 137 2.56 3.80 53.35
CA PHE F 137 2.12 3.67 54.73
C PHE F 137 1.35 4.92 55.15
N PRO F 138 0.15 4.79 55.71
CA PRO F 138 -0.65 5.97 56.04
C PRO F 138 -0.10 6.74 57.22
N ASN F 139 0.53 7.89 56.97
CA ASN F 139 1.05 8.70 58.06
C ASN F 139 -0.05 9.28 58.93
N VAL F 140 -1.32 9.09 58.56
CA VAL F 140 -2.43 9.63 59.34
C VAL F 140 -2.49 8.96 60.71
N VAL F 141 -2.19 7.66 60.76
CA VAL F 141 -2.26 6.91 62.01
C VAL F 141 -1.27 7.44 63.03
N LEU F 142 -0.21 8.12 62.58
CA LEU F 142 0.76 8.68 63.51
C LEU F 142 0.18 9.88 64.27
N SER F 143 -0.78 10.58 63.66
CA SER F 143 -1.38 11.75 64.29
C SER F 143 -2.37 11.39 65.39
N LEU F 144 -2.82 10.14 65.44
CA LEU F 144 -3.79 9.71 66.43
C LEU F 144 -3.20 9.80 67.84
N PRO F 145 -3.72 10.68 68.70
CA PRO F 145 -3.10 10.87 70.02
C PRO F 145 -3.25 9.67 70.93
N SER F 146 -4.47 9.14 71.04
CA SER F 146 -4.79 8.08 71.99
C SER F 146 -4.48 6.69 71.43
N LEU F 147 -3.94 6.60 70.22
CA LEU F 147 -3.72 5.30 69.59
C LEU F 147 -2.64 4.53 70.33
N LYS F 148 -2.94 3.28 70.68
CA LYS F 148 -1.96 2.35 71.23
C LYS F 148 -1.94 1.01 70.52
N PHE F 149 -2.96 0.65 69.74
CA PHE F 149 -3.04 -0.64 69.08
C PHE F 149 -3.26 -0.39 67.59
N LEU F 150 -2.26 -0.71 66.79
CA LEU F 150 -2.29 -0.48 65.34
C LEU F 150 -2.06 -1.79 64.61
N ASP F 151 -3.02 -2.17 63.77
CA ASP F 151 -2.96 -3.44 63.03
C ASP F 151 -3.25 -3.18 61.56
N LEU F 152 -2.24 -3.36 60.71
CA LEU F 152 -2.36 -3.19 59.27
C LEU F 152 -1.89 -4.44 58.53
N ARG F 153 -2.03 -5.60 59.16
CA ARG F 153 -1.57 -6.86 58.58
C ARG F 153 -2.43 -7.28 57.39
N TYR F 154 -1.83 -8.10 56.54
CA TYR F 154 -2.41 -8.60 55.29
C TYR F 154 -3.10 -7.50 54.50
N ASN F 155 -2.28 -6.55 54.05
CA ASN F 155 -2.69 -5.52 53.11
C ASN F 155 -1.60 -5.41 52.05
N GLU F 156 -1.64 -4.33 51.27
CA GLU F 156 -0.67 -4.11 50.20
C GLU F 156 -0.07 -2.71 50.28
N PHE F 157 0.25 -2.29 51.51
CA PHE F 157 0.93 -1.01 51.72
C PHE F 157 2.36 -1.04 51.17
N GLU F 158 2.73 0.02 50.44
CA GLU F 158 4.03 0.10 49.79
C GLU F 158 4.98 1.01 50.56
N GLY F 159 6.24 1.00 50.12
CA GLY F 159 7.23 1.92 50.63
C GLY F 159 7.91 1.44 51.90
N SER F 160 8.71 2.33 52.46
CA SER F 160 9.45 2.05 53.68
C SER F 160 8.60 2.45 54.89
N ILE F 161 8.85 1.78 56.00
CA ILE F 161 8.18 2.11 57.26
C ILE F 161 8.80 3.39 57.80
N PRO F 162 8.01 4.45 58.03
CA PRO F 162 8.59 5.70 58.52
C PRO F 162 9.12 5.54 59.93
N SER F 163 10.25 6.20 60.20
CA SER F 163 10.88 6.10 61.51
C SER F 163 10.02 6.69 62.62
N LYS F 164 9.12 7.61 62.28
CA LYS F 164 8.26 8.22 63.28
C LYS F 164 7.32 7.22 63.94
N LEU F 165 7.03 6.10 63.27
CA LEU F 165 6.18 5.07 63.85
C LEU F 165 6.77 4.50 65.13
N PHE F 166 8.08 4.26 65.14
CA PHE F 166 8.72 3.67 66.30
C PHE F 166 9.07 4.69 67.38
N ASP F 167 8.98 5.99 67.07
CA ASP F 167 9.11 7.00 68.11
C ASP F 167 7.81 7.17 68.89
N LYS F 168 6.67 6.88 68.25
CA LYS F 168 5.38 7.04 68.90
C LYS F 168 5.16 5.95 69.96
N GLU F 169 4.53 6.34 71.06
CA GLU F 169 4.27 5.42 72.17
C GLU F 169 3.07 4.54 71.80
N LEU F 170 3.35 3.30 71.41
CA LEU F 170 2.32 2.34 71.03
C LEU F 170 2.47 1.07 71.85
N ASP F 171 1.38 0.31 71.93
CA ASP F 171 1.39 -0.98 72.60
C ASP F 171 1.72 -2.12 71.65
N ALA F 172 1.09 -2.13 70.48
CA ALA F 172 1.27 -3.23 69.53
C ALA F 172 1.32 -2.69 68.12
N ILE F 173 2.24 -3.22 67.32
CA ILE F 173 2.42 -2.84 65.93
C ILE F 173 2.47 -4.12 65.11
N PHE F 174 1.52 -4.26 64.19
CA PHE F 174 1.44 -5.43 63.34
C PHE F 174 1.48 -4.97 61.89
N LEU F 175 2.52 -5.37 61.16
CA LEU F 175 2.66 -4.95 59.78
C LEU F 175 3.06 -6.10 58.86
N ASN F 176 2.82 -7.34 59.27
CA ASN F 176 3.32 -8.48 58.53
C ASN F 176 2.48 -8.74 57.28
N HIS F 177 3.12 -9.33 56.27
CA HIS F 177 2.45 -9.75 55.03
C HIS F 177 1.76 -8.57 54.36
N ASN F 178 2.44 -7.43 54.36
CA ASN F 178 2.12 -6.31 53.49
C ASN F 178 3.15 -6.28 52.37
N ARG F 179 3.09 -5.27 51.54
CA ARG F 179 4.12 -5.07 50.51
C ARG F 179 5.15 -4.03 50.96
N PHE F 180 5.73 -4.20 52.15
CA PHE F 180 6.72 -3.26 52.63
C PHE F 180 8.12 -3.60 52.12
N MET F 181 8.98 -2.58 52.16
CA MET F 181 10.30 -2.65 51.56
C MET F 181 11.25 -1.78 52.38
N PHE F 182 12.52 -1.83 52.01
CA PHE F 182 13.53 -0.85 52.43
C PHE F 182 13.89 -0.98 53.92
N GLY F 183 13.79 -2.20 54.47
CA GLY F 183 14.38 -2.49 55.76
C GLY F 183 13.68 -1.94 56.98
N ILE F 184 14.14 -2.39 58.14
CA ILE F 184 13.57 -1.97 59.42
C ILE F 184 14.20 -0.64 59.83
N PRO F 185 13.42 0.33 60.29
CA PRO F 185 14.02 1.57 60.80
C PRO F 185 14.93 1.29 61.98
N GLU F 186 16.08 1.98 62.00
CA GLU F 186 17.10 1.74 63.03
C GLU F 186 16.65 2.19 64.42
N ASN F 187 15.57 2.95 64.53
CA ASN F 187 15.04 3.38 65.82
C ASN F 187 14.00 2.43 66.39
N MET F 188 14.10 1.14 66.06
CA MET F 188 13.11 0.16 66.53
C MET F 188 13.04 0.14 68.05
N GLY F 189 14.18 0.36 68.73
CA GLY F 189 14.22 0.28 70.17
C GLY F 189 13.41 1.35 70.89
N ASN F 190 13.08 2.44 70.22
CA ASN F 190 12.35 3.52 70.86
C ASN F 190 10.88 3.19 71.12
N SER F 191 10.34 2.19 70.44
CA SER F 191 8.92 1.89 70.59
C SER F 191 8.70 1.10 71.88
N PRO F 192 7.73 1.51 72.72
CA PRO F 192 7.47 0.78 73.97
C PRO F 192 6.53 -0.40 73.74
N VAL F 193 6.39 -0.82 72.48
CA VAL F 193 5.42 -1.84 72.13
C VAL F 193 5.69 -3.14 72.87
N SER F 194 4.62 -3.79 73.33
CA SER F 194 4.73 -5.11 73.94
C SER F 194 4.72 -6.22 72.90
N ALA F 195 4.05 -6.01 71.77
CA ALA F 195 4.00 -6.97 70.67
C ALA F 195 4.42 -6.27 69.40
N LEU F 196 5.38 -6.87 68.68
CA LEU F 196 5.87 -6.33 67.42
C LEU F 196 5.98 -7.46 66.41
N VAL F 197 5.20 -7.37 65.34
CA VAL F 197 5.21 -8.37 64.28
C VAL F 197 5.42 -7.63 62.96
N LEU F 198 6.59 -7.84 62.36
CA LEU F 198 6.96 -7.20 61.10
C LEU F 198 7.28 -8.25 60.04
N ALA F 199 6.62 -9.40 60.11
CA ALA F 199 7.05 -10.55 59.33
C ALA F 199 6.59 -10.44 57.88
N ASP F 200 6.67 -11.57 57.17
CA ASP F 200 6.28 -11.74 55.77
C ASP F 200 6.43 -10.48 54.91
N ASN F 201 7.61 -9.86 54.93
CA ASN F 201 7.86 -8.66 54.16
C ASN F 201 9.25 -8.74 53.52
N ASP F 202 9.42 -7.97 52.44
CA ASP F 202 10.70 -7.92 51.73
C ASP F 202 11.52 -6.76 52.29
N LEU F 203 11.99 -6.95 53.51
CA LEU F 203 12.75 -5.95 54.24
C LEU F 203 14.22 -6.35 54.25
N GLY F 204 15.07 -5.50 53.67
CA GLY F 204 16.49 -5.81 53.59
C GLY F 204 17.27 -5.19 54.74
N GLY F 205 18.24 -5.95 55.23
CA GLY F 205 19.11 -5.53 56.31
C GLY F 205 19.05 -6.52 57.45
N CYS F 206 19.69 -6.14 58.56
CA CYS F 206 19.71 -6.96 59.77
C CYS F 206 18.77 -6.35 60.80
N ILE F 207 18.64 -7.04 61.92
CA ILE F 207 17.91 -6.51 63.07
C ILE F 207 18.65 -5.27 63.55
N PRO F 208 18.02 -4.10 63.59
CA PRO F 208 18.70 -2.91 64.09
C PRO F 208 19.11 -3.08 65.55
N GLY F 209 20.34 -2.67 65.86
CA GLY F 209 20.88 -2.88 67.19
C GLY F 209 20.14 -2.15 68.30
N SER F 210 19.16 -1.31 67.95
CA SER F 210 18.37 -0.61 68.95
C SER F 210 17.51 -1.56 69.77
N ILE F 211 17.46 -2.84 69.40
CA ILE F 211 16.62 -3.82 70.07
C ILE F 211 16.92 -3.90 71.56
N GLY F 212 18.16 -3.63 71.96
CA GLY F 212 18.53 -3.74 73.37
C GLY F 212 17.75 -2.82 74.29
N LEU F 213 17.24 -1.70 73.76
CA LEU F 213 16.52 -0.75 74.59
C LEU F 213 15.11 -1.23 74.96
N MET F 214 14.54 -2.18 74.22
CA MET F 214 13.16 -2.59 74.43
C MET F 214 13.01 -3.67 75.50
N GLY F 215 14.03 -3.89 76.33
CA GLY F 215 13.98 -5.02 77.26
C GLY F 215 12.86 -4.88 78.27
N LYS F 216 12.58 -3.65 78.71
CA LYS F 216 11.59 -3.46 79.78
C LYS F 216 10.16 -3.59 79.27
N THR F 217 9.90 -3.35 77.99
CA THR F 217 8.54 -3.29 77.48
C THR F 217 8.18 -4.42 76.52
N LEU F 218 9.12 -4.87 75.68
CA LEU F 218 8.80 -5.86 74.67
C LEU F 218 8.47 -7.21 75.31
N ASN F 219 7.43 -7.87 74.80
CA ASN F 219 7.02 -9.18 75.26
C ASN F 219 6.98 -10.24 74.15
N GLU F 220 6.65 -9.86 72.92
CA GLU F 220 6.59 -10.80 71.80
C GLU F 220 7.04 -10.06 70.56
N ILE F 221 8.00 -10.64 69.83
CA ILE F 221 8.53 -10.00 68.63
C ILE F 221 8.71 -11.08 67.55
N ILE F 222 8.23 -10.79 66.34
CA ILE F 222 8.33 -11.72 65.21
C ILE F 222 8.78 -10.96 63.97
N LEU F 223 9.96 -11.31 63.46
CA LEU F 223 10.52 -10.76 62.23
C LEU F 223 10.75 -11.84 61.18
N SER F 224 9.94 -12.89 61.24
CA SER F 224 10.17 -14.06 60.38
C SER F 224 9.86 -13.73 58.92
N ASN F 225 10.43 -14.52 58.03
CA ASN F 225 10.18 -14.45 56.60
C ASN F 225 10.43 -13.05 56.04
N ASP F 226 11.42 -12.35 56.59
CA ASP F 226 11.91 -11.11 55.98
C ASP F 226 13.17 -11.42 55.18
N ASN F 227 13.60 -10.45 54.38
CA ASN F 227 14.81 -10.64 53.58
C ASN F 227 16.02 -10.14 54.36
N LEU F 228 16.15 -10.64 55.58
CA LEU F 228 17.10 -10.12 56.56
C LEU F 228 18.48 -10.74 56.36
N THR F 229 19.49 -9.90 56.18
CA THR F 229 20.89 -10.31 56.08
C THR F 229 21.72 -9.59 57.14
N GLY F 230 22.69 -10.31 57.70
CA GLY F 230 23.59 -9.79 58.70
C GLY F 230 23.63 -10.68 59.92
N CYS F 231 24.37 -10.24 60.94
CA CYS F 231 24.48 -11.01 62.16
C CYS F 231 23.48 -10.55 63.20
N LEU F 232 23.10 -11.48 64.07
CA LEU F 232 22.17 -11.21 65.15
C LEU F 232 22.90 -10.52 66.29
N PRO F 233 22.50 -9.31 66.70
CA PRO F 233 23.22 -8.59 67.75
C PRO F 233 23.10 -9.27 69.10
N PRO F 234 24.20 -9.36 69.85
CA PRO F 234 24.16 -10.08 71.14
C PRO F 234 23.52 -9.30 72.27
N GLN F 235 23.25 -8.00 72.12
CA GLN F 235 22.63 -7.27 73.21
C GLN F 235 21.15 -7.61 73.39
N ILE F 236 20.63 -8.60 72.66
CA ILE F 236 19.25 -9.02 72.85
C ILE F 236 19.05 -9.64 74.22
N GLY F 237 20.13 -10.01 74.91
CA GLY F 237 20.01 -10.57 76.25
C GLY F 237 19.34 -9.63 77.23
N ASN F 238 19.38 -8.32 76.96
CA ASN F 238 18.66 -7.36 77.79
C ASN F 238 17.15 -7.52 77.70
N LEU F 239 16.65 -8.26 76.71
CA LEU F 239 15.22 -8.42 76.50
C LEU F 239 14.67 -9.50 77.45
N LYS F 240 14.61 -9.14 78.72
CA LYS F 240 13.99 -9.99 79.72
C LYS F 240 12.48 -9.84 79.64
N ASN F 241 11.77 -10.85 80.15
CA ASN F 241 10.31 -10.88 80.14
C ASN F 241 9.76 -10.85 78.72
N VAL F 242 10.51 -11.43 77.77
CA VAL F 242 10.06 -11.60 76.40
C VAL F 242 9.72 -13.07 76.21
N THR F 243 8.49 -13.36 75.80
CA THR F 243 8.04 -14.73 75.66
C THR F 243 8.28 -15.31 74.27
N VAL F 244 8.09 -14.51 73.22
CA VAL F 244 8.16 -14.98 71.84
C VAL F 244 9.28 -14.24 71.13
N PHE F 245 10.12 -14.99 70.41
CA PHE F 245 11.23 -14.42 69.64
C PHE F 245 11.40 -15.31 68.42
N ASP F 246 10.90 -14.85 67.26
CA ASP F 246 10.88 -15.64 66.04
C ASP F 246 11.65 -14.91 64.95
N ILE F 247 12.69 -15.55 64.43
CA ILE F 247 13.56 -14.97 63.41
C ILE F 247 13.63 -15.93 62.23
N SER F 248 12.55 -16.67 61.98
CA SER F 248 12.59 -17.73 60.98
C SER F 248 12.67 -17.17 59.57
N PHE F 249 13.05 -18.05 58.64
CA PHE F 249 12.97 -17.80 57.20
C PHE F 249 13.71 -16.53 56.78
N ASN F 250 14.95 -16.39 57.24
CA ASN F 250 15.79 -15.26 56.88
C ASN F 250 17.10 -15.76 56.31
N ARG F 251 17.91 -14.83 55.80
CA ARG F 251 19.25 -15.13 55.30
C ARG F 251 20.34 -14.64 56.26
N LEU F 252 20.02 -14.57 57.55
CA LEU F 252 20.95 -14.06 58.54
C LEU F 252 22.10 -15.04 58.78
N SER F 253 23.33 -14.53 58.75
CA SER F 253 24.53 -15.31 58.99
C SER F 253 25.19 -14.87 60.28
N GLY F 254 25.99 -15.76 60.87
CA GLY F 254 26.71 -15.46 62.08
C GLY F 254 26.45 -16.46 63.19
N PRO F 255 27.07 -16.23 64.35
CA PRO F 255 26.85 -17.13 65.50
C PRO F 255 25.71 -16.67 66.40
N LEU F 256 25.09 -17.65 67.07
CA LEU F 256 24.16 -17.32 68.14
C LEU F 256 24.92 -16.83 69.36
N PRO F 257 24.59 -15.66 69.89
CA PRO F 257 25.30 -15.15 71.07
C PRO F 257 24.97 -15.96 72.31
N SER F 258 25.97 -16.06 73.19
CA SER F 258 25.76 -16.72 74.48
C SER F 258 24.82 -15.96 75.40
N SER F 259 24.49 -14.70 75.06
CA SER F 259 23.59 -13.88 75.87
C SER F 259 22.13 -14.30 75.80
N ILE F 260 21.79 -15.32 75.00
CA ILE F 260 20.40 -15.76 74.89
C ILE F 260 19.89 -16.25 76.24
N GLY F 261 20.77 -16.78 77.09
CA GLY F 261 20.38 -17.28 78.39
C GLY F 261 19.82 -16.24 79.34
N ASN F 262 20.01 -14.95 79.04
CA ASN F 262 19.47 -13.91 79.90
C ASN F 262 17.96 -13.73 79.73
N MET F 263 17.37 -14.38 78.72
CA MET F 263 15.94 -14.25 78.43
C MET F 263 15.15 -15.27 79.27
N LYS F 264 15.10 -14.99 80.58
CA LYS F 264 14.59 -16.00 81.52
C LYS F 264 13.12 -16.34 81.25
N SER F 265 12.34 -15.39 80.73
CA SER F 265 10.93 -15.61 80.44
C SER F 265 10.69 -16.14 79.04
N LEU F 266 11.74 -16.46 78.29
CA LEU F 266 11.59 -16.89 76.90
C LEU F 266 10.85 -18.22 76.84
N GLU F 267 9.71 -18.23 76.16
CA GLU F 267 8.89 -19.42 75.98
C GLU F 267 8.96 -19.99 74.57
N GLN F 268 8.88 -19.13 73.55
CA GLN F 268 8.94 -19.55 72.15
C GLN F 268 10.20 -18.95 71.53
N LEU F 269 11.14 -19.82 71.17
CA LEU F 269 12.38 -19.40 70.51
C LEU F 269 12.50 -20.17 69.20
N ASN F 270 12.42 -19.45 68.08
CA ASN F 270 12.47 -20.06 66.76
C ASN F 270 13.57 -19.39 65.95
N VAL F 271 14.58 -20.17 65.56
CA VAL F 271 15.75 -19.67 64.85
C VAL F 271 15.93 -20.42 63.52
N ALA F 272 14.87 -21.09 63.06
CA ALA F 272 14.97 -21.98 61.92
C ALA F 272 15.09 -21.18 60.62
N ASN F 273 15.53 -21.89 59.57
CA ASN F 273 15.57 -21.37 58.20
C ASN F 273 16.39 -20.08 58.11
N ASN F 274 17.67 -20.21 58.43
CA ASN F 274 18.60 -19.08 58.40
C ASN F 274 19.93 -19.60 57.85
N ARG F 275 21.01 -18.90 58.18
CA ARG F 275 22.34 -19.25 57.72
C ARG F 275 23.34 -19.01 58.83
N PHE F 276 22.93 -19.29 60.07
CA PHE F 276 23.78 -19.06 61.22
C PHE F 276 24.74 -20.24 61.42
N THR F 277 26.02 -19.93 61.52
CA THR F 277 27.02 -20.92 61.92
C THR F 277 27.25 -20.81 63.42
N GLY F 278 28.32 -21.44 63.93
CA GLY F 278 28.64 -21.36 65.34
C GLY F 278 28.00 -22.48 66.15
N VAL F 279 28.39 -22.53 67.42
CA VAL F 279 27.94 -23.57 68.33
C VAL F 279 26.87 -22.98 69.23
N ILE F 280 25.70 -23.62 69.26
CA ILE F 280 24.57 -23.29 70.13
C ILE F 280 25.09 -22.96 71.54
N PRO F 281 24.78 -21.78 72.08
CA PRO F 281 25.29 -21.43 73.40
C PRO F 281 24.85 -22.44 74.46
N SER F 282 25.56 -22.44 75.58
CA SER F 282 25.26 -23.36 76.67
C SER F 282 24.41 -22.71 77.76
N SER F 283 24.12 -21.42 77.66
CA SER F 283 23.30 -20.74 78.65
C SER F 283 21.82 -21.01 78.49
N ILE F 284 21.40 -21.64 77.39
CA ILE F 284 19.99 -21.96 77.18
C ILE F 284 19.45 -22.99 78.18
N CYS F 285 20.32 -23.68 78.91
CA CYS F 285 19.84 -24.67 79.87
C CYS F 285 19.10 -24.04 81.05
N GLN F 286 19.45 -22.81 81.45
CA GLN F 286 18.83 -22.22 82.63
C GLN F 286 17.41 -21.72 82.39
N LEU F 287 17.02 -21.48 81.14
CA LEU F 287 15.69 -20.91 80.83
C LEU F 287 14.65 -22.02 80.93
N SER F 288 13.93 -22.04 82.06
CA SER F 288 12.96 -23.08 82.38
C SER F 288 11.59 -22.85 81.73
N ASN F 289 11.24 -21.60 81.43
CA ASN F 289 9.94 -21.34 80.84
C ASN F 289 9.82 -21.77 79.38
N LEU F 290 10.92 -22.22 78.78
CA LEU F 290 10.91 -22.61 77.37
C LEU F 290 9.91 -23.73 77.12
N GLU F 291 9.06 -23.54 76.11
CA GLU F 291 8.07 -24.54 75.73
C GLU F 291 8.25 -25.08 74.33
N ASN F 292 8.75 -24.28 73.39
CA ASN F 292 8.99 -24.73 72.02
C ASN F 292 10.24 -24.04 71.49
N PHE F 293 11.22 -24.83 71.07
CA PHE F 293 12.48 -24.33 70.53
C PHE F 293 12.80 -25.04 69.22
N THR F 294 13.22 -24.27 68.22
CA THR F 294 13.47 -24.80 66.88
C THR F 294 14.74 -24.19 66.33
N TYR F 295 15.70 -25.05 65.95
CA TYR F 295 16.97 -24.61 65.38
C TYR F 295 17.28 -25.44 64.14
N SER F 296 16.34 -25.43 63.18
CA SER F 296 16.40 -26.33 62.04
C SER F 296 16.68 -25.56 60.76
N SER F 297 17.22 -26.28 59.76
CA SER F 297 17.63 -25.70 58.49
C SER F 297 18.65 -24.57 58.69
N ASN F 298 19.58 -24.78 59.62
CA ASN F 298 20.66 -23.83 59.88
C ASN F 298 22.02 -24.52 59.72
N PHE F 299 23.07 -23.72 59.60
CA PHE F 299 24.41 -24.26 59.39
C PHE F 299 25.20 -24.28 60.71
N PHE F 300 24.66 -24.97 61.70
CA PHE F 300 25.31 -25.07 63.00
C PHE F 300 26.28 -26.24 63.10
N THR F 301 27.34 -26.03 63.88
CA THR F 301 28.27 -27.08 64.28
C THR F 301 28.25 -27.31 65.78
N GLY F 302 27.17 -26.91 66.46
CA GLY F 302 27.03 -27.10 67.89
C GLY F 302 25.98 -28.12 68.27
N ASP F 303 26.08 -28.69 69.46
CA ASP F 303 25.24 -29.79 69.90
C ASP F 303 24.37 -29.35 71.07
N ALA F 304 23.06 -29.62 70.97
CA ALA F 304 22.11 -29.28 72.02
C ALA F 304 22.01 -30.40 73.04
N PRO F 305 22.01 -30.07 74.35
CA PRO F 305 21.93 -31.05 75.43
C PRO F 305 20.67 -31.91 75.38
N VAL F 315 7.86 -29.18 75.13
CA VAL F 315 9.21 -28.84 75.54
C VAL F 315 10.15 -29.51 74.53
N VAL F 316 9.55 -30.08 73.50
CA VAL F 316 10.25 -30.90 72.52
C VAL F 316 10.85 -29.99 71.46
N VAL F 317 12.10 -30.26 71.07
CA VAL F 317 12.86 -29.43 70.16
C VAL F 317 13.19 -30.21 68.90
N ASN F 318 13.14 -29.53 67.76
CA ASN F 318 13.45 -30.10 66.45
C ASN F 318 14.71 -29.42 65.93
N GLY F 319 15.80 -30.18 65.92
CA GLY F 319 17.07 -29.74 65.36
C GLY F 319 17.37 -30.59 64.15
N SER F 320 17.39 -29.98 62.97
CA SER F 320 17.46 -30.75 61.74
C SER F 320 18.08 -29.89 60.64
N MET F 321 18.75 -30.57 59.71
CA MET F 321 19.45 -29.93 58.60
C MET F 321 20.49 -28.92 59.13
N ASN F 322 21.54 -29.49 59.68
CA ASN F 322 22.64 -28.74 60.28
C ASN F 322 23.93 -29.39 59.79
N CYS F 323 25.07 -29.02 60.40
CA CYS F 323 26.32 -29.64 60.01
C CYS F 323 27.04 -30.28 61.18
N ILE F 324 26.30 -30.78 62.17
CA ILE F 324 26.89 -31.59 63.23
C ILE F 324 26.83 -33.05 62.81
N ASP F 325 27.97 -33.74 62.90
CA ASP F 325 27.98 -35.16 62.58
C ASP F 325 27.49 -36.00 63.74
N GLY F 326 27.70 -35.54 64.97
CA GLY F 326 27.29 -36.27 66.15
C GLY F 326 25.79 -36.22 66.41
N GLU F 328 21.45 -35.98 64.73
CA GLU F 328 20.92 -37.11 63.98
C GLU F 328 20.71 -36.79 62.50
N ASP F 329 19.61 -36.10 62.20
CA ASP F 329 19.23 -35.78 60.82
C ASP F 329 19.66 -34.36 60.48
N GLN F 330 20.83 -34.24 59.87
CA GLN F 330 21.43 -32.97 59.45
C GLN F 330 21.68 -32.98 57.95
N ARG F 331 22.21 -31.86 57.45
CA ARG F 331 22.45 -31.68 56.03
C ARG F 331 23.52 -32.66 55.52
N SER F 332 23.56 -32.81 54.20
CA SER F 332 24.50 -33.72 53.57
C SER F 332 25.92 -33.14 53.62
N SER F 333 26.89 -34.01 53.32
CA SER F 333 28.28 -33.57 53.27
C SER F 333 28.49 -32.53 52.16
N LYS F 334 27.75 -32.66 51.06
CA LYS F 334 27.76 -31.67 50.00
C LYS F 334 27.43 -30.28 50.53
N GLU F 335 26.21 -30.11 51.05
CA GLU F 335 25.73 -28.81 51.49
C GLU F 335 26.61 -28.20 52.57
N CYS F 336 27.28 -29.02 53.40
CA CYS F 336 28.19 -28.43 54.36
C CYS F 336 29.50 -28.03 53.67
N SER F 337 30.49 -27.70 54.49
CA SER F 337 31.76 -27.15 54.02
C SER F 337 31.58 -26.25 52.80
N SER F 338 30.59 -25.36 52.86
CA SER F 338 30.19 -24.48 51.77
C SER F 338 30.44 -23.03 52.16
N PRO F 339 30.44 -22.11 51.19
CA PRO F 339 30.67 -20.69 51.53
C PRO F 339 29.63 -20.10 52.47
N ALA F 340 28.47 -20.73 52.60
CA ALA F 340 27.50 -20.32 53.61
C ALA F 340 27.73 -20.96 54.96
N SER F 341 28.30 -22.17 54.98
CA SER F 341 28.51 -22.88 56.23
C SER F 341 29.78 -22.46 56.96
N ARG F 342 30.61 -21.60 56.37
CA ARG F 342 31.77 -21.13 57.10
C ARG F 342 31.33 -20.02 58.06
N SER F 343 32.30 -19.42 58.74
CA SER F 343 31.98 -18.41 59.75
C SER F 343 32.26 -17.01 59.20
N VAL F 344 31.50 -16.05 59.72
CA VAL F 344 31.56 -14.69 59.22
C VAL F 344 32.05 -13.78 60.35
N ASP F 345 32.69 -12.68 59.96
CA ASP F 345 33.27 -11.75 60.92
C ASP F 345 32.20 -10.92 61.63
N CYS F 346 31.05 -10.72 60.99
CA CYS F 346 29.93 -9.88 61.44
C CYS F 346 30.21 -8.40 61.24
N SER F 347 31.40 -8.04 60.75
CA SER F 347 31.68 -6.67 60.35
C SER F 347 31.77 -6.50 58.84
N LYS F 348 31.83 -7.60 58.08
CA LYS F 348 31.75 -7.58 56.62
C LYS F 348 30.37 -7.20 56.11
N PHE F 349 29.45 -6.82 56.98
CA PHE F 349 28.13 -6.34 56.62
C PHE F 349 28.04 -4.85 56.93
N GLY F 350 27.07 -4.20 56.32
CA GLY F 350 26.99 -2.76 56.44
C GLY F 350 26.05 -2.33 57.53
N CYS F 351 25.62 -3.28 58.35
CA CYS F 351 24.93 -3.00 59.59
C CYS F 351 25.89 -2.41 60.62
N ASN F 352 25.32 -1.65 61.55
CA ASN F 352 25.98 -1.33 62.81
C ASN F 352 24.97 -1.64 63.91
N ASN F 353 24.90 -2.91 64.28
CA ASN F 353 24.06 -3.37 65.38
C ASN F 353 24.87 -3.75 66.61
N PHE F 354 26.19 -3.70 66.51
CA PHE F 354 27.07 -3.87 67.66
C PHE F 354 27.47 -2.54 68.27
N PHE F 355 26.92 -1.43 67.76
CA PHE F 355 27.34 -0.11 68.21
C PHE F 355 27.03 0.08 69.69
N SER F 356 25.88 -0.44 70.13
CA SER F 356 25.48 -0.59 71.52
C SER F 356 25.76 0.62 72.40
N PRO F 357 25.04 1.73 72.21
CA PRO F 357 25.04 2.77 73.24
C PRO F 357 24.38 2.24 74.50
N LEU F 358 24.67 2.91 75.62
CA LEU F 358 24.00 2.67 76.91
C LEU F 358 23.92 1.18 77.26
N GLU F 359 24.93 0.41 76.86
CA GLU F 359 24.95 -1.02 77.19
C GLU F 359 25.44 -1.24 78.61
N PRO G 16 12.43 11.07 -13.18
CA PRO G 16 12.25 10.16 -12.05
C PRO G 16 11.75 8.78 -12.48
N SER G 17 10.86 8.20 -11.68
CA SER G 17 10.24 6.90 -11.97
C SER G 17 8.84 7.07 -12.53
N LEU G 18 8.61 8.11 -13.33
CA LEU G 18 7.27 8.47 -13.80
C LEU G 18 7.09 7.94 -15.22
N LYS G 19 6.06 7.13 -15.42
CA LYS G 19 5.70 6.62 -16.74
C LYS G 19 4.75 7.61 -17.41
N PHE G 20 5.01 7.93 -18.68
CA PHE G 20 4.18 8.84 -19.44
C PHE G 20 3.56 8.13 -20.64
N GLU G 21 2.36 8.59 -21.01
CA GLU G 21 1.64 7.99 -22.13
C GLU G 21 2.35 8.25 -23.45
N ASN G 22 2.87 9.46 -23.63
CA ASN G 22 3.52 9.85 -24.88
C ASN G 22 4.50 10.97 -24.56
N PRO G 23 5.45 11.25 -25.48
CA PRO G 23 6.41 12.34 -25.21
C PRO G 23 5.77 13.71 -25.06
N SER G 24 4.56 13.91 -25.57
CA SER G 24 3.93 15.23 -25.49
C SER G 24 3.50 15.55 -24.05
N LEU G 25 2.86 14.59 -23.37
CA LEU G 25 2.44 14.84 -21.99
C LEU G 25 3.62 15.00 -21.05
N ARG G 26 4.76 14.39 -21.37
CA ARG G 26 5.95 14.60 -20.56
C ARG G 26 6.44 16.04 -20.71
N GLN G 27 6.42 16.57 -21.93
CA GLN G 27 6.73 17.98 -22.14
C GLN G 27 5.75 18.88 -21.40
N ALA G 28 4.47 18.49 -21.37
CA ALA G 28 3.46 19.26 -20.65
C ALA G 28 3.70 19.22 -19.15
N TYR G 29 4.09 18.04 -18.62
CA TYR G 29 4.37 17.94 -17.20
C TYR G 29 5.55 18.81 -16.80
N ILE G 30 6.56 18.90 -17.67
CA ILE G 30 7.68 19.80 -17.42
C ILE G 30 7.21 21.24 -17.37
N ALA G 31 6.30 21.61 -18.29
CA ALA G 31 5.82 22.98 -18.34
C ALA G 31 4.95 23.33 -17.13
N LEU G 32 4.06 22.42 -16.74
CA LEU G 32 3.11 22.72 -15.67
C LEU G 32 3.79 22.77 -14.31
N GLN G 33 4.72 21.86 -14.03
CA GLN G 33 5.43 21.92 -12.76
C GLN G 33 6.29 23.17 -12.66
N SER G 34 6.88 23.62 -13.77
CA SER G 34 7.57 24.90 -13.78
C SER G 34 6.61 26.05 -13.47
N TRP G 35 5.39 25.98 -14.01
CA TRP G 35 4.38 27.00 -13.74
C TRP G 35 3.69 26.78 -12.41
N LYS G 36 3.73 25.56 -11.87
CA LYS G 36 3.29 25.36 -10.48
C LYS G 36 4.22 26.10 -9.51
N GLN G 37 5.51 26.11 -9.80
CA GLN G 37 6.46 26.88 -9.00
C GLN G 37 6.29 28.38 -9.17
N ALA G 38 5.72 28.82 -10.29
CA ALA G 38 5.49 30.23 -10.54
C ALA G 38 4.23 30.75 -9.86
N ILE G 39 3.35 29.86 -9.40
CA ILE G 39 2.11 30.25 -8.75
C ILE G 39 2.35 30.45 -7.26
N PHE G 40 1.94 31.61 -6.75
CA PHE G 40 2.21 31.99 -5.36
C PHE G 40 0.99 31.90 -4.45
N SER G 41 -0.21 31.97 -5.01
CA SER G 41 -1.43 31.88 -4.21
C SER G 41 -2.48 31.17 -5.05
N ASP G 42 -3.10 30.14 -4.48
CA ASP G 42 -4.11 29.34 -5.16
C ASP G 42 -5.31 29.20 -4.23
N PRO G 43 -6.23 30.17 -4.25
CA PRO G 43 -7.36 30.11 -3.32
C PRO G 43 -8.25 28.90 -3.51
N PHE G 44 -8.53 28.51 -4.75
CA PHE G 44 -9.43 27.39 -5.02
C PHE G 44 -8.67 26.11 -5.31
N ASN G 45 -7.56 25.89 -4.60
CA ASN G 45 -6.69 24.71 -4.70
C ASN G 45 -6.70 24.03 -6.06
N PHE G 46 -6.29 24.77 -7.10
CA PHE G 46 -6.14 24.20 -8.44
C PHE G 46 -4.85 23.40 -8.58
N THR G 47 -3.74 23.91 -8.01
CA THR G 47 -2.46 23.24 -8.12
C THR G 47 -2.37 22.03 -7.18
N ALA G 48 -3.39 21.78 -6.37
CA ALA G 48 -3.36 20.62 -5.48
C ALA G 48 -3.30 19.32 -6.28
N ASN G 49 -4.00 19.26 -7.40
CA ASN G 49 -4.01 18.08 -8.26
C ASN G 49 -2.77 17.98 -9.12
N TRP G 50 -1.94 19.01 -9.17
CA TRP G 50 -0.79 19.01 -10.07
C TRP G 50 0.40 18.28 -9.45
N ASN G 51 0.21 17.04 -9.02
CA ASN G 51 1.29 16.25 -8.45
C ASN G 51 1.60 15.00 -9.26
N GLY G 52 0.59 14.25 -9.68
CA GLY G 52 0.80 13.00 -10.38
C GLY G 52 1.37 13.21 -11.78
N SER G 53 1.57 12.08 -12.47
CA SER G 53 2.07 12.09 -13.83
C SER G 53 0.95 12.12 -14.87
N ASP G 54 -0.30 11.89 -14.46
CA ASP G 54 -1.44 11.96 -15.38
C ASP G 54 -1.80 13.44 -15.55
N VAL G 55 -1.11 14.08 -16.49
CA VAL G 55 -1.26 15.51 -16.71
C VAL G 55 -2.70 15.87 -17.05
N CYS G 56 -3.39 14.98 -17.78
CA CYS G 56 -4.76 15.29 -18.20
C CYS G 56 -5.73 15.40 -17.04
N SER G 57 -5.41 14.79 -15.89
CA SER G 57 -6.27 14.88 -14.72
C SER G 57 -6.12 16.20 -13.97
N TYR G 58 -5.12 17.02 -14.33
CA TYR G 58 -4.91 18.27 -13.63
C TYR G 58 -6.10 19.21 -13.78
N ASN G 59 -6.45 19.87 -12.69
CA ASN G 59 -7.52 20.86 -12.72
C ASN G 59 -7.13 22.02 -13.63
N GLY G 60 -8.05 22.41 -14.52
CA GLY G 60 -7.78 23.47 -15.46
C GLY G 60 -7.00 23.06 -16.69
N ILE G 61 -6.51 21.83 -16.74
CA ILE G 61 -5.78 21.33 -17.90
C ILE G 61 -6.72 20.40 -18.67
N PHE G 62 -6.78 20.58 -19.98
CA PHE G 62 -7.76 19.92 -20.82
C PHE G 62 -7.07 19.29 -22.01
N CYS G 63 -7.14 17.96 -22.11
CA CYS G 63 -6.53 17.21 -23.18
C CYS G 63 -7.53 16.95 -24.29
N ALA G 64 -6.99 16.64 -25.48
CA ALA G 64 -7.80 16.33 -26.65
C ALA G 64 -6.92 15.59 -27.65
N PRO G 65 -7.51 14.82 -28.56
CA PRO G 65 -6.71 14.12 -29.57
C PRO G 65 -5.97 15.10 -30.48
N SER G 66 -4.68 14.87 -30.66
CA SER G 66 -3.88 15.72 -31.51
C SER G 66 -4.31 15.59 -32.96
N PRO G 67 -4.50 16.69 -33.69
CA PRO G 67 -4.81 16.57 -35.12
C PRO G 67 -3.67 15.98 -35.92
N SER G 68 -2.42 16.19 -35.48
CA SER G 68 -1.29 15.60 -36.19
C SER G 68 -1.30 14.08 -36.07
N SER G 69 -1.66 13.56 -34.90
CA SER G 69 -1.81 12.12 -34.70
C SER G 69 -2.96 11.91 -33.73
N PRO G 70 -4.14 11.54 -34.22
CA PRO G 70 -5.31 11.40 -33.34
C PRO G 70 -5.12 10.35 -32.26
N LYS G 71 -4.23 9.38 -32.45
CA LYS G 71 -4.01 8.38 -31.42
C LYS G 71 -3.35 8.96 -30.19
N THR G 72 -2.50 9.98 -30.36
CA THR G 72 -1.83 10.61 -29.23
C THR G 72 -2.73 11.70 -28.67
N ARG G 73 -3.09 11.57 -27.40
CA ARG G 73 -3.81 12.62 -26.71
C ARG G 73 -2.81 13.67 -26.23
N VAL G 74 -3.18 14.95 -26.36
CA VAL G 74 -2.29 16.06 -26.04
C VAL G 74 -3.07 17.15 -25.31
N VAL G 75 -2.34 18.01 -24.62
CA VAL G 75 -2.93 19.12 -23.87
C VAL G 75 -3.37 20.19 -24.87
N ALA G 76 -4.69 20.31 -25.07
CA ALA G 76 -5.25 21.23 -26.05
C ALA G 76 -5.67 22.56 -25.48
N GLY G 77 -6.00 22.61 -24.19
CA GLY G 77 -6.52 23.84 -23.60
C GLY G 77 -6.16 23.97 -22.15
N ILE G 78 -6.08 25.23 -21.70
CA ILE G 78 -5.85 25.58 -20.30
C ILE G 78 -6.88 26.63 -19.92
N ASP G 79 -7.71 26.32 -18.92
CA ASP G 79 -8.79 27.20 -18.49
C ASP G 79 -8.79 27.31 -16.97
N LEU G 80 -8.33 28.45 -16.45
CA LEU G 80 -8.33 28.76 -15.03
C LEU G 80 -9.18 29.98 -14.73
N ASN G 81 -10.26 30.16 -15.48
CA ASN G 81 -11.11 31.33 -15.31
C ASN G 81 -11.71 31.40 -13.90
N HIS G 82 -11.75 32.61 -13.36
CA HIS G 82 -12.32 32.96 -12.06
C HIS G 82 -11.57 32.36 -10.87
N ALA G 83 -10.45 31.68 -11.11
CA ALA G 83 -9.59 31.29 -10.01
C ALA G 83 -8.80 32.52 -9.57
N ASP G 84 -8.84 32.85 -8.28
CA ASP G 84 -8.18 34.06 -7.85
C ASP G 84 -6.68 33.79 -7.66
N MET G 85 -6.06 33.19 -8.68
CA MET G 85 -4.68 32.72 -8.57
C MET G 85 -3.69 33.83 -8.90
N ALA G 86 -2.60 33.86 -8.16
CA ALA G 86 -1.57 34.89 -8.28
C ALA G 86 -0.23 34.25 -8.63
N GLY G 87 0.51 34.92 -9.50
CA GLY G 87 1.78 34.41 -9.96
C GLY G 87 2.21 35.13 -11.23
N TYR G 88 3.08 34.46 -11.98
CA TYR G 88 3.50 34.94 -13.29
C TYR G 88 3.52 33.77 -14.26
N LEU G 89 3.67 34.08 -15.55
CA LEU G 89 3.72 33.06 -16.59
C LEU G 89 5.16 32.76 -16.93
N PRO G 90 5.68 31.58 -16.59
CA PRO G 90 7.09 31.29 -16.83
C PRO G 90 7.36 31.01 -18.31
N ARG G 91 8.64 31.04 -18.65
CA ARG G 91 9.05 30.78 -20.02
C ARG G 91 8.75 29.34 -20.44
N GLU G 92 8.68 28.41 -19.49
CA GLU G 92 8.53 27.01 -19.81
C GLU G 92 7.14 26.66 -20.34
N LEU G 93 6.18 27.59 -20.29
CA LEU G 93 4.87 27.33 -20.86
C LEU G 93 4.91 27.22 -22.39
N GLY G 94 5.96 27.73 -23.03
CA GLY G 94 6.08 27.61 -24.47
C GLY G 94 6.25 26.19 -24.97
N LEU G 95 6.54 25.24 -24.08
CA LEU G 95 6.61 23.83 -24.47
C LEU G 95 5.24 23.23 -24.75
N LEU G 96 4.17 23.96 -24.45
CA LEU G 96 2.81 23.49 -24.72
C LEU G 96 2.40 23.84 -26.14
N THR G 97 3.17 23.31 -27.09
CA THR G 97 2.99 23.65 -28.50
C THR G 97 1.65 23.16 -29.05
N ASP G 98 1.05 22.14 -28.44
CA ASP G 98 -0.21 21.60 -28.90
C ASP G 98 -1.40 22.38 -28.35
N LEU G 99 -1.15 23.48 -27.66
CA LEU G 99 -2.23 24.23 -27.02
C LEU G 99 -3.06 24.94 -28.08
N ALA G 100 -4.37 24.92 -27.90
CA ALA G 100 -5.30 25.58 -28.81
C ALA G 100 -6.08 26.71 -28.14
N LEU G 101 -6.35 26.62 -26.84
CA LEU G 101 -7.02 27.68 -26.11
C LEU G 101 -6.28 27.90 -24.79
N PHE G 102 -6.35 29.12 -24.29
CA PHE G 102 -5.62 29.50 -23.08
C PHE G 102 -6.43 30.59 -22.39
N HIS G 103 -7.09 30.22 -21.29
CA HIS G 103 -8.06 31.09 -20.64
C HIS G 103 -7.56 31.44 -19.24
N LEU G 104 -7.41 32.73 -18.96
CA LEU G 104 -6.93 33.17 -17.66
C LEU G 104 -7.71 34.38 -17.16
N ASN G 105 -9.03 34.37 -17.32
CA ASN G 105 -9.82 35.48 -16.82
C ASN G 105 -9.87 35.46 -15.30
N SER G 106 -9.87 36.65 -14.71
CA SER G 106 -10.06 36.84 -13.27
C SER G 106 -8.98 36.10 -12.47
N ASN G 107 -7.73 36.27 -12.89
CA ASN G 107 -6.56 35.80 -12.14
C ASN G 107 -5.79 37.01 -11.61
N ARG G 108 -4.67 36.74 -10.97
CA ARG G 108 -3.76 37.75 -10.47
C ARG G 108 -2.36 37.53 -11.01
N PHE G 109 -2.28 37.11 -12.27
CA PHE G 109 -0.98 36.90 -12.90
C PHE G 109 -0.42 38.24 -13.34
N CYS G 110 0.81 38.53 -12.91
CA CYS G 110 1.48 39.79 -13.18
C CYS G 110 2.68 39.55 -14.09
N GLY G 111 3.36 40.64 -14.42
CA GLY G 111 4.52 40.54 -15.29
C GLY G 111 4.19 40.77 -16.74
N GLU G 112 5.01 40.21 -17.63
CA GLU G 112 4.85 40.38 -19.07
C GLU G 112 4.62 39.04 -19.75
N VAL G 113 3.97 39.09 -20.91
CA VAL G 113 3.67 37.87 -21.66
C VAL G 113 4.97 37.26 -22.18
N PRO G 114 5.23 35.98 -21.94
CA PRO G 114 6.52 35.41 -22.31
C PRO G 114 6.72 35.35 -23.82
N LEU G 115 7.98 35.52 -24.23
CA LEU G 115 8.32 35.45 -25.65
C LEU G 115 8.14 34.05 -26.22
N THR G 116 8.10 33.03 -25.35
CA THR G 116 8.05 31.65 -25.79
C THR G 116 6.69 31.22 -26.31
N PHE G 117 5.66 32.07 -26.21
CA PHE G 117 4.37 31.71 -26.78
C PHE G 117 4.39 31.60 -28.30
N LYS G 118 5.45 32.08 -28.96
CA LYS G 118 5.55 31.94 -30.41
C LYS G 118 5.53 30.48 -30.84
N HIS G 119 5.88 29.55 -29.95
CA HIS G 119 5.84 28.14 -30.26
C HIS G 119 4.43 27.56 -30.24
N MET G 120 3.45 28.32 -29.74
CA MET G 120 2.05 27.88 -29.73
C MET G 120 1.43 28.15 -31.10
N LYS G 121 1.87 27.32 -32.06
CA LYS G 121 1.46 27.52 -33.45
C LYS G 121 -0.03 27.28 -33.63
N LEU G 122 -0.62 26.37 -32.85
CA LEU G 122 -2.03 26.02 -32.97
C LEU G 122 -2.93 26.85 -32.07
N LEU G 123 -2.37 27.79 -31.31
CA LEU G 123 -3.17 28.59 -30.39
C LEU G 123 -4.16 29.45 -31.17
N PHE G 124 -5.44 29.29 -30.85
CA PHE G 124 -6.53 29.94 -31.57
C PHE G 124 -7.16 31.09 -30.80
N GLU G 125 -7.44 30.91 -29.52
CA GLU G 125 -8.05 31.94 -28.69
C GLU G 125 -7.19 32.19 -27.46
N LEU G 126 -7.00 33.46 -27.12
CA LEU G 126 -6.14 33.86 -26.01
C LEU G 126 -6.90 34.85 -25.13
N ASP G 127 -7.18 34.44 -23.89
CA ASP G 127 -7.94 35.26 -22.94
C ASP G 127 -7.02 35.51 -21.75
N LEU G 128 -6.52 36.74 -21.65
CA LEU G 128 -5.66 37.17 -20.54
C LEU G 128 -6.33 38.29 -19.77
N SER G 129 -7.66 38.30 -19.78
CA SER G 129 -8.42 39.39 -19.20
C SER G 129 -8.34 39.41 -17.68
N ASN G 130 -8.51 40.62 -17.12
CA ASN G 130 -8.62 40.84 -15.68
C ASN G 130 -7.46 40.19 -14.93
N ASN G 131 -6.26 40.73 -15.20
CA ASN G 131 -5.04 40.23 -14.60
C ASN G 131 -4.19 41.43 -14.19
N ARG G 132 -2.93 41.16 -13.88
CA ARG G 132 -2.00 42.20 -13.46
C ARG G 132 -0.82 42.31 -14.42
N PHE G 133 -1.05 41.97 -15.68
CA PHE G 133 0.00 42.10 -16.70
C PHE G 133 0.31 43.57 -16.95
N VAL G 134 1.60 43.87 -17.06
CA VAL G 134 2.08 45.23 -17.24
C VAL G 134 3.11 45.22 -18.38
N GLY G 135 3.65 46.40 -18.69
CA GLY G 135 4.62 46.54 -19.76
C GLY G 135 3.98 46.93 -21.07
N LYS G 136 4.82 47.07 -22.09
CA LYS G 136 4.32 47.46 -23.39
C LYS G 136 3.47 46.33 -23.99
N PHE G 137 2.71 46.68 -25.04
CA PHE G 137 1.84 45.72 -25.69
C PHE G 137 2.64 44.52 -26.17
N PRO G 138 2.23 43.29 -25.82
CA PRO G 138 3.04 42.12 -26.19
C PRO G 138 2.96 41.83 -27.67
N ASN G 139 4.03 42.15 -28.41
CA ASN G 139 4.07 41.86 -29.83
C ASN G 139 4.14 40.38 -30.13
N VAL G 140 4.25 39.53 -29.09
CA VAL G 140 4.35 38.10 -29.30
C VAL G 140 3.05 37.55 -29.89
N VAL G 141 1.90 38.09 -29.44
CA VAL G 141 0.61 37.59 -29.91
C VAL G 141 0.44 37.82 -31.40
N LEU G 142 1.18 38.78 -31.97
CA LEU G 142 1.08 39.03 -33.40
C LEU G 142 1.71 37.89 -34.20
N SER G 143 2.70 37.21 -33.63
CA SER G 143 3.36 36.10 -34.31
C SER G 143 2.54 34.82 -34.30
N LEU G 144 1.52 34.73 -33.45
CA LEU G 144 0.68 33.54 -33.32
C LEU G 144 -0.07 33.28 -34.62
N PRO G 145 0.23 32.18 -35.31
CA PRO G 145 -0.39 31.93 -36.63
C PRO G 145 -1.88 31.66 -36.56
N SER G 146 -2.28 30.77 -35.65
CA SER G 146 -3.67 30.33 -35.58
C SER G 146 -4.55 31.24 -34.73
N LEU G 147 -4.01 32.32 -34.19
CA LEU G 147 -4.77 33.18 -33.30
C LEU G 147 -5.86 33.92 -34.07
N LYS G 148 -7.09 33.87 -33.54
CA LYS G 148 -8.19 34.67 -34.04
C LYS G 148 -8.92 35.44 -32.96
N PHE G 149 -8.72 35.11 -31.68
CA PHE G 149 -9.41 35.74 -30.55
C PHE G 149 -8.36 36.24 -29.58
N LEU G 150 -8.27 37.56 -29.44
CA LEU G 150 -7.30 38.19 -28.56
C LEU G 150 -8.04 39.04 -27.54
N ASP G 151 -7.86 38.73 -26.26
CA ASP G 151 -8.53 39.42 -25.18
C ASP G 151 -7.48 39.87 -24.17
N LEU G 152 -7.25 41.17 -24.08
CA LEU G 152 -6.28 41.73 -23.16
C LEU G 152 -6.92 42.81 -22.30
N ARG G 153 -8.23 42.68 -22.06
CA ARG G 153 -8.96 43.70 -21.32
C ARG G 153 -8.57 43.67 -19.85
N TYR G 154 -8.82 44.81 -19.21
CA TYR G 154 -8.53 45.07 -17.80
C TYR G 154 -7.15 44.55 -17.40
N ASN G 155 -6.14 45.14 -18.01
CA ASN G 155 -4.76 44.92 -17.62
C ASN G 155 -4.06 46.27 -17.55
N GLU G 156 -2.73 46.27 -17.48
CA GLU G 156 -1.99 47.51 -17.40
C GLU G 156 -0.88 47.54 -18.44
N PHE G 157 -1.18 47.07 -19.65
CA PHE G 157 -0.24 47.20 -20.74
C PHE G 157 -0.15 48.67 -21.14
N GLU G 158 1.08 49.16 -21.27
CA GLU G 158 1.33 50.57 -21.56
C GLU G 158 1.75 50.76 -23.02
N GLY G 159 1.85 52.02 -23.41
CA GLY G 159 2.33 52.36 -24.74
C GLY G 159 1.24 52.41 -25.79
N SER G 160 1.67 52.56 -27.03
CA SER G 160 0.77 52.71 -28.16
C SER G 160 0.37 51.35 -28.73
N ILE G 161 -0.81 51.32 -29.34
CA ILE G 161 -1.32 50.13 -30.03
C ILE G 161 -0.60 49.98 -31.37
N PRO G 162 0.07 48.87 -31.62
CA PRO G 162 0.81 48.71 -32.88
C PRO G 162 -0.10 48.61 -34.08
N SER G 163 0.34 49.21 -35.19
CA SER G 163 -0.47 49.19 -36.41
C SER G 163 -0.62 47.77 -36.96
N LYS G 164 0.34 46.90 -36.67
CA LYS G 164 0.29 45.53 -37.17
C LYS G 164 -0.87 44.72 -36.60
N LEU G 165 -1.41 45.12 -35.43
CA LEU G 165 -2.53 44.40 -34.85
C LEU G 165 -3.73 44.41 -35.79
N PHE G 166 -4.02 45.55 -36.40
CA PHE G 166 -5.15 45.68 -37.30
C PHE G 166 -4.87 45.15 -38.70
N ASP G 167 -3.61 44.88 -39.04
CA ASP G 167 -3.31 44.19 -40.28
C ASP G 167 -3.52 42.68 -40.16
N LYS G 168 -3.37 42.13 -38.95
CA LYS G 168 -3.52 40.70 -38.74
C LYS G 168 -4.98 40.30 -38.82
N GLU G 169 -5.24 39.12 -39.40
CA GLU G 169 -6.59 38.60 -39.55
C GLU G 169 -7.05 38.03 -38.21
N LEU G 170 -7.85 38.80 -37.48
CA LEU G 170 -8.38 38.40 -36.20
C LEU G 170 -9.91 38.51 -36.21
N ASP G 171 -10.54 37.76 -35.31
CA ASP G 171 -11.98 37.84 -35.15
C ASP G 171 -12.40 38.87 -34.10
N ALA G 172 -11.72 38.88 -32.96
CA ALA G 172 -12.10 39.77 -31.87
C ALA G 172 -10.85 40.32 -31.20
N ILE G 173 -10.89 41.61 -30.89
CA ILE G 173 -9.79 42.31 -30.24
C ILE G 173 -10.39 43.09 -29.08
N PHE G 174 -9.95 42.76 -27.86
CA PHE G 174 -10.43 43.38 -26.63
C PHE G 174 -9.24 44.00 -25.93
N LEU G 175 -9.28 45.32 -25.73
CA LEU G 175 -8.18 46.08 -25.14
C LEU G 175 -8.68 47.05 -24.09
N ASN G 176 -9.79 46.71 -23.43
CA ASN G 176 -10.49 47.64 -22.56
C ASN G 176 -9.77 47.88 -21.23
N HIS G 177 -9.97 49.10 -20.72
CA HIS G 177 -9.54 49.51 -19.38
C HIS G 177 -8.07 49.19 -19.15
N ASN G 178 -7.29 49.31 -20.19
CA ASN G 178 -5.86 49.04 -20.16
C ASN G 178 -5.14 50.39 -20.20
N ARG G 179 -3.81 50.34 -20.08
CA ARG G 179 -3.05 51.60 -20.08
C ARG G 179 -2.53 51.94 -21.46
N PHE G 180 -3.40 51.91 -22.48
CA PHE G 180 -2.97 52.27 -23.81
C PHE G 180 -3.11 53.77 -24.04
N MET G 181 -2.36 54.26 -25.03
CA MET G 181 -2.27 55.69 -25.30
C MET G 181 -2.05 55.90 -26.79
N PHE G 182 -2.04 57.17 -27.19
CA PHE G 182 -1.55 57.61 -28.49
C PHE G 182 -2.51 57.22 -29.63
N GLY G 183 -3.79 57.13 -29.32
CA GLY G 183 -4.83 57.06 -30.33
C GLY G 183 -4.95 55.71 -31.03
N ILE G 184 -6.03 55.60 -31.79
CA ILE G 184 -6.33 54.38 -32.54
C ILE G 184 -5.53 54.39 -33.85
N PRO G 185 -4.88 53.29 -34.22
CA PRO G 185 -4.16 53.26 -35.49
C PRO G 185 -5.07 53.54 -36.68
N GLU G 186 -4.56 54.33 -37.63
CA GLU G 186 -5.35 54.72 -38.78
C GLU G 186 -5.66 53.57 -39.72
N ASN G 187 -4.97 52.43 -39.57
CA ASN G 187 -5.26 51.24 -40.36
C ASN G 187 -6.26 50.31 -39.70
N MET G 188 -7.14 50.85 -38.84
CA MET G 188 -8.10 50.00 -38.15
C MET G 188 -9.02 49.28 -39.14
N GLY G 189 -9.33 49.91 -40.27
CA GLY G 189 -10.25 49.33 -41.24
C GLY G 189 -9.74 48.05 -41.88
N ASN G 190 -8.43 47.81 -41.83
CA ASN G 190 -7.88 46.62 -42.45
C ASN G 190 -8.20 45.35 -41.66
N SER G 191 -8.56 45.49 -40.38
CA SER G 191 -8.79 44.32 -39.54
C SER G 191 -10.17 43.74 -39.82
N PRO G 192 -10.27 42.43 -40.04
CA PRO G 192 -11.58 41.80 -40.33
C PRO G 192 -12.37 41.45 -39.09
N VAL G 193 -12.02 42.03 -37.93
CA VAL G 193 -12.65 41.63 -36.68
C VAL G 193 -14.15 41.84 -36.75
N SER G 194 -14.89 40.90 -36.16
CA SER G 194 -16.33 41.03 -36.01
C SER G 194 -16.68 41.79 -34.74
N ALA G 195 -15.85 41.68 -33.71
CA ALA G 195 -16.03 42.42 -32.47
C ALA G 195 -14.75 43.18 -32.16
N LEU G 196 -14.88 44.48 -31.96
CA LEU G 196 -13.75 45.35 -31.64
C LEU G 196 -14.18 46.28 -30.52
N VAL G 197 -13.56 46.15 -29.36
CA VAL G 197 -13.90 46.99 -28.23
C VAL G 197 -12.58 47.57 -27.72
N LEU G 198 -12.41 48.88 -27.90
CA LEU G 198 -11.19 49.57 -27.52
C LEU G 198 -11.46 50.65 -26.48
N ALA G 199 -12.47 50.43 -25.64
CA ALA G 199 -12.97 51.50 -24.80
C ALA G 199 -12.06 51.69 -23.59
N ASP G 200 -12.57 52.43 -22.59
CA ASP G 200 -11.88 52.75 -21.35
C ASP G 200 -10.36 52.88 -21.51
N ASN G 201 -9.92 53.73 -22.44
CA ASN G 201 -8.50 53.93 -22.67
C ASN G 201 -8.24 55.41 -22.92
N ASP G 202 -7.01 55.83 -22.64
CA ASP G 202 -6.63 57.22 -22.88
C ASP G 202 -6.03 57.32 -24.28
N LEU G 203 -6.90 57.15 -25.26
CA LEU G 203 -6.54 57.18 -26.67
C LEU G 203 -7.01 58.51 -27.26
N GLY G 204 -6.07 59.32 -27.71
CA GLY G 204 -6.36 60.63 -28.25
C GLY G 204 -6.48 60.61 -29.76
N GLY G 205 -7.40 61.43 -30.29
CA GLY G 205 -7.56 61.54 -31.71
C GLY G 205 -8.99 61.32 -32.11
N CYS G 206 -9.20 61.17 -33.41
CA CYS G 206 -10.54 60.97 -33.96
C CYS G 206 -10.76 59.50 -34.28
N ILE G 207 -12.00 59.17 -34.60
CA ILE G 207 -12.32 57.85 -35.11
C ILE G 207 -11.65 57.78 -36.49
N PRO G 208 -10.69 56.90 -36.71
CA PRO G 208 -10.06 56.83 -38.03
C PRO G 208 -11.08 56.42 -39.08
N GLY G 209 -11.08 57.13 -40.21
CA GLY G 209 -12.07 56.93 -41.24
C GLY G 209 -12.03 55.57 -41.90
N SER G 210 -11.06 54.72 -41.56
CA SER G 210 -10.95 53.40 -42.18
C SER G 210 -12.12 52.49 -41.83
N ILE G 211 -13.03 52.91 -40.94
CA ILE G 211 -14.17 52.10 -40.54
C ILE G 211 -15.04 51.72 -41.73
N GLY G 212 -15.08 52.55 -42.78
CA GLY G 212 -15.90 52.24 -43.93
C GLY G 212 -15.52 50.94 -44.61
N LEU G 213 -14.25 50.54 -44.49
CA LEU G 213 -13.80 49.28 -45.07
C LEU G 213 -14.30 48.08 -44.29
N MET G 214 -14.71 48.28 -43.03
CA MET G 214 -15.08 47.20 -42.12
C MET G 214 -16.53 46.76 -42.27
N GLY G 215 -17.22 47.19 -43.33
CA GLY G 215 -18.64 46.92 -43.44
C GLY G 215 -18.98 45.45 -43.56
N LYS G 216 -18.13 44.68 -44.24
CA LYS G 216 -18.46 43.28 -44.54
C LYS G 216 -18.28 42.36 -43.34
N THR G 217 -17.39 42.70 -42.40
CA THR G 217 -17.04 41.80 -41.30
C THR G 217 -17.44 42.30 -39.92
N LEU G 218 -17.37 43.61 -39.68
CA LEU G 218 -17.60 44.13 -38.33
C LEU G 218 -19.06 43.97 -37.92
N ASN G 219 -19.28 43.56 -36.67
CA ASN G 219 -20.61 43.41 -36.10
C ASN G 219 -20.85 44.24 -34.84
N GLU G 220 -19.84 44.43 -34.00
CA GLU G 220 -20.02 45.20 -32.77
C GLU G 220 -18.73 45.96 -32.47
N ILE G 221 -18.85 47.26 -32.24
CA ILE G 221 -17.69 48.10 -31.93
C ILE G 221 -18.06 49.06 -30.80
N ILE G 222 -17.18 49.17 -29.81
CA ILE G 222 -17.36 50.06 -28.66
C ILE G 222 -16.05 50.82 -28.46
N LEU G 223 -16.11 52.15 -28.65
CA LEU G 223 -14.97 53.03 -28.50
C LEU G 223 -15.20 54.04 -27.40
N SER G 224 -16.03 53.68 -26.42
CA SER G 224 -16.47 54.62 -25.39
C SER G 224 -15.36 54.96 -24.40
N ASN G 225 -15.54 56.08 -23.71
CA ASN G 225 -14.66 56.52 -22.63
C ASN G 225 -13.19 56.55 -23.07
N ASP G 226 -12.98 56.89 -24.33
CA ASP G 226 -11.65 57.22 -24.85
C ASP G 226 -11.48 58.73 -24.90
N ASN G 227 -10.27 59.17 -25.20
CA ASN G 227 -10.00 60.60 -25.32
C ASN G 227 -10.24 61.05 -26.76
N LEU G 228 -11.41 60.67 -27.28
CA LEU G 228 -11.76 60.83 -28.69
C LEU G 228 -12.34 62.21 -28.96
N THR G 229 -11.75 62.92 -29.91
CA THR G 229 -12.23 64.22 -30.36
C THR G 229 -12.52 64.16 -31.86
N GLY G 230 -12.96 65.29 -32.41
CA GLY G 230 -13.23 65.38 -33.83
C GLY G 230 -14.66 65.03 -34.18
N CYS G 231 -14.95 65.01 -35.48
CA CYS G 231 -16.30 64.77 -35.95
C CYS G 231 -16.51 63.29 -36.29
N LEU G 232 -17.76 62.87 -36.22
CA LEU G 232 -18.13 61.49 -36.52
C LEU G 232 -18.14 61.27 -38.03
N PRO G 233 -17.31 60.38 -38.56
CA PRO G 233 -17.23 60.21 -40.02
C PRO G 233 -18.50 59.62 -40.58
N PRO G 234 -18.99 60.15 -41.71
CA PRO G 234 -20.27 59.67 -42.27
C PRO G 234 -20.19 58.33 -42.97
N GLN G 235 -18.99 57.81 -43.24
CA GLN G 235 -18.93 56.50 -43.90
C GLN G 235 -19.29 55.35 -42.94
N ILE G 236 -19.80 55.64 -41.75
CA ILE G 236 -20.26 54.58 -40.86
C ILE G 236 -21.46 53.87 -41.48
N GLY G 237 -22.09 54.49 -42.47
CA GLY G 237 -23.21 53.89 -43.18
C GLY G 237 -22.87 52.61 -43.91
N ASN G 238 -21.59 52.42 -44.26
CA ASN G 238 -21.19 51.18 -44.90
C ASN G 238 -21.30 49.98 -43.95
N LEU G 239 -21.41 50.24 -42.65
CA LEU G 239 -21.51 49.20 -41.62
C LEU G 239 -22.97 48.76 -41.48
N LYS G 240 -23.43 48.02 -42.48
CA LYS G 240 -24.81 47.55 -42.48
C LYS G 240 -25.04 46.34 -41.58
N ASN G 241 -23.99 45.61 -41.22
CA ASN G 241 -24.11 44.44 -40.34
C ASN G 241 -23.52 44.66 -38.96
N VAL G 242 -23.57 45.88 -38.44
CA VAL G 242 -23.13 46.15 -37.07
C VAL G 242 -24.37 46.34 -36.21
N THR G 243 -24.44 45.57 -35.12
CA THR G 243 -25.57 45.63 -34.20
C THR G 243 -25.33 46.62 -33.08
N VAL G 244 -24.09 46.72 -32.59
CA VAL G 244 -23.73 47.59 -31.48
C VAL G 244 -22.71 48.60 -31.97
N PHE G 245 -22.94 49.87 -31.64
CA PHE G 245 -22.05 50.97 -32.03
C PHE G 245 -22.08 51.98 -30.88
N ASP G 246 -21.04 51.95 -30.05
CA ASP G 246 -20.98 52.78 -28.85
C ASP G 246 -19.76 53.68 -28.90
N ILE G 247 -20.00 55.00 -28.88
CA ILE G 247 -18.94 56.00 -28.89
C ILE G 247 -19.15 56.97 -27.73
N SER G 248 -19.75 56.48 -26.65
CA SER G 248 -20.12 57.33 -25.53
C SER G 248 -18.88 57.81 -24.76
N PHE G 249 -19.09 58.81 -23.90
CA PHE G 249 -18.07 59.29 -22.97
C PHE G 249 -16.81 59.76 -23.71
N ASN G 250 -17.02 60.52 -24.77
CA ASN G 250 -15.94 61.11 -25.55
C ASN G 250 -16.21 62.60 -25.69
N ARG G 251 -15.26 63.32 -26.29
CA ARG G 251 -15.46 64.72 -26.65
C ARG G 251 -15.72 64.92 -28.13
N LEU G 252 -16.37 63.96 -28.78
CA LEU G 252 -16.64 64.05 -30.20
C LEU G 252 -17.65 65.16 -30.46
N SER G 253 -17.31 66.07 -31.37
CA SER G 253 -18.17 67.18 -31.72
C SER G 253 -18.57 67.07 -33.18
N GLY G 254 -19.69 67.70 -33.53
CA GLY G 254 -20.17 67.70 -34.89
C GLY G 254 -21.59 67.19 -35.00
N PRO G 255 -22.12 67.13 -36.21
CA PRO G 255 -23.47 66.61 -36.41
C PRO G 255 -23.47 65.10 -36.65
N LEU G 256 -24.57 64.48 -36.28
CA LEU G 256 -24.77 63.07 -36.63
C LEU G 256 -25.04 62.96 -38.13
N PRO G 257 -24.30 62.12 -38.85
CA PRO G 257 -24.52 62.01 -40.29
C PRO G 257 -25.86 61.37 -40.61
N SER G 258 -26.46 61.80 -41.72
CA SER G 258 -27.69 61.17 -42.18
C SER G 258 -27.47 59.75 -42.65
N SER G 259 -26.22 59.34 -42.86
CA SER G 259 -25.89 57.98 -43.28
C SER G 259 -26.07 56.98 -42.15
N ILE G 260 -26.42 57.46 -40.96
CA ILE G 260 -26.60 56.58 -39.81
C ILE G 260 -27.76 55.60 -40.07
N GLY G 261 -28.76 56.02 -40.85
CA GLY G 261 -29.89 55.17 -41.16
C GLY G 261 -29.56 53.98 -42.03
N ASN G 262 -28.38 53.98 -42.67
CA ASN G 262 -27.98 52.87 -43.52
C ASN G 262 -27.50 51.66 -42.73
N MET G 263 -27.28 51.80 -41.43
CA MET G 263 -26.80 50.70 -40.59
C MET G 263 -28.02 49.89 -40.12
N LYS G 264 -28.61 49.17 -41.09
CA LYS G 264 -29.92 48.57 -40.89
C LYS G 264 -29.93 47.55 -39.76
N SER G 265 -28.81 46.91 -39.47
CA SER G 265 -28.76 45.91 -38.41
C SER G 265 -28.48 46.53 -37.06
N LEU G 266 -28.43 47.85 -36.96
CA LEU G 266 -28.08 48.52 -35.72
C LEU G 266 -29.16 48.28 -34.67
N GLU G 267 -28.76 47.66 -33.56
CA GLU G 267 -29.63 47.37 -32.43
C GLU G 267 -29.36 48.25 -31.24
N GLN G 268 -28.08 48.44 -30.91
CA GLN G 268 -27.63 49.28 -29.79
C GLN G 268 -26.86 50.45 -30.37
N LEU G 269 -27.39 51.66 -30.20
CA LEU G 269 -26.73 52.88 -30.67
C LEU G 269 -26.57 53.81 -29.48
N ASN G 270 -25.32 54.08 -29.09
CA ASN G 270 -25.03 54.94 -27.95
C ASN G 270 -24.13 56.07 -28.43
N VAL G 271 -24.65 57.29 -28.36
CA VAL G 271 -23.97 58.50 -28.81
C VAL G 271 -23.91 59.51 -27.66
N ALA G 272 -24.15 59.01 -26.45
CA ALA G 272 -24.28 59.85 -25.27
C ALA G 272 -22.93 60.39 -24.82
N ASN G 273 -22.97 61.40 -23.96
CA ASN G 273 -21.79 61.94 -23.28
C ASN G 273 -20.73 62.38 -24.29
N ASN G 274 -21.10 63.35 -25.12
CA ASN G 274 -20.24 63.91 -26.16
C ASN G 274 -20.50 65.40 -26.34
N ARG G 275 -20.26 65.90 -27.54
CA ARG G 275 -20.37 67.32 -27.85
C ARG G 275 -20.98 67.50 -29.24
N PHE G 276 -21.99 66.70 -29.56
CA PHE G 276 -22.58 66.74 -30.89
C PHE G 276 -23.56 67.90 -31.05
N THR G 277 -23.38 68.65 -32.13
CA THR G 277 -24.25 69.75 -32.55
C THR G 277 -25.31 69.17 -33.49
N GLY G 278 -26.02 70.03 -34.23
CA GLY G 278 -27.01 69.59 -35.20
C GLY G 278 -28.20 68.79 -34.71
N VAL G 279 -29.13 68.50 -35.62
CA VAL G 279 -30.39 67.84 -35.32
C VAL G 279 -30.33 66.36 -35.67
N ILE G 280 -30.90 65.52 -34.81
CA ILE G 280 -31.07 64.08 -35.01
C ILE G 280 -31.55 63.77 -36.42
N PRO G 281 -30.73 63.14 -37.25
CA PRO G 281 -31.12 62.89 -38.65
C PRO G 281 -32.38 62.04 -38.72
N SER G 282 -33.37 62.54 -39.47
CA SER G 282 -34.63 61.81 -39.66
C SER G 282 -34.44 60.43 -40.27
N SER G 283 -33.22 60.06 -40.67
CA SER G 283 -32.99 58.74 -41.24
C SER G 283 -32.91 57.63 -40.20
N ILE G 284 -32.85 57.96 -38.91
CA ILE G 284 -32.87 56.93 -37.87
C ILE G 284 -34.19 56.18 -37.83
N CYS G 285 -35.21 56.73 -38.49
CA CYS G 285 -36.51 56.08 -38.55
C CYS G 285 -36.42 54.78 -39.34
N GLN G 286 -35.44 54.69 -40.25
CA GLN G 286 -35.23 53.52 -41.09
C GLN G 286 -34.67 52.33 -40.31
N LEU G 287 -34.11 52.58 -39.13
CA LEU G 287 -33.47 51.52 -38.33
C LEU G 287 -34.56 50.70 -37.66
N SER G 288 -34.91 49.57 -38.27
CA SER G 288 -36.00 48.75 -37.73
C SER G 288 -35.56 47.84 -36.59
N ASN G 289 -34.31 47.39 -36.59
CA ASN G 289 -33.80 46.52 -35.54
C ASN G 289 -33.43 47.27 -34.26
N LEU G 290 -33.48 48.60 -34.27
CA LEU G 290 -33.05 49.39 -33.12
C LEU G 290 -33.83 49.06 -31.86
N GLU G 291 -33.10 48.77 -30.78
CA GLU G 291 -33.69 48.43 -29.49
C GLU G 291 -33.34 49.41 -28.37
N ASN G 292 -32.16 50.03 -28.40
CA ASN G 292 -31.75 51.02 -27.40
C ASN G 292 -30.97 52.12 -28.10
N PHE G 293 -31.45 53.36 -27.95
CA PHE G 293 -30.83 54.52 -28.56
C PHE G 293 -30.66 55.61 -27.51
N THR G 294 -29.45 56.15 -27.41
CA THR G 294 -29.09 57.11 -26.36
C THR G 294 -28.24 58.21 -26.96
N TYR G 295 -28.73 59.45 -26.84
CA TYR G 295 -28.07 60.65 -27.35
C TYR G 295 -28.10 61.74 -26.28
N SER G 296 -27.55 61.42 -25.10
CA SER G 296 -27.70 62.26 -23.93
C SER G 296 -26.38 62.93 -23.57
N SER G 297 -26.48 64.04 -22.84
CA SER G 297 -25.35 64.90 -22.52
C SER G 297 -24.68 65.42 -23.80
N ASN G 298 -25.51 65.76 -24.79
CA ASN G 298 -25.07 66.36 -26.04
C ASN G 298 -25.79 67.69 -26.26
N PHE G 299 -25.25 68.46 -27.19
CA PHE G 299 -25.80 69.78 -27.52
C PHE G 299 -26.67 69.72 -28.77
N PHE G 300 -27.71 68.86 -28.72
CA PHE G 300 -28.60 68.72 -29.86
C PHE G 300 -29.70 69.78 -29.81
N THR G 301 -30.06 70.30 -30.98
CA THR G 301 -31.12 71.29 -31.10
C THR G 301 -32.41 70.73 -31.67
N GLY G 302 -32.39 69.52 -32.21
CA GLY G 302 -33.60 68.88 -32.70
C GLY G 302 -33.62 67.42 -32.30
N ASP G 303 -34.82 66.86 -32.29
CA ASP G 303 -35.04 65.52 -31.80
C ASP G 303 -35.70 64.67 -32.88
N ALA G 304 -35.80 63.37 -32.61
CA ALA G 304 -36.32 62.43 -33.59
C ALA G 304 -37.83 62.45 -33.60
N PRO G 305 -38.48 62.67 -34.73
CA PRO G 305 -39.94 62.51 -34.82
C PRO G 305 -40.35 61.07 -34.54
N ARG G 306 -41.67 60.85 -34.45
CA ARG G 306 -42.16 59.60 -33.88
C ARG G 306 -41.72 58.37 -34.67
N CYS G 307 -42.24 58.19 -35.90
CA CYS G 307 -41.66 57.26 -36.86
C CYS G 307 -41.32 55.91 -36.24
N VAL G 308 -42.27 54.98 -36.17
CA VAL G 308 -42.64 54.07 -35.07
C VAL G 308 -41.47 53.57 -34.20
N ALA G 309 -40.27 54.10 -34.42
CA ALA G 309 -39.11 53.79 -33.57
C ALA G 309 -39.36 54.07 -32.08
N LEU G 310 -40.56 54.50 -31.71
CA LEU G 310 -41.05 54.32 -30.34
C LEU G 310 -41.89 53.04 -30.26
N ASN G 314 -41.89 49.52 -27.07
CA ASN G 314 -40.97 48.66 -26.32
C ASN G 314 -39.53 48.89 -26.72
N VAL G 315 -39.14 50.16 -26.85
CA VAL G 315 -37.79 50.55 -27.22
C VAL G 315 -37.44 51.84 -26.47
N VAL G 316 -36.34 51.79 -25.72
CA VAL G 316 -35.99 52.87 -24.81
C VAL G 316 -35.20 53.94 -25.54
N VAL G 317 -35.62 55.19 -25.42
CA VAL G 317 -34.94 56.34 -26.01
C VAL G 317 -34.69 57.32 -24.89
N ASN G 318 -33.46 57.82 -24.79
CA ASN G 318 -33.13 58.79 -23.74
C ASN G 318 -32.52 60.03 -24.39
N GLY G 319 -33.26 61.13 -24.38
CA GLY G 319 -32.78 62.38 -24.93
C GLY G 319 -32.58 63.45 -23.87
N SER G 320 -31.87 63.11 -22.80
CA SER G 320 -31.73 63.98 -21.65
C SER G 320 -30.44 64.80 -21.75
N MET G 321 -30.50 66.01 -21.20
CA MET G 321 -29.42 66.99 -21.29
C MET G 321 -29.04 67.25 -22.75
N ASN G 322 -29.99 67.87 -23.44
CA ASN G 322 -29.90 68.24 -24.85
C ASN G 322 -30.58 69.59 -25.03
N CYS G 323 -29.95 70.46 -25.81
CA CYS G 323 -30.46 71.82 -26.00
C CYS G 323 -31.69 71.85 -26.89
N ILE G 324 -32.50 70.79 -26.86
CA ILE G 324 -33.76 70.76 -27.59
C ILE G 324 -34.82 71.45 -26.75
N ASP G 325 -35.61 72.32 -27.38
CA ASP G 325 -36.57 73.14 -26.65
C ASP G 325 -37.78 72.35 -26.19
N GLY G 326 -38.40 71.61 -27.12
CA GLY G 326 -39.67 70.97 -26.81
C GLY G 326 -39.57 69.93 -25.72
N LYS G 327 -38.47 69.17 -25.70
CA LYS G 327 -38.37 68.06 -24.78
C LYS G 327 -38.18 68.55 -23.34
N GLU G 328 -38.34 67.61 -22.41
CA GLU G 328 -38.53 67.93 -21.01
C GLU G 328 -37.21 68.27 -20.31
N ASP G 329 -36.30 67.29 -20.25
CA ASP G 329 -35.01 67.42 -19.58
C ASP G 329 -33.96 67.97 -20.54
N GLN G 330 -33.75 69.29 -20.52
CA GLN G 330 -32.77 69.91 -21.39
C GLN G 330 -31.71 70.63 -20.56
N ARG G 331 -30.65 71.06 -21.23
CA ARG G 331 -29.61 71.82 -20.56
C ARG G 331 -30.11 73.23 -20.28
N SER G 332 -29.51 73.88 -19.29
CA SER G 332 -29.87 75.26 -18.99
C SER G 332 -29.39 76.19 -20.11
N SER G 333 -30.07 77.33 -20.21
CA SER G 333 -29.73 78.30 -21.25
C SER G 333 -28.29 78.75 -21.13
N LYS G 334 -27.86 79.06 -19.90
CA LYS G 334 -26.44 79.23 -19.59
C LYS G 334 -25.62 78.09 -20.19
N GLU G 335 -25.91 76.85 -19.76
CA GLU G 335 -25.12 75.70 -20.21
C GLU G 335 -25.21 75.50 -21.72
N CYS G 336 -26.32 75.90 -22.35
CA CYS G 336 -26.38 75.92 -23.82
C CYS G 336 -25.67 77.19 -24.28
N SER G 337 -25.92 77.60 -25.53
CA SER G 337 -25.26 78.75 -26.15
C SER G 337 -23.85 78.97 -25.61
N SER G 338 -23.08 77.89 -25.49
CA SER G 338 -21.75 77.91 -24.90
C SER G 338 -20.73 77.56 -25.98
N PRO G 339 -19.42 77.77 -25.75
CA PRO G 339 -18.45 77.45 -26.81
C PRO G 339 -18.43 76.00 -27.23
N ALA G 340 -18.98 75.09 -26.43
CA ALA G 340 -19.15 73.70 -26.86
C ALA G 340 -20.45 73.49 -27.62
N SER G 341 -21.47 74.31 -27.33
CA SER G 341 -22.77 74.16 -27.97
C SER G 341 -22.78 74.65 -29.41
N ARG G 342 -21.76 75.38 -29.85
CA ARG G 342 -21.75 75.93 -31.20
C ARG G 342 -21.43 74.82 -32.20
N SER G 343 -21.24 75.19 -33.45
CA SER G 343 -20.94 74.23 -34.52
C SER G 343 -19.46 74.29 -34.85
N VAL G 344 -18.94 73.16 -35.32
CA VAL G 344 -17.51 73.00 -35.54
C VAL G 344 -17.24 72.81 -37.03
N ASP G 345 -16.03 73.18 -37.44
CA ASP G 345 -15.65 73.11 -38.84
C ASP G 345 -15.40 71.67 -39.28
N CYS G 346 -14.96 70.81 -38.36
CA CYS G 346 -14.59 69.41 -38.59
C CYS G 346 -13.26 69.33 -39.32
N SER G 347 -12.73 70.47 -39.75
CA SER G 347 -11.39 70.55 -40.30
C SER G 347 -10.44 71.30 -39.38
N LYS G 348 -10.97 71.99 -38.37
CA LYS G 348 -10.15 72.57 -37.31
C LYS G 348 -9.50 71.51 -36.43
N PHE G 349 -9.68 70.25 -36.79
CA PHE G 349 -9.06 69.10 -36.14
C PHE G 349 -8.07 68.49 -37.12
N GLY G 350 -7.11 67.74 -36.60
CA GLY G 350 -6.02 67.27 -37.42
C GLY G 350 -6.20 65.86 -37.93
N CYS G 351 -7.37 65.28 -37.76
CA CYS G 351 -7.70 63.98 -38.29
C CYS G 351 -8.38 64.11 -39.64
N ASN G 352 -7.85 63.39 -40.63
CA ASN G 352 -8.49 63.30 -41.95
C ASN G 352 -9.29 62.01 -41.97
N ASN G 353 -10.49 62.09 -41.38
CA ASN G 353 -11.35 60.92 -41.19
C ASN G 353 -12.60 60.94 -42.07
N PHE G 354 -12.60 61.75 -43.12
CA PHE G 354 -13.67 61.71 -44.11
C PHE G 354 -13.20 62.44 -45.38
N PHE G 355 -13.38 61.80 -46.53
CA PHE G 355 -12.91 62.36 -47.79
C PHE G 355 -14.05 62.82 -48.69
N SER G 356 -15.18 63.22 -48.09
CA SER G 356 -16.31 63.74 -48.83
C SER G 356 -17.03 64.74 -47.96
N PRO G 357 -17.43 65.89 -48.51
CA PRO G 357 -18.03 66.94 -47.68
C PRO G 357 -19.32 66.47 -47.03
N LEU G 358 -19.63 67.06 -45.88
CA LEU G 358 -20.74 66.59 -45.05
C LEU G 358 -22.08 66.92 -45.71
N GLU G 359 -23.14 66.34 -45.14
CA GLU G 359 -24.44 66.34 -45.82
C GLU G 359 -25.06 67.74 -45.84
N ASN G 360 -24.89 68.52 -44.77
CA ASN G 360 -25.52 69.82 -44.64
C ASN G 360 -27.04 69.71 -44.76
N ASP H 15 31.32 43.55 -13.90
CA ASP H 15 31.50 42.86 -15.16
C ASP H 15 32.06 43.74 -16.29
N PRO H 16 31.47 44.94 -16.55
CA PRO H 16 31.87 45.70 -17.74
C PRO H 16 33.21 46.42 -17.60
N SER H 17 33.98 46.09 -16.56
CA SER H 17 35.28 46.68 -16.32
C SER H 17 35.17 48.20 -16.13
N LEU H 18 34.46 48.57 -15.08
CA LEU H 18 34.24 49.97 -14.69
C LEU H 18 34.80 50.17 -13.29
N LYS H 19 35.38 51.34 -13.05
CA LYS H 19 36.00 51.64 -11.77
C LYS H 19 34.95 51.99 -10.73
N PHE H 20 35.08 51.39 -9.55
CA PHE H 20 34.17 51.60 -8.43
C PHE H 20 34.93 52.22 -7.25
N GLU H 21 34.21 53.00 -6.44
CA GLU H 21 34.83 53.61 -5.27
C GLU H 21 35.24 52.56 -4.26
N ASN H 22 34.40 51.55 -4.05
CA ASN H 22 34.66 50.52 -3.05
C ASN H 22 33.93 49.25 -3.48
N PRO H 23 34.30 48.09 -2.91
CA PRO H 23 33.61 46.85 -3.28
C PRO H 23 32.12 46.83 -2.93
N SER H 24 31.66 47.70 -2.03
CA SER H 24 30.25 47.67 -1.65
C SER H 24 29.35 48.15 -2.77
N LEU H 25 29.68 49.26 -3.42
CA LEU H 25 28.87 49.75 -4.53
C LEU H 25 28.93 48.81 -5.74
N ARG H 26 30.01 48.07 -5.91
CA ARG H 26 30.04 47.09 -7.00
C ARG H 26 29.04 45.98 -6.75
N GLN H 27 28.98 45.48 -5.51
CA GLN H 27 27.95 44.51 -5.15
C GLN H 27 26.56 45.13 -5.25
N ALA H 28 26.44 46.40 -4.86
CA ALA H 28 25.17 47.11 -4.98
C ALA H 28 24.80 47.31 -6.44
N TYR H 29 25.78 47.61 -7.29
CA TYR H 29 25.53 47.77 -8.72
C TYR H 29 25.01 46.49 -9.34
N ILE H 30 25.52 45.34 -8.89
CA ILE H 30 25.01 44.05 -9.37
C ILE H 30 23.54 43.90 -9.00
N ALA H 31 23.17 44.31 -7.79
CA ALA H 31 21.79 44.17 -7.33
C ALA H 31 20.85 45.09 -8.09
N LEU H 32 21.27 46.33 -8.32
CA LEU H 32 20.38 47.33 -8.90
C LEU H 32 20.11 47.06 -10.37
N GLN H 33 21.15 46.71 -11.15
CA GLN H 33 20.93 46.34 -12.53
C GLN H 33 20.14 45.04 -12.65
N SER H 34 20.35 44.11 -11.73
CA SER H 34 19.52 42.92 -11.68
C SER H 34 18.06 43.29 -11.41
N TRP H 35 17.84 44.28 -10.55
CA TRP H 35 16.49 44.74 -10.26
C TRP H 35 15.98 45.70 -11.32
N LYS H 36 16.88 46.31 -12.11
CA LYS H 36 16.44 47.02 -13.30
C LYS H 36 15.84 46.05 -14.32
N GLN H 37 16.41 44.85 -14.42
CA GLN H 37 15.85 43.82 -15.28
C GLN H 37 14.53 43.28 -14.76
N ALA H 38 14.27 43.39 -13.46
CA ALA H 38 13.02 42.95 -12.88
C ALA H 38 11.91 43.97 -13.01
N ILE H 39 12.23 45.21 -13.36
CA ILE H 39 11.23 46.26 -13.49
C ILE H 39 10.69 46.26 -14.91
N PHE H 40 9.37 46.20 -15.03
CA PHE H 40 8.69 46.09 -16.32
C PHE H 40 8.02 47.39 -16.77
N SER H 41 7.71 48.28 -15.83
CA SER H 41 7.07 49.56 -16.14
C SER H 41 7.60 50.62 -15.19
N ASP H 42 8.06 51.73 -15.76
CA ASP H 42 8.61 52.84 -14.98
C ASP H 42 7.96 54.12 -15.49
N PRO H 43 6.78 54.47 -14.98
CA PRO H 43 6.09 55.66 -15.50
C PRO H 43 6.83 56.96 -15.30
N PHE H 44 7.44 57.15 -14.13
CA PHE H 44 8.14 58.40 -13.84
C PHE H 44 9.64 58.29 -14.03
N ASN H 45 10.03 57.53 -15.07
CA ASN H 45 11.42 57.31 -15.50
C ASN H 45 12.45 57.39 -14.38
N PHE H 46 12.30 56.52 -13.37
CA PHE H 46 13.30 56.44 -12.31
C PHE H 46 14.52 55.63 -12.74
N THR H 47 14.31 54.54 -13.47
CA THR H 47 15.42 53.70 -13.91
C THR H 47 16.20 54.31 -15.06
N ALA H 48 15.78 55.47 -15.56
CA ALA H 48 16.51 56.13 -16.63
C ALA H 48 17.91 56.51 -16.18
N ASN H 49 18.06 56.93 -14.91
CA ASN H 49 19.34 57.33 -14.36
C ASN H 49 20.22 56.15 -14.01
N TRP H 50 19.70 54.91 -14.06
CA TRP H 50 20.45 53.73 -13.65
C TRP H 50 21.34 53.22 -14.80
N ASN H 51 22.22 54.11 -15.26
CA ASN H 51 23.12 53.80 -16.36
C ASN H 51 24.58 53.73 -15.92
N GLY H 52 25.11 54.81 -15.36
CA GLY H 52 26.51 54.89 -14.99
C GLY H 52 26.88 54.02 -13.81
N SER H 53 28.15 54.14 -13.43
CA SER H 53 28.70 53.45 -12.26
C SER H 53 28.53 54.26 -10.98
N ASP H 54 28.10 55.52 -11.11
CA ASP H 54 27.83 56.37 -9.95
C ASP H 54 26.49 55.93 -9.36
N VAL H 55 26.55 54.88 -8.54
CA VAL H 55 25.34 54.28 -7.97
C VAL H 55 24.58 55.30 -7.14
N CYS H 56 25.30 56.18 -6.45
CA CYS H 56 24.67 57.15 -5.55
C CYS H 56 23.84 58.18 -6.29
N SER H 57 24.12 58.42 -7.58
CA SER H 57 23.33 59.35 -8.38
C SER H 57 22.01 58.78 -8.85
N TYR H 58 21.78 57.48 -8.67
CA TYR H 58 20.55 56.86 -9.14
C TYR H 58 19.34 57.44 -8.41
N ASN H 59 18.26 57.67 -9.15
CA ASN H 59 17.02 58.16 -8.56
C ASN H 59 16.46 57.16 -7.57
N GLY H 60 16.07 57.64 -6.39
CA GLY H 60 15.50 56.82 -5.36
C GLY H 60 16.49 56.03 -4.53
N ILE H 61 17.76 56.03 -4.90
CA ILE H 61 18.81 55.34 -4.15
C ILE H 61 19.63 56.39 -3.41
N PHE H 62 19.89 56.14 -2.13
CA PHE H 62 20.46 57.15 -1.25
C PHE H 62 21.62 56.56 -0.47
N CYS H 63 22.80 57.15 -0.66
CA CYS H 63 24.03 56.68 -0.02
C CYS H 63 24.27 57.43 1.29
N ALA H 64 25.12 56.85 2.13
CA ALA H 64 25.46 57.44 3.42
C ALA H 64 26.76 56.79 3.90
N PRO H 65 27.50 57.46 4.79
CA PRO H 65 28.74 56.88 5.30
C PRO H 65 28.49 55.59 6.09
N SER H 66 29.26 54.56 5.74
CA SER H 66 29.14 53.27 6.42
C SER H 66 29.58 53.40 7.87
N PRO H 67 28.83 52.83 8.82
CA PRO H 67 29.30 52.84 10.21
C PRO H 67 30.56 52.01 10.42
N SER H 68 30.76 50.96 9.63
CA SER H 68 31.99 50.16 9.75
C SER H 68 33.21 50.96 9.28
N SER H 69 33.06 51.75 8.23
CA SER H 69 34.14 52.59 7.71
C SER H 69 33.52 53.90 7.23
N PRO H 70 33.63 54.98 8.01
CA PRO H 70 32.97 56.24 7.62
C PRO H 70 33.47 56.83 6.31
N LYS H 71 34.70 56.53 5.89
CA LYS H 71 35.20 57.05 4.63
C LYS H 71 34.53 56.39 3.44
N THR H 72 34.11 55.13 3.58
CA THR H 72 33.51 54.38 2.48
C THR H 72 32.03 54.73 2.39
N ARG H 73 31.61 55.20 1.22
CA ARG H 73 30.20 55.42 0.95
C ARG H 73 29.53 54.10 0.61
N VAL H 74 28.31 53.91 1.11
CA VAL H 74 27.55 52.68 0.91
C VAL H 74 26.10 53.04 0.64
N VAL H 75 25.39 52.11 0.02
CA VAL H 75 23.97 52.29 -0.27
C VAL H 75 23.20 52.06 1.03
N ALA H 76 22.71 53.13 1.63
CA ALA H 76 22.04 53.06 2.92
C ALA H 76 20.52 52.99 2.83
N GLY H 77 19.92 53.54 1.78
CA GLY H 77 18.47 53.59 1.68
C GLY H 77 17.99 53.59 0.26
N ILE H 78 16.78 53.07 0.05
CA ILE H 78 16.09 53.10 -1.22
C ILE H 78 14.67 53.59 -0.97
N ASP H 79 14.28 54.68 -1.62
CA ASP H 79 12.96 55.29 -1.44
C ASP H 79 12.36 55.58 -2.81
N LEU H 80 11.40 54.75 -3.22
CA LEU H 80 10.68 54.92 -4.47
C LEU H 80 9.19 55.14 -4.24
N ASN H 81 8.84 55.81 -3.15
CA ASN H 81 7.44 56.02 -2.80
C ASN H 81 6.74 56.85 -3.87
N HIS H 82 5.50 56.47 -4.17
CA HIS H 82 4.59 57.10 -5.13
C HIS H 82 5.05 56.97 -6.58
N ALA H 83 6.13 56.24 -6.85
CA ALA H 83 6.46 55.86 -8.21
C ALA H 83 5.54 54.72 -8.62
N ASP H 84 4.87 54.84 -9.76
CA ASP H 84 3.91 53.81 -10.13
C ASP H 84 4.59 52.65 -10.86
N MET H 85 5.66 52.13 -10.25
CA MET H 85 6.52 51.15 -10.88
C MET H 85 5.99 49.73 -10.65
N ALA H 86 6.10 48.89 -11.68
CA ALA H 86 5.60 47.52 -11.66
C ALA H 86 6.74 46.54 -11.92
N GLY H 87 6.72 45.42 -11.20
CA GLY H 87 7.77 44.44 -11.31
C GLY H 87 7.75 43.50 -10.11
N TYR H 88 8.90 42.88 -9.85
CA TYR H 88 9.09 42.05 -8.68
C TYR H 88 10.43 42.36 -8.05
N LEU H 89 10.64 41.81 -6.85
CA LEU H 89 11.88 42.01 -6.11
C LEU H 89 12.81 40.83 -6.35
N PRO H 90 13.91 41.00 -7.08
CA PRO H 90 14.76 39.86 -7.44
C PRO H 90 15.58 39.39 -6.25
N ARG H 91 16.17 38.20 -6.42
CA ARG H 91 16.99 37.60 -5.38
C ARG H 91 18.24 38.41 -5.11
N GLU H 92 18.74 39.15 -6.11
CA GLU H 92 20.00 39.88 -5.97
C GLU H 92 19.90 41.10 -5.06
N LEU H 93 18.69 41.49 -4.64
CA LEU H 93 18.59 42.61 -3.71
C LEU H 93 19.18 42.29 -2.36
N GLY H 94 19.36 41.01 -2.02
CA GLY H 94 19.99 40.65 -0.76
C GLY H 94 21.44 41.06 -0.64
N LEU H 95 22.07 41.46 -1.76
CA LEU H 95 23.43 41.97 -1.71
C LEU H 95 23.50 43.37 -1.13
N LEU H 96 22.37 44.02 -0.91
CA LEU H 96 22.33 45.37 -0.34
C LEU H 96 22.35 45.31 1.19
N THR H 97 23.44 44.72 1.69
CA THR H 97 23.57 44.46 3.13
C THR H 97 23.64 45.74 3.95
N ASP H 98 24.08 46.85 3.35
CA ASP H 98 24.23 48.11 4.05
C ASP H 98 22.94 48.91 4.14
N LEU H 99 21.82 48.36 3.70
CA LEU H 99 20.57 49.11 3.69
C LEU H 99 20.05 49.33 5.10
N ALA H 100 19.54 50.52 5.35
CA ALA H 100 18.89 50.88 6.60
C ALA H 100 17.40 51.18 6.43
N LEU H 101 17.00 51.67 5.27
CA LEU H 101 15.61 51.91 4.94
C LEU H 101 15.32 51.41 3.53
N PHE H 102 14.07 51.02 3.30
CA PHE H 102 13.64 50.45 2.03
C PHE H 102 12.15 50.75 1.87
N HIS H 103 11.83 51.74 1.03
CA HIS H 103 10.48 52.27 0.94
C HIS H 103 9.91 52.02 -0.45
N LEU H 104 8.76 51.36 -0.50
CA LEU H 104 8.08 51.02 -1.75
C LEU H 104 6.59 51.28 -1.66
N ASN H 105 6.21 52.41 -1.08
CA ASN H 105 4.80 52.76 -1.03
C ASN H 105 4.32 53.15 -2.43
N SER H 106 3.07 52.79 -2.73
CA SER H 106 2.40 53.19 -3.96
C SER H 106 3.16 52.73 -5.20
N ASN H 107 3.60 51.47 -5.19
CA ASN H 107 4.17 50.80 -6.35
C ASN H 107 3.21 49.73 -6.86
N ARG H 108 3.64 49.01 -7.88
CA ARG H 108 2.89 47.89 -8.42
C ARG H 108 3.76 46.64 -8.45
N PHE H 109 4.62 46.50 -7.44
CA PHE H 109 5.48 45.33 -7.36
C PHE H 109 4.71 44.14 -6.82
N CYS H 110 4.77 43.04 -7.56
CA CYS H 110 4.04 41.82 -7.26
C CYS H 110 5.01 40.71 -6.87
N GLY H 111 4.45 39.55 -6.58
CA GLY H 111 5.25 38.41 -6.19
C GLY H 111 5.40 38.29 -4.69
N GLU H 112 6.48 37.65 -4.28
CA GLU H 112 6.77 37.40 -2.88
C GLU H 112 8.10 38.04 -2.49
N VAL H 113 8.22 38.36 -1.20
CA VAL H 113 9.45 38.97 -0.68
C VAL H 113 10.58 37.95 -0.75
N PRO H 114 11.72 38.27 -1.36
CA PRO H 114 12.78 37.27 -1.53
C PRO H 114 13.42 36.87 -0.22
N LEU H 115 13.85 35.61 -0.17
CA LEU H 115 14.50 35.07 1.03
C LEU H 115 15.84 35.75 1.32
N THR H 116 16.44 36.41 0.33
CA THR H 116 17.76 37.01 0.50
C THR H 116 17.75 38.28 1.31
N PHE H 117 16.57 38.82 1.67
CA PHE H 117 16.53 40.01 2.52
C PHE H 117 17.04 39.74 3.93
N LYS H 118 17.18 38.48 4.33
CA LYS H 118 17.75 38.17 5.64
C LYS H 118 19.18 38.69 5.77
N HIS H 119 19.85 38.95 4.65
CA HIS H 119 21.20 39.50 4.66
C HIS H 119 21.24 40.98 4.99
N MET H 120 20.07 41.65 4.98
CA MET H 120 19.98 43.07 5.32
C MET H 120 19.96 43.21 6.84
N LYS H 121 21.13 42.96 7.44
CA LYS H 121 21.22 42.93 8.90
C LYS H 121 20.97 44.31 9.51
N LEU H 122 21.33 45.38 8.80
CA LEU H 122 21.19 46.74 9.30
C LEU H 122 19.86 47.37 8.92
N LEU H 123 18.98 46.64 8.23
CA LEU H 123 17.69 47.21 7.82
C LEU H 123 16.84 47.54 9.03
N PHE H 124 16.41 48.79 9.11
CA PHE H 124 15.67 49.31 10.26
C PHE H 124 14.18 49.49 10.01
N GLU H 125 13.81 50.08 8.87
CA GLU H 125 12.42 50.32 8.54
C GLU H 125 12.10 49.73 7.16
N LEU H 126 10.96 49.06 7.07
CA LEU H 126 10.54 48.37 5.85
C LEU H 126 9.11 48.76 5.51
N ASP H 127 8.93 49.46 4.38
CA ASP H 127 7.63 49.94 3.93
C ASP H 127 7.33 49.28 2.58
N LEU H 128 6.41 48.32 2.59
CA LEU H 128 5.98 47.63 1.37
C LEU H 128 4.49 47.87 1.10
N SER H 129 3.97 49.00 1.56
CA SER H 129 2.55 49.28 1.45
C SER H 129 2.15 49.56 0.00
N ASN H 130 0.87 49.31 -0.29
CA ASN H 130 0.25 49.62 -1.58
C ASN H 130 1.02 48.98 -2.74
N ASN H 131 0.99 47.65 -2.76
CA ASN H 131 1.66 46.87 -3.79
C ASN H 131 0.76 45.71 -4.20
N ARG H 132 1.33 44.77 -4.94
CA ARG H 132 0.63 43.57 -5.38
C ARG H 132 1.31 42.31 -4.84
N PHE H 133 1.93 42.40 -3.67
CA PHE H 133 2.56 41.23 -3.08
C PHE H 133 1.50 40.23 -2.65
N VAL H 134 1.76 38.95 -2.92
CA VAL H 134 0.85 37.85 -2.63
C VAL H 134 1.62 36.75 -1.92
N GLY H 135 0.90 35.68 -1.57
CA GLY H 135 1.49 34.58 -0.86
C GLY H 135 1.34 34.72 0.65
N LYS H 136 1.88 33.75 1.36
CA LYS H 136 1.82 33.80 2.82
C LYS H 136 2.70 34.93 3.36
N PHE H 137 2.47 35.27 4.62
CA PHE H 137 3.24 36.33 5.26
C PHE H 137 4.72 36.00 5.20
N PRO H 138 5.57 36.91 4.72
CA PRO H 138 6.99 36.57 4.55
C PRO H 138 7.72 36.46 5.88
N ASN H 139 8.04 35.24 6.28
CA ASN H 139 8.78 35.03 7.52
C ASN H 139 10.19 35.57 7.45
N VAL H 140 10.62 36.06 6.28
CA VAL H 140 11.97 36.59 6.12
C VAL H 140 12.15 37.85 6.97
N VAL H 141 11.10 38.67 7.06
CA VAL H 141 11.19 39.92 7.82
C VAL H 141 11.43 39.67 9.29
N LEU H 142 11.08 38.48 9.79
CA LEU H 142 11.31 38.17 11.20
C LEU H 142 12.80 38.00 11.50
N SER H 143 13.59 37.60 10.50
CA SER H 143 15.01 37.40 10.69
C SER H 143 15.79 38.70 10.73
N LEU H 144 15.18 39.82 10.30
CA LEU H 144 15.84 41.12 10.27
C LEU H 144 16.18 41.58 11.68
N PRO H 145 17.47 41.69 12.03
CA PRO H 145 17.83 42.02 13.41
C PRO H 145 17.47 43.44 13.79
N SER H 146 17.79 44.40 12.94
CA SER H 146 17.61 45.82 13.24
C SER H 146 16.22 46.34 12.92
N LEU H 147 15.31 45.49 12.46
CA LEU H 147 13.98 45.94 12.06
C LEU H 147 13.16 46.37 13.26
N LYS H 148 12.58 47.57 13.18
CA LYS H 148 11.61 48.04 14.15
C LYS H 148 10.34 48.60 13.53
N PHE H 149 10.32 48.88 12.22
CA PHE H 149 9.17 49.45 11.53
C PHE H 149 8.82 48.58 10.34
N LEU H 150 7.66 47.93 10.41
CA LEU H 150 7.20 47.00 9.38
C LEU H 150 5.85 47.47 8.85
N ASP H 151 5.77 47.72 7.55
CA ASP H 151 4.57 48.23 6.90
C ASP H 151 4.24 47.38 5.68
N LEU H 152 3.14 46.64 5.74
CA LEU H 152 2.65 45.79 4.66
C LEU H 152 1.19 46.09 4.32
N ARG H 153 0.78 47.36 4.43
CA ARG H 153 -0.61 47.72 4.22
C ARG H 153 -1.04 47.52 2.77
N TYR H 154 -2.34 47.36 2.60
CA TYR H 154 -3.02 47.20 1.31
C TYR H 154 -2.23 46.26 0.39
N ASN H 155 -2.13 45.01 0.82
CA ASN H 155 -1.56 43.96 -0.02
C ASN H 155 -2.47 42.74 -0.02
N GLU H 156 -1.98 41.63 -0.54
CA GLU H 156 -2.75 40.40 -0.60
C GLU H 156 -1.96 39.24 -0.03
N PHE H 157 -1.26 39.47 1.08
CA PHE H 157 -0.59 38.39 1.79
C PHE H 157 -1.63 37.45 2.39
N GLU H 158 -1.41 36.16 2.21
CA GLU H 158 -2.37 35.14 2.61
C GLU H 158 -1.94 34.48 3.91
N GLY H 159 -2.85 33.69 4.48
CA GLY H 159 -2.53 32.89 5.65
C GLY H 159 -2.69 33.66 6.96
N SER H 160 -2.27 32.99 8.03
CA SER H 160 -2.36 33.53 9.38
C SER H 160 -1.11 34.33 9.73
N ILE H 161 -1.28 35.30 10.63
CA ILE H 161 -0.16 36.08 11.13
C ILE H 161 0.63 35.22 12.10
N PRO H 162 1.92 34.99 11.87
CA PRO H 162 2.68 34.14 12.79
C PRO H 162 2.87 34.82 14.14
N SER H 163 2.81 34.00 15.21
CA SER H 163 2.95 34.54 16.55
C SER H 163 4.32 35.12 16.80
N LYS H 164 5.35 34.68 16.07
CA LYS H 164 6.70 35.20 16.27
C LYS H 164 6.80 36.69 15.94
N LEU H 165 5.89 37.20 15.11
CA LEU H 165 5.91 38.63 14.79
C LEU H 165 5.75 39.47 16.06
N PHE H 166 4.87 39.05 16.96
CA PHE H 166 4.61 39.79 18.18
C PHE H 166 5.63 39.49 19.28
N ASP H 167 6.47 38.46 19.12
CA ASP H 167 7.57 38.26 20.05
C ASP H 167 8.73 39.19 19.73
N LYS H 168 8.88 39.57 18.46
CA LYS H 168 9.97 40.45 18.06
C LYS H 168 9.70 41.87 18.56
N GLU H 169 10.76 42.54 19.00
CA GLU H 169 10.64 43.90 19.51
C GLU H 169 10.55 44.85 18.32
N LEU H 170 9.34 45.33 18.04
CA LEU H 170 9.08 46.25 16.95
C LEU H 170 8.40 47.50 17.48
N ASP H 171 8.51 48.58 16.71
CA ASP H 171 7.86 49.83 17.08
C ASP H 171 6.46 49.95 16.49
N ALA H 172 6.31 49.63 15.20
CA ALA H 172 5.04 49.78 14.51
C ALA H 172 4.83 48.63 13.54
N ILE H 173 3.60 48.13 13.50
CA ILE H 173 3.20 47.02 12.63
C ILE H 173 1.93 47.44 11.91
N PHE H 174 1.99 47.48 10.58
CA PHE H 174 0.87 47.90 9.74
C PHE H 174 0.53 46.77 8.78
N LEU H 175 -0.71 46.26 8.87
CA LEU H 175 -1.15 45.12 8.06
C LEU H 175 -2.55 45.34 7.48
N ASN H 176 -2.93 46.60 7.21
CA ASN H 176 -4.31 46.90 6.85
C ASN H 176 -4.68 46.42 5.45
N HIS H 177 -5.96 46.08 5.30
CA HIS H 177 -6.59 45.74 4.02
C HIS H 177 -5.80 44.66 3.29
N ASN H 178 -5.34 43.67 4.05
CA ASN H 178 -4.57 42.56 3.53
C ASN H 178 -5.36 41.28 3.75
N ARG H 179 -4.99 40.22 3.03
CA ARG H 179 -5.78 38.99 3.06
C ARG H 179 -5.31 38.02 4.15
N PHE H 180 -5.16 38.51 5.37
CA PHE H 180 -4.79 37.63 6.47
C PHE H 180 -6.04 37.02 7.07
N MET H 181 -5.85 35.94 7.82
CA MET H 181 -6.96 35.15 8.33
C MET H 181 -6.58 34.60 9.70
N PHE H 182 -7.53 33.93 10.33
CA PHE H 182 -7.31 33.11 11.52
C PHE H 182 -7.03 33.94 12.77
N GLY H 183 -7.57 35.16 12.84
CA GLY H 183 -7.62 35.89 14.09
C GLY H 183 -6.32 36.48 14.58
N ILE H 184 -6.37 37.29 15.63
CA ILE H 184 -5.14 37.87 16.19
C ILE H 184 -4.48 36.80 17.06
N PRO H 185 -3.18 36.58 16.93
CA PRO H 185 -2.51 35.67 17.87
C PRO H 185 -2.61 36.21 19.30
N GLU H 186 -2.85 35.29 20.24
CA GLU H 186 -3.00 35.67 21.64
C GLU H 186 -1.70 36.21 22.22
N ASN H 187 -0.60 36.12 21.48
CA ASN H 187 0.68 36.67 21.87
C ASN H 187 0.85 38.12 21.45
N MET H 188 -0.27 38.84 21.23
CA MET H 188 -0.19 40.23 20.81
C MET H 188 0.41 41.13 21.90
N GLY H 189 0.12 40.82 23.17
CA GLY H 189 0.55 41.69 24.26
C GLY H 189 2.04 41.77 24.47
N ASN H 190 2.80 40.78 24.01
CA ASN H 190 4.24 40.79 24.22
C ASN H 190 4.96 41.80 23.33
N SER H 191 4.31 42.28 22.28
CA SER H 191 4.98 43.20 21.37
C SER H 191 5.03 44.59 21.99
N PRO H 192 6.18 45.26 21.98
CA PRO H 192 6.27 46.60 22.58
C PRO H 192 5.85 47.68 21.61
N VAL H 193 5.11 47.31 20.56
CA VAL H 193 4.77 48.25 19.50
C VAL H 193 3.98 49.43 20.08
N SER H 194 4.30 50.62 19.58
CA SER H 194 3.55 51.82 19.96
C SER H 194 2.31 52.03 19.10
N ALA H 195 2.36 51.61 17.84
CA ALA H 195 1.23 51.70 16.94
C ALA H 195 0.98 50.34 16.31
N LEU H 196 -0.25 49.85 16.41
CA LEU H 196 -0.65 48.58 15.82
C LEU H 196 -2.01 48.78 15.16
N VAL H 197 -2.07 48.65 13.84
CA VAL H 197 -3.31 48.82 13.10
C VAL H 197 -3.49 47.57 12.23
N LEU H 198 -4.49 46.76 12.54
CA LEU H 198 -4.80 45.50 11.87
C LEU H 198 -6.23 45.51 11.34
N ALA H 199 -6.67 46.66 10.83
CA ALA H 199 -8.11 46.93 10.74
C ALA H 199 -8.85 46.22 9.61
N ASP H 200 -8.58 46.57 8.35
CA ASP H 200 -9.36 46.05 7.23
C ASP H 200 -9.00 44.61 6.86
N ASN H 201 -9.17 43.70 7.81
CA ASN H 201 -8.76 42.32 7.57
C ASN H 201 -9.82 41.34 8.06
N ASP H 202 -9.85 40.16 7.41
CA ASP H 202 -10.82 39.10 7.74
C ASP H 202 -10.21 38.08 8.69
N LEU H 203 -10.02 38.50 9.93
CA LEU H 203 -9.48 37.67 11.00
C LEU H 203 -10.59 37.31 11.97
N GLY H 204 -10.82 36.01 12.16
CA GLY H 204 -11.89 35.53 13.01
C GLY H 204 -11.41 35.20 14.42
N GLY H 205 -12.27 35.50 15.40
CA GLY H 205 -12.02 35.23 16.80
C GLY H 205 -12.22 36.47 17.64
N CYS H 206 -11.82 36.37 18.91
CA CYS H 206 -11.99 37.45 19.87
C CYS H 206 -10.69 38.21 20.10
N ILE H 207 -10.79 39.33 20.81
CA ILE H 207 -9.64 40.13 21.22
C ILE H 207 -8.80 39.34 22.23
N PRO H 208 -7.53 39.06 21.94
CA PRO H 208 -6.70 38.38 22.92
C PRO H 208 -6.51 39.24 24.17
N GLY H 209 -6.68 38.62 25.34
CA GLY H 209 -6.59 39.32 26.60
C GLY H 209 -5.22 39.86 26.96
N SER H 210 -4.20 39.56 26.14
CA SER H 210 -2.83 40.01 26.37
C SER H 210 -2.66 41.51 26.28
N ILE H 211 -3.71 42.26 25.90
CA ILE H 211 -3.61 43.71 25.75
C ILE H 211 -3.12 44.38 27.03
N GLY H 212 -3.45 43.81 28.19
CA GLY H 212 -3.03 44.42 29.44
C GLY H 212 -1.52 44.48 29.63
N LEU H 213 -0.79 43.56 28.99
CA LEU H 213 0.66 43.56 29.14
C LEU H 213 1.34 44.67 28.35
N MET H 214 0.73 45.13 27.27
CA MET H 214 1.34 46.14 26.41
C MET H 214 0.96 47.57 26.81
N GLY H 215 0.41 47.75 28.01
CA GLY H 215 -0.07 49.06 28.40
C GLY H 215 1.02 50.11 28.49
N LYS H 216 2.23 49.71 28.86
CA LYS H 216 3.31 50.66 29.08
C LYS H 216 3.88 51.21 27.78
N THR H 217 3.73 50.48 26.67
CA THR H 217 4.35 50.85 25.40
C THR H 217 3.35 51.29 24.34
N LEU H 218 2.15 50.71 24.32
CA LEU H 218 1.17 51.02 23.28
C LEU H 218 0.70 52.46 23.39
N ASN H 219 0.57 53.12 22.24
CA ASN H 219 0.07 54.49 22.21
C ASN H 219 -1.18 54.64 21.37
N GLU H 220 -1.30 53.91 20.26
CA GLU H 220 -2.52 53.95 19.47
C GLU H 220 -2.69 52.62 18.74
N ILE H 221 -3.89 52.03 18.87
CA ILE H 221 -4.20 50.73 18.27
C ILE H 221 -5.59 50.80 17.63
N ILE H 222 -5.70 50.26 16.43
CA ILE H 222 -6.96 50.24 15.68
C ILE H 222 -7.17 48.84 15.15
N LEU H 223 -8.23 48.18 15.63
CA LEU H 223 -8.59 46.83 15.19
C LEU H 223 -9.97 46.82 14.55
N SER H 224 -10.38 47.95 13.98
CA SER H 224 -11.72 48.11 13.46
C SER H 224 -11.91 47.31 12.18
N ASN H 225 -13.16 47.05 11.83
CA ASN H 225 -13.52 46.38 10.57
C ASN H 225 -12.81 45.03 10.41
N ASP H 226 -12.64 44.32 11.52
CA ASP H 226 -12.21 42.94 11.53
C ASP H 226 -13.41 42.00 11.67
N ASN H 227 -13.14 40.71 11.49
CA ASN H 227 -14.16 39.69 11.65
C ASN H 227 -14.16 39.18 13.09
N LEU H 228 -14.25 40.12 14.03
CA LEU H 228 -14.06 39.83 15.45
C LEU H 228 -15.36 39.36 16.08
N THR H 229 -15.32 38.18 16.68
CA THR H 229 -16.45 37.61 17.42
C THR H 229 -15.98 37.36 18.84
N GLY H 230 -16.40 38.22 19.77
CA GLY H 230 -16.03 38.03 21.16
C GLY H 230 -16.50 39.19 22.00
N CYS H 231 -16.13 39.12 23.27
CA CYS H 231 -16.50 40.12 24.26
C CYS H 231 -15.37 41.14 24.42
N LEU H 232 -15.72 42.34 24.83
CA LEU H 232 -14.72 43.38 25.04
C LEU H 232 -14.02 43.12 26.38
N PRO H 233 -12.72 42.86 26.39
CA PRO H 233 -12.03 42.55 27.64
C PRO H 233 -11.94 43.79 28.52
N PRO H 234 -12.19 43.65 29.82
CA PRO H 234 -12.17 44.82 30.71
C PRO H 234 -10.78 45.31 31.06
N GLN H 235 -9.73 44.58 30.69
CA GLN H 235 -8.37 45.02 31.02
C GLN H 235 -7.92 46.21 30.19
N ILE H 236 -8.76 46.84 29.36
CA ILE H 236 -8.31 48.02 28.62
C ILE H 236 -8.03 49.20 29.53
N GLY H 237 -8.54 49.19 30.76
CA GLY H 237 -8.28 50.30 31.67
C GLY H 237 -6.83 50.45 32.08
N ASN H 238 -6.08 49.34 32.16
CA ASN H 238 -4.66 49.46 32.46
C ASN H 238 -3.85 49.98 31.27
N LEU H 239 -4.42 49.99 30.07
CA LEU H 239 -3.71 50.45 28.87
C LEU H 239 -3.73 51.97 28.84
N LYS H 240 -2.92 52.56 29.72
CA LYS H 240 -2.79 54.01 29.73
C LYS H 240 -1.86 54.44 28.59
N ASN H 241 -1.71 55.76 28.44
CA ASN H 241 -0.88 56.37 27.40
C ASN H 241 -1.31 55.95 26.00
N VAL H 242 -2.59 55.64 25.81
CA VAL H 242 -3.17 55.37 24.49
C VAL H 242 -4.09 56.53 24.12
N THR H 243 -3.87 57.12 22.95
CA THR H 243 -4.68 58.26 22.57
C THR H 243 -5.92 57.87 21.76
N VAL H 244 -5.79 56.96 20.80
CA VAL H 244 -6.89 56.58 19.92
C VAL H 244 -7.13 55.09 20.07
N PHE H 245 -8.41 54.70 20.15
CA PHE H 245 -8.80 53.30 20.32
C PHE H 245 -10.08 53.09 19.53
N ASP H 246 -9.98 52.46 18.35
CA ASP H 246 -11.09 52.28 17.43
C ASP H 246 -11.30 50.79 17.20
N ILE H 247 -12.51 50.32 17.51
CA ILE H 247 -12.88 48.91 17.37
C ILE H 247 -14.15 48.78 16.53
N SER H 248 -14.35 49.70 15.60
CA SER H 248 -15.60 49.76 14.84
C SER H 248 -15.72 48.58 13.86
N PHE H 249 -16.94 48.39 13.36
CA PHE H 249 -17.26 47.46 12.28
C PHE H 249 -16.83 46.02 12.61
N ASN H 250 -17.18 45.57 13.82
CA ASN H 250 -16.91 44.21 14.25
C ASN H 250 -18.22 43.61 14.76
N ARG H 251 -18.19 42.32 15.08
CA ARG H 251 -19.35 41.66 15.70
C ARG H 251 -19.15 41.49 17.20
N LEU H 252 -18.40 42.38 17.83
CA LEU H 252 -18.11 42.25 19.25
C LEU H 252 -19.35 42.56 20.08
N SER H 253 -19.71 41.63 20.96
CA SER H 253 -20.86 41.80 21.84
C SER H 253 -20.40 41.89 23.28
N GLY H 254 -21.24 42.49 24.12
CA GLY H 254 -20.93 42.61 25.52
C GLY H 254 -21.03 44.04 26.03
N PRO H 255 -20.74 44.21 27.32
CA PRO H 255 -20.81 45.53 27.94
C PRO H 255 -19.53 46.34 27.86
N LEU H 256 -19.71 47.66 27.85
CA LEU H 256 -18.58 48.56 28.01
C LEU H 256 -18.13 48.51 29.47
N PRO H 257 -16.87 48.20 29.75
CA PRO H 257 -16.43 48.15 31.15
C PRO H 257 -16.38 49.52 31.78
N SER H 258 -16.63 49.57 33.09
CA SER H 258 -16.49 50.83 33.83
C SER H 258 -15.06 51.31 33.87
N SER H 259 -14.10 50.47 33.47
CA SER H 259 -12.67 50.80 33.45
C SER H 259 -12.29 51.81 32.37
N ILE H 260 -13.25 52.29 31.57
CA ILE H 260 -12.94 53.25 30.51
C ILE H 260 -12.33 54.52 31.08
N GLY H 261 -12.72 54.91 32.30
CA GLY H 261 -12.20 56.13 32.89
C GLY H 261 -10.73 56.10 33.24
N ASN H 262 -10.12 54.92 33.27
CA ASN H 262 -8.71 54.83 33.65
C ASN H 262 -7.74 55.16 32.52
N MET H 263 -8.21 55.22 31.27
CA MET H 263 -7.33 55.53 30.13
C MET H 263 -7.27 57.04 29.89
N LYS H 264 -6.55 57.71 30.79
CA LYS H 264 -6.57 59.17 30.87
C LYS H 264 -6.06 59.85 29.61
N SER H 265 -5.24 59.19 28.79
CA SER H 265 -4.73 59.83 27.57
C SER H 265 -5.60 59.61 26.33
N LEU H 266 -6.76 58.96 26.46
CA LEU H 266 -7.60 58.63 25.31
C LEU H 266 -8.17 59.88 24.63
N GLU H 267 -7.86 60.07 23.35
CA GLU H 267 -8.37 61.21 22.60
C GLU H 267 -9.46 60.85 21.61
N GLN H 268 -9.29 59.78 20.84
CA GLN H 268 -10.28 59.32 19.85
C GLN H 268 -10.80 57.97 20.30
N LEU H 269 -12.08 57.89 20.64
CA LEU H 269 -12.72 56.63 21.04
C LEU H 269 -13.91 56.37 20.13
N ASN H 270 -13.81 55.32 19.33
CA ASN H 270 -14.86 54.95 18.38
C ASN H 270 -15.26 53.50 18.64
N VAL H 271 -16.53 53.30 18.99
CA VAL H 271 -17.06 51.98 19.33
C VAL H 271 -18.23 51.61 18.41
N ALA H 272 -18.33 52.28 17.27
CA ALA H 272 -19.50 52.15 16.41
C ALA H 272 -19.51 50.80 15.70
N ASN H 273 -20.68 50.44 15.19
CA ASN H 273 -20.86 49.26 14.35
C ASN H 273 -20.32 48.00 15.01
N ASN H 274 -20.87 47.67 16.17
CA ASN H 274 -20.42 46.48 16.88
C ASN H 274 -21.52 45.67 17.52
N ARG H 275 -22.72 46.22 17.69
CA ARG H 275 -23.82 45.52 18.36
C ARG H 275 -23.52 45.29 19.84
N PHE H 276 -22.97 46.29 20.52
CA PHE H 276 -22.69 46.13 21.93
C PHE H 276 -23.99 46.16 22.71
N THR H 277 -23.96 45.63 23.93
CA THR H 277 -25.14 45.65 24.77
C THR H 277 -25.29 47.05 25.36
N GLY H 278 -26.21 47.22 26.31
CA GLY H 278 -26.42 48.55 26.82
C GLY H 278 -26.01 48.89 28.23
N VAL H 279 -24.88 49.58 28.36
CA VAL H 279 -24.33 49.99 29.66
C VAL H 279 -24.47 51.49 29.87
N ILE H 280 -23.91 52.29 28.94
CA ILE H 280 -23.92 53.75 29.00
C ILE H 280 -23.17 54.09 30.29
N PRO H 281 -21.85 53.84 30.35
CA PRO H 281 -21.12 54.04 31.61
C PRO H 281 -21.16 55.46 32.14
N SER H 282 -21.06 56.47 31.27
CA SER H 282 -21.10 57.89 31.62
C SER H 282 -19.89 58.34 32.43
N SER H 283 -18.97 57.44 32.78
CA SER H 283 -17.78 57.81 33.53
C SER H 283 -16.76 58.54 32.68
N ILE H 284 -17.01 58.66 31.37
CA ILE H 284 -16.14 59.38 30.45
C ILE H 284 -16.03 60.85 30.78
N CYS H 285 -16.89 61.37 31.67
CA CYS H 285 -16.80 62.77 32.07
C CYS H 285 -15.47 63.06 32.75
N GLN H 286 -14.86 62.05 33.37
CA GLN H 286 -13.56 62.24 34.02
C GLN H 286 -12.47 62.43 32.99
N LEU H 287 -12.71 61.98 31.76
CA LEU H 287 -11.74 62.01 30.67
C LEU H 287 -11.68 63.40 30.03
N SER H 288 -10.67 64.18 30.41
CA SER H 288 -10.48 65.52 29.86
C SER H 288 -9.82 65.45 28.49
N ASN H 289 -9.16 64.33 28.22
CA ASN H 289 -8.45 64.01 26.99
C ASN H 289 -9.37 63.77 25.81
N LEU H 290 -10.66 63.56 26.08
CA LEU H 290 -11.60 63.22 25.02
C LEU H 290 -11.69 64.35 24.00
N GLU H 291 -11.50 64.02 22.73
CA GLU H 291 -11.62 65.00 21.67
C GLU H 291 -12.71 64.65 20.66
N ASN H 292 -12.91 63.37 20.38
CA ASN H 292 -13.99 62.90 19.51
C ASN H 292 -14.42 61.54 20.04
N PHE H 293 -15.70 61.40 20.36
CA PHE H 293 -16.24 60.15 20.89
C PHE H 293 -17.48 59.78 20.11
N THR H 294 -17.58 58.51 19.70
CA THR H 294 -18.63 58.03 18.82
C THR H 294 -19.15 56.68 19.31
N TYR H 295 -20.45 56.60 19.57
CA TYR H 295 -21.11 55.35 19.99
C TYR H 295 -22.37 55.15 19.16
N SER H 296 -22.20 55.10 17.84
CA SER H 296 -23.31 55.11 16.91
C SER H 296 -23.42 53.75 16.21
N SER H 297 -24.63 53.44 15.74
CA SER H 297 -24.94 52.14 15.14
C SER H 297 -24.65 51.01 16.11
N ASN H 298 -24.95 51.22 17.39
CA ASN H 298 -24.82 50.19 18.40
C ASN H 298 -26.17 49.96 19.08
N PHE H 299 -26.30 48.82 19.73
CA PHE H 299 -27.56 48.45 20.39
C PHE H 299 -27.48 48.66 21.90
N PHE H 300 -27.32 49.92 22.30
CA PHE H 300 -27.22 50.24 23.72
C PHE H 300 -28.62 50.33 24.34
N THR H 301 -28.65 50.33 25.67
CA THR H 301 -29.90 50.38 26.43
C THR H 301 -29.85 51.49 27.48
N ASP H 313 -12.65 70.27 25.18
CA ASP H 313 -13.65 71.31 24.97
C ASP H 313 -14.31 71.20 23.60
N ASN H 314 -15.55 71.66 23.51
CA ASN H 314 -16.33 71.64 22.26
C ASN H 314 -16.44 70.23 21.70
N VAL H 315 -16.35 69.23 22.55
CA VAL H 315 -16.39 67.84 22.10
C VAL H 315 -17.83 67.44 21.81
N VAL H 316 -18.04 66.85 20.63
CA VAL H 316 -19.35 66.54 20.10
C VAL H 316 -19.41 65.05 19.81
N VAL H 317 -20.49 64.40 20.22
CA VAL H 317 -20.64 62.96 20.12
C VAL H 317 -21.88 62.63 19.29
N ASN H 318 -21.78 61.58 18.49
CA ASN H 318 -22.87 61.11 17.63
C ASN H 318 -23.31 59.73 18.14
N GLY H 319 -24.49 59.70 18.75
CA GLY H 319 -25.11 58.48 19.23
C GLY H 319 -26.36 58.20 18.41
N SER H 320 -26.18 58.22 17.09
CA SER H 320 -27.31 58.21 16.16
C SER H 320 -28.21 56.99 16.35
N MET H 321 -27.68 55.80 16.14
CA MET H 321 -28.47 54.57 16.10
C MET H 321 -28.21 53.72 17.34
N ASN H 322 -28.90 54.04 18.44
CA ASN H 322 -28.77 53.28 19.68
C ASN H 322 -30.16 53.12 20.27
N CYS H 323 -30.58 51.87 20.52
CA CYS H 323 -31.91 51.61 21.03
C CYS H 323 -32.05 52.00 22.50
N ILE H 324 -31.90 53.29 22.80
CA ILE H 324 -32.15 53.82 24.14
C ILE H 324 -33.34 54.78 24.03
N ASP H 325 -34.24 54.71 25.02
CA ASP H 325 -35.48 55.47 24.95
C ASP H 325 -35.25 56.97 25.14
N GLY H 326 -34.19 57.36 25.84
CA GLY H 326 -33.97 58.77 26.09
C GLY H 326 -33.44 59.55 24.90
N LYS H 327 -32.76 58.87 23.97
CA LYS H 327 -32.07 59.58 22.90
C LYS H 327 -33.05 59.97 21.79
N GLU H 328 -32.65 60.95 21.00
CA GLU H 328 -33.48 61.43 19.89
C GLU H 328 -33.66 60.34 18.83
N ASP H 329 -32.57 59.72 18.40
CA ASP H 329 -32.59 58.72 17.34
C ASP H 329 -32.18 57.37 17.89
N GLN H 330 -32.83 56.31 17.39
CA GLN H 330 -32.54 54.96 17.84
C GLN H 330 -32.88 53.97 16.74
N ARG H 331 -32.49 52.72 16.96
CA ARG H 331 -32.85 51.65 16.05
C ARG H 331 -34.33 51.33 16.20
N SER H 332 -34.90 50.65 15.22
CA SER H 332 -36.31 50.26 15.31
C SER H 332 -36.53 49.39 16.55
N SER H 333 -37.69 49.58 17.19
CA SER H 333 -38.04 48.75 18.34
C SER H 333 -38.08 47.27 17.98
N LYS H 334 -38.50 46.97 16.76
CA LYS H 334 -38.39 45.62 16.23
C LYS H 334 -36.93 45.15 16.22
N GLU H 335 -36.08 45.84 15.45
CA GLU H 335 -34.71 45.40 15.26
C GLU H 335 -33.91 45.35 16.56
N CYS H 336 -34.18 46.23 17.53
CA CYS H 336 -33.51 46.04 18.81
C CYS H 336 -34.27 44.99 19.62
N SER H 337 -34.07 44.94 20.93
CA SER H 337 -34.59 43.85 21.76
C SER H 337 -34.46 42.51 21.03
N SER H 338 -33.32 42.32 20.37
CA SER H 338 -32.95 41.21 19.50
C SER H 338 -31.74 40.50 20.09
N PRO H 339 -31.33 39.34 19.57
CA PRO H 339 -30.15 38.66 20.13
C PRO H 339 -28.88 39.51 20.12
N ALA H 340 -28.86 40.62 19.38
CA ALA H 340 -27.76 41.57 19.47
C ALA H 340 -27.93 42.55 20.62
N SER H 341 -29.09 42.56 21.28
CA SER H 341 -29.33 43.41 22.42
C SER H 341 -29.17 42.66 23.75
N ARG H 342 -29.38 41.35 23.77
CA ARG H 342 -29.27 40.62 25.03
C ARG H 342 -27.80 40.57 25.47
N SER H 343 -27.59 40.06 26.68
CA SER H 343 -26.27 40.02 27.27
C SER H 343 -25.70 38.61 27.22
N VAL H 344 -24.37 38.53 27.14
CA VAL H 344 -23.63 37.29 27.00
C VAL H 344 -22.72 37.16 28.22
N ASP H 345 -22.37 35.92 28.55
CA ASP H 345 -21.53 35.69 29.72
C ASP H 345 -20.11 36.19 29.50
N CYS H 346 -19.66 36.23 28.26
CA CYS H 346 -18.32 36.64 27.82
C CYS H 346 -17.25 35.60 28.15
N SER H 347 -17.61 34.51 28.81
CA SER H 347 -16.68 33.40 29.06
C SER H 347 -17.00 32.14 28.27
N LYS H 348 -18.19 32.04 27.65
CA LYS H 348 -18.48 30.90 26.79
C LYS H 348 -17.64 30.85 25.52
N PHE H 349 -16.71 31.77 25.34
CA PHE H 349 -15.80 31.78 24.21
C PHE H 349 -14.60 32.65 24.52
N GLY H 350 -13.51 32.40 23.82
CA GLY H 350 -12.24 33.04 24.12
C GLY H 350 -11.07 32.42 23.38
N ARG I 10 -38.35 7.51 -41.71
CA ARG I 10 -37.67 6.42 -42.40
C ARG I 10 -37.23 5.36 -41.39
N ARG I 11 -37.31 5.69 -40.11
CA ARG I 11 -37.00 4.76 -39.04
C ARG I 11 -38.19 4.65 -38.10
N TYR I 12 -38.64 3.42 -37.84
CA TYR I 12 -39.83 3.15 -37.06
C TYR I 12 -39.50 2.18 -35.94
N ILE I 13 -40.09 2.40 -34.76
CA ILE I 13 -39.82 1.50 -33.64
C ILE I 13 -40.46 0.14 -33.87
N GLY I 14 -41.59 0.09 -34.58
CA GLY I 14 -42.23 -1.19 -34.83
C GLY I 14 -41.36 -2.12 -35.66
N TYR I 15 -40.87 -1.62 -36.79
CA TYR I 15 -40.00 -2.44 -37.63
C TYR I 15 -38.67 -2.73 -36.97
N ASP I 16 -38.17 -1.81 -36.14
CA ASP I 16 -36.95 -2.10 -35.37
C ASP I 16 -37.18 -3.21 -34.36
N ALA I 17 -38.40 -3.29 -33.81
CA ALA I 17 -38.71 -4.36 -32.87
C ALA I 17 -38.63 -5.74 -33.52
N LEU I 18 -38.73 -5.81 -34.85
CA LEU I 18 -38.59 -7.09 -35.54
C LEU I 18 -37.14 -7.56 -35.55
N LYS I 19 -36.19 -6.63 -35.46
CA LYS I 19 -34.79 -6.99 -35.29
C LYS I 19 -34.48 -7.14 -33.81
N LYS I 20 -33.80 -8.24 -33.45
CA LYS I 20 -33.57 -8.54 -32.04
C LYS I 20 -32.43 -7.73 -31.45
N ASN I 21 -31.46 -7.31 -32.26
CA ASN I 21 -30.26 -6.72 -31.71
C ASN I 21 -30.39 -5.22 -31.48
N ASN I 22 -30.97 -4.49 -32.43
CA ASN I 22 -31.03 -3.04 -32.32
C ASN I 22 -31.88 -2.59 -31.14
N VAL I 23 -31.47 -1.48 -30.54
CA VAL I 23 -32.18 -0.88 -29.41
C VAL I 23 -32.66 0.50 -29.84
N PRO I 24 -33.72 1.01 -29.21
CA PRO I 24 -34.12 2.41 -29.48
C PRO I 24 -33.05 3.42 -29.10
N CYS I 25 -32.53 3.35 -27.87
CA CYS I 25 -31.58 4.33 -27.36
C CYS I 25 -30.19 3.69 -27.34
N SER I 26 -29.34 4.07 -28.30
CA SER I 26 -28.01 3.50 -28.43
C SER I 26 -27.03 4.00 -27.38
N ARG I 27 -27.43 4.95 -26.52
CA ARG I 27 -26.58 5.45 -25.47
C ARG I 27 -26.77 4.62 -24.21
N ARG I 28 -25.68 4.06 -23.69
CA ARG I 28 -25.76 3.14 -22.56
C ARG I 28 -26.24 3.87 -21.31
N GLY I 29 -27.20 3.25 -20.60
CA GLY I 29 -27.76 3.81 -19.39
C GLY I 29 -28.81 4.88 -19.60
N ARG I 30 -28.85 5.49 -20.77
CA ARG I 30 -29.85 6.51 -21.05
C ARG I 30 -31.22 5.88 -21.24
N SER I 31 -32.26 6.54 -20.74
CA SER I 31 -33.62 6.11 -20.98
C SER I 31 -33.91 6.12 -22.48
N TYR I 32 -34.73 5.16 -22.92
CA TYR I 32 -35.11 5.13 -24.34
C TYR I 32 -35.77 6.44 -24.75
N TYR I 33 -36.67 6.93 -23.92
CA TYR I 33 -37.39 8.17 -24.19
C TYR I 33 -36.48 9.38 -24.24
N ASP I 34 -35.22 9.23 -23.82
CA ASP I 34 -34.35 10.37 -23.59
C ASP I 34 -32.96 10.16 -24.22
N CYS I 35 -32.92 9.64 -25.45
CA CYS I 35 -31.67 9.71 -26.20
C CYS I 35 -31.37 11.14 -26.62
N LYS I 36 -30.59 11.84 -25.81
CA LYS I 36 -30.05 13.14 -26.14
C LYS I 36 -28.57 13.15 -25.79
N LYS I 37 -27.89 14.24 -26.17
CA LYS I 37 -26.49 14.38 -25.83
C LYS I 37 -26.33 14.36 -24.31
N ARG I 38 -25.46 13.46 -23.82
CA ARG I 38 -25.37 13.19 -22.40
C ARG I 38 -24.67 14.32 -21.67
N ARG I 39 -25.33 14.86 -20.65
CA ARG I 39 -24.72 15.81 -19.72
C ARG I 39 -24.67 15.26 -18.30
N ARG I 40 -25.79 14.76 -17.80
CA ARG I 40 -25.85 14.25 -16.42
C ARG I 40 -26.45 12.86 -16.36
N ASN I 41 -27.33 12.53 -17.32
CA ASN I 41 -28.00 11.23 -17.39
C ASN I 41 -28.81 10.96 -16.11
N ASN I 42 -29.82 11.79 -15.91
CA ASN I 42 -30.80 11.56 -14.86
C ASN I 42 -32.07 11.02 -15.49
N PRO I 43 -32.36 9.72 -15.35
CA PRO I 43 -33.58 9.17 -15.96
C PRO I 43 -34.87 9.75 -15.38
N TYR I 44 -34.83 10.28 -14.17
CA TYR I 44 -36.04 10.76 -13.51
C TYR I 44 -36.66 11.95 -14.22
N ARG I 45 -35.88 12.70 -14.99
CA ARG I 45 -36.39 13.78 -15.82
C ARG I 45 -36.46 13.26 -17.25
N ARG I 46 -37.66 12.92 -17.70
CA ARG I 46 -37.87 12.28 -19.00
C ARG I 46 -38.33 13.26 -20.06
N GLY I 47 -39.48 13.90 -19.86
CA GLY I 47 -39.98 14.88 -20.80
C GLY I 47 -40.63 14.33 -22.06
N CYS I 48 -40.82 13.02 -22.17
CA CYS I 48 -41.49 12.44 -23.32
C CYS I 48 -42.38 11.29 -22.88
N SER I 49 -43.53 11.15 -23.54
CA SER I 49 -44.52 10.15 -23.18
C SER I 49 -44.89 9.20 -24.32
N ALA I 50 -44.33 9.40 -25.51
CA ALA I 50 -44.64 8.55 -26.67
C ALA I 50 -43.36 8.31 -27.45
N ILE I 51 -42.91 7.05 -27.52
CA ILE I 51 -41.64 6.77 -28.19
C ILE I 51 -41.72 7.16 -29.65
N THR I 52 -42.87 6.89 -30.29
CA THR I 52 -43.00 7.14 -31.72
C THR I 52 -42.77 8.60 -32.07
N HIS I 53 -43.01 9.50 -31.11
CA HIS I 53 -42.77 10.93 -31.34
C HIS I 53 -41.38 11.38 -30.90
N CYS I 54 -40.68 10.58 -30.10
CA CYS I 54 -39.34 10.92 -29.64
C CYS I 54 -38.41 9.72 -29.76
N TYR I 55 -38.43 9.07 -30.93
CA TYR I 55 -37.65 7.85 -31.14
C TYR I 55 -36.21 8.20 -31.51
N ARG I 56 -35.26 7.67 -30.75
CA ARG I 56 -33.83 7.83 -31.02
C ARG I 56 -33.43 9.30 -31.18
N ARG J 10 -23.45 -47.31 -43.69
CA ARG J 10 -24.82 -46.92 -43.41
C ARG J 10 -24.88 -45.52 -42.80
N ARG J 11 -24.93 -45.46 -41.47
CA ARG J 11 -24.98 -44.20 -40.75
C ARG J 11 -23.88 -44.19 -39.69
N TYR J 12 -23.06 -43.15 -39.72
CA TYR J 12 -21.95 -43.00 -38.78
C TYR J 12 -22.39 -42.13 -37.61
N ILE J 13 -21.97 -42.49 -36.40
CA ILE J 13 -22.40 -41.72 -35.23
C ILE J 13 -21.68 -40.37 -35.17
N GLY J 14 -20.53 -40.24 -35.83
CA GLY J 14 -19.86 -38.96 -35.86
C GLY J 14 -20.64 -37.92 -36.66
N TYR J 15 -21.05 -38.29 -37.88
CA TYR J 15 -21.85 -37.38 -38.70
C TYR J 15 -23.24 -37.20 -38.11
N ASP J 16 -23.81 -38.25 -37.50
CA ASP J 16 -25.10 -38.10 -36.84
C ASP J 16 -25.02 -37.22 -35.61
N ALA J 17 -23.83 -37.08 -35.00
CA ALA J 17 -23.66 -36.18 -33.87
C ALA J 17 -23.68 -34.71 -34.31
N LEU J 18 -23.42 -34.44 -35.59
CA LEU J 18 -23.46 -33.06 -36.06
C LEU J 18 -24.88 -32.52 -36.10
N LYS J 19 -25.87 -33.40 -36.25
CA LYS J 19 -27.26 -33.00 -36.22
C LYS J 19 -27.74 -32.92 -34.77
N LYS J 20 -28.42 -31.84 -34.42
CA LYS J 20 -28.77 -31.61 -33.02
C LYS J 20 -29.84 -32.58 -32.55
N ASN J 21 -30.86 -32.83 -33.37
CA ASN J 21 -32.03 -33.57 -32.90
C ASN J 21 -31.84 -35.08 -32.95
N ASN J 22 -30.90 -35.56 -33.77
CA ASN J 22 -30.72 -37.00 -33.91
C ASN J 22 -30.18 -37.60 -32.60
N VAL J 23 -30.74 -38.73 -32.22
CA VAL J 23 -30.29 -39.47 -31.04
C VAL J 23 -29.82 -40.84 -31.49
N PRO J 24 -28.89 -41.47 -30.77
CA PRO J 24 -28.55 -42.87 -31.09
C PRO J 24 -29.74 -43.79 -30.93
N CYS J 25 -30.45 -43.71 -29.80
CA CYS J 25 -31.49 -44.67 -29.45
C CYS J 25 -32.82 -43.94 -29.40
N SER J 26 -33.68 -44.20 -30.39
CA SER J 26 -35.01 -43.59 -30.37
C SER J 26 -35.92 -44.20 -29.33
N ARG J 27 -35.47 -45.22 -28.60
CA ARG J 27 -36.26 -45.83 -27.53
C ARG J 27 -35.95 -45.11 -26.23
N ARG J 28 -36.98 -44.51 -25.62
CA ARG J 28 -36.78 -43.79 -24.37
C ARG J 28 -36.57 -44.77 -23.21
N GLY J 29 -35.64 -44.42 -22.32
CA GLY J 29 -35.30 -45.22 -21.17
C GLY J 29 -34.24 -46.27 -21.43
N ARG J 30 -34.12 -46.73 -22.66
CA ARG J 30 -33.12 -47.72 -23.02
C ARG J 30 -31.77 -47.06 -23.19
N SER J 31 -30.74 -47.66 -22.62
CA SER J 31 -29.38 -47.22 -22.89
C SER J 31 -29.08 -47.38 -24.38
N TYR J 32 -28.38 -46.40 -24.95
CA TYR J 32 -28.10 -46.37 -26.38
C TYR J 32 -26.85 -47.16 -26.75
N TYR J 33 -26.54 -48.20 -25.99
CA TYR J 33 -25.57 -49.21 -26.40
C TYR J 33 -26.22 -50.51 -26.84
N ASP J 34 -27.44 -50.80 -26.39
CA ASP J 34 -28.13 -52.07 -26.67
C ASP J 34 -29.56 -51.83 -27.15
N CYS J 35 -29.72 -50.98 -28.15
CA CYS J 35 -31.05 -50.60 -28.64
C CYS J 35 -31.70 -51.80 -29.32
N LYS J 36 -32.27 -52.67 -28.48
CA LYS J 36 -33.00 -53.85 -28.92
C LYS J 36 -34.39 -53.82 -28.27
N LYS J 37 -35.22 -54.81 -28.63
CA LYS J 37 -36.60 -54.82 -28.18
C LYS J 37 -36.68 -54.90 -26.66
N ARG J 38 -37.66 -54.19 -26.10
CA ARG J 38 -37.79 -54.00 -24.66
C ARG J 38 -38.55 -55.17 -24.06
N ARG J 39 -37.80 -56.08 -23.41
CA ARG J 39 -38.43 -57.14 -22.63
C ARG J 39 -38.51 -56.74 -21.15
N ARG J 40 -37.36 -56.48 -20.54
CA ARG J 40 -37.23 -56.00 -19.17
C ARG J 40 -36.36 -54.76 -19.25
N ASN J 41 -36.98 -53.58 -19.32
CA ASN J 41 -36.20 -52.35 -19.45
C ASN J 41 -35.28 -52.18 -18.24
N ASN J 42 -33.99 -52.31 -18.47
CA ASN J 42 -32.99 -52.15 -17.42
C ASN J 42 -31.91 -51.19 -17.91
N PRO J 43 -31.80 -49.99 -17.34
CA PRO J 43 -30.70 -49.11 -17.72
C PRO J 43 -29.32 -49.71 -17.46
N TYR J 44 -29.21 -50.63 -16.49
CA TYR J 44 -27.93 -51.27 -16.23
C TYR J 44 -27.55 -52.29 -17.30
N ARG J 45 -28.51 -52.77 -18.08
CA ARG J 45 -28.21 -53.68 -19.18
C ARG J 45 -27.53 -52.90 -20.31
N ARG J 46 -26.24 -53.17 -20.53
CA ARG J 46 -25.44 -52.44 -21.50
C ARG J 46 -25.16 -53.22 -22.77
N GLY J 47 -24.64 -54.44 -22.64
CA GLY J 47 -24.51 -55.34 -23.77
C GLY J 47 -23.42 -55.04 -24.76
N CYS J 48 -22.71 -53.91 -24.62
CA CYS J 48 -21.63 -53.60 -25.54
C CYS J 48 -20.68 -52.61 -24.89
N SER J 49 -19.42 -52.64 -25.34
CA SER J 49 -18.37 -51.80 -24.78
C SER J 49 -17.88 -50.70 -25.71
N ALA J 50 -18.15 -50.81 -27.01
CA ALA J 50 -17.71 -49.82 -27.98
C ALA J 50 -18.93 -49.30 -28.74
N ILE J 51 -19.15 -47.98 -28.67
CA ILE J 51 -20.37 -47.40 -29.24
C ILE J 51 -20.33 -47.39 -30.76
N THR J 52 -19.14 -47.26 -31.35
CA THR J 52 -19.06 -47.08 -32.81
C THR J 52 -19.55 -48.30 -33.57
N HIS J 53 -19.35 -49.51 -33.02
CA HIS J 53 -19.76 -50.73 -33.70
C HIS J 53 -21.22 -51.10 -33.43
N CYS J 54 -21.88 -50.43 -32.49
CA CYS J 54 -23.25 -50.78 -32.09
C CYS J 54 -24.13 -49.54 -32.09
N TYR J 55 -24.05 -48.75 -33.17
CA TYR J 55 -24.73 -47.47 -33.35
C TYR J 55 -25.94 -47.21 -32.45
N ARG K 11 31.47 5.82 5.85
CA ARG K 11 31.63 4.82 4.81
C ARG K 11 31.38 5.41 3.43
N TYR K 12 32.45 5.51 2.62
CA TYR K 12 32.37 5.99 1.26
C TYR K 12 32.56 4.82 0.31
N ILE K 13 31.78 4.81 -0.78
CA ILE K 13 31.87 3.69 -1.71
C ILE K 13 33.19 3.70 -2.47
N GLY K 14 33.76 4.89 -2.70
CA GLY K 14 35.00 4.96 -3.47
C GLY K 14 36.13 4.21 -2.80
N TYR K 15 36.32 4.42 -1.50
CA TYR K 15 37.34 3.69 -0.76
C TYR K 15 36.93 2.25 -0.48
N ASP K 16 35.63 1.98 -0.38
CA ASP K 16 35.19 0.60 -0.21
C ASP K 16 35.46 -0.23 -1.46
N ALA K 17 35.43 0.40 -2.64
CA ALA K 17 35.79 -0.30 -3.87
C ALA K 17 37.25 -0.71 -3.89
N LEU K 18 38.08 -0.12 -3.04
CA LEU K 18 39.48 -0.50 -2.95
C LEU K 18 39.68 -1.82 -2.22
N LYS K 19 38.69 -2.27 -1.46
CA LYS K 19 38.77 -3.56 -0.80
C LYS K 19 38.20 -4.65 -1.70
N LYS K 20 38.88 -5.80 -1.69
CA LYS K 20 38.60 -6.86 -2.66
C LYS K 20 37.19 -7.41 -2.50
N ASN K 21 36.73 -7.56 -1.26
CA ASN K 21 35.52 -8.33 -0.97
C ASN K 21 34.25 -7.49 -0.85
N ASN K 22 34.37 -6.19 -0.56
CA ASN K 22 33.18 -5.39 -0.26
C ASN K 22 32.24 -5.30 -1.47
N VAL K 23 30.97 -5.56 -1.20
CA VAL K 23 29.88 -5.19 -2.10
C VAL K 23 29.00 -4.20 -1.33
N PRO K 24 28.32 -3.29 -2.01
CA PRO K 24 27.17 -2.64 -1.37
C PRO K 24 26.04 -3.64 -1.21
N CYS K 25 25.37 -3.57 -0.07
CA CYS K 25 24.11 -4.29 0.18
C CYS K 25 24.30 -5.81 0.09
N SER K 26 24.91 -6.35 1.13
CA SER K 26 25.19 -7.79 1.21
C SER K 26 23.94 -8.66 1.18
N ARG K 27 22.74 -8.06 1.10
CA ARG K 27 21.52 -8.85 0.94
C ARG K 27 21.47 -9.42 -0.48
N ARG K 28 21.39 -10.74 -0.59
CA ARG K 28 21.45 -11.38 -1.90
C ARG K 28 20.15 -11.16 -2.67
N GLY K 29 20.28 -10.93 -3.98
CA GLY K 29 19.16 -10.67 -4.84
C GLY K 29 18.68 -9.23 -4.86
N ARG K 30 18.94 -8.48 -3.79
CA ARG K 30 18.53 -7.08 -3.74
C ARG K 30 19.41 -6.23 -4.64
N SER K 31 18.77 -5.35 -5.42
CA SER K 31 19.50 -4.38 -6.21
C SER K 31 20.38 -3.52 -5.30
N TYR K 32 21.56 -3.15 -5.81
CA TYR K 32 22.48 -2.35 -5.00
C TYR K 32 21.87 -0.99 -4.69
N TYR K 33 21.18 -0.39 -5.67
CA TYR K 33 20.60 0.93 -5.46
C TYR K 33 19.43 0.93 -4.49
N ASP K 34 18.76 -0.22 -4.30
CA ASP K 34 17.57 -0.25 -3.45
C ASP K 34 17.91 -0.60 -2.01
N CYS K 35 18.35 -1.83 -1.80
CA CYS K 35 18.86 -2.34 -0.52
C CYS K 35 17.98 -1.98 0.66
N LYS K 36 16.77 -2.50 0.68
CA LYS K 36 15.88 -2.33 1.83
C LYS K 36 15.45 -3.71 2.33
N LYS K 37 14.80 -3.71 3.49
CA LYS K 37 14.42 -4.92 4.19
C LYS K 37 12.99 -5.35 3.89
N ARG K 38 12.49 -5.06 2.69
CA ARG K 38 11.13 -5.42 2.34
C ARG K 38 11.03 -6.93 2.08
N ARG K 39 9.88 -7.50 2.48
CA ARG K 39 9.70 -8.95 2.38
C ARG K 39 9.52 -9.43 0.95
N ARG K 40 9.21 -8.53 0.01
CA ARG K 40 8.99 -8.90 -1.39
C ARG K 40 10.03 -8.17 -2.24
N ASN K 41 11.10 -8.87 -2.59
CA ASN K 41 12.17 -8.27 -3.38
C ASN K 41 11.81 -8.23 -4.86
N ASN K 42 12.06 -7.09 -5.49
CA ASN K 42 11.91 -6.94 -6.93
C ASN K 42 13.18 -6.30 -7.46
N PRO K 43 13.99 -7.00 -8.25
CA PRO K 43 15.19 -6.38 -8.83
C PRO K 43 14.90 -5.16 -9.67
N TYR K 44 13.68 -5.05 -10.23
CA TYR K 44 13.31 -3.86 -10.98
C TYR K 44 12.99 -2.68 -10.08
N ARG K 45 12.75 -2.92 -8.79
CA ARG K 45 12.41 -1.86 -7.85
C ARG K 45 13.70 -1.23 -7.33
N ARG K 46 14.02 -0.04 -7.81
CA ARG K 46 15.32 0.60 -7.56
C ARG K 46 15.23 1.68 -6.48
N GLY K 47 14.41 2.71 -6.71
CA GLY K 47 14.18 3.73 -5.71
C GLY K 47 15.32 4.69 -5.45
N CYS K 48 16.41 4.62 -6.22
CA CYS K 48 17.54 5.53 -6.02
C CYS K 48 18.25 5.75 -7.34
N SER K 49 18.79 6.96 -7.50
CA SER K 49 19.43 7.36 -8.75
C SER K 49 20.93 7.56 -8.64
N ALA K 50 21.46 7.82 -7.45
CA ALA K 50 22.89 8.06 -7.25
C ALA K 50 23.41 7.11 -6.18
N ILE K 51 24.43 6.32 -6.54
CA ILE K 51 24.95 5.31 -5.63
C ILE K 51 25.58 5.93 -4.39
N THR K 52 26.23 7.09 -4.52
CA THR K 52 26.92 7.68 -3.39
C THR K 52 25.95 8.15 -2.31
N HIS K 53 24.75 8.53 -2.68
CA HIS K 53 23.78 9.08 -1.73
C HIS K 53 22.98 8.02 -1.00
N CYS K 54 22.93 6.79 -1.52
CA CYS K 54 22.13 5.72 -0.94
C CYS K 54 22.96 4.44 -0.83
N TYR K 55 24.16 4.57 -0.26
CA TYR K 55 25.06 3.43 -0.08
C TYR K 55 24.41 2.33 0.75
N ARG L 10 68.68 -23.85 -5.23
CA ARG L 10 68.15 -24.70 -6.30
C ARG L 10 68.99 -25.96 -6.47
N ARG L 11 68.91 -26.86 -5.49
CA ARG L 11 69.64 -28.11 -5.53
C ARG L 11 68.78 -29.35 -5.31
N TYR L 12 67.59 -29.22 -4.73
CA TYR L 12 66.69 -30.33 -4.49
C TYR L 12 65.37 -30.09 -5.21
N ILE L 13 64.87 -31.12 -5.88
CA ILE L 13 63.69 -30.96 -6.73
C ILE L 13 62.44 -30.76 -5.89
N GLY L 14 62.35 -31.46 -4.77
CA GLY L 14 61.14 -31.37 -3.95
C GLY L 14 60.94 -30.00 -3.34
N TYR L 15 62.01 -29.40 -2.82
CA TYR L 15 61.90 -28.07 -2.24
C TYR L 15 61.76 -26.99 -3.31
N ASP L 16 62.40 -27.16 -4.47
CA ASP L 16 62.20 -26.21 -5.55
C ASP L 16 60.76 -26.23 -6.07
N ALA L 17 60.08 -27.37 -5.94
CA ALA L 17 58.68 -27.45 -6.33
C ALA L 17 57.76 -26.62 -5.43
N LEU L 18 58.26 -26.19 -4.27
CA LEU L 18 57.49 -25.33 -3.38
C LEU L 18 57.43 -23.88 -3.86
N LYS L 19 58.39 -23.45 -4.67
CA LYS L 19 58.39 -22.12 -5.26
C LYS L 19 57.70 -22.17 -6.62
N LYS L 20 56.77 -21.23 -6.84
CA LYS L 20 55.89 -21.31 -8.01
C LYS L 20 56.64 -21.07 -9.31
N ASN L 21 57.73 -20.31 -9.29
CA ASN L 21 58.34 -19.85 -10.53
C ASN L 21 59.43 -20.78 -11.04
N ASN L 22 60.03 -21.60 -10.17
CA ASN L 22 61.16 -22.43 -10.58
C ASN L 22 60.75 -23.48 -11.60
N VAL L 23 61.64 -23.72 -12.57
CA VAL L 23 61.46 -24.76 -13.57
C VAL L 23 62.67 -25.67 -13.54
N PRO L 24 62.53 -26.97 -13.86
CA PRO L 24 63.69 -27.86 -13.86
C PRO L 24 64.69 -27.56 -14.97
N CYS L 25 64.38 -26.68 -15.92
CA CYS L 25 65.31 -26.39 -17.00
C CYS L 25 65.07 -24.97 -17.49
N SER L 26 66.13 -24.14 -17.43
CA SER L 26 66.05 -22.76 -17.92
C SER L 26 66.18 -22.66 -19.43
N ARG L 27 66.46 -23.75 -20.13
CA ARG L 27 66.46 -23.76 -21.59
C ARG L 27 65.03 -24.02 -22.07
N ARG L 28 64.47 -23.06 -22.82
CA ARG L 28 63.12 -23.23 -23.31
C ARG L 28 63.06 -24.33 -24.37
N GLY L 29 62.01 -25.14 -24.28
CA GLY L 29 61.83 -26.27 -25.17
C GLY L 29 62.65 -27.49 -24.85
N ARG L 30 63.77 -27.35 -24.16
CA ARG L 30 64.59 -28.48 -23.79
C ARG L 30 63.88 -29.33 -22.74
N SER L 31 63.96 -30.64 -22.91
CA SER L 31 63.35 -31.56 -21.93
C SER L 31 64.05 -31.44 -20.58
N TYR L 32 63.26 -31.59 -19.52
CA TYR L 32 63.81 -31.47 -18.16
C TYR L 32 64.89 -32.51 -17.92
N TYR L 33 64.64 -33.75 -18.36
CA TYR L 33 65.59 -34.84 -18.14
C TYR L 33 66.87 -34.67 -18.94
N ASP L 34 66.89 -33.80 -19.95
CA ASP L 34 68.02 -33.66 -20.85
C ASP L 34 68.48 -32.20 -20.90
N CYS L 35 68.43 -31.51 -19.77
CA CYS L 35 68.69 -30.07 -19.72
C CYS L 35 70.20 -29.85 -19.80
N LYS L 36 70.71 -29.74 -21.03
CA LYS L 36 72.13 -29.52 -21.28
C LYS L 36 72.30 -28.43 -22.33
N LYS L 37 73.55 -28.04 -22.54
CA LYS L 37 73.88 -27.05 -23.57
C LYS L 37 73.45 -27.57 -24.94
N ARG L 38 72.57 -26.82 -25.58
CA ARG L 38 71.84 -27.32 -26.74
C ARG L 38 72.61 -27.07 -28.03
N ARG L 39 72.89 -28.13 -28.77
CA ARG L 39 73.29 -28.03 -30.17
C ARG L 39 72.12 -28.25 -31.11
N ARG L 40 71.16 -29.08 -30.72
CA ARG L 40 69.91 -29.29 -31.44
C ARG L 40 68.94 -29.96 -30.48
N ASN L 41 67.71 -29.47 -30.42
CA ASN L 41 66.74 -29.92 -29.43
C ASN L 41 65.96 -31.10 -29.99
N ASN L 42 66.23 -32.29 -29.46
CA ASN L 42 65.46 -33.49 -29.76
C ASN L 42 65.00 -34.09 -28.44
N PRO L 43 63.74 -33.85 -28.05
CA PRO L 43 63.26 -34.41 -26.77
C PRO L 43 63.18 -35.93 -26.75
N TYR L 44 63.18 -36.58 -27.92
CA TYR L 44 63.01 -38.03 -27.96
C TYR L 44 64.24 -38.76 -27.43
N ARG L 45 65.42 -38.14 -27.51
CA ARG L 45 66.64 -38.68 -26.92
C ARG L 45 66.70 -38.19 -25.48
N ARG L 46 66.39 -39.09 -24.54
CA ARG L 46 66.28 -38.72 -23.12
C ARG L 46 67.53 -39.09 -22.33
N GLY L 47 67.88 -40.38 -22.31
CA GLY L 47 69.04 -40.83 -21.57
C GLY L 47 68.94 -40.72 -20.07
N CYS L 48 67.76 -40.44 -19.53
CA CYS L 48 67.59 -40.35 -18.08
C CYS L 48 66.17 -40.74 -17.72
N SER L 49 66.02 -41.57 -16.69
CA SER L 49 64.72 -42.08 -16.27
C SER L 49 64.25 -41.54 -14.92
N ALA L 50 65.15 -40.97 -14.12
CA ALA L 50 64.80 -40.44 -12.81
C ALA L 50 65.20 -38.97 -12.76
N ILE L 51 64.21 -38.09 -12.53
CA ILE L 51 64.46 -36.65 -12.52
C ILE L 51 65.41 -36.27 -11.40
N THR L 52 65.37 -37.00 -10.28
CA THR L 52 66.18 -36.61 -9.13
C THR L 52 67.67 -36.73 -9.40
N HIS L 53 68.06 -37.63 -10.31
CA HIS L 53 69.47 -37.90 -10.56
C HIS L 53 70.06 -37.10 -11.70
N CYS L 54 69.23 -36.44 -12.51
CA CYS L 54 69.69 -35.65 -13.65
C CYS L 54 68.97 -34.31 -13.69
N TYR L 55 68.92 -33.63 -12.54
CA TYR L 55 68.24 -32.36 -12.42
C TYR L 55 69.17 -31.22 -12.83
N ARG L 56 68.78 -30.50 -13.88
CA ARG L 56 69.52 -29.35 -14.39
C ARG L 56 70.99 -29.70 -14.67
N ARG M 10 -4.69 -26.58 19.52
CA ARG M 10 -4.69 -26.88 20.95
C ARG M 10 -5.12 -25.67 21.78
N ARG M 11 -4.80 -24.48 21.30
CA ARG M 11 -5.01 -23.25 22.05
C ARG M 11 -6.42 -22.72 21.75
N TYR M 12 -7.27 -22.72 22.77
CA TYR M 12 -8.65 -22.23 22.67
C TYR M 12 -8.83 -21.06 23.62
N ILE M 13 -9.58 -20.04 23.18
CA ILE M 13 -9.78 -18.87 24.04
C ILE M 13 -10.67 -19.21 25.23
N GLY M 14 -11.60 -20.16 25.05
CA GLY M 14 -12.50 -20.50 26.14
C GLY M 14 -11.77 -21.01 27.37
N TYR M 15 -10.85 -21.97 27.18
CA TYR M 15 -10.08 -22.48 28.30
C TYR M 15 -9.01 -21.51 28.75
N ASP M 16 -8.54 -20.63 27.85
CA ASP M 16 -7.61 -19.59 28.27
C ASP M 16 -8.26 -18.62 29.25
N ALA M 17 -9.58 -18.43 29.14
CA ALA M 17 -10.28 -17.53 30.04
C ALA M 17 -10.32 -18.06 31.46
N LEU M 18 -10.07 -19.36 31.67
CA LEU M 18 -10.05 -19.91 33.01
C LEU M 18 -8.78 -19.57 33.77
N LYS M 19 -7.69 -19.23 33.08
CA LYS M 19 -6.48 -18.76 33.73
C LYS M 19 -6.50 -17.23 33.77
N LYS M 20 -6.32 -16.69 34.98
CA LYS M 20 -6.57 -15.27 35.20
C LYS M 20 -5.58 -14.37 34.46
N ASN M 21 -4.36 -14.85 34.21
CA ASN M 21 -3.31 -14.00 33.68
C ASN M 21 -3.26 -13.97 32.16
N ASN M 22 -3.82 -14.96 31.48
CA ASN M 22 -3.72 -15.04 30.03
C ASN M 22 -4.45 -13.87 29.35
N VAL M 23 -3.81 -13.32 28.34
CA VAL M 23 -4.42 -12.30 27.48
C VAL M 23 -4.44 -12.83 26.04
N PRO M 24 -5.46 -12.49 25.26
CA PRO M 24 -5.41 -12.85 23.82
C PRO M 24 -4.25 -12.20 23.08
N CYS M 25 -4.13 -10.87 23.14
CA CYS M 25 -3.14 -10.15 22.34
C CYS M 25 -2.07 -9.62 23.30
N SER M 26 -0.96 -10.36 23.40
CA SER M 26 0.09 -10.07 24.37
C SER M 26 0.94 -8.87 23.99
N ARG M 27 0.63 -8.18 22.90
CA ARG M 27 1.41 -7.04 22.44
C ARG M 27 0.83 -5.76 23.05
N ARG M 28 1.66 -4.99 23.75
CA ARG M 28 1.20 -3.80 24.44
C ARG M 28 0.53 -2.83 23.47
N GLY M 29 -0.68 -2.39 23.83
CA GLY M 29 -1.38 -1.37 23.07
C GLY M 29 -2.03 -1.87 21.79
N ARG M 30 -1.55 -2.98 21.26
CA ARG M 30 -2.15 -3.56 20.07
C ARG M 30 -3.57 -4.01 20.39
N SER M 31 -4.52 -3.58 19.56
CA SER M 31 -5.90 -4.00 19.72
C SER M 31 -6.01 -5.51 19.62
N TYR M 32 -6.97 -6.08 20.36
CA TYR M 32 -7.29 -7.46 20.12
C TYR M 32 -7.82 -7.61 18.70
N TYR M 33 -7.86 -8.86 18.24
CA TYR M 33 -8.28 -9.24 16.88
C TYR M 33 -7.19 -8.88 15.89
N ASP M 34 -6.11 -8.22 16.35
CA ASP M 34 -5.11 -7.70 15.42
C ASP M 34 -3.70 -7.90 15.95
N CYS M 35 -3.43 -9.03 16.63
CA CYS M 35 -2.05 -9.41 16.94
C CYS M 35 -1.35 -9.84 15.66
N LYS M 36 -0.82 -8.85 14.93
CA LYS M 36 -0.03 -9.10 13.74
C LYS M 36 1.31 -8.37 13.75
N LYS M 37 1.57 -7.54 14.75
CA LYS M 37 2.80 -6.76 14.85
C LYS M 37 3.01 -5.90 13.61
N ARG M 38 2.05 -5.04 13.34
CA ARG M 38 2.08 -4.16 12.19
C ARG M 38 2.89 -2.90 12.50
N ARG M 39 3.58 -2.41 11.47
CA ARG M 39 4.45 -1.24 11.65
C ARG M 39 3.68 0.02 12.03
N ARG M 40 2.38 0.06 11.75
CA ARG M 40 1.54 1.22 12.06
C ARG M 40 0.48 0.78 13.07
N ASN M 41 0.80 0.98 14.35
CA ASN M 41 -0.13 0.62 15.44
C ASN M 41 -1.36 1.51 15.38
N ASN M 42 -2.50 0.93 15.06
CA ASN M 42 -3.78 1.65 15.02
C ASN M 42 -4.82 0.83 15.76
N PRO M 43 -5.31 1.30 16.92
CA PRO M 43 -6.37 0.55 17.62
C PRO M 43 -7.66 0.44 16.83
N TYR M 44 -7.96 1.40 15.94
CA TYR M 44 -9.18 1.34 15.17
C TYR M 44 -9.13 0.26 14.09
N ARG M 45 -7.93 -0.14 13.66
CA ARG M 45 -7.78 -1.18 12.63
C ARG M 45 -7.92 -2.54 13.30
N ARG M 46 -9.01 -3.25 13.00
CA ARG M 46 -9.32 -4.52 13.66
C ARG M 46 -8.99 -5.72 12.78
N GLY M 47 -9.58 -5.78 11.58
CA GLY M 47 -9.28 -6.84 10.64
C GLY M 47 -9.87 -8.20 10.96
N CYS M 48 -10.73 -8.30 11.97
CA CYS M 48 -11.31 -9.59 12.33
C CYS M 48 -12.69 -9.37 12.92
N SER M 49 -13.59 -10.33 12.67
CA SER M 49 -14.97 -10.24 13.09
C SER M 49 -15.33 -11.19 14.23
N ALA M 50 -14.64 -12.32 14.34
CA ALA M 50 -14.93 -13.32 15.37
C ALA M 50 -13.64 -13.67 16.09
N ILE M 51 -13.62 -13.47 17.42
CA ILE M 51 -12.41 -13.70 18.21
C ILE M 51 -11.94 -15.14 18.14
N THR M 52 -12.87 -16.09 18.05
CA THR M 52 -12.47 -17.50 18.05
C THR M 52 -11.70 -17.87 16.80
N HIS M 53 -11.95 -17.19 15.68
CA HIS M 53 -11.34 -17.53 14.41
C HIS M 53 -9.98 -16.87 14.18
N CYS M 54 -9.61 -15.88 14.99
CA CYS M 54 -8.37 -15.13 14.81
C CYS M 54 -7.64 -14.98 16.14
N TYR M 55 -7.50 -16.09 16.86
CA TYR M 55 -6.84 -16.06 18.17
C TYR M 55 -5.32 -15.98 17.99
N ARG M 56 -4.72 -14.95 18.55
CA ARG M 56 -3.27 -14.73 18.47
C ARG M 56 -2.77 -14.74 17.02
N ARG N 11 -2.35 -19.65 73.53
CA ARG N 11 -2.61 -18.69 72.47
C ARG N 11 -1.80 -17.42 72.66
N TYR N 12 -0.98 -17.09 71.65
CA TYR N 12 -0.13 -15.91 71.67
C TYR N 12 -0.54 -14.97 70.55
N ILE N 13 -0.64 -13.67 70.87
CA ILE N 13 -1.14 -12.72 69.89
C ILE N 13 -0.15 -12.55 68.74
N GLY N 14 1.14 -12.79 68.99
CA GLY N 14 2.13 -12.65 67.93
C GLY N 14 1.92 -13.64 66.80
N TYR N 15 1.81 -14.92 67.15
CA TYR N 15 1.60 -15.95 66.14
C TYR N 15 0.18 -15.95 65.60
N ASP N 16 -0.81 -15.59 66.43
CA ASP N 16 -2.17 -15.46 65.91
C ASP N 16 -2.29 -14.33 64.90
N ALA N 17 -1.39 -13.34 64.96
CA ALA N 17 -1.39 -12.28 63.95
C ALA N 17 -0.94 -12.78 62.58
N LEU N 18 -0.32 -13.96 62.53
CA LEU N 18 0.09 -14.52 61.24
C LEU N 18 -1.10 -15.05 60.45
N LYS N 19 -2.19 -15.40 61.13
CA LYS N 19 -3.40 -15.88 60.47
C LYS N 19 -4.33 -14.70 60.21
N LYS N 20 -4.89 -14.65 59.00
CA LYS N 20 -5.62 -13.47 58.56
C LYS N 20 -6.94 -13.28 59.30
N ASN N 21 -7.55 -14.37 59.77
CA ASN N 21 -8.93 -14.29 60.25
C ASN N 21 -9.03 -14.10 61.76
N ASN N 22 -8.00 -14.46 62.51
CA ASN N 22 -8.09 -14.37 63.97
C ASN N 22 -8.18 -12.92 64.43
N VAL N 23 -9.03 -12.68 65.42
CA VAL N 23 -9.18 -11.37 66.05
C VAL N 23 -8.89 -11.53 67.54
N PRO N 24 -8.39 -10.48 68.21
CA PRO N 24 -8.16 -10.58 69.66
C PRO N 24 -9.43 -10.68 70.48
N CYS N 25 -10.61 -10.55 69.87
CA CYS N 25 -11.86 -10.62 70.62
C CYS N 25 -12.99 -11.06 69.70
N SER N 26 -13.57 -12.22 69.98
CA SER N 26 -14.69 -12.75 69.21
C SER N 26 -16.01 -12.07 69.54
N ARG N 27 -16.04 -11.19 70.54
CA ARG N 27 -17.25 -10.45 70.88
C ARG N 27 -17.24 -9.12 70.15
N ARG N 28 -18.27 -8.88 69.33
CA ARG N 28 -18.30 -7.68 68.50
C ARG N 28 -18.54 -6.44 69.34
N GLY N 29 -17.84 -5.36 69.00
CA GLY N 29 -17.95 -4.11 69.71
C GLY N 29 -17.13 -4.00 70.97
N ARG N 30 -16.79 -5.11 71.60
CA ARG N 30 -15.96 -5.08 72.79
C ARG N 30 -14.54 -4.68 72.42
N SER N 31 -13.93 -3.83 73.26
CA SER N 31 -12.52 -3.50 73.10
C SER N 31 -11.66 -4.75 73.31
N TYR N 32 -10.60 -4.86 72.53
CA TYR N 32 -9.71 -6.02 72.67
C TYR N 32 -9.13 -6.11 74.07
N TYR N 33 -8.72 -4.97 74.62
CA TYR N 33 -8.13 -4.93 75.95
C TYR N 33 -9.13 -5.27 77.04
N ASP N 34 -10.42 -5.22 76.74
CA ASP N 34 -11.50 -5.45 77.70
C ASP N 34 -12.43 -6.53 77.20
N CYS N 35 -11.87 -7.59 76.61
CA CYS N 35 -12.67 -8.64 75.98
C CYS N 35 -13.11 -9.65 77.05
N LYS N 36 -14.19 -9.30 77.74
CA LYS N 36 -14.78 -10.18 78.73
C LYS N 36 -16.30 -10.12 78.58
N LYS N 37 -16.97 -11.15 79.09
CA LYS N 37 -18.43 -11.20 79.04
C LYS N 37 -19.00 -10.14 79.98
N ARG N 38 -19.53 -9.08 79.40
CA ARG N 38 -20.02 -7.93 80.16
C ARG N 38 -21.48 -7.66 79.83
N ARG N 39 -22.07 -6.74 80.61
CA ARG N 39 -23.47 -6.38 80.44
C ARG N 39 -23.63 -5.16 79.53
N ARG N 40 -23.00 -4.04 79.90
CA ARG N 40 -23.10 -2.78 79.17
C ARG N 40 -21.73 -2.45 78.61
N ASN N 41 -21.56 -2.65 77.30
CA ASN N 41 -20.29 -2.40 76.63
C ASN N 41 -19.89 -0.94 76.69
N ASN N 42 -18.81 -0.63 77.40
CA ASN N 42 -18.25 0.72 77.47
C ASN N 42 -16.77 0.65 77.14
N PRO N 43 -16.38 0.96 75.90
CA PRO N 43 -14.95 0.90 75.54
C PRO N 43 -14.07 1.87 76.31
N TYR N 44 -14.65 2.92 76.91
CA TYR N 44 -13.84 3.92 77.60
C TYR N 44 -13.28 3.39 78.90
N ARG N 45 -13.93 2.40 79.52
CA ARG N 45 -13.41 1.75 80.72
C ARG N 45 -12.63 0.52 80.29
N ARG N 46 -11.31 0.65 80.20
CA ARG N 46 -10.45 -0.41 79.68
C ARG N 46 -9.74 -1.19 80.78
N GLY N 47 -8.93 -0.51 81.59
CA GLY N 47 -8.23 -1.18 82.67
C GLY N 47 -7.11 -2.11 82.25
N CYS N 48 -6.64 -2.02 81.01
CA CYS N 48 -5.49 -2.81 80.57
C CYS N 48 -4.69 -1.98 79.57
N SER N 49 -3.36 -2.01 79.72
CA SER N 49 -2.47 -1.22 78.89
C SER N 49 -1.61 -2.03 77.94
N ALA N 50 -1.41 -3.33 78.20
CA ALA N 50 -0.59 -4.19 77.36
C ALA N 50 -1.44 -5.35 76.87
N ILE N 51 -1.57 -5.48 75.55
CA ILE N 51 -2.45 -6.50 74.98
C ILE N 51 -1.93 -7.90 75.27
N THR N 52 -0.61 -8.05 75.40
CA THR N 52 -0.04 -9.39 75.63
C THR N 52 -0.44 -9.94 76.99
N HIS N 53 -0.70 -9.08 77.97
CA HIS N 53 -1.00 -9.52 79.32
C HIS N 53 -2.49 -9.72 79.58
N CYS N 54 -3.37 -9.23 78.71
CA CYS N 54 -4.81 -9.38 78.85
C CYS N 54 -5.44 -9.83 77.54
N TYR N 55 -4.86 -10.87 76.94
CA TYR N 55 -5.33 -11.41 75.67
C TYR N 55 -6.51 -12.34 75.94
N ARG N 56 -7.71 -11.85 75.70
CA ARG N 56 -8.96 -12.56 76.03
C ARG N 56 -8.95 -13.09 77.46
N ARG O 10 -29.82 41.74 -24.98
CA ARG O 10 -29.71 40.55 -25.80
C ARG O 10 -28.33 39.90 -25.64
N ARG O 11 -27.62 40.27 -24.58
CA ARG O 11 -26.34 39.68 -24.21
C ARG O 11 -25.32 39.82 -25.35
N TYR O 12 -24.97 41.07 -25.62
CA TYR O 12 -23.97 41.39 -26.62
C TYR O 12 -22.57 41.18 -26.04
N ILE O 13 -21.66 40.65 -26.88
CA ILE O 13 -20.30 40.41 -26.39
C ILE O 13 -19.58 41.72 -26.14
N GLY O 14 -19.86 42.75 -26.94
CA GLY O 14 -19.18 44.02 -26.74
C GLY O 14 -19.49 44.64 -25.39
N TYR O 15 -20.78 44.66 -25.03
CA TYR O 15 -21.16 45.21 -23.72
C TYR O 15 -20.73 44.29 -22.59
N ASP O 16 -20.81 42.97 -22.80
CA ASP O 16 -20.34 42.04 -21.77
C ASP O 16 -18.84 42.14 -21.58
N ALA O 17 -18.10 42.55 -22.62
CA ALA O 17 -16.67 42.75 -22.47
C ALA O 17 -16.33 43.88 -21.50
N LEU O 18 -17.29 44.77 -21.24
CA LEU O 18 -17.03 45.89 -20.34
C LEU O 18 -17.04 45.49 -18.86
N LYS O 19 -17.72 44.39 -18.50
CA LYS O 19 -17.67 43.91 -17.13
C LYS O 19 -16.59 42.84 -17.03
N LYS O 20 -15.71 42.98 -16.05
CA LYS O 20 -14.49 42.17 -15.96
C LYS O 20 -14.77 40.71 -15.63
N ASN O 21 -15.93 40.41 -15.05
CA ASN O 21 -16.17 39.06 -14.57
C ASN O 21 -16.75 38.14 -15.63
N ASN O 22 -17.41 38.69 -16.66
CA ASN O 22 -18.06 37.85 -17.66
C ASN O 22 -17.03 37.10 -18.50
N VAL O 23 -17.36 35.85 -18.82
CA VAL O 23 -16.64 35.08 -19.82
C VAL O 23 -17.65 34.74 -20.91
N PRO O 24 -17.23 34.56 -22.16
CA PRO O 24 -18.17 34.10 -23.19
C PRO O 24 -18.78 32.74 -22.85
N CYS O 25 -17.94 31.74 -22.61
CA CYS O 25 -18.41 30.40 -22.28
C CYS O 25 -18.18 30.12 -20.80
N SER O 26 -19.27 29.93 -20.06
CA SER O 26 -19.19 29.64 -18.63
C SER O 26 -18.83 28.19 -18.33
N ARG O 27 -18.63 27.36 -19.35
CA ARG O 27 -18.24 25.97 -19.16
C ARG O 27 -16.73 25.84 -19.32
N ARG O 28 -16.07 25.32 -18.29
CA ARG O 28 -14.61 25.36 -18.24
C ARG O 28 -13.99 24.42 -19.24
N GLY O 29 -12.92 24.89 -19.90
CA GLY O 29 -12.22 24.13 -20.91
C GLY O 29 -12.83 24.18 -22.29
N ARG O 30 -14.09 24.58 -22.39
CA ARG O 30 -14.74 24.71 -23.70
C ARG O 30 -14.15 25.89 -24.46
N SER O 31 -13.95 25.70 -25.77
CA SER O 31 -13.59 26.82 -26.62
C SER O 31 -14.71 27.85 -26.61
N TYR O 32 -14.34 29.13 -26.48
CA TYR O 32 -15.37 30.17 -26.45
C TYR O 32 -16.17 30.21 -27.75
N TYR O 33 -15.60 29.70 -28.84
CA TYR O 33 -16.32 29.62 -30.10
C TYR O 33 -17.28 28.45 -30.15
N ASP O 34 -16.97 27.37 -29.44
CA ASP O 34 -17.79 26.16 -29.39
C ASP O 34 -18.21 25.95 -27.94
N CYS O 35 -19.29 26.62 -27.54
CA CYS O 35 -19.79 26.55 -26.17
C CYS O 35 -21.16 25.86 -26.20
N LYS O 36 -21.13 24.53 -26.16
CA LYS O 36 -22.34 23.73 -26.11
C LYS O 36 -22.16 22.64 -25.07
N LYS O 37 -23.28 22.04 -24.67
CA LYS O 37 -23.27 20.95 -23.69
C LYS O 37 -22.85 19.66 -24.40
N ARG O 38 -21.60 19.66 -24.85
CA ARG O 38 -21.04 18.52 -25.57
C ARG O 38 -20.44 17.52 -24.60
N ARG O 39 -20.53 16.24 -24.96
CA ARG O 39 -20.05 15.18 -24.08
C ARG O 39 -18.54 15.28 -23.87
N ARG O 40 -17.77 15.22 -24.95
CA ARG O 40 -16.31 15.24 -24.89
C ARG O 40 -15.82 16.47 -25.63
N ASN O 41 -15.42 17.50 -24.89
CA ASN O 41 -14.97 18.75 -25.50
C ASN O 41 -13.66 18.55 -26.26
N ASN O 42 -13.71 18.78 -27.56
CA ASN O 42 -12.50 18.77 -28.39
C ASN O 42 -12.32 20.15 -29.00
N PRO O 43 -11.37 20.95 -28.51
CA PRO O 43 -11.22 22.32 -29.03
C PRO O 43 -10.84 22.39 -30.50
N TYR O 44 -10.25 21.33 -31.06
CA TYR O 44 -9.78 21.38 -32.43
C TYR O 44 -10.92 21.37 -33.44
N ARG O 45 -12.09 20.84 -33.05
CA ARG O 45 -13.28 20.87 -33.90
C ARG O 45 -14.14 22.04 -33.43
N ARG O 46 -14.06 23.15 -34.14
CA ARG O 46 -14.69 24.40 -33.71
C ARG O 46 -16.01 24.68 -34.40
N GLY O 47 -16.00 24.82 -35.73
CA GLY O 47 -17.22 25.04 -36.47
C GLY O 47 -17.81 26.44 -36.42
N CYS O 48 -17.13 27.41 -35.82
CA CYS O 48 -17.60 28.79 -35.81
C CYS O 48 -16.41 29.73 -35.92
N SER O 49 -16.58 30.80 -36.70
CA SER O 49 -15.51 31.75 -36.97
C SER O 49 -15.81 33.17 -36.54
N ALA O 50 -17.00 33.44 -36.02
CA ALA O 50 -17.38 34.78 -35.56
C ALA O 50 -18.12 34.65 -34.25
N ILE O 51 -17.57 35.22 -33.17
CA ILE O 51 -18.19 35.05 -31.86
C ILE O 51 -19.58 35.67 -31.85
N THR O 52 -19.72 36.83 -32.49
CA THR O 52 -20.98 37.57 -32.46
C THR O 52 -22.14 36.73 -33.01
N HIS O 53 -21.84 35.77 -33.90
CA HIS O 53 -22.87 34.92 -34.46
C HIS O 53 -23.09 33.63 -33.66
N CYS O 54 -22.16 33.26 -32.79
CA CYS O 54 -22.26 32.03 -31.99
C CYS O 54 -21.88 32.29 -30.54
N TYR O 55 -22.48 33.33 -29.96
CA TYR O 55 -22.19 33.74 -28.59
C TYR O 55 -23.02 32.92 -27.60
N ARG O 56 -22.35 32.34 -26.61
CA ARG O 56 -22.98 31.48 -25.60
C ARG O 56 -23.91 30.44 -26.22
N ARG P 11 -3.97 64.85 13.77
CA ARG P 11 -3.14 64.10 12.83
C ARG P 11 -2.53 62.88 13.49
N TYR P 12 -3.24 61.75 13.41
CA TYR P 12 -2.79 60.49 13.98
C TYR P 12 -2.34 59.58 12.85
N ILE P 13 -1.24 58.85 13.08
CA ILE P 13 -0.75 57.94 12.03
C ILE P 13 -1.62 56.68 11.95
N GLY P 14 -2.37 56.37 13.00
CA GLY P 14 -3.28 55.23 12.92
C GLY P 14 -4.39 55.45 11.90
N TYR P 15 -5.05 56.61 11.96
CA TYR P 15 -6.04 56.94 10.95
C TYR P 15 -5.39 57.26 9.61
N ASP P 16 -4.18 57.83 9.61
CA ASP P 16 -3.47 58.04 8.35
C ASP P 16 -3.10 56.73 7.69
N ALA P 17 -2.92 55.66 8.48
CA ALA P 17 -2.64 54.35 7.90
C ALA P 17 -3.83 53.79 7.12
N LEU P 18 -5.03 54.32 7.35
CA LEU P 18 -6.20 53.85 6.61
C LEU P 18 -6.20 54.35 5.17
N LYS P 19 -5.54 55.47 4.91
CA LYS P 19 -5.42 55.97 3.55
C LYS P 19 -4.30 55.25 2.82
N LYS P 20 -4.57 54.92 1.55
CA LYS P 20 -3.63 54.10 0.79
C LYS P 20 -2.38 54.88 0.39
N ASN P 21 -2.56 56.13 -0.03
CA ASN P 21 -1.48 56.87 -0.68
C ASN P 21 -0.62 57.67 0.28
N ASN P 22 -1.17 58.13 1.40
CA ASN P 22 -0.41 58.99 2.29
C ASN P 22 0.74 58.23 2.94
N VAL P 23 1.82 58.95 3.21
CA VAL P 23 3.05 58.37 3.76
C VAL P 23 3.49 59.32 4.87
N PRO P 24 4.13 58.83 5.95
CA PRO P 24 4.57 59.76 7.00
C PRO P 24 5.48 60.86 6.50
N CYS P 25 6.58 60.50 5.86
CA CYS P 25 7.55 61.47 5.36
C CYS P 25 7.36 61.65 3.86
N SER P 26 6.85 62.81 3.46
CA SER P 26 6.72 63.15 2.05
C SER P 26 8.06 63.54 1.42
N ARG P 27 9.14 63.57 2.20
CA ARG P 27 10.46 63.86 1.67
C ARG P 27 11.16 62.56 1.30
N ARG P 28 11.48 62.40 0.02
CA ARG P 28 12.03 61.14 -0.46
C ARG P 28 13.44 60.92 0.05
N GLY P 29 13.73 59.69 0.44
CA GLY P 29 15.02 59.31 0.98
C GLY P 29 15.18 59.53 2.47
N ARG P 30 14.38 60.41 3.05
CA ARG P 30 14.48 60.70 4.47
C ARG P 30 13.79 59.61 5.28
N SER P 31 14.43 59.15 6.34
CA SER P 31 13.79 58.21 7.23
C SER P 31 12.59 58.86 7.92
N TYR P 32 11.56 58.05 8.18
CA TYR P 32 10.35 58.61 8.76
C TYR P 32 10.60 59.15 10.17
N TYR P 33 11.38 58.40 10.96
CA TYR P 33 11.69 58.83 12.33
C TYR P 33 12.36 60.20 12.35
N ASP P 34 13.05 60.57 11.28
CA ASP P 34 13.85 61.79 11.22
C ASP P 34 13.37 62.71 10.11
N CYS P 35 12.05 62.80 9.91
CA CYS P 35 11.49 63.62 8.84
C CYS P 35 11.05 64.94 9.45
N LYS P 36 12.03 65.80 9.72
CA LYS P 36 11.79 67.10 10.34
C LYS P 36 12.18 68.26 9.43
N LYS P 37 13.41 68.27 8.92
CA LYS P 37 13.89 69.39 8.12
C LYS P 37 14.93 68.86 7.14
N ARG P 38 15.61 69.80 6.47
CA ARG P 38 16.58 69.46 5.43
C ARG P 38 17.99 69.43 6.01
N ARG P 39 18.75 68.42 5.59
CA ARG P 39 20.14 68.25 5.99
C ARG P 39 20.77 67.23 5.04
N ARG P 40 21.99 66.79 5.35
CA ARG P 40 22.65 65.78 4.56
C ARG P 40 21.87 64.46 4.63
N ASN P 41 21.63 63.87 3.47
CA ASN P 41 20.81 62.66 3.37
C ASN P 41 21.53 61.50 4.05
N ASN P 42 21.05 61.09 5.21
CA ASN P 42 21.60 59.94 5.94
C ASN P 42 20.46 59.05 6.41
N PRO P 43 20.24 57.91 5.75
CA PRO P 43 19.25 56.95 6.25
C PRO P 43 19.58 56.38 7.63
N TYR P 44 20.86 56.33 8.00
CA TYR P 44 21.22 55.77 9.31
C TYR P 44 20.85 56.68 10.47
N ARG P 45 20.59 57.96 10.22
CA ARG P 45 20.23 58.90 11.28
C ARG P 45 18.76 58.72 11.63
N ARG P 46 18.49 58.16 12.81
CA ARG P 46 17.13 57.85 13.23
C ARG P 46 16.51 59.02 13.99
N GLY P 47 17.11 59.40 15.11
CA GLY P 47 16.65 60.52 15.90
C GLY P 47 15.39 60.29 16.71
N CYS P 48 14.79 59.11 16.65
CA CYS P 48 13.56 58.86 17.39
C CYS P 48 13.34 57.37 17.56
N SER P 49 12.61 57.01 18.60
CA SER P 49 12.33 55.62 18.93
C SER P 49 10.86 55.24 18.86
N ALA P 50 9.95 56.22 18.79
CA ALA P 50 8.51 55.96 18.74
C ALA P 50 7.90 56.76 17.60
N ILE P 51 7.23 56.06 16.69
CA ILE P 51 6.63 56.72 15.54
C ILE P 51 5.57 57.74 15.96
N THR P 52 4.71 57.36 16.91
CA THR P 52 3.60 58.22 17.28
C THR P 52 4.07 59.53 17.90
N HIS P 53 5.17 59.50 18.65
CA HIS P 53 5.68 60.69 19.31
C HIS P 53 6.47 61.59 18.37
N CYS P 54 6.83 61.12 17.18
CA CYS P 54 7.65 61.90 16.26
C CYS P 54 6.97 62.06 14.91
N TYR P 55 5.69 62.43 14.93
CA TYR P 55 4.91 62.58 13.70
C TYR P 55 3.94 63.76 13.80
#